data_7T20
#
_entry.id   7T20
#
_cell.length_a   1.00
_cell.length_b   1.00
_cell.length_c   1.00
_cell.angle_alpha   90.00
_cell.angle_beta   90.00
_cell.angle_gamma   90.00
#
_symmetry.space_group_name_H-M   'P 1'
#
loop_
_entity.id
_entity.type
_entity.pdbx_description
1 polymer 'Replicative DNA helicase'
2 polymer "DNA (5'-D(*TP*TP*TP*TP*TP*TP*TP*TP*TP*TP*TP*TP*TP*TP*TP*TP*TP*TP*TP*T)-3')"
3 non-polymer 'PHOSPHOAMINOPHOSPHONIC ACID-ADENYLATE ESTER'
4 non-polymer 'MAGNESIUM ION'
#
loop_
_entity_poly.entity_id
_entity_poly.type
_entity_poly.pdbx_seq_one_letter_code
_entity_poly.pdbx_strand_id
1 'polypeptide(L)'
;MAGNKPFNKQQAEPRERDPQVAGLKVPPHSIEAEQSVLGGLMLDNERWDDVAERVVADDFYTRPHRHIFTEMARLQESGS
PIDLITLAESLERQGQLDSVGGFAYLAELSKNTPSAANISAYADIVRERAVVREMISVANEIAEAGFDPQGRTSEDLLDL
AESRVFKIAESRANKDEGPKNIADVLDATVARIEQLFQQPHDGVTGVNTGYDDLNKKTAGLQPSDLIIVAARPSMGKTTF
AMNLVENAAMLQDKPVLIFSLEMPSEQIMMRSLASLSRVDQTKIRTGQLDDEDWARISGTMGILLEKRNIYIDDSSGLTP
TEVRSRARRIAREHGGIGLIMIDYLQLMRVPALSDNRTLEIAEISRSLKALAKELNVPVVALSQLNRSLEQRADKRPVNS
DLRESGSIEQDADLIMFIYRDEVYHENSDLKGIAEIIIGKQRNGPIGTVRLTFNGQWSRFDNYAGPQYDDE
;
A,B,C,D,E,F
2 'polydeoxyribonucleotide' (DT)(DT)(DT)(DT)(DT)(DT)(DT)(DT)(DT)(DT)(DT)(DT)(DT)(DT)(DT)(DT)(DT)(DT)(DT)(DT) M
#
# COMPACT_ATOMS: atom_id res chain seq x y z
N LYS A 25 -8.24 31.17 -36.59
CA LYS A 25 -8.20 30.72 -37.98
C LYS A 25 -8.68 29.29 -38.12
N VAL A 26 -8.80 28.83 -39.36
CA VAL A 26 -9.18 27.44 -39.61
C VAL A 26 -7.96 26.56 -39.39
N PRO A 27 -8.06 25.53 -38.54
CA PRO A 27 -6.93 24.62 -38.32
C PRO A 27 -6.59 23.85 -39.59
N PRO A 28 -5.31 23.58 -39.82
CA PRO A 28 -4.92 22.85 -41.04
C PRO A 28 -5.31 21.39 -40.96
N HIS A 29 -6.27 20.99 -41.79
CA HIS A 29 -6.78 19.62 -41.80
C HIS A 29 -7.09 19.22 -43.23
N SER A 30 -7.13 17.90 -43.45
CA SER A 30 -7.48 17.32 -44.75
C SER A 30 -8.56 16.26 -44.49
N ILE A 31 -9.81 16.70 -44.53
CA ILE A 31 -10.94 15.81 -44.27
C ILE A 31 -11.06 14.76 -45.37
N GLU A 32 -10.73 15.14 -46.61
CA GLU A 32 -10.80 14.23 -47.75
C GLU A 32 -9.87 13.05 -47.57
N ALA A 33 -8.66 13.31 -47.05
CA ALA A 33 -7.72 12.24 -46.76
C ALA A 33 -8.26 11.31 -45.68
N GLU A 34 -8.92 11.88 -44.66
CA GLU A 34 -9.54 11.05 -43.61
C GLU A 34 -10.63 10.16 -44.18
N GLN A 35 -11.46 10.72 -45.07
CA GLN A 35 -12.52 9.95 -45.71
C GLN A 35 -11.95 8.84 -46.58
N SER A 36 -10.87 9.15 -47.30
CA SER A 36 -10.20 8.15 -48.13
C SER A 36 -9.64 7.02 -47.27
N VAL A 37 -9.03 7.38 -46.14
CA VAL A 37 -8.45 6.37 -45.23
C VAL A 37 -9.54 5.48 -44.66
N LEU A 38 -10.65 6.09 -44.21
CA LEU A 38 -11.75 5.31 -43.63
C LEU A 38 -12.39 4.39 -44.67
N GLY A 39 -12.60 4.91 -45.89
CA GLY A 39 -13.16 4.08 -46.94
C GLY A 39 -12.24 2.95 -47.37
N GLY A 40 -10.94 3.22 -47.39
CA GLY A 40 -9.98 2.16 -47.70
C GLY A 40 -9.93 1.10 -46.62
N LEU A 41 -10.06 1.51 -45.36
CA LEU A 41 -10.15 0.54 -44.27
C LEU A 41 -11.44 -0.28 -44.38
N MET A 42 -12.53 0.34 -44.80
CA MET A 42 -13.77 -0.41 -45.04
C MET A 42 -13.60 -1.38 -46.21
N LEU A 43 -12.84 -0.99 -47.23
CA LEU A 43 -12.63 -1.87 -48.39
C LEU A 43 -11.56 -2.92 -48.09
N ASP A 44 -10.39 -2.48 -47.63
CA ASP A 44 -9.25 -3.35 -47.41
C ASP A 44 -8.99 -3.43 -45.91
N ASN A 45 -8.89 -4.66 -45.39
CA ASN A 45 -8.52 -4.89 -44.01
C ASN A 45 -7.06 -5.28 -43.85
N GLU A 46 -6.37 -5.60 -44.94
CA GLU A 46 -4.98 -6.02 -44.85
C GLU A 46 -4.04 -4.84 -44.60
N ARG A 47 -4.38 -3.67 -45.13
CA ARG A 47 -3.59 -2.46 -44.88
C ARG A 47 -4.00 -1.73 -43.62
N TRP A 48 -4.78 -2.38 -42.75
CA TRP A 48 -5.14 -1.79 -41.47
C TRP A 48 -3.90 -1.59 -40.59
N ASP A 49 -2.92 -2.49 -40.73
CA ASP A 49 -1.71 -2.40 -39.92
C ASP A 49 -0.92 -1.14 -40.24
N ASP A 50 -0.87 -0.77 -41.52
CA ASP A 50 -0.16 0.45 -41.93
C ASP A 50 -0.81 1.68 -41.33
N VAL A 51 -2.14 1.73 -41.35
CA VAL A 51 -2.85 2.89 -40.81
C VAL A 51 -2.72 2.95 -39.29
N ALA A 52 -2.76 1.78 -38.64
CA ALA A 52 -2.60 1.73 -37.19
C ALA A 52 -1.20 2.17 -36.77
N GLU A 53 -0.19 1.78 -37.54
CA GLU A 53 1.18 2.22 -37.28
C GLU A 53 1.32 3.72 -37.51
N ARG A 54 0.69 4.24 -38.57
CA ARG A 54 0.87 5.63 -38.96
C ARG A 54 0.12 6.58 -38.04
N VAL A 55 -1.20 6.44 -37.95
CA VAL A 55 -2.02 7.42 -37.26
C VAL A 55 -2.81 6.74 -36.13
N VAL A 56 -3.38 7.57 -35.27
CA VAL A 56 -4.26 7.13 -34.19
C VAL A 56 -5.60 7.84 -34.35
N ALA A 57 -6.52 7.60 -33.40
CA ALA A 57 -7.83 8.23 -33.46
C ALA A 57 -7.75 9.74 -33.24
N ASP A 58 -6.77 10.18 -32.45
CA ASP A 58 -6.63 11.60 -32.16
C ASP A 58 -6.17 12.40 -33.36
N ASP A 59 -5.56 11.75 -34.35
CA ASP A 59 -5.08 12.46 -35.53
C ASP A 59 -6.22 12.93 -36.44
N PHE A 60 -7.41 12.34 -36.30
CA PHE A 60 -8.57 12.75 -37.08
C PHE A 60 -9.06 14.09 -36.56
N TYR A 61 -9.34 15.02 -37.49
CA TYR A 61 -9.73 16.37 -37.11
C TYR A 61 -11.10 16.41 -36.44
N THR A 62 -12.09 15.76 -37.06
CA THR A 62 -13.45 15.79 -36.52
C THR A 62 -13.64 14.66 -35.52
N ARG A 63 -14.33 14.98 -34.42
CA ARG A 63 -14.65 13.97 -33.41
C ARG A 63 -15.44 12.77 -33.93
N PRO A 64 -16.44 12.89 -34.84
CA PRO A 64 -17.02 11.68 -35.43
C PRO A 64 -16.02 10.77 -36.12
N HIS A 65 -15.01 11.33 -36.79
CA HIS A 65 -13.97 10.51 -37.39
C HIS A 65 -13.14 9.80 -36.33
N ARG A 66 -12.89 10.48 -35.20
CA ARG A 66 -12.20 9.85 -34.07
C ARG A 66 -13.00 8.67 -33.55
N HIS A 67 -14.32 8.84 -33.41
CA HIS A 67 -15.17 7.77 -32.93
C HIS A 67 -15.21 6.61 -33.93
N ILE A 68 -15.24 6.93 -35.22
CA ILE A 68 -15.23 5.91 -36.26
C ILE A 68 -13.95 5.09 -36.21
N PHE A 69 -12.81 5.76 -36.07
CA PHE A 69 -11.55 5.04 -36.00
C PHE A 69 -11.43 4.24 -34.71
N THR A 70 -11.97 4.77 -33.61
CA THR A 70 -11.98 4.03 -32.35
C THR A 70 -12.80 2.75 -32.48
N GLU A 71 -13.96 2.85 -33.13
CA GLU A 71 -14.80 1.67 -33.32
C GLU A 71 -14.14 0.68 -34.27
N MET A 72 -13.44 1.18 -35.30
CA MET A 72 -12.70 0.31 -36.19
C MET A 72 -11.59 -0.43 -35.47
N ALA A 73 -10.88 0.28 -34.59
CA ALA A 73 -9.83 -0.34 -33.78
C ALA A 73 -10.39 -1.40 -32.84
N ARG A 74 -11.54 -1.10 -32.23
CA ARG A 74 -12.17 -2.06 -31.33
C ARG A 74 -12.64 -3.30 -32.08
N LEU A 75 -13.15 -3.12 -33.30
CA LEU A 75 -13.58 -4.25 -34.11
C LEU A 75 -12.41 -5.10 -34.55
N GLN A 76 -11.32 -4.46 -34.99
CA GLN A 76 -10.18 -5.22 -35.50
C GLN A 76 -9.39 -5.89 -34.38
N GLU A 77 -9.33 -5.28 -33.20
CA GLU A 77 -8.69 -5.92 -32.07
C GLU A 77 -9.46 -7.16 -31.63
N SER A 78 -10.79 -7.13 -31.80
CA SER A 78 -11.61 -8.31 -31.54
C SER A 78 -11.45 -9.36 -32.63
N GLY A 79 -10.78 -9.05 -33.74
CA GLY A 79 -10.63 -9.97 -34.84
C GLY A 79 -11.71 -9.88 -35.90
N SER A 80 -12.74 -9.07 -35.66
CA SER A 80 -13.83 -8.90 -36.60
C SER A 80 -13.34 -8.13 -37.83
N PRO A 81 -13.70 -8.56 -39.04
CA PRO A 81 -13.34 -7.77 -40.23
C PRO A 81 -14.08 -6.43 -40.22
N ILE A 82 -13.42 -5.41 -40.77
CA ILE A 82 -13.95 -4.05 -40.74
C ILE A 82 -14.78 -3.85 -42.01
N ASP A 83 -16.09 -3.81 -41.85
CA ASP A 83 -17.01 -3.50 -42.93
C ASP A 83 -18.01 -2.47 -42.46
N LEU A 84 -18.90 -2.06 -43.38
CA LEU A 84 -19.85 -0.99 -43.09
C LEU A 84 -20.89 -1.42 -42.07
N ILE A 85 -21.43 -2.63 -42.25
CA ILE A 85 -22.59 -3.05 -41.46
C ILE A 85 -22.18 -3.32 -40.01
N THR A 86 -21.05 -3.99 -39.81
CA THR A 86 -20.60 -4.28 -38.45
C THR A 86 -20.20 -3.00 -37.73
N LEU A 87 -19.58 -2.06 -38.44
CA LEU A 87 -19.23 -0.77 -37.84
C LEU A 87 -20.47 0.00 -37.41
N ALA A 88 -21.48 0.03 -38.28
CA ALA A 88 -22.74 0.71 -37.95
C ALA A 88 -23.42 0.03 -36.77
N GLU A 89 -23.40 -1.30 -36.73
CA GLU A 89 -24.02 -2.04 -35.63
C GLU A 89 -23.30 -1.75 -34.31
N SER A 90 -21.97 -1.71 -34.33
CA SER A 90 -21.21 -1.43 -33.12
C SER A 90 -21.45 0.00 -32.63
N LEU A 91 -21.53 0.95 -33.57
CA LEU A 91 -21.82 2.33 -33.20
C LEU A 91 -23.23 2.47 -32.62
N GLU A 92 -24.19 1.71 -33.16
CA GLU A 92 -25.54 1.71 -32.62
C GLU A 92 -25.58 1.08 -31.24
N ARG A 93 -24.81 0.00 -31.03
CA ARG A 93 -24.73 -0.63 -29.72
C ARG A 93 -24.12 0.30 -28.68
N GLN A 94 -23.09 1.05 -29.06
CA GLN A 94 -22.54 2.08 -28.19
C GLN A 94 -23.33 3.37 -28.23
N GLY A 95 -24.35 3.46 -29.08
CA GLY A 95 -25.13 4.68 -29.20
C GLY A 95 -24.47 5.77 -29.98
N GLN A 96 -23.32 5.50 -30.61
CA GLN A 96 -22.58 6.51 -31.33
C GLN A 96 -22.93 6.58 -32.81
N LEU A 97 -23.89 5.76 -33.26
CA LEU A 97 -24.30 5.79 -34.66
C LEU A 97 -24.95 7.12 -35.02
N ASP A 98 -25.78 7.65 -34.12
CA ASP A 98 -26.43 8.92 -34.38
C ASP A 98 -25.46 10.09 -34.21
N SER A 99 -24.43 9.90 -33.38
CA SER A 99 -23.49 10.98 -33.13
C SER A 99 -22.56 11.23 -34.32
N VAL A 100 -22.17 10.17 -35.03
CA VAL A 100 -21.21 10.30 -36.12
C VAL A 100 -21.85 10.79 -37.41
N GLY A 101 -23.17 10.79 -37.51
CA GLY A 101 -23.83 11.26 -38.71
C GLY A 101 -24.86 10.30 -39.27
N GLY A 102 -24.97 9.12 -38.67
CA GLY A 102 -25.91 8.12 -39.11
C GLY A 102 -25.29 7.13 -40.08
N PHE A 103 -26.09 6.10 -40.40
CA PHE A 103 -25.60 5.06 -41.30
C PHE A 103 -25.43 5.57 -42.72
N ALA A 104 -26.25 6.54 -43.13
CA ALA A 104 -26.14 7.09 -44.47
C ALA A 104 -24.82 7.80 -44.68
N TYR A 105 -24.34 8.49 -43.65
CA TYR A 105 -23.03 9.14 -43.71
C TYR A 105 -21.91 8.11 -43.88
N LEU A 106 -22.01 7.00 -43.15
CA LEU A 106 -21.02 5.93 -43.27
C LEU A 106 -21.06 5.31 -44.66
N ALA A 107 -22.26 5.10 -45.20
CA ALA A 107 -22.41 4.54 -46.54
C ALA A 107 -21.83 5.49 -47.59
N GLU A 108 -22.04 6.80 -47.41
CA GLU A 108 -21.45 7.78 -48.30
C GLU A 108 -19.92 7.74 -48.23
N LEU A 109 -19.38 7.62 -47.02
CA LEU A 109 -17.93 7.54 -46.85
C LEU A 109 -17.35 6.30 -47.53
N SER A 110 -18.06 5.17 -47.42
CA SER A 110 -17.63 3.94 -48.09
C SER A 110 -17.72 4.09 -49.60
N LYS A 111 -18.76 4.77 -50.09
CA LYS A 111 -18.95 4.95 -51.52
C LYS A 111 -17.86 5.85 -52.11
N ASN A 112 -17.46 6.89 -51.39
CA ASN A 112 -16.58 7.91 -51.94
C ASN A 112 -15.19 7.37 -52.27
N THR A 113 -14.66 6.49 -51.44
CA THR A 113 -13.29 6.02 -51.61
C THR A 113 -13.19 5.03 -52.77
N PRO A 114 -12.39 5.33 -53.81
CA PRO A 114 -12.24 4.38 -54.92
C PRO A 114 -11.46 3.13 -54.54
N SER A 115 -10.26 3.32 -53.97
CA SER A 115 -9.37 2.23 -53.65
C SER A 115 -8.50 2.60 -52.46
N ALA A 116 -7.71 1.62 -51.99
CA ALA A 116 -6.84 1.79 -50.84
C ALA A 116 -5.37 1.65 -51.21
N ALA A 117 -5.01 1.91 -52.47
CA ALA A 117 -3.62 1.75 -52.89
C ALA A 117 -2.72 2.81 -52.26
N ASN A 118 -3.20 4.05 -52.18
CA ASN A 118 -2.41 5.16 -51.65
C ASN A 118 -2.83 5.55 -50.23
N ILE A 119 -3.37 4.60 -49.47
CA ILE A 119 -3.88 4.92 -48.13
C ILE A 119 -2.72 5.25 -47.19
N SER A 120 -1.52 4.73 -47.47
CA SER A 120 -0.36 5.05 -46.68
C SER A 120 0.00 6.54 -46.80
N ALA A 121 -0.01 7.05 -48.04
CA ALA A 121 0.29 8.46 -48.26
C ALA A 121 -0.77 9.36 -47.63
N TYR A 122 -2.04 8.96 -47.73
CA TYR A 122 -3.13 9.73 -47.12
C TYR A 122 -2.99 9.75 -45.60
N ALA A 123 -2.62 8.62 -45.01
CA ALA A 123 -2.41 8.55 -43.56
C ALA A 123 -1.21 9.40 -43.15
N ASP A 124 -0.17 9.43 -43.98
CA ASP A 124 0.97 10.29 -43.70
C ASP A 124 0.58 11.76 -43.75
N ILE A 125 -0.27 12.13 -44.71
CA ILE A 125 -0.77 13.50 -44.80
C ILE A 125 -1.60 13.85 -43.57
N VAL A 126 -2.44 12.91 -43.13
CA VAL A 126 -3.26 13.12 -41.93
C VAL A 126 -2.37 13.29 -40.70
N ARG A 127 -1.33 12.48 -40.58
CA ARG A 127 -0.40 12.60 -39.46
C ARG A 127 0.32 13.93 -39.50
N GLU A 128 0.71 14.38 -40.70
CA GLU A 128 1.35 15.69 -40.85
C GLU A 128 0.42 16.82 -40.40
N ARG A 129 -0.85 16.74 -40.80
CA ARG A 129 -1.83 17.74 -40.39
C ARG A 129 -2.02 17.74 -38.88
N ALA A 130 -2.08 16.55 -38.28
CA ALA A 130 -2.25 16.44 -36.84
C ALA A 130 -1.06 17.02 -36.09
N VAL A 131 0.15 16.74 -36.58
CA VAL A 131 1.36 17.27 -35.93
C VAL A 131 1.42 18.79 -36.07
N VAL A 132 1.03 19.32 -37.23
CA VAL A 132 1.02 20.77 -37.41
C VAL A 132 0.00 21.43 -36.51
N ARG A 133 -1.18 20.83 -36.37
CA ARG A 133 -2.19 21.38 -35.46
C ARG A 133 -1.72 21.30 -34.02
N GLU A 134 -1.03 20.22 -33.66
CA GLU A 134 -0.46 20.09 -32.33
C GLU A 134 0.57 21.18 -32.06
N MET A 135 1.42 21.45 -33.05
CA MET A 135 2.41 22.52 -32.94
C MET A 135 1.75 23.88 -32.79
N ILE A 136 0.67 24.11 -33.53
CA ILE A 136 -0.07 25.37 -33.44
C ILE A 136 -0.68 25.53 -32.05
N SER A 137 -1.26 24.45 -31.54
CA SER A 137 -1.86 24.49 -30.19
C SER A 137 -0.80 24.75 -29.12
N VAL A 138 0.37 24.12 -29.27
CA VAL A 138 1.47 24.32 -28.32
C VAL A 138 1.97 25.76 -28.38
N ALA A 139 2.04 26.33 -29.60
CA ALA A 139 2.44 27.73 -29.75
C ALA A 139 1.43 28.66 -29.09
N ASN A 140 0.14 28.34 -29.23
CA ASN A 140 -0.90 29.13 -28.57
C ASN A 140 -0.77 29.05 -27.06
N GLU A 141 -0.47 27.86 -26.53
CA GLU A 141 -0.27 27.69 -25.10
C GLU A 141 0.94 28.49 -24.62
N ILE A 142 2.01 28.50 -25.41
CA ILE A 142 3.21 29.27 -25.05
C ILE A 142 2.92 30.77 -25.06
N ALA A 143 2.14 31.22 -26.06
CA ALA A 143 1.76 32.63 -26.11
C ALA A 143 0.88 33.01 -24.93
N GLU A 144 -0.03 32.11 -24.53
CA GLU A 144 -0.87 32.34 -23.36
C GLU A 144 -0.03 32.43 -22.09
N ALA A 145 0.97 31.54 -21.97
CA ALA A 145 1.85 31.57 -20.80
C ALA A 145 2.68 32.84 -20.78
N GLY A 146 3.10 33.31 -21.96
CA GLY A 146 3.82 34.56 -22.06
C GLY A 146 2.98 35.76 -21.67
N PHE A 147 1.71 35.77 -22.09
CA PHE A 147 0.83 36.88 -21.71
C PHE A 147 0.46 36.84 -20.24
N ASP A 148 0.27 35.66 -19.67
CA ASP A 148 -0.08 35.51 -18.26
C ASP A 148 1.01 34.71 -17.56
N PRO A 149 1.99 35.36 -16.93
CA PRO A 149 3.06 34.63 -16.24
C PRO A 149 2.57 33.78 -15.08
N GLN A 150 1.52 34.23 -14.37
CA GLN A 150 0.94 33.53 -13.22
C GLN A 150 1.98 33.26 -12.14
N GLY A 151 2.89 34.22 -11.95
CA GLY A 151 3.94 34.11 -10.96
C GLY A 151 5.13 33.30 -11.36
N ARG A 152 5.15 32.70 -12.55
CA ARG A 152 6.28 31.91 -13.00
C ARG A 152 7.38 32.81 -13.53
N THR A 153 8.62 32.36 -13.38
CA THR A 153 9.76 33.12 -13.89
C THR A 153 9.93 32.85 -15.39
N SER A 154 10.79 33.67 -16.02
CA SER A 154 11.07 33.50 -17.44
C SER A 154 11.82 32.21 -17.70
N GLU A 155 12.67 31.80 -16.75
CA GLU A 155 13.37 30.51 -16.88
C GLU A 155 12.38 29.36 -16.86
N ASP A 156 11.34 29.46 -16.02
CA ASP A 156 10.30 28.44 -15.99
C ASP A 156 9.55 28.37 -17.32
N LEU A 157 9.27 29.53 -17.91
CA LEU A 157 8.59 29.57 -19.20
C LEU A 157 9.46 28.96 -20.30
N LEU A 158 10.77 29.27 -20.27
CA LEU A 158 11.68 28.71 -21.26
C LEU A 158 11.80 27.20 -21.12
N ASP A 159 11.90 26.71 -19.87
CA ASP A 159 11.97 25.27 -19.64
C ASP A 159 10.69 24.58 -20.06
N LEU A 160 9.54 25.20 -19.80
CA LEU A 160 8.26 24.65 -20.23
C LEU A 160 8.16 24.59 -21.75
N ALA A 161 8.62 25.64 -22.43
CA ALA A 161 8.59 25.66 -23.89
C ALA A 161 9.50 24.59 -24.48
N GLU A 162 10.70 24.44 -23.91
CA GLU A 162 11.61 23.40 -24.35
C GLU A 162 11.02 22.02 -24.12
N SER A 163 10.36 21.83 -22.98
CA SER A 163 9.72 20.55 -22.68
C SER A 163 8.60 20.27 -23.68
N ARG A 164 7.82 21.29 -24.03
CA ARG A 164 6.72 21.10 -24.98
C ARG A 164 7.26 20.74 -26.37
N VAL A 165 8.31 21.42 -26.81
CA VAL A 165 8.88 21.12 -28.13
C VAL A 165 9.51 19.73 -28.13
N PHE A 166 10.15 19.35 -27.01
CA PHE A 166 10.71 18.01 -26.89
C PHE A 166 9.62 16.94 -26.89
N LYS A 167 8.47 17.25 -26.28
CA LYS A 167 7.35 16.31 -26.29
C LYS A 167 6.78 16.17 -27.70
N ILE A 168 6.73 17.27 -28.46
CA ILE A 168 6.29 17.19 -29.85
C ILE A 168 7.24 16.33 -30.67
N ALA A 169 8.55 16.53 -30.47
CA ALA A 169 9.54 15.74 -31.19
C ALA A 169 9.49 14.27 -30.79
N GLU A 170 9.22 13.99 -29.52
CA GLU A 170 9.08 12.61 -29.06
C GLU A 170 7.82 11.96 -29.61
N SER A 171 6.73 12.71 -29.73
CA SER A 171 5.52 12.22 -30.38
C SER A 171 5.68 12.06 -31.87
N ARG A 172 6.67 12.73 -32.47
CA ARG A 172 6.98 12.55 -33.89
C ARG A 172 7.88 11.35 -34.14
N ALA A 173 7.97 10.40 -33.21
CA ALA A 173 8.79 9.22 -33.41
C ALA A 173 8.08 8.22 -34.30
N ASN A 174 8.68 7.03 -34.44
CA ASN A 174 8.13 6.01 -35.32
C ASN A 174 8.38 4.63 -34.75
N LYS A 175 8.26 3.59 -35.60
CA LYS A 175 8.46 2.20 -35.20
C LYS A 175 9.91 1.99 -34.79
N ASP A 176 10.12 1.27 -33.69
CA ASP A 176 11.45 1.01 -33.17
C ASP A 176 11.77 -0.47 -33.06
N GLU A 177 10.77 -1.33 -32.92
CA GLU A 177 10.96 -2.76 -32.77
C GLU A 177 10.49 -3.50 -34.02
N GLY A 178 10.52 -4.82 -33.96
CA GLY A 178 10.10 -5.65 -35.06
C GLY A 178 10.98 -6.86 -35.25
N PRO A 179 10.36 -8.04 -35.44
CA PRO A 179 11.15 -9.24 -35.75
C PRO A 179 11.83 -9.13 -37.10
N LYS A 180 13.16 -9.08 -37.09
CA LYS A 180 13.91 -8.88 -38.32
C LYS A 180 13.88 -10.12 -39.19
N ASN A 181 13.88 -9.92 -40.51
CA ASN A 181 13.92 -11.02 -41.44
C ASN A 181 15.28 -11.72 -41.38
N ILE A 182 15.31 -12.98 -41.80
CA ILE A 182 16.53 -13.78 -41.73
C ILE A 182 17.60 -13.20 -42.66
N ALA A 183 17.20 -12.56 -43.76
CA ALA A 183 18.15 -11.95 -44.68
C ALA A 183 18.91 -10.80 -44.02
N ASP A 184 18.19 -9.97 -43.25
CA ASP A 184 18.84 -8.85 -42.57
C ASP A 184 19.81 -9.34 -41.51
N VAL A 185 19.43 -10.39 -40.77
CA VAL A 185 20.32 -10.95 -39.76
C VAL A 185 21.55 -11.56 -40.41
N LEU A 186 21.37 -12.23 -41.55
CA LEU A 186 22.50 -12.79 -42.29
C LEU A 186 23.44 -11.69 -42.78
N ASP A 187 22.88 -10.58 -43.28
CA ASP A 187 23.70 -9.48 -43.76
C ASP A 187 24.49 -8.85 -42.62
N ALA A 188 23.83 -8.64 -41.47
CA ALA A 188 24.52 -8.07 -40.32
C ALA A 188 25.62 -9.00 -39.81
N THR A 189 25.33 -10.31 -39.79
CA THR A 189 26.31 -11.28 -39.30
C THR A 189 27.51 -11.37 -40.23
N VAL A 190 27.29 -11.37 -41.55
CA VAL A 190 28.41 -11.45 -42.47
C VAL A 190 29.19 -10.14 -42.47
N ALA A 191 28.51 -9.01 -42.22
CA ALA A 191 29.23 -7.75 -42.06
C ALA A 191 30.12 -7.77 -40.82
N ARG A 192 29.61 -8.35 -39.73
CA ARG A 192 30.42 -8.50 -38.51
C ARG A 192 31.60 -9.42 -38.75
N ILE A 193 31.39 -10.51 -39.49
CA ILE A 193 32.47 -11.45 -39.78
C ILE A 193 33.54 -10.78 -40.63
N GLU A 194 33.13 -10.00 -41.63
CA GLU A 194 34.08 -9.28 -42.47
C GLU A 194 34.82 -8.21 -41.67
N GLN A 195 34.12 -7.56 -40.74
CA GLN A 195 34.78 -6.58 -39.86
C GLN A 195 35.84 -7.25 -38.98
N LEU A 196 35.51 -8.42 -38.43
CA LEU A 196 36.48 -9.14 -37.60
C LEU A 196 37.64 -9.67 -38.41
N PHE A 197 37.40 -10.07 -39.65
CA PHE A 197 38.42 -10.73 -40.46
C PHE A 197 39.21 -9.77 -41.34
N GLN A 198 38.51 -9.05 -42.22
CA GLN A 198 39.18 -8.25 -43.25
C GLN A 198 39.90 -7.04 -42.68
N GLN A 199 39.24 -6.32 -41.77
CA GLN A 199 39.75 -5.04 -41.27
C GLN A 199 41.02 -5.22 -40.44
N PRO A 200 42.14 -4.60 -40.84
CA PRO A 200 43.38 -4.64 -40.05
C PRO A 200 43.48 -3.48 -39.06
N HIS A 201 42.50 -3.39 -38.15
CA HIS A 201 42.48 -2.30 -37.18
C HIS A 201 43.62 -2.37 -36.19
N ASP A 202 44.18 -3.56 -35.95
CA ASP A 202 45.35 -3.78 -35.09
C ASP A 202 45.09 -3.26 -33.67
N GLY A 203 44.09 -3.86 -33.03
CA GLY A 203 43.72 -3.43 -31.70
C GLY A 203 42.59 -2.41 -31.70
N VAL A 204 42.95 -1.13 -31.59
CA VAL A 204 41.99 -0.04 -31.45
C VAL A 204 41.13 0.09 -32.70
N THR A 205 39.82 0.23 -32.50
CA THR A 205 38.88 0.48 -33.58
C THR A 205 38.16 1.81 -33.42
N GLY A 206 37.64 2.10 -32.23
CA GLY A 206 36.99 3.37 -31.97
C GLY A 206 37.94 4.39 -31.39
N VAL A 207 37.40 5.19 -30.46
CA VAL A 207 38.19 6.19 -29.74
C VAL A 207 39.20 5.47 -28.87
N ASN A 208 40.44 5.93 -28.90
CA ASN A 208 41.52 5.28 -28.15
C ASN A 208 41.32 5.40 -26.64
N THR A 209 41.27 4.24 -25.97
CA THR A 209 41.05 4.24 -24.52
C THR A 209 42.30 4.66 -23.76
N GLY A 210 43.49 4.34 -24.28
CA GLY A 210 44.73 4.69 -23.62
C GLY A 210 45.41 3.50 -22.96
N TYR A 211 44.63 2.65 -22.31
CA TYR A 211 45.18 1.43 -21.75
C TYR A 211 45.45 0.43 -22.86
N ASP A 212 46.68 -0.12 -22.89
CA ASP A 212 47.09 -1.00 -23.96
C ASP A 212 46.28 -2.29 -23.97
N ASP A 213 46.00 -2.84 -22.79
CA ASP A 213 45.15 -4.03 -22.71
C ASP A 213 43.73 -3.71 -23.15
N LEU A 214 43.23 -2.52 -22.80
CA LEU A 214 41.92 -2.10 -23.27
C LEU A 214 41.97 -1.77 -24.76
N ASN A 215 43.12 -1.31 -25.25
CA ASN A 215 43.29 -1.11 -26.68
C ASN A 215 43.18 -2.42 -27.44
N LYS A 216 43.74 -3.49 -26.89
CA LYS A 216 43.70 -4.79 -27.57
C LYS A 216 42.33 -5.44 -27.44
N LYS A 217 41.85 -5.61 -26.22
CA LYS A 217 40.63 -6.35 -25.96
C LYS A 217 39.38 -5.55 -26.35
N THR A 218 39.18 -4.39 -25.72
CA THR A 218 37.97 -3.61 -25.98
C THR A 218 37.99 -2.92 -27.33
N ALA A 219 39.13 -2.93 -28.01
CA ALA A 219 39.31 -2.30 -29.32
C ALA A 219 38.96 -0.82 -29.30
N GLY A 220 39.38 -0.16 -28.22
CA GLY A 220 39.14 1.25 -28.04
C GLY A 220 37.72 1.54 -27.57
N LEU A 221 37.49 2.81 -27.22
CA LEU A 221 36.16 3.26 -26.83
C LEU A 221 35.27 3.35 -28.05
N GLN A 222 34.53 2.28 -28.32
CA GLN A 222 33.67 2.22 -29.49
C GLN A 222 32.49 3.17 -29.33
N PRO A 223 32.21 4.04 -30.30
CA PRO A 223 31.01 4.86 -30.23
C PRO A 223 29.76 4.01 -30.30
N SER A 224 28.69 4.53 -29.69
CA SER A 224 27.40 3.84 -29.54
C SER A 224 27.58 2.51 -28.80
N ASP A 225 28.18 2.62 -27.62
CA ASP A 225 28.43 1.48 -26.76
C ASP A 225 28.18 1.89 -25.31
N LEU A 226 28.03 0.89 -24.45
CA LEU A 226 27.71 1.09 -23.04
C LEU A 226 28.83 0.47 -22.20
N ILE A 227 29.77 1.30 -21.76
CA ILE A 227 30.89 0.82 -20.97
C ILE A 227 30.66 1.22 -19.52
N ILE A 228 30.31 0.25 -18.66
CA ILE A 228 30.00 0.52 -17.27
C ILE A 228 31.08 -0.15 -16.42
N VAL A 229 31.86 0.66 -15.71
CA VAL A 229 32.86 0.14 -14.78
C VAL A 229 32.26 0.14 -13.39
N ALA A 230 32.25 -1.03 -12.75
CA ALA A 230 31.58 -1.22 -11.47
C ALA A 230 32.62 -1.32 -10.37
N ALA A 231 32.72 -0.29 -9.53
CA ALA A 231 33.66 -0.27 -8.42
C ALA A 231 33.21 0.74 -7.36
N ARG A 232 34.07 1.03 -6.40
CA ARG A 232 33.77 1.98 -5.35
C ARG A 232 34.22 3.38 -5.73
N PRO A 233 33.43 4.41 -5.42
CA PRO A 233 33.83 5.78 -5.73
C PRO A 233 35.05 6.20 -4.92
N SER A 234 35.91 7.01 -5.56
CA SER A 234 37.17 7.49 -4.98
C SER A 234 38.06 6.32 -4.52
N MET A 235 37.98 5.22 -5.26
CA MET A 235 38.75 4.01 -4.98
C MET A 235 39.46 3.53 -6.24
N GLY A 236 39.95 4.47 -7.05
CA GLY A 236 40.58 4.15 -8.30
C GLY A 236 39.66 4.14 -9.50
N LYS A 237 38.34 4.08 -9.29
CA LYS A 237 37.41 4.08 -10.41
C LYS A 237 37.29 5.48 -11.01
N THR A 238 37.21 6.50 -10.14
CA THR A 238 37.09 7.88 -10.61
C THR A 238 38.32 8.30 -11.40
N THR A 239 39.51 7.95 -10.91
CA THR A 239 40.72 8.28 -11.66
C THR A 239 40.88 7.40 -12.89
N PHE A 240 40.29 6.19 -12.89
CA PHE A 240 40.29 5.38 -14.09
C PHE A 240 39.48 6.05 -15.20
N ALA A 241 38.28 6.54 -14.87
CA ALA A 241 37.48 7.26 -15.86
C ALA A 241 38.14 8.58 -16.24
N MET A 242 38.82 9.22 -15.29
CA MET A 242 39.53 10.46 -15.60
C MET A 242 40.66 10.21 -16.58
N ASN A 243 41.42 9.13 -16.38
CA ASN A 243 42.48 8.77 -17.31
C ASN A 243 41.91 8.38 -18.67
N LEU A 244 40.74 7.74 -18.67
CA LEU A 244 40.06 7.46 -19.93
C LEU A 244 39.71 8.73 -20.68
N VAL A 245 39.19 9.72 -19.95
CA VAL A 245 38.83 11.01 -20.55
C VAL A 245 40.07 11.71 -21.10
N GLU A 246 41.15 11.69 -20.32
CA GLU A 246 42.41 12.30 -20.72
C GLU A 246 42.99 11.65 -21.97
N ASN A 247 43.02 10.32 -22.01
CA ASN A 247 43.58 9.61 -23.15
C ASN A 247 42.72 9.81 -24.39
N ALA A 248 41.40 9.87 -24.22
CA ALA A 248 40.52 10.16 -25.35
C ALA A 248 40.76 11.58 -25.86
N ALA A 249 40.94 12.53 -24.95
CA ALA A 249 41.11 13.93 -25.33
C ALA A 249 42.47 14.22 -25.94
N MET A 250 43.51 13.46 -25.58
CA MET A 250 44.84 13.73 -26.12
C MET A 250 45.00 13.31 -27.57
N LEU A 251 44.04 12.55 -28.13
CA LEU A 251 44.15 12.08 -29.50
C LEU A 251 43.02 12.57 -30.40
N GLN A 252 42.10 13.38 -29.89
CA GLN A 252 41.06 13.97 -30.73
C GLN A 252 40.63 15.31 -30.13
N ASP A 253 40.09 16.18 -30.99
CA ASP A 253 39.56 17.46 -30.58
C ASP A 253 38.04 17.47 -30.56
N LYS A 254 37.40 16.31 -30.62
CA LYS A 254 35.95 16.21 -30.53
C LYS A 254 35.52 16.65 -29.14
N PRO A 255 34.49 17.49 -29.01
CA PRO A 255 34.12 18.01 -27.69
C PRO A 255 33.63 16.95 -26.72
N VAL A 256 34.37 16.78 -25.62
CA VAL A 256 33.98 15.84 -24.59
C VAL A 256 33.24 16.57 -23.48
N LEU A 257 32.34 15.84 -22.82
CA LEU A 257 31.43 16.39 -21.82
C LEU A 257 31.64 15.69 -20.49
N ILE A 258 31.54 16.45 -19.39
CA ILE A 258 31.76 15.93 -18.05
C ILE A 258 30.45 15.96 -17.29
N PHE A 259 30.09 14.83 -16.70
CA PHE A 259 28.84 14.68 -15.95
C PHE A 259 29.12 13.99 -14.62
N SER A 260 30.14 14.46 -13.91
CA SER A 260 30.55 13.83 -12.66
C SER A 260 29.56 14.16 -11.55
N LEU A 261 28.92 13.12 -11.01
CA LEU A 261 28.02 13.28 -9.88
C LEU A 261 28.70 13.07 -8.53
N GLU A 262 29.98 12.70 -8.52
CA GLU A 262 30.67 12.39 -7.27
C GLU A 262 31.40 13.59 -6.71
N MET A 263 32.33 14.15 -7.48
CA MET A 263 33.19 15.23 -7.04
C MET A 263 32.91 16.50 -7.84
N PRO A 264 33.14 17.67 -7.25
CA PRO A 264 32.94 18.92 -7.99
C PRO A 264 33.98 19.11 -9.09
N SER A 265 33.83 20.21 -9.82
CA SER A 265 34.74 20.53 -10.92
C SER A 265 36.16 20.74 -10.42
N GLU A 266 36.30 21.40 -9.28
CA GLU A 266 37.63 21.69 -8.73
C GLU A 266 38.33 20.41 -8.29
N GLN A 267 37.61 19.51 -7.61
CA GLN A 267 38.23 18.28 -7.13
C GLN A 267 38.56 17.34 -8.28
N ILE A 268 37.67 17.25 -9.28
CA ILE A 268 37.96 16.46 -10.47
C ILE A 268 39.17 17.03 -11.21
N MET A 269 39.26 18.36 -11.26
CA MET A 269 40.41 19.01 -11.88
C MET A 269 41.70 18.70 -11.14
N MET A 270 41.65 18.70 -9.80
CA MET A 270 42.81 18.34 -8.99
C MET A 270 43.22 16.89 -9.26
N ARG A 271 42.25 15.99 -9.32
CA ARG A 271 42.53 14.58 -9.60
C ARG A 271 43.16 14.41 -10.97
N SER A 272 42.63 15.13 -11.98
CA SER A 272 43.17 15.05 -13.33
C SER A 272 44.59 15.58 -13.40
N LEU A 273 44.86 16.70 -12.71
CA LEU A 273 46.20 17.27 -12.68
C LEU A 273 47.18 16.33 -11.99
N ALA A 274 46.75 15.71 -10.89
CA ALA A 274 47.61 14.76 -10.19
C ALA A 274 47.90 13.54 -11.05
N SER A 275 46.88 13.06 -11.78
CA SER A 275 47.05 11.88 -12.61
C SER A 275 47.98 12.16 -13.79
N LEU A 276 47.77 13.28 -14.48
CA LEU A 276 48.55 13.57 -15.68
C LEU A 276 49.97 13.99 -15.33
N SER A 277 50.12 14.84 -14.31
CA SER A 277 51.44 15.38 -13.98
C SER A 277 52.29 14.43 -13.15
N ARG A 278 51.73 13.27 -12.74
CA ARG A 278 52.41 12.29 -11.89
C ARG A 278 52.91 12.92 -10.60
N VAL A 279 52.05 13.74 -9.99
CA VAL A 279 52.35 14.46 -8.76
C VAL A 279 51.40 13.94 -7.68
N ASP A 280 51.94 13.74 -6.48
CA ASP A 280 51.17 13.29 -5.32
C ASP A 280 49.99 14.21 -5.05
N GLN A 281 48.81 13.61 -4.85
CA GLN A 281 47.59 14.39 -4.72
C GLN A 281 47.54 15.15 -3.39
N THR A 282 48.36 14.73 -2.42
CA THR A 282 48.51 15.50 -1.19
C THR A 282 49.09 16.88 -1.48
N LYS A 283 50.07 16.94 -2.38
CA LYS A 283 50.65 18.21 -2.78
C LYS A 283 49.66 19.02 -3.62
N ILE A 284 48.79 18.33 -4.37
CA ILE A 284 47.80 19.03 -5.18
C ILE A 284 46.74 19.68 -4.30
N ARG A 285 46.26 18.94 -3.31
CA ARG A 285 45.22 19.44 -2.42
C ARG A 285 45.80 20.41 -1.41
N THR A 286 46.74 19.93 -0.59
CA THR A 286 47.42 20.77 0.40
C THR A 286 48.61 21.41 -0.29
N GLY A 287 48.59 22.74 -0.37
CA GLY A 287 49.55 23.47 -1.17
C GLY A 287 51.00 23.36 -0.71
N GLN A 288 51.80 22.63 -1.49
CA GLN A 288 53.24 22.55 -1.29
C GLN A 288 53.91 23.33 -2.41
N LEU A 289 54.33 24.55 -2.08
CA LEU A 289 54.84 25.48 -3.09
C LEU A 289 56.17 25.01 -3.68
N ASP A 290 56.14 24.62 -4.95
CA ASP A 290 57.35 24.30 -5.70
C ASP A 290 57.06 24.50 -7.17
N ASP A 291 58.11 24.81 -7.92
CA ASP A 291 57.98 25.16 -9.34
C ASP A 291 58.04 23.97 -10.27
N GLU A 292 58.48 22.80 -9.79
CA GLU A 292 58.51 21.61 -10.66
C GLU A 292 57.10 21.08 -10.88
N ASP A 293 56.33 20.94 -9.80
CA ASP A 293 54.93 20.54 -9.91
C ASP A 293 54.13 21.61 -10.64
N TRP A 294 54.45 22.89 -10.38
CA TRP A 294 53.79 23.98 -11.08
C TRP A 294 54.06 23.93 -12.58
N ALA A 295 55.31 23.62 -12.97
CA ALA A 295 55.65 23.50 -14.38
C ALA A 295 54.95 22.31 -15.02
N ARG A 296 54.85 21.20 -14.30
CA ARG A 296 54.12 20.04 -14.82
C ARG A 296 52.65 20.36 -15.02
N ILE A 297 52.04 21.07 -14.06
CA ILE A 297 50.65 21.48 -14.19
C ILE A 297 50.48 22.46 -15.36
N SER A 298 51.45 23.35 -15.53
CA SER A 298 51.41 24.31 -16.64
C SER A 298 51.48 23.59 -17.99
N GLY A 299 52.35 22.59 -18.10
CA GLY A 299 52.42 21.81 -19.33
C GLY A 299 51.14 21.03 -19.58
N THR A 300 50.58 20.46 -18.52
CA THR A 300 49.32 19.71 -18.63
C THR A 300 48.19 20.61 -19.11
N MET A 301 48.06 21.81 -18.52
CA MET A 301 47.00 22.72 -18.92
C MET A 301 47.27 23.33 -20.29
N GLY A 302 48.54 23.43 -20.69
CA GLY A 302 48.85 23.85 -22.05
C GLY A 302 48.39 22.82 -23.07
N ILE A 303 48.63 21.54 -22.78
CA ILE A 303 48.13 20.48 -23.64
C ILE A 303 46.61 20.46 -23.68
N LEU A 304 45.98 20.68 -22.52
CA LEU A 304 44.51 20.72 -22.45
C LEU A 304 43.95 21.89 -23.26
N LEU A 305 44.61 23.04 -23.20
CA LEU A 305 44.19 24.19 -24.00
C LEU A 305 44.44 23.95 -25.48
N GLU A 306 45.49 23.18 -25.80
CA GLU A 306 45.73 22.78 -27.18
C GLU A 306 44.60 21.92 -27.71
N LYS A 307 44.12 20.98 -26.88
CA LYS A 307 43.01 20.13 -27.30
C LYS A 307 41.71 20.93 -27.42
N ARG A 308 41.40 21.73 -26.41
CA ARG A 308 40.31 22.72 -26.43
C ARG A 308 38.95 22.07 -26.71
N ASN A 309 38.69 20.96 -26.02
CA ASN A 309 37.43 20.26 -26.22
C ASN A 309 36.80 19.76 -24.92
N ILE A 310 37.28 20.16 -23.75
CA ILE A 310 36.74 19.70 -22.48
C ILE A 310 35.68 20.67 -22.01
N TYR A 311 34.40 20.35 -22.20
CA TYR A 311 33.32 21.23 -21.80
C TYR A 311 32.72 20.70 -20.50
N ILE A 312 32.95 21.44 -19.42
CA ILE A 312 32.51 21.01 -18.10
C ILE A 312 31.02 21.29 -17.94
N ASP A 313 30.26 20.28 -17.51
CA ASP A 313 28.85 20.45 -17.23
C ASP A 313 28.37 19.50 -16.14
N ASP A 314 29.22 19.21 -15.17
CA ASP A 314 28.92 18.22 -14.13
C ASP A 314 27.80 18.69 -13.20
N SER A 315 26.88 17.77 -12.90
CA SER A 315 25.77 18.04 -11.99
C SER A 315 25.42 16.75 -11.25
N SER A 316 24.33 16.80 -10.49
CA SER A 316 23.86 15.65 -9.72
C SER A 316 22.35 15.54 -9.82
N GLY A 317 21.85 14.32 -9.65
CA GLY A 317 20.42 14.07 -9.63
C GLY A 317 19.73 14.25 -10.97
N LEU A 318 20.03 13.39 -11.93
CA LEU A 318 19.44 13.47 -13.26
C LEU A 318 18.97 12.09 -13.71
N THR A 319 18.39 12.06 -14.92
CA THR A 319 17.93 10.86 -15.59
C THR A 319 18.54 10.80 -16.99
N PRO A 320 18.73 9.60 -17.55
CA PRO A 320 19.39 9.51 -18.87
C PRO A 320 18.60 10.14 -20.00
N THR A 321 17.29 10.31 -19.85
CA THR A 321 16.53 11.10 -20.83
C THR A 321 16.96 12.55 -20.81
N GLU A 322 17.19 13.10 -19.61
CA GLU A 322 17.73 14.45 -19.50
C GLU A 322 19.15 14.52 -20.06
N VAL A 323 19.93 13.45 -19.89
CA VAL A 323 21.27 13.41 -20.46
C VAL A 323 21.21 13.42 -21.98
N ARG A 324 20.23 12.70 -22.55
CA ARG A 324 20.05 12.69 -24.00
C ARG A 324 19.62 14.08 -24.51
N SER A 325 18.74 14.74 -23.75
CA SER A 325 18.32 16.09 -24.11
C SER A 325 19.50 17.07 -24.05
N ARG A 326 20.35 16.94 -23.03
CA ARG A 326 21.53 17.79 -22.95
C ARG A 326 22.54 17.45 -24.05
N ALA A 327 22.60 16.19 -24.46
CA ALA A 327 23.46 15.81 -25.59
C ALA A 327 22.99 16.47 -26.88
N ARG A 328 21.68 16.49 -27.10
CA ARG A 328 21.12 17.21 -28.24
C ARG A 328 21.38 18.70 -28.14
N ARG A 329 21.30 19.25 -26.92
CA ARG A 329 21.58 20.65 -26.70
C ARG A 329 23.04 20.99 -27.03
N ILE A 330 23.98 20.14 -26.62
CA ILE A 330 25.38 20.36 -26.91
C ILE A 330 25.66 20.20 -28.41
N ALA A 331 24.99 19.24 -29.05
CA ALA A 331 25.10 19.09 -30.50
C ALA A 331 24.60 20.33 -31.22
N ARG A 332 23.55 20.96 -30.69
CA ARG A 332 23.12 22.27 -31.19
C ARG A 332 24.19 23.32 -30.95
N GLU A 333 24.86 23.26 -29.79
CA GLU A 333 25.89 24.24 -29.47
C GLU A 333 27.11 24.09 -30.37
N HIS A 334 27.73 22.92 -30.35
CA HIS A 334 28.95 22.71 -31.12
C HIS A 334 28.76 21.65 -32.19
N GLY A 335 28.33 20.45 -31.78
CA GLY A 335 28.14 19.35 -32.71
C GLY A 335 29.17 18.26 -32.56
N GLY A 336 28.72 17.06 -32.21
CA GLY A 336 29.61 15.92 -32.04
C GLY A 336 30.15 15.82 -30.63
N ILE A 337 29.98 14.66 -30.00
CA ILE A 337 30.42 14.43 -28.64
C ILE A 337 31.48 13.33 -28.65
N GLY A 338 32.67 13.64 -28.11
CA GLY A 338 33.72 12.65 -28.06
C GLY A 338 33.50 11.65 -26.93
N LEU A 339 33.21 12.13 -25.73
CA LEU A 339 33.09 11.27 -24.57
C LEU A 339 32.27 11.91 -23.47
N ILE A 340 31.43 11.13 -22.80
CA ILE A 340 30.66 11.58 -21.65
C ILE A 340 31.10 10.80 -20.42
N MET A 341 31.51 11.50 -19.37
CA MET A 341 32.01 10.86 -18.15
C MET A 341 30.90 10.88 -17.10
N ILE A 342 30.35 9.70 -16.80
CA ILE A 342 29.32 9.57 -15.79
C ILE A 342 29.95 9.02 -14.51
N ASP A 343 30.38 9.90 -13.62
CA ASP A 343 30.95 9.47 -12.34
C ASP A 343 29.83 9.28 -11.33
N TYR A 344 29.98 8.25 -10.48
CA TYR A 344 29.04 7.88 -9.43
C TYR A 344 27.65 7.61 -10.01
N LEU A 345 27.52 6.52 -10.78
CA LEU A 345 26.25 6.19 -11.41
C LEU A 345 25.15 5.89 -10.40
N GLN A 346 25.51 5.59 -9.16
CA GLN A 346 24.53 5.39 -8.09
C GLN A 346 24.18 6.68 -7.37
N LEU A 347 24.37 7.83 -8.02
CA LEU A 347 23.94 9.11 -7.47
C LEU A 347 22.67 9.63 -8.13
N MET A 348 22.10 8.89 -9.08
CA MET A 348 20.85 9.23 -9.71
C MET A 348 19.66 8.50 -9.09
N ARG A 349 19.70 8.27 -7.78
CA ARG A 349 18.74 7.42 -7.08
C ARG A 349 17.31 7.92 -7.18
N VAL A 350 16.46 7.13 -7.84
CA VAL A 350 15.02 7.37 -7.85
C VAL A 350 14.44 6.74 -6.58
N PRO A 351 13.69 7.49 -5.76
CA PRO A 351 13.18 6.94 -4.49
C PRO A 351 12.25 5.75 -4.65
N ALA A 352 11.60 5.65 -5.81
CA ALA A 352 10.73 4.50 -6.09
C ALA A 352 11.55 3.21 -6.19
N LEU A 353 12.75 3.30 -6.78
CA LEU A 353 13.60 2.14 -7.00
C LEU A 353 14.93 2.25 -6.25
N SER A 354 14.99 3.08 -5.20
CA SER A 354 16.22 3.25 -4.44
C SER A 354 16.56 2.01 -3.62
N ASP A 355 15.56 1.31 -3.10
CA ASP A 355 15.77 0.11 -2.31
C ASP A 355 16.32 -1.02 -3.16
N ASN A 356 15.56 -1.43 -4.18
CA ASN A 356 16.03 -2.44 -5.13
C ASN A 356 16.64 -1.71 -6.33
N ARG A 357 17.96 -1.54 -6.26
CA ARG A 357 18.65 -0.70 -7.23
C ARG A 357 18.83 -1.41 -8.57
N THR A 358 18.62 -2.73 -8.62
CA THR A 358 18.92 -3.51 -9.81
C THR A 358 18.09 -3.07 -11.02
N LEU A 359 16.79 -2.93 -10.83
CA LEU A 359 15.91 -2.54 -11.93
C LEU A 359 16.19 -1.12 -12.39
N GLU A 360 16.48 -0.22 -11.44
CA GLU A 360 16.80 1.16 -11.78
C GLU A 360 18.10 1.23 -12.59
N ILE A 361 19.11 0.47 -12.18
CA ILE A 361 20.37 0.45 -12.91
C ILE A 361 20.19 -0.16 -14.29
N ALA A 362 19.35 -1.19 -14.40
CA ALA A 362 19.08 -1.80 -15.70
C ALA A 362 18.39 -0.82 -16.65
N GLU A 363 17.39 -0.08 -16.13
CA GLU A 363 16.70 0.90 -16.96
C GLU A 363 17.62 2.05 -17.35
N ILE A 364 18.47 2.49 -16.42
CA ILE A 364 19.44 3.54 -16.71
C ILE A 364 20.43 3.08 -17.78
N SER A 365 20.87 1.82 -17.68
CA SER A 365 21.81 1.28 -18.65
C SER A 365 21.18 1.18 -20.04
N ARG A 366 19.92 0.75 -20.10
CA ARG A 366 19.22 0.67 -21.39
C ARG A 366 19.04 2.06 -22.00
N SER A 367 18.67 3.04 -21.18
CA SER A 367 18.50 4.40 -21.70
C SER A 367 19.83 5.00 -22.10
N LEU A 368 20.91 4.67 -21.40
CA LEU A 368 22.23 5.15 -21.77
C LEU A 368 22.70 4.52 -23.07
N LYS A 369 22.37 3.24 -23.29
CA LYS A 369 22.68 2.62 -24.57
C LYS A 369 21.88 3.26 -25.70
N ALA A 370 20.62 3.61 -25.43
CA ALA A 370 19.81 4.32 -26.42
C ALA A 370 20.40 5.68 -26.75
N LEU A 371 20.87 6.40 -25.72
CA LEU A 371 21.54 7.69 -25.93
C LEU A 371 22.83 7.51 -26.71
N ALA A 372 23.59 6.46 -26.41
CA ALA A 372 24.84 6.19 -27.11
C ALA A 372 24.60 5.93 -28.59
N LYS A 373 23.55 5.16 -28.90
CA LYS A 373 23.20 4.94 -30.30
C LYS A 373 22.60 6.20 -30.93
N GLU A 374 22.06 7.10 -30.10
CA GLU A 374 21.38 8.28 -30.63
C GLU A 374 22.37 9.29 -31.20
N LEU A 375 23.46 9.59 -30.47
CA LEU A 375 24.39 10.64 -30.86
C LEU A 375 25.79 10.10 -31.12
N ASN A 376 25.94 8.79 -31.18
CA ASN A 376 27.19 8.10 -31.52
C ASN A 376 28.32 8.49 -30.56
N VAL A 377 28.10 8.19 -29.29
CA VAL A 377 29.06 8.54 -28.24
C VAL A 377 29.33 7.33 -27.37
N PRO A 378 30.59 7.03 -27.04
CA PRO A 378 30.87 5.91 -26.14
C PRO A 378 30.52 6.21 -24.70
N VAL A 379 29.26 5.98 -24.32
CA VAL A 379 28.78 6.32 -22.99
C VAL A 379 29.43 5.41 -21.96
N VAL A 380 30.16 6.01 -21.02
CA VAL A 380 30.86 5.30 -19.96
C VAL A 380 30.29 5.74 -18.62
N ALA A 381 29.93 4.77 -17.80
CA ALA A 381 29.33 5.02 -16.48
C ALA A 381 30.19 4.37 -15.39
N LEU A 382 30.08 4.92 -14.19
CA LEU A 382 30.83 4.45 -13.02
C LEU A 382 29.84 3.94 -11.98
N SER A 383 29.50 2.66 -12.09
CA SER A 383 28.56 2.06 -11.16
C SER A 383 29.21 1.83 -9.79
N GLN A 384 28.43 2.03 -8.73
CA GLN A 384 28.89 1.81 -7.37
C GLN A 384 28.39 0.46 -6.88
N LEU A 385 29.30 -0.34 -6.31
CA LEU A 385 28.99 -1.63 -5.76
C LEU A 385 28.74 -1.50 -4.25
N ASN A 386 28.63 -2.63 -3.56
CA ASN A 386 28.33 -2.65 -2.14
C ASN A 386 29.61 -2.66 -1.30
N ARG A 387 29.43 -2.51 0.01
CA ARG A 387 30.53 -2.60 0.97
C ARG A 387 31.06 -4.02 1.12
N SER A 388 30.29 -5.03 0.66
CA SER A 388 30.72 -6.41 0.76
C SER A 388 31.98 -6.70 -0.06
N LEU A 389 32.33 -5.81 -1.00
CA LEU A 389 33.62 -5.86 -1.68
C LEU A 389 34.77 -5.92 -0.69
N GLU A 390 34.65 -5.20 0.42
CA GLU A 390 35.63 -5.26 1.48
C GLU A 390 35.23 -6.18 2.62
N GLN A 391 34.07 -6.84 2.54
CA GLN A 391 33.56 -7.62 3.66
C GLN A 391 33.47 -9.11 3.33
N ARG A 392 32.96 -9.43 2.14
CA ARG A 392 32.82 -10.83 1.72
C ARG A 392 34.20 -11.47 1.54
N ALA A 393 34.24 -12.79 1.77
CA ALA A 393 35.48 -13.53 1.58
C ALA A 393 35.92 -13.49 0.12
N ASP A 394 34.97 -13.57 -0.81
CA ASP A 394 35.24 -13.41 -2.23
C ASP A 394 35.44 -11.92 -2.50
N LYS A 395 36.69 -11.48 -2.38
CA LYS A 395 37.00 -10.06 -2.49
C LYS A 395 36.81 -9.53 -3.91
N ARG A 396 36.87 -10.42 -4.90
CA ARG A 396 36.63 -10.00 -6.28
C ARG A 396 35.17 -9.62 -6.47
N PRO A 397 34.84 -8.70 -7.38
CA PRO A 397 33.46 -8.24 -7.51
C PRO A 397 32.54 -9.28 -8.13
N VAL A 398 32.00 -10.15 -7.27
CA VAL A 398 31.08 -11.20 -7.68
C VAL A 398 29.68 -10.81 -7.22
N ASN A 399 28.69 -11.65 -7.53
CA ASN A 399 27.28 -11.30 -7.37
C ASN A 399 26.91 -10.86 -5.96
N SER A 400 27.61 -11.38 -4.95
CA SER A 400 27.44 -10.88 -3.59
C SER A 400 27.97 -9.45 -3.47
N ASP A 401 29.13 -9.19 -4.05
CA ASP A 401 29.70 -7.84 -3.99
C ASP A 401 28.96 -6.88 -4.91
N LEU A 402 28.39 -7.40 -5.99
CA LEU A 402 27.60 -6.57 -6.89
C LEU A 402 26.34 -6.08 -6.18
N ARG A 403 25.85 -4.91 -6.58
CA ARG A 403 24.70 -4.32 -5.91
C ARG A 403 23.43 -5.09 -6.26
N GLU A 404 23.08 -6.05 -5.40
CA GLU A 404 21.93 -6.94 -5.57
C GLU A 404 22.02 -7.72 -6.90
N SER A 405 23.26 -8.00 -7.32
CA SER A 405 23.59 -8.64 -8.59
C SER A 405 22.84 -8.02 -9.76
N GLY A 406 22.12 -8.85 -10.51
CA GLY A 406 21.22 -8.38 -11.56
C GLY A 406 21.86 -7.57 -12.67
N SER A 407 21.56 -6.27 -12.69
CA SER A 407 21.98 -5.40 -13.79
C SER A 407 23.50 -5.22 -13.82
N ILE A 408 24.18 -5.56 -12.72
CA ILE A 408 25.64 -5.51 -12.73
C ILE A 408 26.23 -6.77 -13.33
N GLU A 409 25.49 -7.88 -13.32
CA GLU A 409 26.01 -9.11 -13.91
C GLU A 409 25.72 -9.18 -15.42
N GLN A 410 24.68 -8.48 -15.86
CA GLN A 410 24.24 -8.57 -17.26
C GLN A 410 23.82 -7.19 -17.76
N ASP A 411 23.04 -7.14 -18.84
CA ASP A 411 22.50 -5.93 -19.46
C ASP A 411 23.58 -5.06 -20.08
N ALA A 412 24.45 -4.50 -19.25
CA ALA A 412 25.52 -3.62 -19.74
C ALA A 412 26.44 -4.35 -20.68
N ASP A 413 26.76 -3.70 -21.81
CA ASP A 413 27.57 -4.34 -22.84
C ASP A 413 29.01 -4.57 -22.38
N LEU A 414 29.57 -3.63 -21.62
CA LEU A 414 30.95 -3.73 -21.11
C LEU A 414 30.90 -3.49 -19.60
N ILE A 415 30.71 -4.57 -18.85
CA ILE A 415 30.65 -4.46 -17.39
C ILE A 415 32.02 -4.81 -16.80
N MET A 416 32.84 -3.79 -16.62
CA MET A 416 34.15 -3.99 -16.02
C MET A 416 34.07 -3.83 -14.50
N PHE A 417 34.82 -4.68 -13.80
CA PHE A 417 34.81 -4.73 -12.34
C PHE A 417 36.25 -4.54 -11.87
N ILE A 418 36.49 -3.50 -11.09
CA ILE A 418 37.85 -3.19 -10.64
C ILE A 418 38.16 -3.94 -9.36
N TYR A 419 38.73 -5.14 -9.50
CA TYR A 419 39.28 -5.88 -8.36
C TYR A 419 40.62 -5.24 -7.98
N ARG A 420 40.50 -4.18 -7.18
CA ARG A 420 41.65 -3.56 -6.53
C ARG A 420 41.84 -4.23 -5.17
N ASP A 421 42.68 -5.26 -5.15
CA ASP A 421 42.88 -6.02 -3.92
C ASP A 421 43.66 -5.23 -2.87
N GLU A 422 44.21 -4.08 -3.25
CA GLU A 422 44.91 -3.18 -2.33
C GLU A 422 43.97 -2.70 -1.22
N VAL A 423 42.75 -2.31 -1.61
CA VAL A 423 41.78 -1.85 -0.62
C VAL A 423 41.13 -3.03 0.09
N TYR A 424 40.73 -4.05 -0.66
CA TYR A 424 39.99 -5.19 -0.10
C TYR A 424 40.86 -6.00 0.86
N HIS A 425 42.10 -6.29 0.46
CA HIS A 425 43.03 -7.03 1.30
C HIS A 425 44.13 -6.08 1.77
N GLU A 426 44.41 -6.08 3.08
CA GLU A 426 45.51 -5.29 3.61
C GLU A 426 46.85 -5.78 3.07
N ASN A 427 47.05 -7.10 3.08
CA ASN A 427 48.16 -7.70 2.36
C ASN A 427 47.67 -8.10 0.98
N SER A 428 47.80 -7.19 0.01
CA SER A 428 47.17 -7.37 -1.28
C SER A 428 47.87 -8.42 -2.12
N ASP A 429 47.08 -9.23 -2.81
CA ASP A 429 47.62 -10.13 -3.84
C ASP A 429 47.73 -9.44 -5.19
N LEU A 430 47.17 -8.22 -5.33
CA LEU A 430 47.17 -7.48 -6.58
C LEU A 430 47.72 -6.07 -6.31
N LYS A 431 49.03 -5.92 -6.41
CA LYS A 431 49.68 -4.61 -6.35
C LYS A 431 50.32 -4.32 -7.69
N GLY A 432 49.69 -3.45 -8.47
CA GLY A 432 50.10 -3.23 -9.85
C GLY A 432 49.55 -4.24 -10.84
N ILE A 433 48.83 -5.25 -10.35
CA ILE A 433 48.17 -6.23 -11.20
C ILE A 433 46.70 -6.30 -10.85
N ALA A 434 46.13 -5.18 -10.37
CA ALA A 434 44.72 -5.10 -10.02
C ALA A 434 43.84 -5.44 -11.22
N GLU A 435 42.86 -6.32 -11.02
CA GLU A 435 42.23 -6.98 -12.15
C GLU A 435 40.97 -6.23 -12.61
N ILE A 436 40.97 -5.81 -13.88
CA ILE A 436 39.75 -5.27 -14.46
C ILE A 436 38.97 -6.43 -15.07
N ILE A 437 38.20 -7.12 -14.22
CA ILE A 437 37.50 -8.34 -14.64
C ILE A 437 36.28 -7.96 -15.47
N ILE A 438 36.18 -8.52 -16.67
CA ILE A 438 35.05 -8.19 -17.53
C ILE A 438 34.05 -9.33 -17.50
N GLY A 439 32.90 -9.09 -16.89
CA GLY A 439 31.83 -10.08 -16.87
C GLY A 439 31.22 -10.33 -18.23
N LYS A 440 31.01 -9.26 -18.99
CA LYS A 440 30.44 -9.35 -20.32
C LYS A 440 31.15 -8.36 -21.23
N GLN A 441 31.59 -8.84 -22.39
CA GLN A 441 32.27 -8.01 -23.39
C GLN A 441 31.75 -8.40 -24.77
N ARG A 442 31.15 -7.44 -25.47
CA ARG A 442 30.64 -7.71 -26.80
C ARG A 442 31.77 -7.96 -27.80
N ASN A 443 32.83 -7.15 -27.72
CA ASN A 443 33.98 -7.25 -28.62
C ASN A 443 35.24 -7.38 -27.78
N GLY A 444 35.78 -8.60 -27.72
CA GLY A 444 37.00 -8.85 -26.99
C GLY A 444 36.87 -10.00 -26.01
N PRO A 445 38.01 -10.62 -25.67
CA PRO A 445 37.99 -11.75 -24.73
C PRO A 445 37.78 -11.25 -23.30
N ILE A 446 36.88 -11.91 -22.58
CA ILE A 446 36.65 -11.57 -21.18
C ILE A 446 37.77 -12.14 -20.33
N GLY A 447 37.91 -11.61 -19.12
CA GLY A 447 38.92 -12.11 -18.21
C GLY A 447 39.36 -11.02 -17.25
N THR A 448 40.30 -11.39 -16.39
CA THR A 448 40.84 -10.47 -15.40
C THR A 448 41.95 -9.64 -16.04
N VAL A 449 41.68 -8.36 -16.23
CA VAL A 449 42.65 -7.46 -16.90
C VAL A 449 43.46 -6.81 -15.78
N ARG A 450 44.64 -7.35 -15.54
CA ARG A 450 45.54 -6.82 -14.52
C ARG A 450 46.18 -5.52 -14.99
N LEU A 451 46.01 -4.45 -14.23
CA LEU A 451 46.53 -3.14 -14.59
C LEU A 451 47.25 -2.51 -13.41
N THR A 452 48.26 -1.70 -13.71
CA THR A 452 49.01 -1.00 -12.69
C THR A 452 48.27 0.27 -12.27
N PHE A 453 48.29 0.56 -10.97
CA PHE A 453 47.70 1.78 -10.44
C PHE A 453 48.69 2.46 -9.50
N ASN A 454 48.83 3.76 -9.64
CA ASN A 454 49.70 4.57 -8.78
C ASN A 454 48.81 5.30 -7.77
N GLY A 455 48.88 4.86 -6.51
CA GLY A 455 48.04 5.46 -5.50
C GLY A 455 48.49 6.85 -5.08
N GLN A 456 49.76 7.18 -5.31
CA GLN A 456 50.29 8.48 -4.93
C GLN A 456 49.69 9.61 -5.77
N TRP A 457 49.69 9.45 -7.09
CA TRP A 457 49.20 10.47 -7.99
C TRP A 457 47.77 10.20 -8.47
N SER A 458 47.15 9.12 -7.99
CA SER A 458 45.88 8.61 -8.48
C SER A 458 45.93 8.44 -10.00
N ARG A 459 46.84 7.60 -10.47
CA ARG A 459 47.07 7.40 -11.90
C ARG A 459 47.00 5.92 -12.22
N PHE A 460 46.11 5.54 -13.13
CA PHE A 460 46.00 4.15 -13.55
C PHE A 460 46.87 3.90 -14.78
N ASP A 461 47.89 3.07 -14.61
CA ASP A 461 48.76 2.69 -15.73
C ASP A 461 48.27 1.40 -16.37
N ASN A 462 49.08 0.82 -17.25
CA ASN A 462 48.70 -0.40 -17.95
C ASN A 462 49.77 -1.45 -17.72
N TYR A 463 49.42 -2.50 -16.99
CA TYR A 463 50.31 -3.63 -16.78
C TYR A 463 50.34 -4.53 -18.02
N ALA A 464 51.52 -5.03 -18.35
CA ALA A 464 51.69 -5.91 -19.50
C ALA A 464 51.08 -7.28 -19.23
N LYS B 25 -40.88 2.11 -26.52
CA LYS B 25 -39.74 2.52 -27.33
C LYS B 25 -39.56 1.58 -28.53
N VAL B 26 -38.54 1.86 -29.33
CA VAL B 26 -38.25 1.02 -30.49
C VAL B 26 -37.46 -0.20 -30.04
N PRO B 27 -37.91 -1.41 -30.36
CA PRO B 27 -37.15 -2.61 -30.00
C PRO B 27 -35.80 -2.64 -30.71
N PRO B 28 -34.76 -3.15 -30.07
CA PRO B 28 -33.43 -3.18 -30.70
C PRO B 28 -33.34 -4.21 -31.82
N HIS B 29 -33.28 -3.73 -33.06
CA HIS B 29 -33.21 -4.62 -34.21
C HIS B 29 -32.27 -4.02 -35.26
N SER B 30 -31.77 -4.90 -36.14
CA SER B 30 -30.90 -4.50 -37.23
C SER B 30 -31.48 -5.12 -38.50
N ILE B 31 -32.34 -4.35 -39.17
CA ILE B 31 -33.01 -4.83 -40.38
C ILE B 31 -31.99 -5.01 -41.50
N GLU B 32 -30.99 -4.14 -41.55
CA GLU B 32 -29.96 -4.17 -42.59
C GLU B 32 -29.17 -5.48 -42.55
N ALA B 33 -28.84 -5.93 -41.34
CA ALA B 33 -28.13 -7.21 -41.20
C ALA B 33 -29.00 -8.37 -41.69
N GLU B 34 -30.30 -8.32 -41.40
CA GLU B 34 -31.22 -9.34 -41.87
C GLU B 34 -31.28 -9.37 -43.39
N GLN B 35 -31.36 -8.17 -44.00
CA GLN B 35 -31.38 -8.07 -45.45
C GLN B 35 -30.08 -8.59 -46.07
N SER B 36 -28.96 -8.30 -45.41
CA SER B 36 -27.66 -8.80 -45.86
C SER B 36 -27.60 -10.32 -45.80
N VAL B 37 -28.12 -10.89 -44.72
CA VAL B 37 -28.16 -12.35 -44.57
C VAL B 37 -29.02 -12.97 -45.65
N LEU B 38 -30.19 -12.39 -45.90
CA LEU B 38 -31.10 -12.93 -46.91
C LEU B 38 -30.51 -12.84 -48.31
N GLY B 39 -29.87 -11.72 -48.63
CA GLY B 39 -29.22 -11.58 -49.92
C GLY B 39 -28.05 -12.53 -50.09
N GLY B 40 -27.27 -12.72 -49.02
CA GLY B 40 -26.16 -13.67 -49.09
C GLY B 40 -26.64 -15.11 -49.25
N LEU B 41 -27.74 -15.45 -48.60
CA LEU B 41 -28.31 -16.78 -48.80
C LEU B 41 -28.86 -16.95 -50.20
N MET B 42 -29.45 -15.89 -50.77
CA MET B 42 -29.89 -15.93 -52.16
C MET B 42 -28.71 -16.08 -53.11
N LEU B 43 -27.56 -15.50 -52.77
CA LEU B 43 -26.37 -15.64 -53.60
C LEU B 43 -25.62 -16.93 -53.31
N ASP B 44 -25.23 -17.12 -52.05
CA ASP B 44 -24.38 -18.24 -51.63
C ASP B 44 -25.25 -19.25 -50.88
N ASN B 45 -25.13 -20.52 -51.27
CA ASN B 45 -25.83 -21.59 -50.58
C ASN B 45 -24.91 -22.43 -49.71
N GLU B 46 -23.59 -22.30 -49.88
CA GLU B 46 -22.66 -23.10 -49.11
C GLU B 46 -22.57 -22.65 -47.66
N ARG B 47 -22.75 -21.36 -47.40
CA ARG B 47 -22.74 -20.83 -46.04
C ARG B 47 -24.10 -20.90 -45.36
N TRP B 48 -25.02 -21.70 -45.89
CA TRP B 48 -26.32 -21.87 -45.26
C TRP B 48 -26.21 -22.53 -43.90
N ASP B 49 -25.25 -23.45 -43.76
CA ASP B 49 -25.10 -24.25 -42.55
C ASP B 49 -24.77 -23.38 -41.34
N ASP B 50 -23.90 -22.38 -41.55
CA ASP B 50 -23.55 -21.46 -40.48
C ASP B 50 -24.75 -20.65 -40.03
N VAL B 51 -25.57 -20.20 -40.98
CA VAL B 51 -26.76 -19.43 -40.66
C VAL B 51 -27.77 -20.28 -39.90
N ALA B 52 -27.95 -21.53 -40.35
CA ALA B 52 -28.88 -22.44 -39.69
C ALA B 52 -28.43 -22.77 -38.28
N GLU B 53 -27.12 -22.96 -38.10
CA GLU B 53 -26.58 -23.22 -36.77
C GLU B 53 -26.74 -22.01 -35.86
N ARG B 54 -26.50 -20.81 -36.40
CA ARG B 54 -26.50 -19.60 -35.59
C ARG B 54 -27.91 -19.12 -35.27
N VAL B 55 -28.71 -18.81 -36.29
CA VAL B 55 -29.98 -18.14 -36.10
C VAL B 55 -31.11 -18.96 -36.69
N VAL B 56 -32.34 -18.63 -36.28
CA VAL B 56 -33.55 -19.21 -36.83
C VAL B 56 -34.42 -18.09 -37.36
N ALA B 57 -35.62 -18.47 -37.83
CA ALA B 57 -36.55 -17.48 -38.34
C ALA B 57 -37.07 -16.57 -37.24
N ASP B 58 -37.14 -17.09 -36.00
CA ASP B 58 -37.63 -16.28 -34.89
C ASP B 58 -36.67 -15.16 -34.54
N ASP B 59 -35.39 -15.29 -34.90
CA ASP B 59 -34.43 -14.23 -34.64
C ASP B 59 -34.65 -13.03 -35.56
N PHE B 60 -35.38 -13.20 -36.65
CA PHE B 60 -35.69 -12.12 -37.57
C PHE B 60 -36.77 -11.25 -36.93
N TYR B 61 -36.54 -9.93 -36.91
CA TYR B 61 -37.43 -8.98 -36.27
C TYR B 61 -38.78 -8.91 -36.99
N THR B 62 -38.75 -8.74 -38.31
CA THR B 62 -39.99 -8.60 -39.06
C THR B 62 -40.58 -9.97 -39.38
N ARG B 63 -41.89 -10.09 -39.22
CA ARG B 63 -42.59 -11.31 -39.59
C ARG B 63 -42.42 -11.72 -41.06
N PRO B 64 -42.42 -10.80 -42.06
CA PRO B 64 -42.03 -11.23 -43.42
C PRO B 64 -40.66 -11.86 -43.51
N HIS B 65 -39.68 -11.36 -42.74
CA HIS B 65 -38.36 -11.99 -42.73
C HIS B 65 -38.41 -13.38 -42.12
N ARG B 66 -39.27 -13.58 -41.11
CA ARG B 66 -39.49 -14.90 -40.56
C ARG B 66 -40.05 -15.85 -41.62
N HIS B 67 -41.01 -15.34 -42.42
CA HIS B 67 -41.57 -16.14 -43.50
C HIS B 67 -40.51 -16.49 -44.54
N ILE B 68 -39.66 -15.52 -44.87
CA ILE B 68 -38.62 -15.72 -45.87
C ILE B 68 -37.63 -16.78 -45.40
N PHE B 69 -37.20 -16.69 -44.14
CA PHE B 69 -36.23 -17.66 -43.63
C PHE B 69 -36.87 -19.04 -43.49
N THR B 70 -38.16 -19.09 -43.12
CA THR B 70 -38.86 -20.37 -43.05
C THR B 70 -38.94 -21.03 -44.42
N GLU B 71 -39.24 -20.24 -45.45
CA GLU B 71 -39.29 -20.78 -46.80
C GLU B 71 -37.91 -21.22 -47.27
N MET B 72 -36.88 -20.46 -46.92
CA MET B 72 -35.51 -20.83 -47.27
C MET B 72 -35.11 -22.15 -46.61
N ALA B 73 -35.46 -22.31 -45.33
CA ALA B 73 -35.17 -23.55 -44.63
C ALA B 73 -35.93 -24.73 -45.25
N ARG B 74 -37.19 -24.50 -45.61
CA ARG B 74 -37.99 -25.56 -46.22
C ARG B 74 -37.42 -25.97 -47.57
N LEU B 75 -36.97 -25.01 -48.37
CA LEU B 75 -36.40 -25.33 -49.67
C LEU B 75 -35.04 -26.02 -49.53
N GLN B 76 -34.24 -25.59 -48.55
CA GLN B 76 -32.92 -26.20 -48.38
C GLN B 76 -33.02 -27.61 -47.82
N GLU B 77 -33.99 -27.86 -46.93
CA GLU B 77 -34.20 -29.21 -46.43
C GLU B 77 -34.66 -30.13 -47.55
N SER B 78 -35.40 -29.60 -48.52
CA SER B 78 -35.77 -30.37 -49.70
C SER B 78 -34.60 -30.54 -50.67
N GLY B 79 -33.49 -29.84 -50.45
CA GLY B 79 -32.33 -29.93 -51.30
C GLY B 79 -32.28 -28.92 -52.42
N SER B 80 -33.32 -28.09 -52.56
CA SER B 80 -33.37 -27.10 -53.62
C SER B 80 -32.33 -26.01 -53.39
N PRO B 81 -31.63 -25.56 -54.43
CA PRO B 81 -30.68 -24.45 -54.27
C PRO B 81 -31.41 -23.15 -53.95
N ILE B 82 -30.74 -22.28 -53.20
CA ILE B 82 -31.36 -21.04 -52.74
C ILE B 82 -31.05 -19.96 -53.77
N ASP B 83 -32.03 -19.66 -54.62
CA ASP B 83 -31.96 -18.56 -55.56
C ASP B 83 -33.26 -17.78 -55.52
N LEU B 84 -33.31 -16.70 -56.30
CA LEU B 84 -34.45 -15.80 -56.25
C LEU B 84 -35.70 -16.42 -56.88
N ILE B 85 -35.53 -17.09 -58.03
CA ILE B 85 -36.67 -17.57 -58.79
C ILE B 85 -37.36 -18.72 -58.07
N THR B 86 -36.58 -19.67 -57.56
CA THR B 86 -37.17 -20.81 -56.87
C THR B 86 -37.85 -20.38 -55.57
N LEU B 87 -37.23 -19.45 -54.84
CA LEU B 87 -37.84 -18.95 -53.61
C LEU B 87 -39.13 -18.19 -53.90
N ALA B 88 -39.14 -17.39 -54.97
CA ALA B 88 -40.35 -16.67 -55.36
C ALA B 88 -41.45 -17.64 -55.76
N GLU B 89 -41.09 -18.69 -56.50
CA GLU B 89 -42.06 -19.72 -56.88
C GLU B 89 -42.63 -20.43 -55.66
N SER B 90 -41.76 -20.75 -54.69
CA SER B 90 -42.19 -21.44 -53.48
C SER B 90 -43.11 -20.57 -52.64
N LEU B 91 -42.81 -19.28 -52.56
CA LEU B 91 -43.68 -18.36 -51.82
C LEU B 91 -45.01 -18.17 -52.55
N GLU B 92 -44.98 -18.18 -53.88
CA GLU B 92 -46.21 -18.05 -54.66
C GLU B 92 -47.09 -19.27 -54.49
N ARG B 93 -46.49 -20.47 -54.46
CA ARG B 93 -47.26 -21.69 -54.27
C ARG B 93 -47.93 -21.74 -52.91
N GLN B 94 -47.26 -21.26 -51.87
CA GLN B 94 -47.84 -21.15 -50.55
C GLN B 94 -48.63 -19.85 -50.37
N GLY B 95 -48.61 -18.95 -51.35
CA GLY B 95 -49.32 -17.70 -51.23
C GLY B 95 -48.66 -16.68 -50.34
N GLN B 96 -47.42 -16.92 -49.91
CA GLN B 96 -46.72 -16.01 -49.01
C GLN B 96 -45.89 -14.97 -49.74
N LEU B 97 -45.95 -14.94 -51.07
CA LEU B 97 -45.20 -13.95 -51.84
C LEU B 97 -45.68 -12.53 -51.53
N ASP B 98 -47.00 -12.35 -51.42
CA ASP B 98 -47.53 -11.03 -51.07
C ASP B 98 -47.33 -10.72 -49.59
N SER B 99 -47.23 -11.75 -48.75
CA SER B 99 -47.05 -11.52 -47.32
C SER B 99 -45.66 -11.00 -47.01
N VAL B 100 -44.65 -11.43 -47.77
CA VAL B 100 -43.28 -11.00 -47.50
C VAL B 100 -42.94 -9.66 -48.15
N GLY B 101 -43.76 -9.16 -49.06
CA GLY B 101 -43.50 -7.88 -49.69
C GLY B 101 -43.63 -7.88 -51.19
N GLY B 102 -43.53 -9.06 -51.80
CA GLY B 102 -43.60 -9.20 -53.24
C GLY B 102 -42.26 -9.59 -53.84
N PHE B 103 -42.32 -9.92 -55.13
CA PHE B 103 -41.13 -10.35 -55.85
C PHE B 103 -40.13 -9.22 -56.00
N ALA B 104 -40.62 -7.99 -56.14
CA ALA B 104 -39.74 -6.82 -56.26
C ALA B 104 -38.94 -6.62 -54.97
N TYR B 105 -39.57 -6.85 -53.82
CA TYR B 105 -38.88 -6.75 -52.54
C TYR B 105 -37.76 -7.78 -52.43
N LEU B 106 -38.04 -9.02 -52.88
CA LEU B 106 -37.01 -10.06 -52.85
C LEU B 106 -35.87 -9.75 -53.81
N ALA B 107 -36.21 -9.20 -54.98
CA ALA B 107 -35.19 -8.80 -55.94
C ALA B 107 -34.33 -7.68 -55.37
N GLU B 108 -34.95 -6.73 -54.65
CA GLU B 108 -34.20 -5.67 -53.99
C GLU B 108 -33.27 -6.24 -52.92
N LEU B 109 -33.75 -7.23 -52.15
CA LEU B 109 -32.93 -7.85 -51.13
C LEU B 109 -31.74 -8.57 -51.75
N SER B 110 -31.95 -9.25 -52.87
CA SER B 110 -30.85 -9.91 -53.57
C SER B 110 -29.87 -8.90 -54.14
N LYS B 111 -30.38 -7.76 -54.64
CA LYS B 111 -29.53 -6.75 -55.26
C LYS B 111 -28.65 -6.05 -54.23
N ASN B 112 -29.22 -5.75 -53.06
CA ASN B 112 -28.55 -4.89 -52.09
C ASN B 112 -27.30 -5.54 -51.51
N THR B 113 -27.34 -6.85 -51.28
CA THR B 113 -26.23 -7.54 -50.62
C THR B 113 -25.05 -7.70 -51.59
N PRO B 114 -23.89 -7.11 -51.29
CA PRO B 114 -22.74 -7.28 -52.19
C PRO B 114 -22.15 -8.68 -52.14
N SER B 115 -21.85 -9.15 -50.94
CA SER B 115 -21.18 -10.44 -50.74
C SER B 115 -21.63 -11.06 -49.43
N ALA B 116 -21.36 -12.35 -49.28
CA ALA B 116 -21.71 -13.11 -48.09
C ALA B 116 -20.47 -13.57 -47.33
N ALA B 117 -19.36 -12.85 -47.50
CA ALA B 117 -18.13 -13.21 -46.80
C ALA B 117 -18.27 -13.01 -45.29
N ASN B 118 -18.98 -11.95 -44.89
CA ASN B 118 -19.18 -11.63 -43.48
C ASN B 118 -20.59 -11.98 -43.00
N ILE B 119 -21.22 -12.99 -43.61
CA ILE B 119 -22.59 -13.34 -43.25
C ILE B 119 -22.64 -13.97 -41.87
N SER B 120 -21.52 -14.56 -41.42
CA SER B 120 -21.45 -15.10 -40.07
C SER B 120 -21.55 -13.98 -39.03
N ALA B 121 -20.85 -12.87 -39.28
CA ALA B 121 -20.92 -11.72 -38.40
C ALA B 121 -22.31 -11.11 -38.39
N TYR B 122 -22.96 -11.05 -39.56
CA TYR B 122 -24.31 -10.53 -39.64
C TYR B 122 -25.29 -11.42 -38.87
N ALA B 123 -25.10 -12.73 -38.96
CA ALA B 123 -25.94 -13.67 -38.22
C ALA B 123 -25.70 -13.51 -36.71
N ASP B 124 -24.45 -13.28 -36.31
CA ASP B 124 -24.17 -13.01 -34.90
C ASP B 124 -24.85 -11.74 -34.43
N ILE B 125 -24.87 -10.72 -35.30
CA ILE B 125 -25.56 -9.46 -34.98
C ILE B 125 -27.04 -9.70 -34.79
N VAL B 126 -27.65 -10.47 -35.70
CA VAL B 126 -29.08 -10.78 -35.61
C VAL B 126 -29.39 -11.58 -34.35
N ARG B 127 -28.52 -12.53 -34.01
CA ARG B 127 -28.69 -13.32 -32.79
C ARG B 127 -28.58 -12.43 -31.57
N GLU B 128 -27.65 -11.49 -31.57
CA GLU B 128 -27.50 -10.54 -30.46
C GLU B 128 -28.75 -9.69 -30.30
N ARG B 129 -29.28 -9.18 -31.41
CA ARG B 129 -30.49 -8.36 -31.38
C ARG B 129 -31.68 -9.15 -30.85
N ALA B 130 -31.82 -10.40 -31.32
CA ALA B 130 -32.92 -11.25 -30.86
C ALA B 130 -32.80 -11.56 -29.38
N VAL B 131 -31.57 -11.81 -28.91
CA VAL B 131 -31.36 -12.10 -27.50
C VAL B 131 -31.70 -10.88 -26.63
N VAL B 132 -31.29 -9.68 -27.08
CA VAL B 132 -31.58 -8.48 -26.32
C VAL B 132 -33.08 -8.21 -26.28
N ARG B 133 -33.77 -8.42 -27.42
CA ARG B 133 -35.22 -8.24 -27.45
C ARG B 133 -35.92 -9.26 -26.55
N GLU B 134 -35.42 -10.50 -26.54
CA GLU B 134 -35.97 -11.51 -25.64
C GLU B 134 -35.79 -11.13 -24.18
N MET B 135 -34.61 -10.59 -23.85
CA MET B 135 -34.33 -10.13 -22.50
C MET B 135 -35.26 -9.00 -22.10
N ILE B 136 -35.50 -8.07 -23.03
CA ILE B 136 -36.40 -6.94 -22.76
C ILE B 136 -37.82 -7.43 -22.53
N SER B 137 -38.27 -8.38 -23.36
CA SER B 137 -39.62 -8.93 -23.20
C SER B 137 -39.77 -9.67 -21.88
N VAL B 138 -38.73 -10.42 -21.50
CA VAL B 138 -38.76 -11.15 -20.23
C VAL B 138 -38.78 -10.17 -19.06
N ALA B 139 -38.03 -9.08 -19.16
CA ALA B 139 -38.04 -8.05 -18.13
C ALA B 139 -39.41 -7.39 -18.02
N ASN B 140 -40.07 -7.17 -19.17
CA ASN B 140 -41.42 -6.63 -19.16
C ASN B 140 -42.40 -7.58 -18.48
N GLU B 141 -42.26 -8.88 -18.77
CA GLU B 141 -43.12 -9.88 -18.14
C GLU B 141 -42.90 -9.92 -16.63
N ILE B 142 -41.64 -9.84 -16.20
CA ILE B 142 -41.32 -9.87 -14.78
C ILE B 142 -41.86 -8.62 -14.09
N ALA B 143 -41.75 -7.46 -14.75
CA ALA B 143 -42.29 -6.23 -14.18
C ALA B 143 -43.81 -6.28 -14.07
N GLU B 144 -44.47 -6.87 -15.08
CA GLU B 144 -45.91 -7.05 -15.03
C GLU B 144 -46.31 -7.98 -13.89
N ALA B 145 -45.55 -9.06 -13.69
CA ALA B 145 -45.81 -9.98 -12.58
C ALA B 145 -45.59 -9.31 -11.24
N GLY B 146 -44.60 -8.42 -11.17
CA GLY B 146 -44.34 -7.66 -9.96
C GLY B 146 -45.46 -6.69 -9.63
N PHE B 147 -45.97 -5.98 -10.64
CA PHE B 147 -47.07 -5.05 -10.40
C PHE B 147 -48.39 -5.78 -10.16
N ASP B 148 -48.55 -6.98 -10.72
CA ASP B 148 -49.76 -7.77 -10.51
C ASP B 148 -49.37 -9.12 -9.92
N PRO B 149 -49.36 -9.25 -8.59
CA PRO B 149 -48.96 -10.54 -7.98
C PRO B 149 -49.88 -11.70 -8.33
N GLN B 150 -51.17 -11.42 -8.52
CA GLN B 150 -52.18 -12.43 -8.86
C GLN B 150 -52.24 -13.55 -7.84
N GLY B 151 -52.04 -13.20 -6.57
CA GLY B 151 -52.05 -14.17 -5.50
C GLY B 151 -50.76 -14.94 -5.30
N ARG B 152 -49.76 -14.73 -6.15
CA ARG B 152 -48.49 -15.43 -5.98
C ARG B 152 -47.66 -14.76 -4.90
N THR B 153 -46.92 -15.57 -4.15
CA THR B 153 -46.05 -15.04 -3.12
C THR B 153 -44.77 -14.48 -3.74
N SER B 154 -43.93 -13.91 -2.88
CA SER B 154 -42.63 -13.40 -3.33
C SER B 154 -41.75 -14.55 -3.82
N GLU B 155 -41.82 -15.70 -3.15
CA GLU B 155 -41.03 -16.85 -3.56
C GLU B 155 -41.45 -17.35 -4.94
N ASP B 156 -42.75 -17.33 -5.23
CA ASP B 156 -43.25 -17.74 -6.54
C ASP B 156 -42.72 -16.83 -7.65
N LEU B 157 -42.78 -15.52 -7.42
CA LEU B 157 -42.29 -14.56 -8.41
C LEU B 157 -40.79 -14.68 -8.59
N LEU B 158 -40.07 -14.90 -7.49
CA LEU B 158 -38.62 -15.08 -7.56
C LEU B 158 -38.26 -16.33 -8.35
N ASP B 159 -38.97 -17.43 -8.12
CA ASP B 159 -38.71 -18.66 -8.85
C ASP B 159 -39.06 -18.51 -10.32
N LEU B 160 -40.13 -17.77 -10.62
CA LEU B 160 -40.49 -17.52 -12.02
C LEU B 160 -39.43 -16.69 -12.71
N ALA B 161 -38.92 -15.66 -12.03
CA ALA B 161 -37.87 -14.82 -12.61
C ALA B 161 -36.59 -15.62 -12.82
N GLU B 162 -36.24 -16.47 -11.85
CA GLU B 162 -35.07 -17.33 -11.99
C GLU B 162 -35.23 -18.29 -13.17
N SER B 163 -36.44 -18.84 -13.34
CA SER B 163 -36.70 -19.75 -14.45
C SER B 163 -36.58 -19.03 -15.79
N ARG B 164 -37.10 -17.80 -15.87
CA ARG B 164 -36.99 -17.03 -17.09
C ARG B 164 -35.54 -16.69 -17.42
N VAL B 165 -34.77 -16.28 -16.40
CA VAL B 165 -33.36 -15.97 -16.60
C VAL B 165 -32.59 -17.22 -17.01
N PHE B 166 -32.94 -18.37 -16.44
CA PHE B 166 -32.29 -19.62 -16.81
C PHE B 166 -32.65 -20.03 -18.24
N LYS B 167 -33.88 -19.76 -18.67
CA LYS B 167 -34.26 -20.02 -20.06
C LYS B 167 -33.47 -19.15 -21.02
N ILE B 168 -33.29 -17.87 -20.67
CA ILE B 168 -32.48 -16.98 -21.50
C ILE B 168 -31.03 -17.46 -21.56
N ALA B 169 -30.52 -17.92 -20.41
CA ALA B 169 -29.16 -18.47 -20.37
C ALA B 169 -29.06 -19.74 -21.19
N GLU B 170 -30.13 -20.53 -21.25
CA GLU B 170 -30.16 -21.70 -22.11
C GLU B 170 -30.37 -21.33 -23.57
N SER B 171 -30.74 -20.08 -23.86
CA SER B 171 -30.87 -19.61 -25.23
C SER B 171 -29.71 -18.69 -25.61
N ARG B 172 -28.61 -18.74 -24.88
CA ARG B 172 -27.44 -17.89 -25.16
C ARG B 172 -26.19 -18.54 -24.59
N ALA B 173 -25.24 -18.85 -25.46
CA ALA B 173 -23.97 -19.49 -25.11
C ALA B 173 -24.20 -20.78 -24.31
N ASN B 174 -25.15 -21.57 -24.80
CA ASN B 174 -25.57 -22.81 -24.15
C ASN B 174 -24.66 -23.95 -24.65
N LYS B 175 -25.04 -25.22 -24.49
CA LYS B 175 -24.19 -26.34 -24.87
C LYS B 175 -23.94 -26.44 -26.38
N ASP B 176 -24.61 -25.61 -27.20
CA ASP B 176 -24.26 -25.51 -28.61
C ASP B 176 -22.84 -24.97 -28.81
N GLU B 177 -22.35 -24.14 -27.88
CA GLU B 177 -20.94 -23.75 -27.87
C GLU B 177 -20.05 -24.82 -27.25
N GLY B 178 -20.62 -25.77 -26.53
CA GLY B 178 -19.89 -26.86 -25.94
C GLY B 178 -18.93 -26.45 -24.82
N PRO B 179 -19.46 -25.99 -23.69
CA PRO B 179 -18.57 -25.68 -22.56
C PRO B 179 -18.09 -26.91 -21.84
N LYS B 180 -18.96 -27.90 -21.65
CA LYS B 180 -18.63 -29.10 -20.90
C LYS B 180 -19.57 -30.26 -21.26
N ASN B 181 -19.01 -31.33 -21.83
CA ASN B 181 -19.79 -32.47 -22.27
C ASN B 181 -18.86 -33.67 -22.33
N ILE B 182 -19.40 -34.83 -22.73
CA ILE B 182 -18.63 -36.06 -22.86
C ILE B 182 -18.61 -36.58 -24.29
N ALA B 183 -19.75 -36.53 -24.98
CA ALA B 183 -19.86 -37.12 -26.31
C ALA B 183 -19.00 -36.37 -27.33
N ASP B 184 -18.98 -35.04 -27.23
CA ASP B 184 -18.16 -34.23 -28.14
C ASP B 184 -16.68 -34.52 -27.91
N VAL B 185 -16.28 -34.64 -26.65
CA VAL B 185 -14.89 -34.96 -26.33
C VAL B 185 -14.53 -36.35 -26.86
N LEU B 186 -15.46 -37.30 -26.72
CA LEU B 186 -15.23 -38.65 -27.25
C LEU B 186 -15.07 -38.62 -28.77
N ASP B 187 -15.91 -37.87 -29.47
CA ASP B 187 -15.83 -37.79 -30.92
C ASP B 187 -14.52 -37.14 -31.36
N ALA B 188 -14.13 -36.06 -30.70
CA ALA B 188 -12.87 -35.40 -31.03
C ALA B 188 -11.68 -36.31 -30.77
N THR B 189 -11.72 -37.04 -29.65
CA THR B 189 -10.61 -37.94 -29.30
C THR B 189 -10.50 -39.09 -30.29
N VAL B 190 -11.64 -39.70 -30.67
CA VAL B 190 -11.58 -40.81 -31.60
C VAL B 190 -11.19 -40.33 -33.00
N ALA B 191 -11.60 -39.12 -33.37
CA ALA B 191 -11.18 -38.56 -34.65
C ALA B 191 -9.68 -38.31 -34.67
N ARG B 192 -9.13 -37.78 -33.57
CA ARG B 192 -7.70 -37.55 -33.48
C ARG B 192 -6.93 -38.87 -33.51
N ILE B 193 -7.44 -39.88 -32.81
CA ILE B 193 -6.77 -41.18 -32.78
C ILE B 193 -6.77 -41.83 -34.16
N GLU B 194 -7.91 -41.76 -34.86
CA GLU B 194 -7.98 -42.31 -36.21
C GLU B 194 -7.07 -41.55 -37.17
N GLN B 195 -7.01 -40.23 -37.02
CA GLN B 195 -6.11 -39.42 -37.86
C GLN B 195 -4.66 -39.78 -37.61
N LEU B 196 -4.29 -39.96 -36.34
CA LEU B 196 -2.90 -40.32 -36.01
C LEU B 196 -2.56 -41.71 -36.52
N PHE B 197 -3.50 -42.65 -36.43
CA PHE B 197 -3.26 -44.00 -36.91
C PHE B 197 -3.13 -44.02 -38.43
N GLN B 198 -3.94 -43.22 -39.12
CA GLN B 198 -3.87 -43.18 -40.58
C GLN B 198 -2.64 -42.43 -41.06
N GLN B 199 -2.19 -41.45 -40.27
CA GLN B 199 -1.04 -40.65 -40.67
C GLN B 199 0.24 -41.47 -40.58
N PRO B 200 1.06 -41.52 -41.63
CA PRO B 200 2.35 -42.20 -41.53
C PRO B 200 3.44 -41.30 -40.95
N HIS B 201 3.15 -40.68 -39.80
CA HIS B 201 4.14 -39.82 -39.16
C HIS B 201 5.30 -40.63 -38.59
N ASP B 202 5.06 -41.90 -38.29
CA ASP B 202 6.06 -42.84 -37.80
C ASP B 202 6.70 -42.36 -36.51
N GLY B 203 5.86 -42.19 -35.48
CA GLY B 203 6.33 -41.79 -34.17
C GLY B 203 6.30 -40.29 -33.95
N VAL B 204 6.79 -39.52 -34.92
CA VAL B 204 6.89 -38.07 -34.77
C VAL B 204 5.58 -37.42 -35.15
N THR B 205 4.65 -37.32 -34.20
CA THR B 205 3.39 -36.65 -34.44
C THR B 205 3.51 -35.13 -34.36
N GLY B 206 4.40 -34.64 -33.51
CA GLY B 206 4.63 -33.22 -33.41
C GLY B 206 5.67 -32.73 -34.39
N VAL B 207 6.15 -31.51 -34.13
CA VAL B 207 7.22 -30.94 -34.94
C VAL B 207 8.50 -31.74 -34.70
N ASN B 208 9.18 -32.11 -35.78
CA ASN B 208 10.35 -32.98 -35.70
C ASN B 208 11.52 -32.24 -35.04
N THR B 209 12.08 -32.88 -34.02
CA THR B 209 13.19 -32.28 -33.27
C THR B 209 14.52 -32.46 -33.97
N GLY B 210 14.59 -33.36 -34.94
CA GLY B 210 15.85 -33.72 -35.58
C GLY B 210 16.67 -34.72 -34.80
N TYR B 211 16.19 -35.17 -33.65
CA TYR B 211 16.88 -36.16 -32.83
C TYR B 211 15.98 -37.38 -32.69
N ASP B 212 16.51 -38.55 -33.07
CA ASP B 212 15.71 -39.77 -33.08
C ASP B 212 15.28 -40.17 -31.68
N ASP B 213 16.19 -40.07 -30.71
CA ASP B 213 15.87 -40.44 -29.33
C ASP B 213 14.86 -39.48 -28.73
N LEU B 214 14.98 -38.19 -29.04
CA LEU B 214 14.02 -37.21 -28.55
C LEU B 214 12.65 -37.41 -29.21
N ASN B 215 12.64 -37.86 -30.46
CA ASN B 215 11.40 -38.15 -31.18
C ASN B 215 10.77 -39.47 -30.76
N LYS B 216 11.39 -40.24 -29.87
CA LYS B 216 10.79 -41.44 -29.32
C LYS B 216 10.06 -41.18 -28.01
N LYS B 217 10.68 -40.43 -27.10
CA LYS B 217 10.03 -40.13 -25.83
C LYS B 217 9.01 -39.02 -25.97
N THR B 218 9.44 -37.86 -26.48
CA THR B 218 8.54 -36.73 -26.64
C THR B 218 7.67 -36.84 -27.88
N ALA B 219 8.00 -37.75 -28.80
CA ALA B 219 7.28 -37.95 -30.06
C ALA B 219 7.19 -36.67 -30.87
N GLY B 220 8.28 -35.91 -30.88
CA GLY B 220 8.30 -34.63 -31.56
C GLY B 220 7.77 -33.49 -30.69
N LEU B 221 7.89 -32.29 -31.22
CA LEU B 221 7.44 -31.09 -30.51
C LEU B 221 5.94 -30.95 -30.67
N GLN B 222 5.20 -31.33 -29.64
CA GLN B 222 3.74 -31.27 -29.70
C GLN B 222 3.27 -29.83 -29.62
N PRO B 223 2.25 -29.44 -30.38
CA PRO B 223 1.75 -28.07 -30.31
C PRO B 223 1.06 -27.79 -28.98
N SER B 224 0.98 -26.50 -28.63
CA SER B 224 0.42 -26.03 -27.36
C SER B 224 1.15 -26.65 -26.17
N ASP B 225 2.47 -26.71 -26.26
CA ASP B 225 3.30 -27.24 -25.19
C ASP B 225 4.34 -26.20 -24.80
N LEU B 226 4.56 -26.05 -23.50
CA LEU B 226 5.59 -25.15 -22.97
C LEU B 226 6.84 -25.99 -22.74
N ILE B 227 7.86 -25.74 -23.56
CA ILE B 227 9.07 -26.54 -23.56
C ILE B 227 10.12 -25.80 -22.73
N ILE B 228 10.57 -26.41 -21.65
CA ILE B 228 11.52 -25.79 -20.73
C ILE B 228 12.82 -26.60 -20.84
N VAL B 229 13.84 -25.97 -21.41
CA VAL B 229 15.18 -26.55 -21.46
C VAL B 229 16.04 -25.69 -20.53
N ALA B 230 16.26 -26.20 -19.32
CA ALA B 230 17.00 -25.46 -18.30
C ALA B 230 18.42 -25.99 -18.18
N ALA B 231 19.37 -25.09 -17.94
CA ALA B 231 20.77 -25.46 -17.82
C ALA B 231 21.52 -24.39 -17.04
N ARG B 232 22.73 -24.74 -16.61
CA ARG B 232 23.66 -23.79 -16.04
C ARG B 232 24.24 -22.90 -17.14
N PRO B 233 24.83 -21.77 -16.78
CA PRO B 233 25.54 -20.96 -17.80
C PRO B 233 26.70 -21.73 -18.40
N SER B 234 26.97 -21.43 -19.68
CA SER B 234 28.03 -22.08 -20.47
C SER B 234 27.83 -23.60 -20.55
N MET B 235 26.57 -24.00 -20.72
CA MET B 235 26.23 -25.40 -20.97
C MET B 235 25.68 -25.61 -22.38
N GLY B 236 25.74 -24.60 -23.24
CA GLY B 236 25.18 -24.70 -24.57
C GLY B 236 23.67 -24.83 -24.58
N LYS B 237 22.98 -24.17 -23.63
CA LYS B 237 21.53 -24.19 -23.59
C LYS B 237 20.94 -23.45 -24.79
N THR B 238 21.42 -22.23 -25.03
CA THR B 238 20.99 -21.49 -26.21
C THR B 238 21.50 -22.17 -27.47
N THR B 239 22.67 -22.81 -27.40
CA THR B 239 23.19 -23.56 -28.53
C THR B 239 22.28 -24.73 -28.89
N PHE B 240 21.84 -25.49 -27.89
CA PHE B 240 20.95 -26.62 -28.16
C PHE B 240 19.58 -26.14 -28.63
N ALA B 241 19.10 -25.02 -28.08
CA ALA B 241 17.84 -24.44 -28.53
C ALA B 241 17.91 -24.03 -29.99
N MET B 242 19.02 -23.41 -30.39
CA MET B 242 19.20 -23.01 -31.77
C MET B 242 19.35 -24.22 -32.68
N ASN B 243 19.98 -25.29 -32.17
CA ASN B 243 20.07 -26.53 -32.95
C ASN B 243 18.69 -27.11 -33.19
N LEU B 244 17.83 -27.10 -32.17
CA LEU B 244 16.45 -27.54 -32.34
C LEU B 244 15.70 -26.67 -33.33
N VAL B 245 15.94 -25.35 -33.28
CA VAL B 245 15.30 -24.43 -34.20
C VAL B 245 15.72 -24.72 -35.64
N GLU B 246 17.01 -24.96 -35.84
CA GLU B 246 17.54 -25.27 -37.18
C GLU B 246 16.98 -26.59 -37.69
N ASN B 247 16.89 -27.59 -36.81
CA ASN B 247 16.34 -28.89 -37.21
C ASN B 247 14.88 -28.76 -37.59
N ALA B 248 14.10 -28.00 -36.81
CA ALA B 248 12.70 -27.79 -37.13
C ALA B 248 12.54 -27.03 -38.44
N ALA B 249 13.37 -25.99 -38.65
CA ALA B 249 13.30 -25.20 -39.88
C ALA B 249 13.68 -26.01 -41.11
N MET B 250 14.64 -26.91 -40.99
CA MET B 250 14.96 -27.81 -42.09
C MET B 250 13.92 -28.91 -42.27
N LEU B 251 13.17 -29.23 -41.22
CA LEU B 251 12.19 -30.30 -41.29
C LEU B 251 10.75 -29.81 -41.38
N GLN B 252 10.52 -28.51 -41.57
CA GLN B 252 9.17 -27.98 -41.74
C GLN B 252 9.24 -26.71 -42.59
N ASP B 253 8.09 -26.34 -43.14
CA ASP B 253 7.95 -25.12 -43.90
C ASP B 253 7.19 -24.02 -43.17
N LYS B 254 6.58 -24.33 -42.02
CA LYS B 254 5.88 -23.32 -41.25
C LYS B 254 6.90 -22.38 -40.61
N PRO B 255 6.70 -21.06 -40.69
CA PRO B 255 7.72 -20.11 -40.21
C PRO B 255 7.87 -20.14 -38.69
N VAL B 256 9.10 -19.96 -38.23
CA VAL B 256 9.40 -19.91 -36.80
C VAL B 256 9.62 -18.47 -36.38
N LEU B 257 9.61 -18.23 -35.06
CA LEU B 257 9.80 -16.90 -34.49
C LEU B 257 10.77 -17.02 -33.32
N ILE B 258 11.84 -16.22 -33.37
CA ILE B 258 12.91 -16.32 -32.37
C ILE B 258 12.95 -15.02 -31.58
N PHE B 259 12.92 -15.13 -30.24
CA PHE B 259 13.10 -13.99 -29.35
C PHE B 259 14.42 -14.17 -28.61
N SER B 260 15.49 -13.61 -29.18
CA SER B 260 16.82 -13.69 -28.59
C SER B 260 17.06 -12.48 -27.69
N LEU B 261 16.39 -12.52 -26.53
CA LEU B 261 16.51 -11.43 -25.56
C LEU B 261 17.90 -11.39 -24.94
N GLU B 262 18.44 -12.56 -24.60
CA GLU B 262 19.72 -12.60 -23.90
C GLU B 262 20.89 -12.35 -24.84
N MET B 263 21.03 -13.18 -25.86
CA MET B 263 22.20 -13.10 -26.72
C MET B 263 21.88 -12.27 -27.97
N PRO B 264 22.85 -11.55 -28.52
CA PRO B 264 22.61 -10.79 -29.75
C PRO B 264 22.38 -11.71 -30.94
N SER B 265 21.69 -11.18 -31.95
CA SER B 265 21.38 -11.97 -33.13
C SER B 265 22.62 -12.33 -33.93
N GLU B 266 23.67 -11.51 -33.82
CA GLU B 266 24.93 -11.80 -34.51
C GLU B 266 25.57 -13.07 -33.96
N GLN B 267 25.66 -13.17 -32.62
CA GLN B 267 26.22 -14.36 -32.00
C GLN B 267 25.36 -15.58 -32.27
N ILE B 268 24.03 -15.41 -32.26
CA ILE B 268 23.11 -16.51 -32.54
C ILE B 268 23.32 -17.03 -33.96
N MET B 269 23.43 -16.11 -34.92
CA MET B 269 23.63 -16.52 -36.31
C MET B 269 25.00 -17.15 -36.52
N MET B 270 26.02 -16.65 -35.82
CA MET B 270 27.35 -17.26 -35.90
C MET B 270 27.34 -18.68 -35.35
N ARG B 271 26.65 -18.89 -34.23
CA ARG B 271 26.51 -20.23 -33.67
C ARG B 271 25.72 -21.14 -34.61
N SER B 272 24.68 -20.59 -35.25
CA SER B 272 23.90 -21.36 -36.21
C SER B 272 24.73 -21.79 -37.41
N LEU B 273 25.56 -20.88 -37.93
CA LEU B 273 26.42 -21.20 -39.06
C LEU B 273 27.50 -22.20 -38.66
N ALA B 274 28.03 -22.08 -37.44
CA ALA B 274 29.01 -23.04 -36.95
C ALA B 274 28.38 -24.42 -36.79
N SER B 275 27.13 -24.47 -36.33
CA SER B 275 26.45 -25.76 -36.14
C SER B 275 26.08 -26.40 -37.46
N LEU B 276 25.51 -25.63 -38.39
CA LEU B 276 24.99 -26.21 -39.63
C LEU B 276 26.11 -26.60 -40.58
N SER B 277 27.13 -25.76 -40.73
CA SER B 277 28.22 -26.03 -41.64
C SER B 277 29.36 -26.80 -40.99
N ARG B 278 29.26 -27.09 -39.69
CA ARG B 278 30.24 -27.86 -38.92
C ARG B 278 31.62 -27.24 -39.00
N VAL B 279 31.66 -25.93 -38.77
CA VAL B 279 32.90 -25.15 -38.76
C VAL B 279 33.11 -24.64 -37.34
N ASP B 280 34.39 -24.51 -36.95
CA ASP B 280 34.74 -24.07 -35.60
C ASP B 280 34.19 -22.68 -35.32
N GLN B 281 33.54 -22.53 -34.17
CA GLN B 281 32.97 -21.24 -33.80
C GLN B 281 34.05 -20.22 -33.47
N THR B 282 35.20 -20.68 -32.96
CA THR B 282 36.30 -19.78 -32.66
C THR B 282 36.86 -19.14 -33.92
N LYS B 283 36.97 -19.93 -35.00
CA LYS B 283 37.48 -19.39 -36.27
C LYS B 283 36.51 -18.38 -36.85
N ILE B 284 35.21 -18.63 -36.71
CA ILE B 284 34.19 -17.68 -37.17
C ILE B 284 34.26 -16.40 -36.34
N ARG B 285 34.43 -16.54 -35.03
CA ARG B 285 34.52 -15.36 -34.15
C ARG B 285 35.76 -14.54 -34.45
N THR B 286 36.88 -15.19 -34.79
CA THR B 286 38.04 -14.47 -35.27
C THR B 286 37.92 -14.08 -36.74
N GLY B 287 36.99 -14.68 -37.47
CA GLY B 287 36.78 -14.37 -38.88
C GLY B 287 37.69 -15.09 -39.84
N GLN B 288 38.74 -15.75 -39.36
CA GLN B 288 39.72 -16.41 -40.22
C GLN B 288 39.12 -17.69 -40.77
N LEU B 289 38.41 -17.55 -41.89
CA LEU B 289 37.72 -18.66 -42.53
C LEU B 289 38.23 -18.85 -43.95
N ASP B 290 38.49 -20.09 -44.32
CA ASP B 290 38.93 -20.41 -45.67
C ASP B 290 37.74 -20.35 -46.63
N ASP B 291 38.05 -20.42 -47.92
CA ASP B 291 37.03 -20.30 -48.96
C ASP B 291 36.13 -21.52 -49.05
N GLU B 292 36.60 -22.69 -48.60
CA GLU B 292 35.73 -23.88 -48.61
C GLU B 292 34.62 -23.75 -47.58
N ASP B 293 34.97 -23.38 -46.35
CA ASP B 293 33.95 -23.14 -45.33
C ASP B 293 33.11 -21.91 -45.70
N TRP B 294 33.70 -20.95 -46.40
CA TRP B 294 32.94 -19.80 -46.88
C TRP B 294 31.88 -20.24 -47.89
N ALA B 295 32.24 -21.17 -48.78
CA ALA B 295 31.27 -21.69 -49.75
C ALA B 295 30.20 -22.52 -49.05
N ARG B 296 30.58 -23.27 -48.01
CA ARG B 296 29.60 -24.02 -47.23
C ARG B 296 28.61 -23.08 -46.54
N ILE B 297 29.12 -21.98 -45.98
CA ILE B 297 28.26 -20.98 -45.34
C ILE B 297 27.36 -20.31 -46.39
N SER B 298 27.89 -20.05 -47.57
CA SER B 298 27.10 -19.45 -48.65
C SER B 298 25.98 -20.39 -49.10
N GLY B 299 26.28 -21.69 -49.18
CA GLY B 299 25.24 -22.66 -49.51
C GLY B 299 24.18 -22.77 -48.43
N THR B 300 24.60 -22.70 -47.17
CA THR B 300 23.65 -22.68 -46.06
C THR B 300 22.76 -21.45 -46.12
N MET B 301 23.36 -20.30 -46.46
CA MET B 301 22.60 -19.07 -46.61
C MET B 301 21.62 -19.16 -47.78
N GLY B 302 22.03 -19.83 -48.87
CA GLY B 302 21.11 -20.05 -49.97
C GLY B 302 19.94 -20.93 -49.58
N ILE B 303 20.20 -21.97 -48.79
CA ILE B 303 19.12 -22.81 -48.28
C ILE B 303 18.19 -22.01 -47.37
N LEU B 304 18.76 -21.15 -46.53
CA LEU B 304 17.94 -20.32 -45.65
C LEU B 304 17.10 -19.32 -46.43
N LEU B 305 17.67 -18.72 -47.48
CA LEU B 305 16.89 -17.80 -48.31
C LEU B 305 15.84 -18.54 -49.13
N GLU B 306 16.08 -19.81 -49.44
CA GLU B 306 15.02 -20.66 -49.97
C GLU B 306 13.90 -20.83 -48.96
N LYS B 307 14.27 -21.05 -47.70
CA LYS B 307 13.26 -21.20 -46.64
C LYS B 307 12.66 -19.85 -46.26
N ARG B 308 13.48 -18.96 -45.72
CA ARG B 308 13.07 -17.64 -45.20
C ARG B 308 11.92 -17.78 -44.19
N ASN B 309 12.02 -18.80 -43.35
CA ASN B 309 11.02 -19.08 -42.34
C ASN B 309 11.47 -18.68 -40.94
N ILE B 310 12.58 -17.97 -40.81
CA ILE B 310 13.13 -17.61 -39.51
C ILE B 310 13.06 -16.10 -39.35
N TYR B 311 12.52 -15.65 -38.23
CA TYR B 311 12.42 -14.23 -37.90
C TYR B 311 12.87 -14.07 -36.45
N ILE B 312 13.98 -13.36 -36.26
CA ILE B 312 14.58 -13.21 -34.93
C ILE B 312 14.26 -11.81 -34.42
N ASP B 313 13.67 -11.74 -33.24
CA ASP B 313 13.39 -10.47 -32.56
C ASP B 313 14.27 -10.40 -31.32
N ASP B 314 15.41 -9.73 -31.44
CA ASP B 314 16.39 -9.67 -30.37
C ASP B 314 16.10 -8.58 -29.35
N SER B 315 14.88 -8.04 -29.33
CA SER B 315 14.51 -7.05 -28.33
C SER B 315 14.47 -7.69 -26.94
N SER B 316 15.01 -6.97 -25.96
CA SER B 316 15.16 -7.49 -24.61
C SER B 316 14.15 -6.86 -23.66
N GLY B 317 13.86 -7.59 -22.58
CA GLY B 317 12.94 -7.13 -21.56
C GLY B 317 11.51 -6.95 -22.06
N LEU B 318 11.05 -7.90 -22.88
CA LEU B 318 9.74 -7.79 -23.51
C LEU B 318 8.66 -8.31 -22.57
N THR B 319 7.53 -7.61 -22.56
CA THR B 319 6.36 -8.11 -21.86
C THR B 319 5.69 -9.21 -22.68
N PRO B 320 5.01 -10.16 -22.03
CA PRO B 320 4.31 -11.22 -22.79
C PRO B 320 3.23 -10.69 -23.72
N THR B 321 2.65 -9.53 -23.42
CA THR B 321 1.65 -8.94 -24.32
C THR B 321 2.27 -8.54 -25.65
N GLU B 322 3.47 -7.95 -25.60
CA GLU B 322 4.18 -7.59 -26.82
C GLU B 322 4.53 -8.84 -27.64
N VAL B 323 4.98 -9.89 -26.96
CA VAL B 323 5.32 -11.14 -27.63
C VAL B 323 4.09 -11.75 -28.28
N ARG B 324 2.96 -11.70 -27.57
CA ARG B 324 1.70 -12.21 -28.12
C ARG B 324 1.26 -11.41 -29.34
N SER B 325 1.40 -10.09 -29.28
CA SER B 325 1.04 -9.25 -30.42
C SER B 325 1.92 -9.54 -31.63
N ARG B 326 3.23 -9.69 -31.41
CA ARG B 326 4.14 -10.03 -32.50
C ARG B 326 3.83 -11.40 -33.08
N ALA B 327 3.52 -12.37 -32.22
CA ALA B 327 3.19 -13.71 -32.69
C ALA B 327 1.91 -13.72 -33.52
N ARG B 328 0.89 -12.99 -33.06
CA ARG B 328 -0.35 -12.89 -33.82
C ARG B 328 -0.11 -12.19 -35.15
N ARG B 329 0.72 -11.14 -35.15
CA ARG B 329 1.05 -10.44 -36.39
C ARG B 329 1.75 -11.35 -37.39
N ILE B 330 2.73 -12.13 -36.92
CA ILE B 330 3.48 -13.00 -37.81
C ILE B 330 2.60 -14.14 -38.33
N ALA B 331 1.75 -14.68 -37.45
CA ALA B 331 0.84 -15.76 -37.84
C ALA B 331 -0.17 -15.27 -38.86
N ARG B 332 -0.63 -14.03 -38.71
CA ARG B 332 -1.53 -13.43 -39.70
C ARG B 332 -0.81 -13.20 -41.02
N GLU B 333 0.44 -12.73 -40.96
CA GLU B 333 1.17 -12.40 -42.18
C GLU B 333 1.61 -13.64 -42.94
N HIS B 334 2.15 -14.63 -42.22
CA HIS B 334 2.82 -15.76 -42.85
C HIS B 334 2.04 -17.06 -42.70
N GLY B 335 0.78 -16.98 -42.30
CA GLY B 335 -0.05 -18.16 -42.17
C GLY B 335 0.38 -19.09 -41.06
N GLY B 336 0.30 -18.62 -39.82
CA GLY B 336 0.66 -19.43 -38.66
C GLY B 336 2.15 -19.35 -38.35
N ILE B 337 2.50 -19.92 -37.20
CA ILE B 337 3.87 -19.96 -36.72
C ILE B 337 4.21 -21.39 -36.31
N GLY B 338 5.30 -21.91 -36.87
CA GLY B 338 5.74 -23.26 -36.53
C GLY B 338 6.33 -23.40 -35.15
N LEU B 339 7.19 -22.46 -34.75
CA LEU B 339 7.91 -22.58 -33.50
C LEU B 339 8.15 -21.19 -32.91
N ILE B 340 8.17 -21.12 -31.59
CA ILE B 340 8.43 -19.88 -30.86
C ILE B 340 9.66 -20.12 -29.99
N MET B 341 10.69 -19.31 -30.18
CA MET B 341 11.93 -19.44 -29.42
C MET B 341 12.03 -18.30 -28.41
N ILE B 342 12.25 -18.64 -27.15
CA ILE B 342 12.43 -17.67 -26.08
C ILE B 342 13.82 -17.90 -25.48
N ASP B 343 14.62 -16.83 -25.41
CA ASP B 343 15.98 -16.92 -24.90
C ASP B 343 16.02 -16.60 -23.40
N TYR B 344 15.56 -17.58 -22.61
CA TYR B 344 15.68 -17.64 -21.15
C TYR B 344 14.75 -16.66 -20.45
N LEU B 345 13.95 -17.17 -19.51
CA LEU B 345 12.73 -16.48 -19.10
C LEU B 345 12.98 -15.28 -18.18
N GLN B 346 14.05 -15.30 -17.39
CA GLN B 346 14.25 -14.23 -16.43
C GLN B 346 14.64 -12.90 -17.09
N LEU B 347 14.95 -12.90 -18.38
CA LEU B 347 15.12 -11.67 -19.13
C LEU B 347 13.81 -10.97 -19.43
N MET B 348 12.72 -11.74 -19.58
CA MET B 348 11.40 -11.16 -19.82
C MET B 348 10.94 -10.38 -18.59
N ARG B 349 10.35 -9.22 -18.82
CA ARG B 349 10.00 -8.29 -17.75
C ARG B 349 8.53 -7.91 -17.83
N VAL B 350 7.85 -8.00 -16.69
CA VAL B 350 6.50 -7.47 -16.55
C VAL B 350 6.55 -6.28 -15.59
N PRO B 351 6.34 -5.05 -16.08
CA PRO B 351 6.40 -3.89 -15.17
C PRO B 351 5.35 -3.90 -14.08
N ALA B 352 4.19 -4.53 -14.33
CA ALA B 352 3.14 -4.58 -13.32
C ALA B 352 3.55 -5.41 -12.12
N LEU B 353 4.18 -6.56 -12.37
CA LEU B 353 4.62 -7.46 -11.31
C LEU B 353 6.13 -7.48 -11.15
N SER B 354 6.78 -6.35 -11.46
CA SER B 354 8.23 -6.27 -11.32
C SER B 354 8.66 -6.16 -9.86
N ASP B 355 7.72 -5.91 -8.95
CA ASP B 355 8.03 -5.79 -7.54
C ASP B 355 8.54 -7.11 -6.97
N ASN B 356 7.92 -8.22 -7.36
CA ASN B 356 8.31 -9.55 -6.89
C ASN B 356 8.60 -10.44 -8.10
N ARG B 357 9.75 -11.11 -8.07
CA ARG B 357 10.18 -11.90 -9.21
C ARG B 357 9.31 -13.13 -9.42
N THR B 358 8.83 -13.74 -8.33
CA THR B 358 8.02 -14.95 -8.46
C THR B 358 6.68 -14.64 -9.13
N LEU B 359 6.08 -13.49 -8.79
CA LEU B 359 4.85 -13.07 -9.45
C LEU B 359 5.08 -12.82 -10.94
N GLU B 360 6.22 -12.22 -11.27
CA GLU B 360 6.59 -12.00 -12.67
C GLU B 360 6.73 -13.33 -13.41
N ILE B 361 7.38 -14.30 -12.79
CA ILE B 361 7.57 -15.63 -13.39
C ILE B 361 6.22 -16.30 -13.61
N ALA B 362 5.34 -16.23 -12.60
CA ALA B 362 4.03 -16.86 -12.71
C ALA B 362 3.20 -16.23 -13.82
N GLU B 363 3.21 -14.89 -13.91
CA GLU B 363 2.45 -14.20 -14.94
C GLU B 363 3.00 -14.52 -16.33
N ILE B 364 4.32 -14.54 -16.47
CA ILE B 364 4.95 -14.85 -17.76
C ILE B 364 4.61 -16.27 -18.18
N SER B 365 4.71 -17.22 -17.25
CA SER B 365 4.42 -18.62 -17.56
C SER B 365 2.96 -18.81 -17.95
N ARG B 366 2.04 -18.16 -17.22
CA ARG B 366 0.63 -18.27 -17.51
C ARG B 366 0.29 -17.67 -18.88
N SER B 367 0.86 -16.49 -19.17
CA SER B 367 0.59 -15.84 -20.45
C SER B 367 1.18 -16.64 -21.61
N LEU B 368 2.37 -17.21 -21.41
CA LEU B 368 2.99 -18.00 -22.48
C LEU B 368 2.22 -19.29 -22.72
N LYS B 369 1.72 -19.93 -21.66
CA LYS B 369 0.92 -21.14 -21.84
C LYS B 369 -0.41 -20.81 -22.54
N ALA B 370 -1.01 -19.66 -22.18
CA ALA B 370 -2.23 -19.23 -22.86
C ALA B 370 -1.97 -18.94 -24.33
N LEU B 371 -0.82 -18.34 -24.65
CA LEU B 371 -0.48 -18.09 -26.05
C LEU B 371 -0.22 -19.38 -26.81
N ALA B 372 0.45 -20.34 -26.16
CA ALA B 372 0.71 -21.63 -26.79
C ALA B 372 -0.58 -22.38 -27.08
N LYS B 373 -1.53 -22.33 -26.14
CA LYS B 373 -2.83 -22.93 -26.39
C LYS B 373 -3.61 -22.16 -27.44
N GLU B 374 -3.38 -20.85 -27.52
CA GLU B 374 -4.12 -20.02 -28.46
C GLU B 374 -3.74 -20.32 -29.91
N LEU B 375 -2.44 -20.32 -30.21
CA LEU B 375 -1.97 -20.44 -31.58
C LEU B 375 -1.58 -21.86 -31.94
N ASN B 376 -1.66 -22.80 -30.99
CA ASN B 376 -1.33 -24.21 -31.18
C ASN B 376 0.09 -24.38 -31.72
N VAL B 377 1.04 -23.85 -30.98
CA VAL B 377 2.45 -23.86 -31.38
C VAL B 377 3.30 -24.25 -30.17
N PRO B 378 4.27 -25.16 -30.34
CA PRO B 378 5.17 -25.48 -29.22
C PRO B 378 6.09 -24.32 -28.88
N VAL B 379 6.02 -23.85 -27.63
CA VAL B 379 6.81 -22.71 -27.20
C VAL B 379 8.06 -23.23 -26.47
N VAL B 380 9.22 -22.89 -27.00
CA VAL B 380 10.49 -23.29 -26.39
C VAL B 380 11.00 -22.14 -25.52
N ALA B 381 10.80 -22.25 -24.21
CA ALA B 381 11.24 -21.22 -23.27
C ALA B 381 12.40 -21.78 -22.46
N LEU B 382 13.57 -21.17 -22.62
CA LEU B 382 14.71 -21.56 -21.81
C LEU B 382 14.59 -20.98 -20.41
N SER B 383 15.44 -21.47 -19.51
CA SER B 383 15.45 -21.00 -18.13
C SER B 383 16.81 -21.30 -17.51
N GLN B 384 17.07 -20.65 -16.38
CA GLN B 384 18.28 -20.87 -15.60
C GLN B 384 17.97 -21.80 -14.43
N LEU B 385 19.00 -22.11 -13.65
CA LEU B 385 18.88 -23.02 -12.51
C LEU B 385 19.25 -22.28 -11.22
N ASN B 386 19.29 -23.02 -10.13
CA ASN B 386 19.62 -22.48 -8.82
C ASN B 386 21.04 -22.82 -8.45
N ARG B 387 21.53 -22.16 -7.40
CA ARG B 387 22.86 -22.44 -6.87
C ARG B 387 22.87 -23.67 -5.96
N SER B 388 21.70 -24.25 -5.67
CA SER B 388 21.66 -25.48 -4.88
C SER B 388 22.22 -26.67 -5.65
N LEU B 389 22.30 -26.55 -6.99
CA LEU B 389 22.88 -27.58 -7.83
C LEU B 389 24.35 -27.80 -7.49
N GLU B 390 25.08 -26.72 -7.25
CA GLU B 390 26.47 -26.84 -6.82
C GLU B 390 26.57 -27.39 -5.41
N GLN B 391 25.57 -27.11 -4.57
CA GLN B 391 25.62 -27.52 -3.18
C GLN B 391 25.43 -29.02 -3.03
N ARG B 392 24.54 -29.60 -3.83
CA ARG B 392 24.25 -31.03 -3.71
C ARG B 392 25.41 -31.85 -4.24
N ALA B 393 25.57 -33.07 -3.71
CA ALA B 393 26.61 -33.97 -4.16
C ALA B 393 26.39 -34.39 -5.61
N ASP B 394 25.13 -34.72 -5.95
CA ASP B 394 24.78 -35.03 -7.33
C ASP B 394 24.29 -33.75 -8.01
N LYS B 395 24.95 -33.37 -9.11
CA LYS B 395 24.66 -32.12 -9.79
C LYS B 395 23.68 -32.28 -10.95
N ARG B 396 22.86 -33.33 -10.93
CA ARG B 396 21.83 -33.49 -11.94
C ARG B 396 20.65 -32.56 -11.62
N PRO B 397 20.25 -31.71 -12.55
CA PRO B 397 19.22 -30.71 -12.24
C PRO B 397 17.84 -31.33 -12.07
N VAL B 398 17.13 -30.86 -11.06
CA VAL B 398 15.78 -31.34 -10.79
C VAL B 398 14.80 -30.19 -11.00
N ASN B 399 13.51 -30.46 -10.79
CA ASN B 399 12.48 -29.44 -10.97
C ASN B 399 12.61 -28.32 -9.94
N SER B 400 12.95 -28.65 -8.70
CA SER B 400 13.12 -27.62 -7.68
C SER B 400 14.41 -26.84 -7.88
N ASP B 401 15.33 -27.35 -8.70
CA ASP B 401 16.59 -26.66 -8.94
C ASP B 401 16.41 -25.52 -9.93
N LEU B 402 15.23 -25.39 -10.51
CA LEU B 402 14.91 -24.31 -11.43
C LEU B 402 15.00 -22.95 -10.75
N ARG B 403 15.48 -21.95 -11.49
CA ARG B 403 15.56 -20.60 -10.96
C ARG B 403 14.18 -19.98 -10.84
N GLU B 404 13.64 -20.00 -9.61
CA GLU B 404 12.28 -19.56 -9.30
C GLU B 404 11.25 -20.28 -10.17
N SER B 405 11.13 -21.59 -9.94
CA SER B 405 10.19 -22.40 -10.72
C SER B 405 8.76 -21.95 -10.50
N GLY B 406 8.24 -22.18 -9.29
CA GLY B 406 6.85 -21.85 -8.99
C GLY B 406 5.86 -22.51 -9.93
N SER B 407 5.25 -21.71 -10.80
CA SER B 407 4.26 -22.21 -11.73
C SER B 407 4.90 -22.74 -13.01
N ILE B 408 6.24 -22.68 -13.09
CA ILE B 408 6.94 -23.23 -14.25
C ILE B 408 6.74 -24.73 -14.33
N GLU B 409 6.85 -25.40 -13.19
CA GLU B 409 6.63 -26.85 -13.15
C GLU B 409 5.19 -27.19 -13.49
N GLN B 410 4.24 -26.39 -13.00
CA GLN B 410 2.83 -26.67 -13.19
C GLN B 410 2.34 -26.41 -14.62
N ASP B 411 2.74 -25.28 -15.22
CA ASP B 411 2.22 -24.93 -16.54
C ASP B 411 2.87 -25.72 -17.67
N ALA B 412 4.15 -26.03 -17.55
CA ALA B 412 4.86 -26.67 -18.65
C ALA B 412 4.62 -28.17 -18.66
N ASP B 413 4.86 -28.77 -19.83
CA ASP B 413 4.69 -30.20 -20.02
C ASP B 413 5.92 -30.90 -20.56
N LEU B 414 6.94 -30.15 -20.99
CA LEU B 414 8.11 -30.70 -21.67
C LEU B 414 9.38 -30.11 -21.03
N ILE B 415 9.44 -30.16 -19.70
CA ILE B 415 10.59 -29.64 -18.98
C ILE B 415 11.77 -30.57 -19.14
N MET B 416 12.90 -30.01 -19.55
CA MET B 416 14.13 -30.77 -19.69
C MET B 416 15.29 -30.03 -19.04
N PHE B 417 16.30 -30.79 -18.64
CA PHE B 417 17.45 -30.24 -17.93
C PHE B 417 18.72 -30.75 -18.60
N ILE B 418 19.64 -29.85 -18.94
CA ILE B 418 20.90 -30.25 -19.54
C ILE B 418 21.90 -30.54 -18.43
N TYR B 419 22.54 -31.70 -18.51
CA TYR B 419 23.54 -32.12 -17.53
C TYR B 419 24.83 -32.41 -18.27
N ARG B 420 25.91 -31.77 -17.85
CA ARG B 420 27.23 -31.93 -18.46
C ARG B 420 28.23 -32.20 -17.34
N ASP B 421 28.46 -33.48 -17.03
CA ASP B 421 29.38 -33.83 -15.96
C ASP B 421 30.82 -33.55 -16.36
N GLU B 422 31.07 -33.37 -17.67
CA GLU B 422 32.38 -32.96 -18.13
C GLU B 422 32.75 -31.58 -17.60
N VAL B 423 31.77 -30.68 -17.50
CA VAL B 423 32.02 -29.36 -16.93
C VAL B 423 32.24 -29.48 -15.42
N TYR B 424 31.39 -30.27 -14.76
CA TYR B 424 31.49 -30.41 -13.31
C TYR B 424 32.71 -31.22 -12.90
N HIS B 425 32.97 -32.33 -13.58
CA HIS B 425 34.08 -33.22 -13.26
C HIS B 425 35.04 -33.23 -14.43
N GLU B 426 36.30 -32.87 -14.16
CA GLU B 426 37.32 -32.90 -15.21
C GLU B 426 37.70 -34.33 -15.58
N ASN B 427 37.58 -35.26 -14.64
CA ASN B 427 37.89 -36.66 -14.88
C ASN B 427 36.68 -37.48 -15.31
N SER B 428 35.59 -36.80 -15.67
CA SER B 428 34.39 -37.50 -16.12
C SER B 428 34.62 -38.18 -17.46
N ASP B 429 34.06 -39.37 -17.61
CA ASP B 429 34.15 -40.13 -18.84
C ASP B 429 33.03 -39.78 -19.83
N LEU B 430 32.18 -38.83 -19.49
CA LEU B 430 31.06 -38.41 -20.34
C LEU B 430 31.38 -37.14 -21.10
N LYS B 431 32.64 -36.97 -21.50
CA LYS B 431 33.04 -35.79 -22.26
C LYS B 431 32.39 -35.80 -23.64
N GLY B 432 31.75 -34.69 -24.00
CA GLY B 432 30.90 -34.62 -25.16
C GLY B 432 29.51 -35.16 -24.98
N ILE B 433 29.29 -36.02 -23.99
CA ILE B 433 27.98 -36.60 -23.73
C ILE B 433 27.21 -35.63 -22.84
N ALA B 434 26.17 -35.02 -23.40
CA ALA B 434 25.28 -34.12 -22.67
C ALA B 434 23.99 -34.88 -22.42
N GLU B 435 23.58 -34.96 -21.16
CA GLU B 435 22.40 -35.74 -20.77
C GLU B 435 21.23 -34.78 -20.60
N ILE B 436 20.24 -34.88 -21.50
CA ILE B 436 19.01 -34.12 -21.38
C ILE B 436 18.01 -34.96 -20.60
N ILE B 437 17.78 -34.59 -19.35
CA ILE B 437 16.90 -35.34 -18.46
C ILE B 437 15.52 -34.70 -18.49
N ILE B 438 14.50 -35.47 -18.83
CA ILE B 438 13.13 -34.97 -18.82
C ILE B 438 12.65 -34.86 -17.38
N GLY B 439 12.56 -33.64 -16.88
CA GLY B 439 12.06 -33.45 -15.52
C GLY B 439 10.59 -33.76 -15.39
N LYS B 440 9.78 -33.31 -16.35
CA LYS B 440 8.36 -33.55 -16.34
C LYS B 440 7.88 -33.90 -17.74
N GLN B 441 7.08 -34.96 -17.83
CA GLN B 441 6.40 -35.34 -19.08
C GLN B 441 5.00 -35.81 -18.69
N ARG B 442 4.00 -35.01 -19.01
CA ARG B 442 2.62 -35.33 -18.65
C ARG B 442 2.14 -36.58 -19.38
N ASN B 443 2.36 -36.64 -20.68
CA ASN B 443 1.94 -37.76 -21.50
C ASN B 443 3.16 -38.61 -21.80
N GLY B 444 3.35 -39.67 -21.03
CA GLY B 444 4.46 -40.57 -21.21
C GLY B 444 5.43 -40.54 -20.04
N PRO B 445 6.29 -41.55 -19.95
CA PRO B 445 7.28 -41.57 -18.88
C PRO B 445 8.43 -40.63 -19.18
N ILE B 446 9.28 -40.42 -18.16
CA ILE B 446 10.42 -39.53 -18.30
C ILE B 446 11.69 -40.36 -18.45
N GLY B 447 12.78 -39.71 -18.83
CA GLY B 447 14.03 -40.43 -19.04
C GLY B 447 15.19 -39.46 -19.23
N THR B 448 16.26 -39.99 -19.82
CA THR B 448 17.49 -39.24 -20.05
C THR B 448 17.99 -39.55 -21.45
N VAL B 449 18.05 -38.53 -22.31
CA VAL B 449 18.52 -38.69 -23.68
C VAL B 449 19.94 -38.14 -23.72
N ARG B 450 20.90 -39.00 -24.03
CA ARG B 450 22.28 -38.56 -24.15
C ARG B 450 22.55 -38.13 -25.59
N LEU B 451 23.28 -37.03 -25.75
CA LEU B 451 23.64 -36.50 -27.05
C LEU B 451 25.13 -36.21 -27.09
N THR B 452 25.67 -36.12 -28.31
CA THR B 452 27.08 -35.84 -28.55
C THR B 452 27.21 -34.34 -28.77
N PHE B 453 27.91 -33.67 -27.86
CA PHE B 453 28.11 -32.22 -27.98
C PHE B 453 29.50 -31.93 -28.51
N ASN B 454 29.57 -31.09 -29.54
CA ASN B 454 30.83 -30.63 -30.13
C ASN B 454 30.92 -29.13 -29.86
N GLY B 455 31.81 -28.78 -28.92
CA GLY B 455 31.94 -27.39 -28.53
C GLY B 455 32.62 -26.55 -29.59
N GLN B 456 33.42 -27.19 -30.46
CA GLN B 456 34.10 -26.49 -31.54
C GLN B 456 33.10 -25.94 -32.55
N TRP B 457 32.21 -26.81 -33.05
CA TRP B 457 31.15 -26.37 -33.96
C TRP B 457 29.90 -25.93 -33.23
N SER B 458 29.85 -26.15 -31.91
CA SER B 458 28.65 -25.94 -31.09
C SER B 458 27.46 -26.71 -31.67
N ARG B 459 27.62 -28.03 -31.73
CA ARG B 459 26.68 -28.91 -32.41
C ARG B 459 26.23 -30.01 -31.45
N PHE B 460 24.92 -30.16 -31.29
CA PHE B 460 24.36 -31.30 -30.57
C PHE B 460 23.88 -32.32 -31.58
N ASP B 461 24.39 -33.55 -31.49
CA ASP B 461 24.03 -34.61 -32.41
C ASP B 461 23.53 -35.82 -31.65
N ASN B 462 22.87 -36.73 -32.37
CA ASN B 462 22.41 -37.97 -31.76
C ASN B 462 23.61 -38.83 -31.37
N TYR B 463 23.59 -39.31 -30.12
CA TYR B 463 24.69 -40.10 -29.60
C TYR B 463 24.68 -41.49 -30.21
N ALA B 464 25.74 -41.84 -30.94
CA ALA B 464 25.83 -43.12 -31.63
C ALA B 464 26.80 -44.07 -30.95
N GLY B 465 27.17 -43.78 -29.71
CA GLY B 465 28.07 -44.64 -28.96
C GLY B 465 27.33 -45.76 -28.26
N PRO B 466 27.90 -46.25 -27.17
CA PRO B 466 27.21 -47.29 -26.39
C PRO B 466 25.92 -46.77 -25.78
N GLN B 467 24.84 -47.53 -25.93
CA GLN B 467 23.52 -47.12 -25.47
C GLN B 467 23.41 -47.37 -23.98
N TYR B 468 23.61 -46.32 -23.18
CA TYR B 468 23.47 -46.43 -21.74
C TYR B 468 21.99 -46.48 -21.36
N ASP B 469 21.71 -47.08 -20.21
CA ASP B 469 20.34 -47.23 -19.73
C ASP B 469 19.93 -46.01 -18.91
N ASP B 470 18.69 -45.57 -19.12
CA ASP B 470 18.16 -44.40 -18.43
C ASP B 470 17.74 -44.80 -17.02
N GLU B 471 18.65 -44.60 -16.06
CA GLU B 471 18.40 -44.96 -14.68
C GLU B 471 17.71 -43.82 -13.93
N LYS C 25 -46.67 3.94 -13.23
CA LYS C 25 -47.41 3.03 -12.38
C LYS C 25 -47.15 3.28 -10.90
N VAL C 26 -48.16 3.02 -10.08
CA VAL C 26 -48.03 3.14 -8.63
C VAL C 26 -47.26 1.94 -8.10
N PRO C 27 -46.15 2.16 -7.39
CA PRO C 27 -45.43 1.04 -6.78
C PRO C 27 -46.29 0.33 -5.75
N PRO C 28 -46.19 -0.99 -5.65
CA PRO C 28 -47.01 -1.73 -4.67
C PRO C 28 -46.51 -1.50 -3.26
N HIS C 29 -47.38 -0.90 -2.43
CA HIS C 29 -47.03 -0.59 -1.06
C HIS C 29 -48.27 -0.71 -0.18
N SER C 30 -48.04 -0.85 1.13
CA SER C 30 -49.10 -0.91 2.12
C SER C 30 -48.73 0.06 3.25
N ILE C 31 -49.16 1.30 3.10
CA ILE C 31 -48.83 2.34 4.08
C ILE C 31 -49.51 2.06 5.41
N GLU C 32 -50.72 1.48 5.37
CA GLU C 32 -51.48 1.18 6.57
C GLU C 32 -50.76 0.17 7.46
N ALA C 33 -50.12 -0.82 6.82
CA ALA C 33 -49.31 -1.78 7.57
C ALA C 33 -48.12 -1.10 8.24
N GLU C 34 -47.50 -0.14 7.54
CA GLU C 34 -46.40 0.62 8.13
C GLU C 34 -46.88 1.43 9.33
N GLN C 35 -48.06 2.05 9.20
CA GLN C 35 -48.63 2.81 10.32
C GLN C 35 -48.93 1.91 11.50
N SER C 36 -49.47 0.70 11.23
CA SER C 36 -49.75 -0.25 12.30
C SER C 36 -48.48 -0.70 12.98
N VAL C 37 -47.42 -0.94 12.21
CA VAL C 37 -46.13 -1.36 12.77
C VAL C 37 -45.56 -0.26 13.66
N LEU C 38 -45.59 0.98 13.16
CA LEU C 38 -45.04 2.10 13.94
C LEU C 38 -45.84 2.34 15.21
N GLY C 39 -47.16 2.24 15.12
CA GLY C 39 -47.98 2.41 16.31
C GLY C 39 -47.78 1.30 17.32
N GLY C 40 -47.60 0.07 16.84
CA GLY C 40 -47.29 -1.03 17.76
C GLY C 40 -45.93 -0.87 18.41
N LEU C 41 -44.96 -0.33 17.67
CA LEU C 41 -43.66 -0.01 18.26
C LEU C 41 -43.79 1.08 19.32
N MET C 42 -44.64 2.08 19.06
CA MET C 42 -44.89 3.11 20.06
C MET C 42 -45.57 2.54 21.30
N LEU C 43 -46.49 1.60 21.12
CA LEU C 43 -47.19 1.00 22.27
C LEU C 43 -46.33 -0.05 22.95
N ASP C 44 -45.81 -1.01 22.18
CA ASP C 44 -45.06 -2.14 22.70
C ASP C 44 -43.61 -2.02 22.27
N ASN C 45 -42.69 -2.22 23.22
CA ASN C 45 -41.26 -2.24 22.93
C ASN C 45 -40.67 -3.63 22.97
N GLU C 46 -41.41 -4.61 23.50
CA GLU C 46 -40.90 -5.98 23.57
C GLU C 46 -40.91 -6.66 22.21
N ARG C 47 -41.91 -6.34 21.38
CA ARG C 47 -41.98 -6.88 20.03
C ARG C 47 -41.16 -6.07 19.03
N TRP C 48 -40.35 -5.12 19.50
CA TRP C 48 -39.46 -4.38 18.63
C TRP C 48 -38.43 -5.29 17.98
N ASP C 49 -38.01 -6.34 18.71
CA ASP C 49 -37.01 -7.27 18.21
C ASP C 49 -37.49 -8.00 16.97
N ASP C 50 -38.77 -8.38 16.96
CA ASP C 50 -39.35 -9.05 15.79
C ASP C 50 -39.34 -8.14 14.58
N VAL C 51 -39.67 -6.86 14.78
CA VAL C 51 -39.69 -5.89 13.69
C VAL C 51 -38.28 -5.65 13.17
N ALA C 52 -37.32 -5.54 14.08
CA ALA C 52 -35.93 -5.31 13.69
C ALA C 52 -35.38 -6.50 12.93
N GLU C 53 -35.72 -7.72 13.36
CA GLU C 53 -35.31 -8.92 12.65
C GLU C 53 -35.95 -8.99 11.27
N ARG C 54 -37.23 -8.65 11.17
CA ARG C 54 -37.96 -8.77 9.92
C ARG C 54 -37.59 -7.69 8.91
N VAL C 55 -37.81 -6.43 9.27
CA VAL C 55 -37.68 -5.34 8.32
C VAL C 55 -36.63 -4.33 8.79
N VAL C 56 -36.21 -3.48 7.87
CA VAL C 56 -35.29 -2.39 8.15
C VAL C 56 -35.95 -1.08 7.73
N ALA C 57 -35.21 0.03 7.86
CA ALA C 57 -35.78 1.33 7.50
C ALA C 57 -36.00 1.46 6.00
N ASP C 58 -35.19 0.76 5.21
CA ASP C 58 -35.32 0.84 3.75
C ASP C 58 -36.59 0.18 3.25
N ASP C 59 -37.17 -0.72 4.05
CA ASP C 59 -38.37 -1.43 3.62
C ASP C 59 -39.61 -0.54 3.64
N PHE C 60 -39.59 0.56 4.39
CA PHE C 60 -40.71 1.50 4.44
C PHE C 60 -40.79 2.23 3.11
N TYR C 61 -42.01 2.39 2.59
CA TYR C 61 -42.22 3.02 1.30
C TYR C 61 -41.89 4.51 1.33
N THR C 62 -42.43 5.22 2.31
CA THR C 62 -42.24 6.67 2.37
C THR C 62 -40.99 7.01 3.17
N ARG C 63 -40.26 8.02 2.70
CA ARG C 63 -39.05 8.47 3.39
C ARG C 63 -39.29 8.95 4.83
N PRO C 64 -40.39 9.69 5.18
CA PRO C 64 -40.65 9.98 6.60
C PRO C 64 -40.75 8.74 7.47
N HIS C 65 -41.34 7.66 6.93
CA HIS C 65 -41.39 6.40 7.68
C HIS C 65 -39.99 5.83 7.89
N ARG C 66 -39.12 5.97 6.89
CA ARG C 66 -37.72 5.54 7.05
C ARG C 66 -37.04 6.33 8.15
N HIS C 67 -37.28 7.65 8.19
CA HIS C 67 -36.71 8.49 9.23
C HIS C 67 -37.23 8.11 10.61
N ILE C 68 -38.53 7.81 10.68
CA ILE C 68 -39.14 7.42 11.95
C ILE C 68 -38.54 6.11 12.45
N PHE C 69 -38.39 5.13 11.56
CA PHE C 69 -37.81 3.86 11.96
C PHE C 69 -36.35 4.01 12.35
N THR C 70 -35.61 4.88 11.64
CA THR C 70 -34.22 5.14 11.99
C THR C 70 -34.11 5.76 13.37
N GLU C 71 -34.99 6.72 13.67
CA GLU C 71 -34.98 7.35 14.98
C GLU C 71 -35.36 6.35 16.07
N MET C 72 -36.33 5.48 15.80
CA MET C 72 -36.70 4.44 16.75
C MET C 72 -35.56 3.48 17.01
N ALA C 73 -34.84 3.09 15.94
CA ALA C 73 -33.70 2.21 16.10
C ALA C 73 -32.59 2.87 16.90
N ARG C 74 -32.35 4.16 16.66
CA ARG C 74 -31.32 4.88 17.40
C ARG C 74 -31.69 5.00 18.87
N LEU C 75 -32.97 5.24 19.16
CA LEU C 75 -33.41 5.33 20.55
C LEU C 75 -33.30 3.98 21.25
N GLN C 76 -33.68 2.89 20.58
CA GLN C 76 -33.65 1.59 21.21
C GLN C 76 -32.23 1.06 21.37
N GLU C 77 -31.33 1.41 20.45
CA GLU C 77 -29.93 1.05 20.61
C GLU C 77 -29.32 1.74 21.82
N SER C 78 -29.77 2.97 22.10
CA SER C 78 -29.36 3.67 23.32
C SER C 78 -30.00 3.11 24.57
N GLY C 79 -30.99 2.22 24.43
CA GLY C 79 -31.70 1.67 25.55
C GLY C 79 -32.93 2.44 25.97
N SER C 80 -33.20 3.58 25.34
CA SER C 80 -34.35 4.41 25.65
C SER C 80 -35.63 3.68 25.23
N PRO C 81 -36.67 3.69 26.06
CA PRO C 81 -37.95 3.09 25.66
C PRO C 81 -38.58 3.88 24.52
N ILE C 82 -39.33 3.18 23.68
CA ILE C 82 -39.94 3.79 22.50
C ILE C 82 -41.29 4.35 22.91
N ASP C 83 -41.36 5.67 23.07
CA ASP C 83 -42.61 6.38 23.31
C ASP C 83 -42.68 7.58 22.38
N LEU C 84 -43.86 8.20 22.34
CA LEU C 84 -44.11 9.32 21.44
C LEU C 84 -43.26 10.53 21.80
N ILE C 85 -43.12 10.80 23.10
CA ILE C 85 -42.46 12.02 23.55
C ILE C 85 -40.98 11.99 23.22
N THR C 86 -40.31 10.88 23.54
CA THR C 86 -38.87 10.78 23.28
C THR C 86 -38.59 10.73 21.79
N LEU C 87 -39.46 10.08 21.02
CA LEU C 87 -39.29 10.02 19.58
C LEU C 87 -39.42 11.42 18.96
N ALA C 88 -40.42 12.17 19.37
CA ALA C 88 -40.60 13.53 18.87
C ALA C 88 -39.43 14.41 19.29
N GLU C 89 -38.95 14.23 20.52
CA GLU C 89 -37.81 15.00 21.00
C GLU C 89 -36.56 14.71 20.19
N SER C 90 -36.32 13.43 19.87
CA SER C 90 -35.13 13.07 19.11
C SER C 90 -35.23 13.57 17.68
N LEU C 91 -36.43 13.52 17.09
CA LEU C 91 -36.64 14.05 15.75
C LEU C 91 -36.42 15.56 15.72
N GLU C 92 -36.86 16.26 16.76
CA GLU C 92 -36.63 17.70 16.85
C GLU C 92 -35.15 18.01 17.05
N ARG C 93 -34.46 17.17 17.84
CA ARG C 93 -33.02 17.34 18.02
C ARG C 93 -32.26 17.15 16.71
N GLN C 94 -32.65 16.18 15.91
CA GLN C 94 -32.08 16.00 14.59
C GLN C 94 -32.71 16.91 13.55
N GLY C 95 -33.71 17.69 13.93
CA GLY C 95 -34.39 18.57 12.98
C GLY C 95 -35.34 17.86 12.05
N GLN C 96 -35.60 16.57 12.28
CA GLN C 96 -36.45 15.79 11.39
C GLN C 96 -37.90 15.75 11.84
N LEU C 97 -38.26 16.46 12.91
CA LEU C 97 -39.64 16.49 13.37
C LEU C 97 -40.55 17.16 12.34
N ASP C 98 -40.07 18.25 11.75
CA ASP C 98 -40.89 18.96 10.75
C ASP C 98 -40.92 18.21 9.42
N SER C 99 -39.86 17.46 9.11
CA SER C 99 -39.78 16.80 7.81
C SER C 99 -40.71 15.60 7.72
N VAL C 100 -40.99 14.94 8.85
CA VAL C 100 -41.81 13.73 8.82
C VAL C 100 -43.31 14.01 8.89
N GLY C 101 -43.71 15.23 9.22
CA GLY C 101 -45.12 15.56 9.28
C GLY C 101 -45.52 16.31 10.54
N GLY C 102 -44.59 16.45 11.48
CA GLY C 102 -44.86 17.14 12.72
C GLY C 102 -45.28 16.20 13.83
N PHE C 103 -45.40 16.77 15.03
CA PHE C 103 -45.79 15.98 16.20
C PHE C 103 -47.23 15.51 16.11
N ALA C 104 -48.09 16.29 15.43
CA ALA C 104 -49.47 15.89 15.26
C ALA C 104 -49.59 14.62 14.43
N TYR C 105 -48.74 14.49 13.41
CA TYR C 105 -48.71 13.28 12.61
C TYR C 105 -48.30 12.08 13.45
N LEU C 106 -47.32 12.27 14.34
CA LEU C 106 -46.88 11.20 15.23
C LEU C 106 -47.99 10.80 16.20
N ALA C 107 -48.71 11.80 16.73
CA ALA C 107 -49.82 11.52 17.63
C ALA C 107 -50.94 10.78 16.92
N GLU C 108 -51.20 11.16 15.67
CA GLU C 108 -52.20 10.45 14.87
C GLU C 108 -51.79 9.00 14.63
N LEU C 109 -50.50 8.78 14.33
CA LEU C 109 -50.01 7.42 14.11
C LEU C 109 -50.10 6.59 15.39
N SER C 110 -49.82 7.20 16.54
CA SER C 110 -49.96 6.50 17.81
C SER C 110 -51.43 6.19 18.11
N LYS C 111 -52.32 7.11 17.72
CA LYS C 111 -53.75 6.91 17.97
C LYS C 111 -54.32 5.79 17.10
N ASN C 112 -53.86 5.70 15.85
CA ASN C 112 -54.50 4.83 14.87
C ASN C 112 -54.38 3.35 15.24
N THR C 113 -53.22 2.94 15.72
CA THR C 113 -52.96 1.51 15.94
C THR C 113 -53.66 1.01 17.19
N PRO C 114 -54.58 0.04 17.09
CA PRO C 114 -55.23 -0.50 18.30
C PRO C 114 -54.28 -1.34 19.14
N SER C 115 -53.62 -2.31 18.52
CA SER C 115 -52.78 -3.27 19.21
C SER C 115 -51.67 -3.76 18.28
N ALA C 116 -50.72 -4.48 18.87
CA ALA C 116 -49.58 -5.02 18.13
C ALA C 116 -49.55 -6.54 18.18
N ALA C 117 -50.74 -7.17 18.25
CA ALA C 117 -50.79 -8.63 18.29
C ALA C 117 -50.33 -9.24 16.97
N ASN C 118 -50.71 -8.64 15.85
CA ASN C 118 -50.36 -9.14 14.53
C ASN C 118 -49.31 -8.28 13.85
N ILE C 119 -48.43 -7.64 14.63
CA ILE C 119 -47.43 -6.75 14.04
C ILE C 119 -46.41 -7.54 13.24
N SER C 120 -46.21 -8.82 13.60
CA SER C 120 -45.31 -9.67 12.83
C SER C 120 -45.85 -9.90 11.42
N ALA C 121 -47.15 -10.13 11.30
CA ALA C 121 -47.78 -10.31 10.00
C ALA C 121 -47.70 -9.03 9.17
N TYR C 122 -47.90 -7.88 9.82
CA TYR C 122 -47.81 -6.60 9.13
C TYR C 122 -46.39 -6.36 8.63
N ALA C 123 -45.39 -6.71 9.45
CA ALA C 123 -44.01 -6.56 9.05
C ALA C 123 -43.66 -7.51 7.90
N ASP C 124 -44.24 -8.71 7.90
CA ASP C 124 -44.04 -9.64 6.80
C ASP C 124 -44.65 -9.09 5.51
N ILE C 125 -45.82 -8.47 5.61
CA ILE C 125 -46.45 -7.85 4.45
C ILE C 125 -45.59 -6.70 3.92
N VAL C 126 -45.05 -5.90 4.84
CA VAL C 126 -44.18 -4.77 4.46
C VAL C 126 -42.93 -5.28 3.77
N ARG C 127 -42.33 -6.35 4.31
CA ARG C 127 -41.15 -6.94 3.68
C ARG C 127 -41.47 -7.51 2.31
N GLU C 128 -42.66 -8.11 2.17
CA GLU C 128 -43.11 -8.60 0.88
C GLU C 128 -43.21 -7.46 -0.14
N ARG C 129 -43.81 -6.34 0.28
CA ARG C 129 -43.94 -5.18 -0.58
C ARG C 129 -42.57 -4.63 -0.97
N ALA C 130 -41.64 -4.57 -0.01
CA ALA C 130 -40.31 -4.06 -0.28
C ALA C 130 -39.55 -4.96 -1.26
N VAL C 131 -39.68 -6.27 -1.09
CA VAL C 131 -39.02 -7.21 -2.00
C VAL C 131 -39.61 -7.10 -3.39
N VAL C 132 -40.93 -6.96 -3.49
CA VAL C 132 -41.58 -6.82 -4.79
C VAL C 132 -41.13 -5.53 -5.48
N ARG C 133 -41.07 -4.43 -4.74
CA ARG C 133 -40.62 -3.16 -5.31
C ARG C 133 -39.15 -3.25 -5.72
N GLU C 134 -38.33 -3.96 -4.94
CA GLU C 134 -36.94 -4.17 -5.30
C GLU C 134 -36.83 -4.97 -6.60
N MET C 135 -37.66 -5.99 -6.75
CA MET C 135 -37.69 -6.79 -7.97
C MET C 135 -38.10 -5.93 -9.17
N ILE C 136 -39.11 -5.07 -8.97
CA ILE C 136 -39.57 -4.20 -10.04
C ILE C 136 -38.47 -3.22 -10.46
N SER C 137 -37.77 -2.66 -9.48
CA SER C 137 -36.68 -1.73 -9.77
C SER C 137 -35.55 -2.42 -10.50
N VAL C 138 -35.22 -3.65 -10.09
CA VAL C 138 -34.17 -4.40 -10.75
C VAL C 138 -34.56 -4.74 -12.19
N ALA C 139 -35.84 -5.07 -12.40
CA ALA C 139 -36.34 -5.32 -13.74
C ALA C 139 -36.26 -4.06 -14.60
N ASN C 140 -36.54 -2.91 -14.01
CA ASN C 140 -36.42 -1.64 -14.71
C ASN C 140 -34.97 -1.37 -15.09
N GLU C 141 -34.03 -1.67 -14.19
CA GLU C 141 -32.61 -1.52 -14.49
C GLU C 141 -32.19 -2.44 -15.63
N ILE C 142 -32.70 -3.67 -15.62
CA ILE C 142 -32.39 -4.63 -16.67
C ILE C 142 -32.93 -4.16 -18.01
N ALA C 143 -34.16 -3.63 -18.03
CA ALA C 143 -34.74 -3.11 -19.26
C ALA C 143 -33.97 -1.91 -19.77
N GLU C 144 -33.51 -1.05 -18.86
CA GLU C 144 -32.68 0.09 -19.24
C GLU C 144 -31.36 -0.36 -19.84
N ALA C 145 -30.74 -1.37 -19.24
CA ALA C 145 -29.49 -1.89 -19.78
C ALA C 145 -29.70 -2.56 -21.13
N GLY C 146 -30.85 -3.20 -21.32
CA GLY C 146 -31.19 -3.78 -22.60
C GLY C 146 -31.39 -2.74 -23.68
N PHE C 147 -32.08 -1.65 -23.34
CA PHE C 147 -32.29 -0.59 -24.32
C PHE C 147 -31.02 0.21 -24.57
N ASP C 148 -30.13 0.29 -23.59
CA ASP C 148 -28.87 1.01 -23.73
C ASP C 148 -27.72 0.06 -23.42
N PRO C 149 -27.21 -0.67 -24.42
CA PRO C 149 -26.09 -1.60 -24.16
C PRO C 149 -24.83 -0.93 -23.68
N GLN C 150 -24.55 0.29 -24.16
CA GLN C 150 -23.35 1.06 -23.78
C GLN C 150 -22.06 0.30 -24.06
N GLY C 151 -22.07 -0.46 -25.16
CA GLY C 151 -20.92 -1.24 -25.56
C GLY C 151 -20.77 -2.57 -24.88
N ARG C 152 -21.65 -2.92 -23.94
CA ARG C 152 -21.55 -4.19 -23.26
C ARG C 152 -22.05 -5.32 -24.15
N THR C 153 -21.48 -6.51 -23.98
CA THR C 153 -21.94 -7.66 -24.72
C THR C 153 -23.17 -8.26 -24.06
N SER C 154 -23.79 -9.23 -24.75
CA SER C 154 -24.95 -9.90 -24.21
C SER C 154 -24.58 -10.73 -22.98
N GLU C 155 -23.38 -11.31 -22.99
CA GLU C 155 -22.93 -12.12 -21.86
C GLU C 155 -22.76 -11.26 -20.61
N ASP C 156 -22.25 -10.04 -20.77
CA ASP C 156 -22.09 -9.14 -19.64
C ASP C 156 -23.44 -8.77 -19.03
N LEU C 157 -24.43 -8.49 -19.89
CA LEU C 157 -25.77 -8.16 -19.41
C LEU C 157 -26.41 -9.36 -18.73
N LEU C 158 -26.19 -10.56 -19.27
CA LEU C 158 -26.72 -11.77 -18.65
C LEU C 158 -26.10 -11.99 -17.27
N ASP C 159 -24.78 -11.79 -17.17
CA ASP C 159 -24.10 -11.96 -15.89
C ASP C 159 -24.58 -10.93 -14.87
N LEU C 160 -24.79 -9.69 -15.33
CA LEU C 160 -25.31 -8.65 -14.45
C LEU C 160 -26.72 -8.98 -13.96
N ALA C 161 -27.56 -9.48 -14.87
CA ALA C 161 -28.93 -9.84 -14.49
C ALA C 161 -28.94 -11.00 -13.50
N GLU C 162 -28.09 -12.01 -13.74
CA GLU C 162 -27.99 -13.13 -12.82
C GLU C 162 -27.47 -12.68 -11.46
N SER C 163 -26.51 -11.75 -11.46
CA SER C 163 -25.97 -11.21 -10.22
C SER C 163 -27.06 -10.48 -9.44
N ARG C 164 -27.87 -9.68 -10.13
CA ARG C 164 -28.96 -8.96 -9.46
C ARG C 164 -30.00 -9.92 -8.91
N VAL C 165 -30.33 -10.95 -9.68
CA VAL C 165 -31.30 -11.95 -9.23
C VAL C 165 -30.79 -12.67 -7.99
N PHE C 166 -29.50 -13.04 -8.01
CA PHE C 166 -28.92 -13.73 -6.85
C PHE C 166 -28.82 -12.79 -5.65
N LYS C 167 -28.59 -11.49 -5.90
CA LYS C 167 -28.61 -10.52 -4.81
C LYS C 167 -29.98 -10.43 -4.16
N ILE C 168 -31.03 -10.41 -4.98
CA ILE C 168 -32.39 -10.39 -4.43
C ILE C 168 -32.67 -11.68 -3.66
N ALA C 169 -32.22 -12.81 -4.20
CA ALA C 169 -32.41 -14.09 -3.51
C ALA C 169 -31.69 -14.11 -2.17
N GLU C 170 -30.48 -13.56 -2.11
CA GLU C 170 -29.74 -13.47 -0.86
C GLU C 170 -30.43 -12.53 0.12
N SER C 171 -30.96 -11.41 -0.38
CA SER C 171 -31.66 -10.46 0.49
C SER C 171 -32.93 -11.06 1.08
N ARG C 172 -33.65 -11.87 0.31
CA ARG C 172 -34.83 -12.55 0.83
C ARG C 172 -34.45 -13.69 1.78
N ALA C 173 -33.34 -14.37 1.53
CA ALA C 173 -32.90 -15.47 2.39
C ALA C 173 -32.08 -14.91 3.55
N ASN C 174 -32.78 -14.28 4.48
CA ASN C 174 -32.15 -13.71 5.66
C ASN C 174 -32.86 -14.15 6.94
N LYS C 175 -34.10 -14.63 6.82
CA LYS C 175 -34.85 -15.11 7.97
C LYS C 175 -34.47 -16.53 8.37
N ASP C 176 -33.66 -17.22 7.56
CA ASP C 176 -33.23 -18.57 7.92
C ASP C 176 -32.27 -18.54 9.10
N GLU C 177 -31.43 -17.52 9.19
CA GLU C 177 -30.47 -17.42 10.28
C GLU C 177 -31.20 -17.11 11.59
N GLY C 178 -30.85 -17.85 12.63
CA GLY C 178 -31.45 -17.66 13.94
C GLY C 178 -31.05 -18.75 14.91
N PRO C 179 -30.77 -18.35 16.16
CA PRO C 179 -30.42 -19.35 17.18
C PRO C 179 -31.62 -20.20 17.60
N LYS C 180 -31.57 -21.49 17.30
CA LYS C 180 -32.65 -22.41 17.63
C LYS C 180 -32.33 -23.18 18.89
N ASN C 181 -33.38 -23.72 19.51
CA ASN C 181 -33.22 -24.48 20.74
C ASN C 181 -32.59 -25.84 20.47
N ILE C 182 -32.12 -26.47 21.54
CA ILE C 182 -31.47 -27.78 21.41
C ILE C 182 -32.49 -28.86 21.03
N ALA C 183 -33.77 -28.60 21.29
CA ALA C 183 -34.81 -29.58 21.00
C ALA C 183 -34.95 -29.84 19.50
N ASP C 184 -34.90 -28.76 18.71
CA ASP C 184 -35.00 -28.90 17.26
C ASP C 184 -33.79 -29.64 16.71
N VAL C 185 -32.61 -29.35 17.24
CA VAL C 185 -31.39 -30.02 16.82
C VAL C 185 -31.45 -31.51 17.15
N LEU C 186 -31.97 -31.82 18.35
CA LEU C 186 -32.12 -33.22 18.75
C LEU C 186 -33.12 -33.95 17.86
N ASP C 187 -34.23 -33.29 17.51
CA ASP C 187 -35.22 -33.91 16.63
C ASP C 187 -34.65 -34.18 15.24
N ALA C 188 -33.93 -33.20 14.69
CA ALA C 188 -33.30 -33.38 13.38
C ALA C 188 -32.25 -34.48 13.45
N THR C 189 -31.48 -34.53 14.54
CA THR C 189 -30.43 -35.53 14.67
C THR C 189 -31.00 -36.93 14.79
N VAL C 190 -32.06 -37.10 15.58
CA VAL C 190 -32.64 -38.43 15.76
C VAL C 190 -33.36 -38.86 14.48
N ALA C 191 -33.93 -37.90 13.74
CA ALA C 191 -34.52 -38.23 12.44
C ALA C 191 -33.46 -38.70 11.46
N ARG C 192 -32.31 -38.02 11.43
CA ARG C 192 -31.22 -38.44 10.56
C ARG C 192 -30.66 -39.79 10.97
N ILE C 193 -30.56 -40.05 12.28
CA ILE C 193 -30.07 -41.32 12.78
C ILE C 193 -31.02 -42.45 12.39
N GLU C 194 -32.33 -42.22 12.53
CA GLU C 194 -33.30 -43.22 12.11
C GLU C 194 -33.22 -43.46 10.60
N GLN C 195 -33.03 -42.41 9.82
CA GLN C 195 -32.88 -42.53 8.38
C GLN C 195 -31.65 -43.35 8.00
N LEU C 196 -30.53 -43.09 8.68
CA LEU C 196 -29.30 -43.83 8.42
C LEU C 196 -29.44 -45.29 8.80
N PHE C 197 -30.09 -45.56 9.94
CA PHE C 197 -30.23 -46.94 10.40
C PHE C 197 -31.19 -47.72 9.50
N GLN C 198 -32.26 -47.07 9.04
CA GLN C 198 -33.24 -47.76 8.21
C GLN C 198 -32.74 -47.97 6.78
N GLN C 199 -31.70 -47.25 6.37
CA GLN C 199 -31.17 -47.39 5.02
C GLN C 199 -29.92 -48.26 5.07
N PRO C 200 -29.94 -49.47 4.52
CA PRO C 200 -28.73 -50.31 4.50
C PRO C 200 -27.74 -49.82 3.46
N HIS C 201 -26.49 -49.65 3.88
CA HIS C 201 -25.43 -49.18 2.99
C HIS C 201 -24.17 -50.02 3.03
N ASP C 202 -23.94 -50.80 4.09
CA ASP C 202 -22.78 -51.68 4.25
C ASP C 202 -21.46 -50.90 4.14
N GLY C 203 -21.38 -49.81 4.92
CA GLY C 203 -20.18 -49.01 4.96
C GLY C 203 -20.06 -47.96 3.87
N VAL C 204 -20.99 -47.93 2.92
CA VAL C 204 -20.94 -46.92 1.87
C VAL C 204 -21.81 -45.74 2.29
N THR C 205 -21.24 -44.84 3.08
CA THR C 205 -22.00 -43.66 3.52
C THR C 205 -21.98 -42.56 2.47
N GLY C 206 -20.87 -42.40 1.75
CA GLY C 206 -20.79 -41.42 0.70
C GLY C 206 -20.75 -42.04 -0.69
N VAL C 207 -20.26 -41.29 -1.67
CA VAL C 207 -20.13 -41.80 -3.03
C VAL C 207 -19.03 -42.85 -3.03
N ASN C 208 -19.29 -43.98 -3.69
CA ASN C 208 -18.36 -45.10 -3.70
C ASN C 208 -17.09 -44.74 -4.45
N THR C 209 -15.95 -44.92 -3.78
CA THR C 209 -14.66 -44.52 -4.33
C THR C 209 -14.12 -45.54 -5.33
N GLY C 210 -14.65 -46.75 -5.34
CA GLY C 210 -14.11 -47.82 -6.14
C GLY C 210 -12.92 -48.52 -5.54
N TYR C 211 -12.48 -48.11 -4.35
CA TYR C 211 -11.36 -48.73 -3.65
C TYR C 211 -11.85 -49.23 -2.31
N ASP C 212 -11.57 -50.50 -2.01
CA ASP C 212 -12.10 -51.13 -0.81
C ASP C 212 -11.54 -50.48 0.45
N ASP C 213 -10.22 -50.21 0.45
CA ASP C 213 -9.58 -49.61 1.62
C ASP C 213 -10.08 -48.19 1.85
N LEU C 214 -10.28 -47.44 0.76
CA LEU C 214 -10.78 -46.08 0.89
C LEU C 214 -12.23 -46.06 1.37
N ASN C 215 -12.99 -47.09 1.04
CA ASN C 215 -14.38 -47.21 1.47
C ASN C 215 -14.52 -47.71 2.88
N LYS C 216 -13.41 -48.00 3.56
CA LYS C 216 -13.44 -48.37 4.98
C LYS C 216 -13.12 -47.19 5.88
N LYS C 217 -12.06 -46.44 5.56
CA LYS C 217 -11.69 -45.27 6.36
C LYS C 217 -12.64 -44.12 6.10
N THR C 218 -12.72 -43.66 4.84
CA THR C 218 -13.60 -42.56 4.50
C THR C 218 -15.06 -42.97 4.41
N ALA C 219 -15.33 -44.26 4.22
CA ALA C 219 -16.68 -44.81 4.08
C ALA C 219 -17.46 -44.11 2.96
N GLY C 220 -16.78 -43.86 1.85
CA GLY C 220 -17.38 -43.18 0.73
C GLY C 220 -17.15 -41.68 0.75
N LEU C 221 -17.38 -41.06 -0.41
CA LEU C 221 -17.20 -39.62 -0.57
C LEU C 221 -18.42 -38.90 -0.01
N GLN C 222 -18.29 -38.39 1.20
CA GLN C 222 -19.43 -37.78 1.88
C GLN C 222 -19.80 -36.46 1.21
N PRO C 223 -21.09 -36.16 1.06
CA PRO C 223 -21.49 -34.87 0.48
C PRO C 223 -21.13 -33.70 1.39
N SER C 224 -21.00 -32.53 0.77
CA SER C 224 -20.55 -31.29 1.44
C SER C 224 -19.20 -31.49 2.12
N ASP C 225 -18.27 -32.09 1.39
CA ASP C 225 -16.90 -32.28 1.86
C ASP C 225 -15.92 -31.73 0.84
N LEU C 226 -14.90 -31.04 1.33
CA LEU C 226 -13.84 -30.51 0.49
C LEU C 226 -12.70 -31.51 0.45
N ILE C 227 -12.56 -32.22 -0.67
CA ILE C 227 -11.59 -33.29 -0.80
C ILE C 227 -10.34 -32.69 -1.42
N ILE C 228 -9.26 -32.66 -0.65
CA ILE C 228 -8.00 -32.07 -1.09
C ILE C 228 -7.00 -33.20 -1.23
N VAL C 229 -6.65 -33.52 -2.48
CA VAL C 229 -5.59 -34.49 -2.76
C VAL C 229 -4.48 -33.68 -3.44
N ALA C 230 -3.51 -33.24 -2.63
CA ALA C 230 -2.41 -32.43 -3.12
C ALA C 230 -1.16 -33.28 -3.21
N ALA C 231 -0.40 -33.09 -4.29
CA ALA C 231 0.82 -33.86 -4.53
C ALA C 231 1.74 -33.05 -5.43
N ARG C 232 2.93 -33.59 -5.65
CA ARG C 232 3.93 -33.01 -6.51
C ARG C 232 3.53 -33.18 -7.98
N PRO C 233 4.09 -32.37 -8.87
CA PRO C 233 3.87 -32.60 -10.30
C PRO C 233 4.42 -33.94 -10.75
N SER C 234 3.78 -34.52 -11.77
CA SER C 234 4.16 -35.81 -12.35
C SER C 234 4.12 -36.93 -11.31
N MET C 235 3.13 -36.87 -10.43
CA MET C 235 2.93 -37.89 -9.40
C MET C 235 1.66 -38.71 -9.62
N GLY C 236 1.00 -38.55 -10.77
CA GLY C 236 -0.25 -39.24 -10.98
C GLY C 236 -1.40 -38.65 -10.20
N LYS C 237 -1.26 -37.41 -9.72
CA LYS C 237 -2.31 -36.76 -8.95
C LYS C 237 -3.55 -36.52 -9.80
N THR C 238 -3.35 -35.92 -10.97
CA THR C 238 -4.44 -35.78 -11.94
C THR C 238 -4.94 -37.16 -12.37
N THR C 239 -4.02 -38.10 -12.56
CA THR C 239 -4.39 -39.46 -12.94
C THR C 239 -5.24 -40.13 -11.86
N PHE C 240 -4.86 -39.98 -10.59
CA PHE C 240 -5.62 -40.59 -9.51
C PHE C 240 -6.98 -39.92 -9.36
N ALA C 241 -7.04 -38.60 -9.54
CA ALA C 241 -8.31 -37.90 -9.49
C ALA C 241 -9.23 -38.38 -10.61
N MET C 242 -8.67 -38.58 -11.80
CA MET C 242 -9.47 -39.09 -12.92
C MET C 242 -9.95 -40.51 -12.65
N ASN C 243 -9.10 -41.33 -12.03
CA ASN C 243 -9.52 -42.69 -11.68
C ASN C 243 -10.66 -42.67 -10.67
N LEU C 244 -10.58 -41.78 -9.68
CA LEU C 244 -11.67 -41.62 -8.72
C LEU C 244 -12.95 -41.17 -9.41
N VAL C 245 -12.81 -40.25 -10.38
CA VAL C 245 -13.97 -39.76 -11.13
C VAL C 245 -14.61 -40.90 -11.92
N GLU C 246 -13.78 -41.71 -12.57
CA GLU C 246 -14.28 -42.84 -13.35
C GLU C 246 -14.98 -43.86 -12.47
N ASN C 247 -14.39 -44.16 -11.31
CA ASN C 247 -15.00 -45.12 -10.39
C ASN C 247 -16.33 -44.60 -9.85
N ALA C 248 -16.39 -43.31 -9.51
CA ALA C 248 -17.63 -42.72 -9.04
C ALA C 248 -18.69 -42.75 -10.13
N ALA C 249 -18.31 -42.41 -11.37
CA ALA C 249 -19.25 -42.41 -12.48
C ALA C 249 -19.75 -43.79 -12.81
N MET C 250 -18.92 -44.82 -12.68
CA MET C 250 -19.38 -46.19 -12.85
C MET C 250 -20.23 -46.67 -11.68
N LEU C 251 -20.02 -46.11 -10.50
CA LEU C 251 -20.74 -46.55 -9.30
C LEU C 251 -21.89 -45.64 -8.91
N GLN C 252 -22.27 -44.68 -9.77
CA GLN C 252 -23.41 -43.82 -9.49
C GLN C 252 -24.03 -43.38 -10.81
N ASP C 253 -25.27 -42.89 -10.71
CA ASP C 253 -25.97 -42.34 -11.87
C ASP C 253 -26.12 -40.83 -11.83
N LYS C 254 -25.81 -40.20 -10.71
CA LYS C 254 -25.87 -38.74 -10.62
C LYS C 254 -24.76 -38.12 -11.47
N PRO C 255 -25.06 -37.11 -12.28
CA PRO C 255 -24.04 -36.56 -13.19
C PRO C 255 -22.90 -35.87 -12.44
N VAL C 256 -21.71 -35.94 -13.04
CA VAL C 256 -20.52 -35.33 -12.46
C VAL C 256 -20.14 -34.09 -13.25
N LEU C 257 -19.21 -33.31 -12.70
CA LEU C 257 -18.77 -32.07 -13.31
C LEU C 257 -17.26 -31.95 -13.14
N ILE C 258 -16.55 -31.78 -14.25
CA ILE C 258 -15.09 -31.74 -14.23
C ILE C 258 -14.61 -30.38 -14.72
N PHE C 259 -13.75 -29.73 -13.94
CA PHE C 259 -13.11 -28.48 -14.32
C PHE C 259 -11.61 -28.73 -14.49
N SER C 260 -11.22 -29.12 -15.70
CA SER C 260 -9.82 -29.36 -16.01
C SER C 260 -9.17 -28.10 -16.60
N LEU C 261 -8.86 -27.16 -15.70
CA LEU C 261 -8.27 -25.88 -16.10
C LEU C 261 -6.90 -26.07 -16.74
N GLU C 262 -6.07 -26.90 -16.12
CA GLU C 262 -4.72 -27.11 -16.62
C GLU C 262 -4.69 -28.11 -17.76
N MET C 263 -5.13 -29.33 -17.49
CA MET C 263 -5.05 -30.40 -18.48
C MET C 263 -6.11 -30.19 -19.57
N PRO C 264 -5.74 -30.31 -20.84
CA PRO C 264 -6.75 -30.27 -21.90
C PRO C 264 -7.66 -31.48 -21.84
N SER C 265 -8.87 -31.32 -22.39
CA SER C 265 -9.85 -32.40 -22.37
C SER C 265 -9.39 -33.60 -23.19
N GLU C 266 -8.56 -33.35 -24.22
CA GLU C 266 -8.05 -34.44 -25.04
C GLU C 266 -7.14 -35.36 -24.22
N GLN C 267 -6.22 -34.77 -23.45
CA GLN C 267 -5.33 -35.56 -22.60
C GLN C 267 -6.11 -36.27 -21.51
N ILE C 268 -7.14 -35.61 -20.97
CA ILE C 268 -7.99 -36.23 -19.96
C ILE C 268 -8.70 -37.45 -20.51
N MET C 269 -9.23 -37.33 -21.74
CA MET C 269 -9.92 -38.46 -22.36
C MET C 269 -8.95 -39.58 -22.68
N MET C 270 -7.74 -39.25 -23.13
CA MET C 270 -6.74 -40.27 -23.41
C MET C 270 -6.34 -41.02 -22.14
N ARG C 271 -6.17 -40.30 -21.04
CA ARG C 271 -5.85 -40.93 -19.76
C ARG C 271 -7.00 -41.81 -19.28
N SER C 272 -8.24 -41.34 -19.46
CA SER C 272 -9.40 -42.14 -19.08
C SER C 272 -9.49 -43.43 -19.88
N LEU C 273 -9.24 -43.34 -21.19
CA LEU C 273 -9.28 -44.53 -22.03
C LEU C 273 -8.16 -45.50 -21.68
N ALA C 274 -6.97 -44.97 -21.38
CA ALA C 274 -5.85 -45.83 -20.99
C ALA C 274 -6.12 -46.50 -19.65
N SER C 275 -6.73 -45.79 -18.71
CA SER C 275 -6.99 -46.34 -17.39
C SER C 275 -8.10 -47.38 -17.43
N LEU C 276 -9.22 -47.06 -18.10
CA LEU C 276 -10.37 -47.95 -18.05
C LEU C 276 -10.16 -49.21 -18.87
N SER C 277 -9.54 -49.09 -20.03
CA SER C 277 -9.31 -50.24 -20.89
C SER C 277 -8.00 -50.97 -20.59
N ARG C 278 -7.21 -50.46 -19.65
CA ARG C 278 -5.92 -51.04 -19.24
C ARG C 278 -4.98 -51.20 -20.43
N VAL C 279 -4.81 -50.11 -21.17
CA VAL C 279 -3.96 -50.05 -22.34
C VAL C 279 -2.88 -49.00 -22.08
N ASP C 280 -1.66 -49.27 -22.57
CA ASP C 280 -0.55 -48.34 -22.42
C ASP C 280 -0.88 -47.00 -23.08
N GLN C 281 -0.64 -45.92 -22.34
CA GLN C 281 -1.00 -44.59 -22.81
C GLN C 281 -0.08 -44.13 -23.95
N THR C 282 1.13 -44.69 -24.03
CA THR C 282 2.06 -44.29 -25.08
C THR C 282 1.56 -44.67 -26.46
N LYS C 283 1.05 -45.90 -26.59
CA LYS C 283 0.53 -46.35 -27.89
C LYS C 283 -0.72 -45.59 -28.28
N ILE C 284 -1.55 -45.24 -27.29
CA ILE C 284 -2.74 -44.44 -27.55
C ILE C 284 -2.34 -43.04 -28.01
N ARG C 285 -1.35 -42.45 -27.36
CA ARG C 285 -0.88 -41.12 -27.73
C ARG C 285 -0.27 -41.12 -29.13
N THR C 286 0.52 -42.14 -29.46
CA THR C 286 1.05 -42.28 -30.80
C THR C 286 -0.01 -42.75 -31.80
N GLY C 287 -1.15 -43.25 -31.33
CA GLY C 287 -2.17 -43.77 -32.19
C GLY C 287 -1.93 -45.16 -32.72
N GLN C 288 -0.81 -45.79 -32.36
CA GLN C 288 -0.47 -47.12 -32.85
C GLN C 288 -1.15 -48.15 -31.95
N LEU C 289 -2.40 -48.45 -32.29
CA LEU C 289 -3.24 -49.34 -31.49
C LEU C 289 -3.80 -50.46 -32.38
N ASP C 290 -3.81 -51.67 -31.83
CA ASP C 290 -4.39 -52.81 -32.52
C ASP C 290 -5.91 -52.76 -32.45
N ASP C 291 -6.56 -53.62 -33.23
CA ASP C 291 -8.01 -53.65 -33.29
C ASP C 291 -8.66 -54.22 -32.05
N GLU C 292 -7.95 -55.04 -31.26
CA GLU C 292 -8.51 -55.56 -30.02
C GLU C 292 -8.63 -54.46 -28.98
N ASP C 293 -7.56 -53.67 -28.81
CA ASP C 293 -7.64 -52.50 -27.94
C ASP C 293 -8.61 -51.47 -28.50
N TRP C 294 -8.72 -51.40 -29.83
CA TRP C 294 -9.71 -50.51 -30.44
C TRP C 294 -11.13 -50.93 -30.05
N ALA C 295 -11.40 -52.24 -30.06
CA ALA C 295 -12.71 -52.73 -29.65
C ALA C 295 -12.96 -52.51 -28.16
N ARG C 296 -11.92 -52.67 -27.34
CA ARG C 296 -12.05 -52.39 -25.91
C ARG C 296 -12.37 -50.93 -25.66
N ILE C 297 -11.70 -50.03 -26.37
CA ILE C 297 -11.97 -48.60 -26.24
C ILE C 297 -13.37 -48.28 -26.76
N SER C 298 -13.81 -48.95 -27.82
CA SER C 298 -15.15 -48.75 -28.34
C SER C 298 -16.20 -49.20 -27.33
N GLY C 299 -15.96 -50.32 -26.65
CA GLY C 299 -16.87 -50.76 -25.60
C GLY C 299 -16.90 -49.81 -24.42
N THR C 300 -15.73 -49.27 -24.06
CA THR C 300 -15.68 -48.27 -22.99
C THR C 300 -16.45 -47.01 -23.39
N MET C 301 -16.33 -46.59 -24.64
CA MET C 301 -17.08 -45.44 -25.13
C MET C 301 -18.58 -45.73 -25.16
N GLY C 302 -18.96 -46.98 -25.45
CA GLY C 302 -20.35 -47.36 -25.38
C GLY C 302 -20.90 -47.28 -23.97
N ILE C 303 -20.10 -47.71 -22.99
CA ILE C 303 -20.49 -47.57 -21.59
C ILE C 303 -20.62 -46.11 -21.21
N LEU C 304 -19.69 -45.28 -21.70
CA LEU C 304 -19.74 -43.84 -21.41
C LEU C 304 -20.99 -43.20 -22.01
N LEU C 305 -21.34 -43.57 -23.24
CA LEU C 305 -22.55 -43.04 -23.86
C LEU C 305 -23.81 -43.60 -23.20
N GLU C 306 -23.72 -44.79 -22.61
CA GLU C 306 -24.79 -45.27 -21.74
C GLU C 306 -24.94 -44.37 -20.52
N LYS C 307 -23.81 -43.96 -19.93
CA LYS C 307 -23.87 -43.07 -18.78
C LYS C 307 -24.20 -41.64 -19.20
N ARG C 308 -23.32 -41.03 -19.99
CA ARG C 308 -23.44 -39.64 -20.46
C ARG C 308 -23.67 -38.66 -19.30
N ASN C 309 -22.95 -38.90 -18.21
CA ASN C 309 -23.07 -38.09 -17.01
C ASN C 309 -21.85 -37.20 -16.77
N ILE C 310 -20.91 -37.17 -17.71
CA ILE C 310 -19.65 -36.45 -17.53
C ILE C 310 -19.71 -35.16 -18.33
N TYR C 311 -19.26 -34.07 -17.72
CA TYR C 311 -19.21 -32.75 -18.38
C TYR C 311 -17.91 -32.08 -17.98
N ILE C 312 -16.94 -32.07 -18.90
CA ILE C 312 -15.59 -31.60 -18.61
C ILE C 312 -15.43 -30.20 -19.19
N ASP C 313 -15.17 -29.22 -18.31
CA ASP C 313 -14.90 -27.85 -18.73
C ASP C 313 -13.41 -27.61 -18.65
N ASP C 314 -12.78 -27.38 -19.81
CA ASP C 314 -11.33 -27.20 -19.88
C ASP C 314 -10.92 -25.74 -19.79
N SER C 315 -11.86 -24.83 -19.56
CA SER C 315 -11.53 -23.42 -19.44
C SER C 315 -10.71 -23.16 -18.17
N SER C 316 -9.70 -22.31 -18.30
CA SER C 316 -8.81 -21.98 -17.20
C SER C 316 -9.03 -20.55 -16.73
N GLY C 317 -8.50 -20.25 -15.54
CA GLY C 317 -8.59 -18.92 -14.98
C GLY C 317 -10.00 -18.50 -14.62
N LEU C 318 -10.76 -19.39 -14.02
CA LEU C 318 -12.16 -19.15 -13.71
C LEU C 318 -12.35 -18.74 -12.26
N THR C 319 -13.16 -17.70 -12.04
CA THR C 319 -13.51 -17.30 -10.69
C THR C 319 -14.49 -18.32 -10.10
N PRO C 320 -14.51 -18.47 -8.76
CA PRO C 320 -15.48 -19.41 -8.16
C PRO C 320 -16.93 -19.04 -8.38
N THR C 321 -17.23 -17.77 -8.67
CA THR C 321 -18.60 -17.38 -8.97
C THR C 321 -19.08 -18.04 -10.26
N GLU C 322 -18.22 -18.06 -11.28
CA GLU C 322 -18.57 -18.71 -12.54
C GLU C 322 -18.74 -20.21 -12.35
N VAL C 323 -17.86 -20.82 -11.54
CA VAL C 323 -17.96 -22.25 -11.25
C VAL C 323 -19.27 -22.54 -10.52
N ARG C 324 -19.63 -21.69 -9.57
CA ARG C 324 -20.88 -21.85 -8.84
C ARG C 324 -22.09 -21.72 -9.77
N SER C 325 -22.04 -20.76 -10.69
CA SER C 325 -23.13 -20.59 -11.66
C SER C 325 -23.26 -21.82 -12.55
N ARG C 326 -22.13 -22.34 -13.02
CA ARG C 326 -22.14 -23.54 -13.87
C ARG C 326 -22.67 -24.75 -13.10
N ALA C 327 -22.27 -24.88 -11.84
CA ALA C 327 -22.74 -26.00 -11.02
C ALA C 327 -24.24 -25.91 -10.78
N ARG C 328 -24.74 -24.70 -10.50
CA ARG C 328 -26.18 -24.52 -10.34
C ARG C 328 -26.92 -24.82 -11.64
N ARG C 329 -26.35 -24.41 -12.78
CA ARG C 329 -26.95 -24.69 -14.08
C ARG C 329 -27.05 -26.19 -14.34
N ILE C 330 -25.96 -26.92 -14.05
CA ILE C 330 -25.94 -28.36 -14.31
C ILE C 330 -26.88 -29.08 -13.35
N ALA C 331 -26.89 -28.67 -12.08
CA ALA C 331 -27.77 -29.31 -11.09
C ALA C 331 -29.23 -29.06 -11.41
N ARG C 332 -29.55 -27.85 -11.89
CA ARG C 332 -30.93 -27.55 -12.28
C ARG C 332 -31.33 -28.31 -13.53
N GLU C 333 -30.42 -28.41 -14.50
CA GLU C 333 -30.75 -29.09 -15.76
C GLU C 333 -30.80 -30.60 -15.58
N HIS C 334 -29.83 -31.16 -14.85
CA HIS C 334 -29.63 -32.60 -14.81
C HIS C 334 -30.03 -33.21 -13.47
N GLY C 335 -30.71 -32.46 -12.61
CA GLY C 335 -31.16 -32.98 -11.34
C GLY C 335 -30.04 -33.27 -10.37
N GLY C 336 -29.33 -32.24 -9.94
CA GLY C 336 -28.24 -32.39 -9.01
C GLY C 336 -26.94 -32.77 -9.70
N ILE C 337 -25.88 -32.78 -8.90
CA ILE C 337 -24.54 -33.11 -9.37
C ILE C 337 -23.93 -34.14 -8.42
N GLY C 338 -23.46 -35.25 -8.98
CA GLY C 338 -22.80 -36.27 -8.20
C GLY C 338 -21.43 -35.86 -7.67
N LEU C 339 -20.63 -35.22 -8.52
CA LEU C 339 -19.25 -34.89 -8.16
C LEU C 339 -18.81 -33.64 -8.91
N ILE C 340 -18.02 -32.81 -8.23
CA ILE C 340 -17.47 -31.59 -8.83
C ILE C 340 -15.95 -31.74 -8.79
N MET C 341 -15.35 -31.87 -9.97
CA MET C 341 -13.90 -32.05 -10.06
C MET C 341 -13.24 -30.73 -10.42
N ILE C 342 -12.16 -30.40 -9.71
CA ILE C 342 -11.37 -29.21 -9.96
C ILE C 342 -9.95 -29.67 -10.29
N ASP C 343 -9.32 -29.02 -11.28
CA ASP C 343 -7.95 -29.37 -11.64
C ASP C 343 -6.97 -29.16 -10.49
N TYR C 344 -6.75 -27.92 -10.05
CA TYR C 344 -6.12 -27.63 -8.77
C TYR C 344 -6.38 -26.19 -8.36
N LEU C 345 -6.20 -25.89 -7.07
CA LEU C 345 -6.59 -24.59 -6.56
C LEU C 345 -5.65 -23.47 -7.00
N GLN C 346 -4.40 -23.81 -7.32
CA GLN C 346 -3.42 -22.79 -7.65
C GLN C 346 -3.60 -22.22 -9.06
N LEU C 347 -4.53 -22.74 -9.84
CA LEU C 347 -4.81 -22.22 -11.17
C LEU C 347 -6.07 -21.35 -11.22
N MET C 348 -6.83 -21.30 -10.13
CA MET C 348 -8.03 -20.46 -10.09
C MET C 348 -7.65 -19.00 -9.93
N ARG C 349 -8.36 -18.12 -10.64
CA ARG C 349 -8.05 -16.71 -10.67
C ARG C 349 -9.22 -15.89 -10.14
N VAL C 350 -8.94 -15.01 -9.20
CA VAL C 350 -9.91 -14.04 -8.70
C VAL C 350 -9.37 -12.64 -8.96
N PRO C 351 -10.04 -11.82 -9.78
CA PRO C 351 -9.55 -10.45 -10.03
C PRO C 351 -9.53 -9.57 -8.78
N ALA C 352 -10.45 -9.81 -7.83
CA ALA C 352 -10.53 -8.94 -6.66
C ALA C 352 -9.34 -9.12 -5.74
N LEU C 353 -8.97 -10.36 -5.43
CA LEU C 353 -7.86 -10.66 -4.53
C LEU C 353 -6.63 -11.15 -5.28
N SER C 354 -6.41 -10.65 -6.50
CA SER C 354 -5.26 -11.07 -7.28
C SER C 354 -3.96 -10.48 -6.73
N ASP C 355 -4.06 -9.46 -5.87
CA ASP C 355 -2.87 -8.82 -5.31
C ASP C 355 -2.11 -9.76 -4.38
N ASN C 356 -2.83 -10.49 -3.53
CA ASN C 356 -2.23 -11.40 -2.57
C ASN C 356 -2.69 -12.81 -2.88
N ARG C 357 -1.73 -13.73 -3.00
CA ARG C 357 -2.07 -15.10 -3.37
C ARG C 357 -2.75 -15.84 -2.22
N THR C 358 -2.32 -15.58 -0.99
CA THR C 358 -2.89 -16.29 0.16
C THR C 358 -4.33 -15.88 0.40
N LEU C 359 -4.64 -14.58 0.26
CA LEU C 359 -6.01 -14.11 0.39
C LEU C 359 -6.89 -14.69 -0.70
N GLU C 360 -6.36 -14.77 -1.93
CA GLU C 360 -7.10 -15.36 -3.04
C GLU C 360 -7.38 -16.83 -2.78
N ILE C 361 -6.40 -17.56 -2.26
CA ILE C 361 -6.56 -18.98 -1.94
C ILE C 361 -7.62 -19.17 -0.86
N ALA C 362 -7.56 -18.33 0.18
CA ALA C 362 -8.54 -18.41 1.26
C ALA C 362 -9.95 -18.13 0.77
N GLU C 363 -10.10 -17.11 -0.08
CA GLU C 363 -11.41 -16.76 -0.62
C GLU C 363 -11.96 -17.86 -1.52
N ILE C 364 -11.09 -18.44 -2.36
CA ILE C 364 -11.50 -19.52 -3.25
C ILE C 364 -11.95 -20.73 -2.43
N SER C 365 -11.18 -21.07 -1.39
CA SER C 365 -11.53 -22.21 -0.54
C SER C 365 -12.84 -21.97 0.19
N ARG C 366 -13.04 -20.75 0.68
CA ARG C 366 -14.28 -20.42 1.37
C ARG C 366 -15.48 -20.50 0.44
N SER C 367 -15.34 -19.98 -0.78
CA SER C 367 -16.42 -20.02 -1.75
C SER C 367 -16.74 -21.44 -2.17
N LEU C 368 -15.71 -22.27 -2.36
CA LEU C 368 -15.95 -23.66 -2.75
C LEU C 368 -16.58 -24.46 -1.62
N LYS C 369 -16.19 -24.19 -0.37
CA LYS C 369 -16.82 -24.87 0.76
C LYS C 369 -18.28 -24.44 0.91
N ALA C 370 -18.56 -23.15 0.68
CA ALA C 370 -19.94 -22.68 0.72
C ALA C 370 -20.77 -23.32 -0.38
N LEU C 371 -20.17 -23.48 -1.57
CA LEU C 371 -20.87 -24.15 -2.67
C LEU C 371 -21.13 -25.62 -2.35
N ALA C 372 -20.14 -26.30 -1.75
CA ALA C 372 -20.31 -27.70 -1.40
C ALA C 372 -21.38 -27.90 -0.34
N LYS C 373 -21.43 -26.99 0.63
CA LYS C 373 -22.50 -27.04 1.63
C LYS C 373 -23.85 -26.69 1.00
N GLU C 374 -23.83 -25.82 -0.01
CA GLU C 374 -25.07 -25.38 -0.63
C GLU C 374 -25.76 -26.52 -1.39
N LEU C 375 -25.03 -27.21 -2.25
CA LEU C 375 -25.60 -28.21 -3.13
C LEU C 375 -25.47 -29.63 -2.59
N ASN C 376 -24.79 -29.80 -1.46
CA ASN C 376 -24.58 -31.10 -0.81
C ASN C 376 -23.95 -32.11 -1.75
N VAL C 377 -22.76 -31.76 -2.23
CA VAL C 377 -22.03 -32.57 -3.20
C VAL C 377 -20.56 -32.61 -2.79
N PRO C 378 -19.92 -33.78 -2.80
CA PRO C 378 -18.47 -33.82 -2.53
C PRO C 378 -17.68 -33.20 -3.66
N VAL C 379 -16.81 -32.24 -3.33
CA VAL C 379 -16.01 -31.54 -4.33
C VAL C 379 -14.57 -32.03 -4.21
N VAL C 380 -14.05 -32.59 -5.30
CA VAL C 380 -12.67 -33.04 -5.33
C VAL C 380 -11.81 -31.97 -5.99
N ALA C 381 -11.10 -31.20 -5.17
CA ALA C 381 -10.23 -30.14 -5.65
C ALA C 381 -8.79 -30.49 -5.27
N LEU C 382 -7.92 -30.60 -6.26
CA LEU C 382 -6.53 -30.90 -5.98
C LEU C 382 -5.77 -29.61 -5.64
N SER C 383 -4.49 -29.77 -5.33
CA SER C 383 -3.63 -28.64 -5.02
C SER C 383 -2.18 -29.05 -5.22
N GLN C 384 -1.26 -28.11 -5.02
CA GLN C 384 0.16 -28.36 -5.11
C GLN C 384 0.79 -28.30 -3.71
N LEU C 385 2.10 -28.50 -3.67
CA LEU C 385 2.84 -28.54 -2.42
C LEU C 385 3.95 -27.50 -2.44
N ASN C 386 4.82 -27.55 -1.44
CA ASN C 386 5.93 -26.64 -1.30
C ASN C 386 7.26 -27.40 -1.39
N ARG C 387 8.34 -26.64 -1.52
CA ARG C 387 9.67 -27.22 -1.69
C ARG C 387 10.24 -27.80 -0.40
N SER C 388 9.65 -27.45 0.74
CA SER C 388 10.19 -27.87 2.04
C SER C 388 10.17 -29.39 2.19
N LEU C 389 9.25 -30.05 1.48
CA LEU C 389 9.20 -31.51 1.44
C LEU C 389 10.52 -32.10 0.93
N GLU C 390 11.08 -31.48 -0.11
CA GLU C 390 12.39 -31.91 -0.57
C GLU C 390 13.48 -31.51 0.41
N GLN C 391 13.25 -30.43 1.16
CA GLN C 391 14.24 -29.99 2.14
C GLN C 391 14.33 -30.96 3.31
N ARG C 392 13.20 -31.53 3.73
CA ARG C 392 13.21 -32.50 4.82
C ARG C 392 13.84 -33.81 4.35
N ALA C 393 14.47 -34.52 5.28
CA ALA C 393 15.04 -35.83 4.98
C ALA C 393 13.96 -36.84 4.63
N ASP C 394 12.89 -36.87 5.42
CA ASP C 394 11.71 -37.66 5.09
C ASP C 394 10.81 -36.82 4.19
N LYS C 395 10.45 -37.36 3.03
CA LYS C 395 9.65 -36.65 2.05
C LYS C 395 8.16 -37.00 2.13
N ARG C 396 7.70 -37.38 3.32
CA ARG C 396 6.27 -37.61 3.55
C ARG C 396 5.57 -36.28 3.73
N PRO C 397 4.52 -36.00 2.96
CA PRO C 397 3.88 -34.68 3.01
C PRO C 397 3.18 -34.42 4.33
N VAL C 398 3.28 -33.19 4.81
CA VAL C 398 2.62 -32.75 6.04
C VAL C 398 1.64 -31.64 5.70
N ASN C 399 0.94 -31.15 6.72
CA ASN C 399 -0.02 -30.07 6.51
C ASN C 399 0.65 -28.78 6.05
N SER C 400 1.81 -28.45 6.62
CA SER C 400 2.51 -27.24 6.23
C SER C 400 3.19 -27.37 4.87
N ASP C 401 3.36 -28.60 4.37
CA ASP C 401 3.96 -28.79 3.06
C ASP C 401 3.04 -28.34 1.93
N LEU C 402 1.74 -28.23 2.22
CA LEU C 402 0.75 -27.80 1.25
C LEU C 402 1.02 -26.37 0.79
N ARG C 403 0.88 -26.13 -0.51
CA ARG C 403 1.16 -24.82 -1.07
C ARG C 403 0.08 -23.83 -0.68
N GLU C 404 0.50 -22.74 -0.01
CA GLU C 404 -0.38 -21.73 0.56
C GLU C 404 -1.43 -22.37 1.47
N SER C 405 -0.94 -23.09 2.47
CA SER C 405 -1.78 -23.86 3.37
C SER C 405 -2.44 -22.99 4.41
N GLY C 406 -3.03 -23.62 5.43
CA GLY C 406 -3.75 -22.88 6.45
C GLY C 406 -5.23 -22.88 6.20
N SER C 407 -5.71 -21.89 5.44
CA SER C 407 -7.13 -21.80 5.09
C SER C 407 -7.59 -23.05 4.34
N ILE C 408 -6.69 -23.65 3.56
CA ILE C 408 -6.99 -24.93 2.92
C ILE C 408 -7.22 -26.00 3.98
N GLU C 409 -6.33 -26.04 4.98
CA GLU C 409 -6.46 -27.01 6.06
C GLU C 409 -7.73 -26.78 6.86
N GLN C 410 -8.05 -25.51 7.11
CA GLN C 410 -9.20 -25.18 7.95
C GLN C 410 -10.52 -25.46 7.25
N ASP C 411 -10.64 -25.08 5.97
CA ASP C 411 -11.93 -25.22 5.28
C ASP C 411 -12.19 -26.66 4.87
N ALA C 412 -11.16 -27.42 4.55
CA ALA C 412 -11.36 -28.77 4.06
C ALA C 412 -11.56 -29.76 5.20
N ASP C 413 -12.25 -30.86 4.90
CA ASP C 413 -12.50 -31.91 5.87
C ASP C 413 -11.79 -33.22 5.56
N LEU C 414 -11.46 -33.49 4.30
CA LEU C 414 -10.84 -34.75 3.89
C LEU C 414 -9.63 -34.43 3.01
N ILE C 415 -8.47 -34.36 3.62
CA ILE C 415 -7.23 -34.01 2.92
C ILE C 415 -6.33 -35.23 2.88
N MET C 416 -5.91 -35.62 1.68
CA MET C 416 -5.02 -36.75 1.49
C MET C 416 -3.73 -36.29 0.83
N PHE C 417 -2.68 -37.10 0.99
CA PHE C 417 -1.36 -36.80 0.44
C PHE C 417 -0.84 -38.03 -0.27
N ILE C 418 -0.46 -37.87 -1.53
CA ILE C 418 0.11 -38.98 -2.30
C ILE C 418 1.60 -39.07 -2.00
N TYR C 419 2.05 -40.26 -1.60
CA TYR C 419 3.46 -40.51 -1.33
C TYR C 419 3.93 -41.68 -2.18
N ARG C 420 5.03 -41.50 -2.89
CA ARG C 420 5.63 -42.52 -3.74
C ARG C 420 7.14 -42.50 -3.52
N ASP C 421 7.63 -43.44 -2.69
CA ASP C 421 9.07 -43.52 -2.44
C ASP C 421 9.83 -44.00 -3.65
N GLU C 422 9.13 -44.62 -4.61
CA GLU C 422 9.75 -45.05 -5.86
C GLU C 422 10.27 -43.85 -6.65
N VAL C 423 9.54 -42.73 -6.61
CA VAL C 423 9.96 -41.54 -7.33
C VAL C 423 11.19 -40.91 -6.68
N TYR C 424 11.18 -40.81 -5.35
CA TYR C 424 12.28 -40.18 -4.65
C TYR C 424 13.53 -41.05 -4.65
N HIS C 425 13.37 -42.35 -4.38
CA HIS C 425 14.49 -43.27 -4.25
C HIS C 425 14.40 -44.31 -5.38
N GLU C 426 15.46 -44.41 -6.16
CA GLU C 426 15.53 -45.44 -7.19
C GLU C 426 15.71 -46.83 -6.60
N ASN C 427 16.28 -46.93 -5.41
CA ASN C 427 16.50 -48.20 -4.73
C ASN C 427 15.36 -48.56 -3.79
N SER C 428 14.28 -47.77 -3.78
CA SER C 428 13.14 -48.06 -2.91
C SER C 428 12.44 -49.33 -3.36
N ASP C 429 11.97 -50.10 -2.39
CA ASP C 429 11.25 -51.34 -2.66
C ASP C 429 9.75 -51.13 -2.81
N LEU C 430 9.29 -49.88 -2.80
CA LEU C 430 7.88 -49.54 -2.92
C LEU C 430 7.51 -49.18 -4.36
N LYS C 431 8.17 -49.79 -5.33
CA LYS C 431 7.91 -49.52 -6.74
C LYS C 431 6.53 -50.04 -7.12
N GLY C 432 5.71 -49.15 -7.68
CA GLY C 432 4.33 -49.48 -8.01
C GLY C 432 3.39 -49.17 -6.87
N ILE C 433 3.93 -49.05 -5.67
CA ILE C 433 3.13 -48.80 -4.47
C ILE C 433 3.03 -47.31 -4.26
N ALA C 434 1.79 -46.80 -4.17
CA ALA C 434 1.51 -45.39 -3.93
C ALA C 434 0.85 -45.28 -2.56
N GLU C 435 1.39 -44.42 -1.71
CA GLU C 435 0.88 -44.23 -0.35
C GLU C 435 0.03 -42.97 -0.31
N ILE C 436 -1.30 -43.16 -0.32
CA ILE C 436 -2.24 -42.05 -0.15
C ILE C 436 -2.34 -41.83 1.35
N ILE C 437 -1.69 -40.79 1.84
CA ILE C 437 -1.66 -40.51 3.26
C ILE C 437 -2.71 -39.45 3.56
N ILE C 438 -3.70 -39.81 4.37
CA ILE C 438 -4.76 -38.87 4.74
C ILE C 438 -4.18 -37.82 5.66
N GLY C 439 -4.02 -36.60 5.14
CA GLY C 439 -3.50 -35.52 5.98
C GLY C 439 -4.49 -35.10 7.06
N LYS C 440 -5.77 -35.05 6.71
CA LYS C 440 -6.79 -34.57 7.63
C LYS C 440 -8.08 -35.33 7.40
N GLN C 441 -8.69 -35.80 8.49
CA GLN C 441 -10.02 -36.39 8.47
C GLN C 441 -10.70 -36.03 9.78
N ARG C 442 -11.66 -35.10 9.71
CA ARG C 442 -12.32 -34.61 10.92
C ARG C 442 -13.12 -35.72 11.60
N ASN C 443 -13.83 -36.52 10.81
CA ASN C 443 -14.65 -37.61 11.33
C ASN C 443 -13.94 -38.92 10.98
N GLY C 444 -13.20 -39.45 11.95
CA GLY C 444 -12.47 -40.68 11.76
C GLY C 444 -10.98 -40.48 11.84
N PRO C 445 -10.25 -41.55 12.15
CA PRO C 445 -8.80 -41.45 12.24
C PRO C 445 -8.14 -41.49 10.87
N ILE C 446 -7.05 -40.73 10.74
CA ILE C 446 -6.31 -40.65 9.49
C ILE C 446 -5.40 -41.88 9.36
N GLY C 447 -4.90 -42.11 8.16
CA GLY C 447 -4.03 -43.26 7.93
C GLY C 447 -3.30 -43.14 6.61
N THR C 448 -2.90 -44.30 6.08
CA THR C 448 -2.18 -44.38 4.81
C THR C 448 -2.69 -45.60 4.05
N VAL C 449 -3.18 -45.36 2.82
CA VAL C 449 -3.72 -46.43 1.99
C VAL C 449 -2.67 -46.74 0.93
N ARG C 450 -2.29 -48.02 0.84
CA ARG C 450 -1.34 -48.45 -0.17
C ARG C 450 -2.10 -48.91 -1.42
N LEU C 451 -1.69 -48.41 -2.58
CA LEU C 451 -2.34 -48.80 -3.84
C LEU C 451 -1.29 -49.20 -4.88
N THR C 452 -1.74 -49.87 -5.94
CA THR C 452 -0.89 -50.34 -7.03
C THR C 452 -1.04 -49.35 -8.19
N PHE C 453 0.06 -48.71 -8.56
CA PHE C 453 0.05 -47.72 -9.63
C PHE C 453 0.66 -48.31 -10.89
N ASN C 454 -0.06 -48.19 -12.01
CA ASN C 454 0.40 -48.63 -13.32
C ASN C 454 0.63 -47.37 -14.15
N GLY C 455 1.91 -47.04 -14.36
CA GLY C 455 2.24 -45.86 -15.14
C GLY C 455 1.87 -46.01 -16.60
N GLN C 456 2.09 -47.21 -17.15
CA GLN C 456 1.74 -47.48 -18.53
C GLN C 456 0.24 -47.39 -18.76
N TRP C 457 -0.54 -48.12 -17.95
CA TRP C 457 -1.99 -48.02 -18.00
C TRP C 457 -2.51 -46.76 -17.34
N SER C 458 -1.70 -46.11 -16.51
CA SER C 458 -2.10 -44.99 -15.65
C SER C 458 -3.31 -45.38 -14.80
N ARG C 459 -3.18 -46.51 -14.13
CA ARG C 459 -4.29 -47.15 -13.41
C ARG C 459 -3.92 -47.30 -11.95
N PHE C 460 -4.77 -46.78 -11.06
CA PHE C 460 -4.62 -47.02 -9.63
C PHE C 460 -5.57 -48.14 -9.21
N ASP C 461 -5.02 -49.17 -8.57
CA ASP C 461 -5.80 -50.33 -8.18
C ASP C 461 -5.55 -50.63 -6.70
N ASN C 462 -6.43 -51.45 -6.14
CA ASN C 462 -6.27 -51.88 -4.75
C ASN C 462 -5.05 -52.80 -4.63
N TYR C 463 -4.18 -52.49 -3.67
CA TYR C 463 -2.97 -53.25 -3.46
C TYR C 463 -3.27 -54.49 -2.63
N ALA C 464 -2.74 -55.63 -3.03
CA ALA C 464 -2.93 -56.87 -2.31
C ALA C 464 -1.87 -57.07 -1.25
N LYS D 25 -34.30 34.10 17.70
CA LYS D 25 -34.76 32.73 17.50
C LYS D 25 -35.46 32.18 18.74
N VAL D 26 -36.05 31.00 18.60
CA VAL D 26 -36.72 30.32 19.70
C VAL D 26 -35.66 29.55 20.49
N PRO D 27 -35.57 29.75 21.80
CA PRO D 27 -34.64 28.95 22.61
C PRO D 27 -35.02 27.48 22.59
N PRO D 28 -34.03 26.58 22.62
CA PRO D 28 -34.33 25.14 22.55
C PRO D 28 -34.92 24.63 23.86
N HIS D 29 -36.18 24.21 23.80
CA HIS D 29 -36.87 23.72 24.98
C HIS D 29 -37.86 22.63 24.57
N SER D 30 -38.28 21.83 25.56
CA SER D 30 -39.26 20.78 25.36
C SER D 30 -40.33 20.95 26.45
N ILE D 31 -41.40 21.67 26.09
CA ILE D 31 -42.48 21.92 27.04
C ILE D 31 -43.21 20.63 27.37
N GLU D 32 -43.34 19.74 26.39
CA GLU D 32 -44.04 18.48 26.57
C GLU D 32 -43.36 17.60 27.60
N ALA D 33 -42.03 17.56 27.59
CA ALA D 33 -41.29 16.80 28.58
C ALA D 33 -41.50 17.37 29.98
N GLU D 34 -41.52 18.69 30.10
CA GLU D 34 -41.78 19.33 31.39
C GLU D 34 -43.18 19.00 31.90
N GLN D 35 -44.16 19.03 31.00
CA GLN D 35 -45.52 18.66 31.38
C GLN D 35 -45.62 17.21 31.82
N SER D 36 -44.90 16.32 31.11
CA SER D 36 -44.87 14.91 31.49
C SER D 36 -44.23 14.73 32.86
N VAL D 37 -43.15 15.46 33.13
CA VAL D 37 -42.48 15.38 34.42
C VAL D 37 -43.41 15.86 35.54
N LEU D 38 -44.10 16.97 35.31
CA LEU D 38 -44.99 17.52 36.32
C LEU D 38 -46.17 16.59 36.59
N GLY D 39 -46.74 16.02 35.53
CA GLY D 39 -47.83 15.07 35.70
C GLY D 39 -47.39 13.80 36.42
N GLY D 40 -46.19 13.31 36.09
CA GLY D 40 -45.67 12.13 36.77
C GLY D 40 -45.38 12.40 38.24
N LEU D 41 -44.90 13.60 38.55
CA LEU D 41 -44.69 13.95 39.96
C LEU D 41 -46.02 14.09 40.70
N MET D 42 -47.04 14.61 40.02
CA MET D 42 -48.38 14.65 40.61
C MET D 42 -48.93 13.26 40.85
N LEU D 43 -48.62 12.32 39.96
CA LEU D 43 -49.10 10.95 40.13
C LEU D 43 -48.17 10.14 41.04
N ASP D 44 -46.90 10.08 40.69
CA ASP D 44 -45.92 9.24 41.39
C ASP D 44 -45.01 10.13 42.23
N ASN D 45 -44.83 9.76 43.49
CA ASN D 45 -43.94 10.49 44.39
C ASN D 45 -42.68 9.71 44.72
N GLU D 46 -42.62 8.42 44.40
CA GLU D 46 -41.43 7.64 44.69
C GLU D 46 -40.27 7.98 43.76
N ARG D 47 -40.57 8.35 42.51
CA ARG D 47 -39.54 8.76 41.56
C ARG D 47 -39.21 10.23 41.65
N TRP D 48 -39.64 10.91 42.72
CA TRP D 48 -39.29 12.31 42.92
C TRP D 48 -37.79 12.49 43.12
N ASP D 49 -37.15 11.50 43.75
CA ASP D 49 -35.73 11.58 44.06
C ASP D 49 -34.89 11.64 42.78
N ASP D 50 -35.28 10.84 41.77
CA ASP D 50 -34.58 10.86 40.49
C ASP D 50 -34.71 12.22 39.81
N VAL D 51 -35.90 12.81 39.89
CA VAL D 51 -36.12 14.12 39.28
C VAL D 51 -35.31 15.19 40.00
N ALA D 52 -35.28 15.12 41.34
CA ALA D 52 -34.53 16.10 42.13
C ALA D 52 -33.04 15.98 41.88
N GLU D 53 -32.54 14.76 41.72
CA GLU D 53 -31.14 14.53 41.39
C GLU D 53 -30.82 15.03 39.98
N ARG D 54 -31.73 14.81 39.03
CA ARG D 54 -31.47 15.13 37.65
C ARG D 54 -31.65 16.62 37.35
N VAL D 55 -32.84 17.16 37.59
CA VAL D 55 -33.15 18.53 37.20
C VAL D 55 -33.52 19.35 38.43
N VAL D 56 -33.52 20.66 38.25
CA VAL D 56 -33.96 21.62 39.25
C VAL D 56 -35.07 22.46 38.64
N ALA D 57 -35.59 23.42 39.41
CA ALA D 57 -36.64 24.30 38.89
C ALA D 57 -36.10 25.22 37.80
N ASP D 58 -34.83 25.60 37.89
CA ASP D 58 -34.23 26.46 36.89
C ASP D 58 -34.10 25.78 35.54
N ASP D 59 -34.07 24.44 35.52
CA ASP D 59 -34.00 23.71 34.27
C ASP D 59 -35.29 23.77 33.48
N PHE D 60 -36.40 24.13 34.14
CA PHE D 60 -37.68 24.31 33.45
C PHE D 60 -37.61 25.60 32.65
N TYR D 61 -38.09 25.55 31.40
CA TYR D 61 -37.98 26.69 30.50
C TYR D 61 -38.88 27.83 30.94
N THR D 62 -40.14 27.52 31.22
CA THR D 62 -41.10 28.57 31.56
C THR D 62 -41.08 28.85 33.06
N ARG D 63 -41.18 30.13 33.40
CA ARG D 63 -41.21 30.55 34.80
C ARG D 63 -42.35 29.92 35.62
N PRO D 64 -43.61 29.76 35.10
CA PRO D 64 -44.60 29.00 35.87
C PRO D 64 -44.18 27.58 36.21
N HIS D 65 -43.47 26.92 35.30
CA HIS D 65 -42.96 25.58 35.59
C HIS D 65 -41.91 25.62 36.69
N ARG D 66 -41.08 26.66 36.71
CA ARG D 66 -40.13 26.85 37.80
C ARG D 66 -40.86 27.01 39.13
N HIS D 67 -41.93 27.80 39.13
CA HIS D 67 -42.73 27.98 40.33
C HIS D 67 -43.36 26.67 40.80
N ILE D 68 -43.86 25.88 39.85
CA ILE D 68 -44.50 24.60 40.17
C ILE D 68 -43.50 23.63 40.78
N PHE D 69 -42.31 23.54 40.18
CA PHE D 69 -41.30 22.62 40.71
C PHE D 69 -40.78 23.10 42.06
N THR D 70 -40.66 24.42 42.25
CA THR D 70 -40.25 24.95 43.54
C THR D 70 -41.27 24.62 44.62
N GLU D 71 -42.56 24.75 44.29
CA GLU D 71 -43.61 24.41 45.23
C GLU D 71 -43.62 22.91 45.53
N MET D 72 -43.37 22.09 44.51
CA MET D 72 -43.30 20.64 44.71
C MET D 72 -42.13 20.28 45.62
N ALA D 73 -40.98 20.92 45.41
CA ALA D 73 -39.82 20.68 46.27
C ALA D 73 -40.10 21.11 47.70
N ARG D 74 -40.77 22.25 47.88
CA ARG D 74 -41.09 22.73 49.21
C ARG D 74 -42.06 21.79 49.92
N LEU D 75 -43.05 21.27 49.19
CA LEU D 75 -44.01 20.35 49.78
C LEU D 75 -43.36 19.01 50.13
N GLN D 76 -42.46 18.53 49.27
CA GLN D 76 -41.82 17.24 49.53
C GLN D 76 -40.80 17.34 50.65
N GLU D 77 -40.10 18.48 50.76
CA GLU D 77 -39.20 18.68 51.89
C GLU D 77 -39.95 18.73 53.20
N SER D 78 -41.16 19.28 53.18
CA SER D 78 -42.02 19.25 54.36
C SER D 78 -42.61 17.87 54.62
N GLY D 79 -42.46 16.93 53.69
CA GLY D 79 -43.01 15.60 53.84
C GLY D 79 -44.39 15.41 53.26
N SER D 80 -45.00 16.47 52.76
CA SER D 80 -46.34 16.39 52.17
C SER D 80 -46.29 15.59 50.87
N PRO D 81 -47.24 14.69 50.63
CA PRO D 81 -47.29 13.97 49.35
C PRO D 81 -47.62 14.92 48.21
N ILE D 82 -47.10 14.60 47.02
CA ILE D 82 -47.27 15.47 45.85
C ILE D 82 -48.52 15.00 45.11
N ASP D 83 -49.62 15.71 45.32
CA ASP D 83 -50.86 15.49 44.58
C ASP D 83 -51.40 16.84 44.12
N LEU D 84 -52.48 16.78 43.33
CA LEU D 84 -53.02 17.99 42.71
C LEU D 84 -53.63 18.93 43.75
N ILE D 85 -54.39 18.38 44.69
CA ILE D 85 -55.16 19.21 45.62
C ILE D 85 -54.24 19.94 46.60
N THR D 86 -53.26 19.21 47.15
CA THR D 86 -52.34 19.82 48.11
C THR D 86 -51.45 20.86 47.43
N LEU D 87 -51.01 20.58 46.20
CA LEU D 87 -50.21 21.54 45.46
C LEU D 87 -51.02 22.79 45.14
N ALA D 88 -52.29 22.61 44.76
CA ALA D 88 -53.16 23.75 44.49
C ALA D 88 -53.38 24.58 45.75
N GLU D 89 -53.57 23.91 46.90
CA GLU D 89 -53.72 24.61 48.16
C GLU D 89 -52.47 25.39 48.52
N SER D 90 -51.30 24.79 48.31
CA SER D 90 -50.04 25.44 48.64
C SER D 90 -49.79 26.64 47.74
N LEU D 91 -50.13 26.53 46.46
CA LEU D 91 -50.00 27.67 45.56
C LEU D 91 -50.99 28.76 45.89
N GLU D 92 -52.20 28.38 46.33
CA GLU D 92 -53.19 29.36 46.73
C GLU D 92 -52.76 30.11 48.00
N ARG D 93 -52.15 29.41 48.95
CA ARG D 93 -51.69 30.04 50.17
C ARG D 93 -50.56 31.03 49.90
N GLN D 94 -49.68 30.72 48.95
CA GLN D 94 -48.63 31.64 48.55
C GLN D 94 -49.08 32.59 47.44
N GLY D 95 -50.29 32.42 46.92
CA GLY D 95 -50.78 33.29 45.86
C GLY D 95 -50.20 33.03 44.49
N GLN D 96 -49.44 31.94 44.32
CA GLN D 96 -48.81 31.63 43.05
C GLN D 96 -49.71 30.80 42.13
N LEU D 97 -50.94 30.50 42.56
CA LEU D 97 -51.85 29.71 41.74
C LEU D 97 -52.21 30.45 40.46
N ASP D 98 -52.39 31.76 40.55
CA ASP D 98 -52.71 32.55 39.36
C ASP D 98 -51.48 32.73 38.47
N SER D 99 -50.29 32.72 39.05
CA SER D 99 -49.08 32.93 38.26
C SER D 99 -48.72 31.70 37.43
N VAL D 100 -49.04 30.49 37.93
CA VAL D 100 -48.67 29.27 37.23
C VAL D 100 -49.66 28.87 36.14
N GLY D 101 -50.85 29.47 36.12
CA GLY D 101 -51.81 29.16 35.08
C GLY D 101 -53.21 28.85 35.59
N GLY D 102 -53.32 28.61 36.89
CA GLY D 102 -54.60 28.30 37.50
C GLY D 102 -54.76 26.81 37.75
N PHE D 103 -55.83 26.49 38.47
CA PHE D 103 -56.10 25.10 38.85
C PHE D 103 -56.47 24.26 37.63
N ALA D 104 -57.13 24.86 36.65
CA ALA D 104 -57.49 24.13 35.44
C ALA D 104 -56.24 23.72 34.66
N TYR D 105 -55.24 24.59 34.62
CA TYR D 105 -53.98 24.26 33.94
C TYR D 105 -53.27 23.10 34.64
N LEU D 106 -53.26 23.12 35.98
CA LEU D 106 -52.64 22.03 36.74
C LEU D 106 -53.39 20.72 36.53
N ALA D 107 -54.73 20.78 36.48
CA ALA D 107 -55.53 19.61 36.22
C ALA D 107 -55.26 19.05 34.83
N GLU D 108 -55.08 19.95 33.84
CA GLU D 108 -54.72 19.54 32.49
C GLU D 108 -53.36 18.86 32.47
N LEU D 109 -52.40 19.41 33.22
CA LEU D 109 -51.06 18.81 33.30
C LEU D 109 -51.12 17.43 33.93
N SER D 110 -51.94 17.27 34.97
CA SER D 110 -52.08 15.95 35.59
C SER D 110 -52.78 14.97 34.65
N LYS D 111 -53.75 15.46 33.88
CA LYS D 111 -54.50 14.60 32.97
C LYS D 111 -53.65 14.11 31.82
N ASN D 112 -52.81 14.99 31.26
CA ASN D 112 -52.13 14.69 30.00
C ASN D 112 -51.08 13.59 30.17
N THR D 113 -50.46 13.50 31.34
CA THR D 113 -49.38 12.54 31.54
C THR D 113 -49.94 11.14 31.74
N PRO D 114 -49.61 10.17 30.87
CA PRO D 114 -50.12 8.81 31.05
C PRO D 114 -49.47 8.09 32.23
N SER D 115 -48.15 8.08 32.27
CA SER D 115 -47.41 7.34 33.27
C SER D 115 -46.08 8.03 33.56
N ALA D 116 -45.45 7.63 34.66
CA ALA D 116 -44.18 8.19 35.11
C ALA D 116 -43.06 7.17 35.00
N ALA D 117 -43.23 6.15 34.15
CA ALA D 117 -42.21 5.12 34.00
C ALA D 117 -40.93 5.69 33.38
N ASN D 118 -41.07 6.59 32.41
CA ASN D 118 -39.94 7.17 31.71
C ASN D 118 -39.61 8.58 32.19
N ILE D 119 -39.95 8.90 33.45
CA ILE D 119 -39.77 10.26 33.93
C ILE D 119 -38.29 10.57 34.12
N SER D 120 -37.46 9.55 34.32
CA SER D 120 -36.02 9.76 34.41
C SER D 120 -35.44 10.21 33.07
N ALA D 121 -35.88 9.58 31.99
CA ALA D 121 -35.46 9.99 30.65
C ALA D 121 -35.96 11.39 30.33
N TYR D 122 -37.20 11.71 30.73
CA TYR D 122 -37.74 13.04 30.52
C TYR D 122 -36.93 14.09 31.28
N ALA D 123 -36.53 13.76 32.51
CA ALA D 123 -35.72 14.68 33.29
C ALA D 123 -34.33 14.86 32.68
N ASP D 124 -33.77 13.77 32.11
CA ASP D 124 -32.51 13.88 31.40
C ASP D 124 -32.64 14.78 30.18
N ILE D 125 -33.78 14.68 29.47
CA ILE D 125 -34.04 15.54 28.32
C ILE D 125 -34.13 17.00 28.74
N VAL D 126 -34.83 17.25 29.85
CA VAL D 126 -34.97 18.62 30.36
C VAL D 126 -33.62 19.17 30.78
N ARG D 127 -32.78 18.34 31.41
CA ARG D 127 -31.44 18.74 31.79
C ARG D 127 -30.60 19.07 30.57
N GLU D 128 -30.73 18.26 29.51
CA GLU D 128 -30.03 18.52 28.25
C GLU D 128 -30.45 19.85 27.66
N ARG D 129 -31.75 20.11 27.64
CA ARG D 129 -32.27 21.37 27.09
C ARG D 129 -31.78 22.56 27.91
N ALA D 130 -31.76 22.42 29.24
CA ALA D 130 -31.28 23.50 30.10
C ALA D 130 -29.81 23.77 29.88
N VAL D 131 -29.02 22.70 29.72
CA VAL D 131 -27.58 22.87 29.48
C VAL D 131 -27.33 23.54 28.14
N VAL D 132 -28.10 23.16 27.11
CA VAL D 132 -27.95 23.78 25.79
C VAL D 132 -28.33 25.25 25.85
N ARG D 133 -29.41 25.59 26.55
CA ARG D 133 -29.81 26.99 26.68
C ARG D 133 -28.78 27.78 27.47
N GLU D 134 -28.20 27.17 28.50
CA GLU D 134 -27.13 27.82 29.26
C GLU D 134 -25.92 28.09 28.38
N MET D 135 -25.57 27.11 27.54
CA MET D 135 -24.46 27.28 26.61
C MET D 135 -24.73 28.42 25.62
N ILE D 136 -25.97 28.48 25.12
CA ILE D 136 -26.33 29.54 24.17
C ILE D 136 -26.27 30.90 24.83
N SER D 137 -26.77 31.01 26.07
CA SER D 137 -26.73 32.27 26.79
C SER D 137 -25.29 32.70 27.08
N VAL D 138 -24.43 31.74 27.46
CA VAL D 138 -23.03 32.04 27.72
C VAL D 138 -22.34 32.49 26.43
N ALA D 139 -22.68 31.86 25.30
CA ALA D 139 -22.13 32.27 24.02
C ALA D 139 -22.58 33.69 23.67
N ASN D 140 -23.82 34.02 23.98
CA ASN D 140 -24.31 35.38 23.77
C ASN D 140 -23.55 36.39 24.63
N GLU D 141 -23.29 36.02 25.89
CA GLU D 141 -22.52 36.89 26.77
C GLU D 141 -21.10 37.10 26.26
N ILE D 142 -20.48 36.02 25.76
CA ILE D 142 -19.11 36.11 25.24
C ILE D 142 -19.07 36.96 23.98
N ALA D 143 -20.09 36.80 23.12
CA ALA D 143 -20.17 37.62 21.91
C ALA D 143 -20.38 39.09 22.25
N GLU D 144 -21.20 39.37 23.26
CA GLU D 144 -21.40 40.74 23.71
C GLU D 144 -20.11 41.34 24.26
N ALA D 145 -19.35 40.53 25.01
CA ALA D 145 -18.07 41.00 25.54
C ALA D 145 -17.07 41.23 24.42
N GLY D 146 -17.13 40.41 23.37
CA GLY D 146 -16.28 40.58 22.22
C GLY D 146 -16.60 41.86 21.45
N PHE D 147 -17.89 42.14 21.25
CA PHE D 147 -18.27 43.35 20.54
C PHE D 147 -17.93 44.61 21.33
N ASP D 148 -18.09 44.58 22.64
CA ASP D 148 -17.76 45.71 23.50
C ASP D 148 -16.63 45.32 24.44
N PRO D 149 -15.38 45.62 24.10
CA PRO D 149 -14.25 45.22 24.97
C PRO D 149 -14.29 45.86 26.35
N GLN D 150 -14.80 47.08 26.46
CA GLN D 150 -14.91 47.83 27.73
C GLN D 150 -13.56 47.99 28.41
N GLY D 151 -12.51 48.13 27.60
CA GLY D 151 -11.16 48.28 28.10
C GLY D 151 -10.46 47.00 28.50
N ARG D 152 -11.14 45.85 28.39
CA ARG D 152 -10.51 44.59 28.75
C ARG D 152 -9.56 44.14 27.64
N THR D 153 -8.44 43.55 28.05
CA THR D 153 -7.50 43.01 27.09
C THR D 153 -8.03 41.69 26.53
N SER D 154 -7.37 41.22 25.47
CA SER D 154 -7.76 39.96 24.84
C SER D 154 -7.52 38.79 25.80
N GLU D 155 -6.48 38.90 26.63
CA GLU D 155 -6.21 37.88 27.63
C GLU D 155 -7.33 37.82 28.65
N ASP D 156 -7.84 38.98 29.05
CA ASP D 156 -8.95 39.04 30.00
C ASP D 156 -10.21 38.39 29.41
N LEU D 157 -10.50 38.68 28.15
CA LEU D 157 -11.66 38.09 27.49
C LEU D 157 -11.50 36.59 27.34
N LEU D 158 -10.27 36.13 27.02
CA LEU D 158 -10.01 34.70 26.91
C LEU D 158 -10.19 34.00 28.25
N ASP D 159 -9.69 34.62 29.33
CA ASP D 159 -9.84 34.03 30.66
C ASP D 159 -11.30 34.00 31.08
N LEU D 160 -12.06 35.05 30.74
CA LEU D 160 -13.48 35.08 31.05
C LEU D 160 -14.23 33.99 30.30
N ALA D 161 -13.91 33.81 29.02
CA ALA D 161 -14.54 32.76 28.23
C ALA D 161 -14.21 31.37 28.76
N GLU D 162 -12.94 31.16 29.13
CA GLU D 162 -12.52 29.90 29.71
C GLU D 162 -13.24 29.64 31.02
N SER D 163 -13.39 30.68 31.85
CA SER D 163 -14.09 30.54 33.13
C SER D 163 -15.55 30.20 32.91
N ARG D 164 -16.20 30.84 31.94
CA ARG D 164 -17.62 30.56 31.66
C ARG D 164 -17.81 29.14 31.16
N VAL D 165 -16.98 28.71 30.20
CA VAL D 165 -17.12 27.37 29.65
C VAL D 165 -16.80 26.31 30.71
N PHE D 166 -15.81 26.59 31.56
CA PHE D 166 -15.48 25.65 32.62
C PHE D 166 -16.56 25.62 33.69
N LYS D 167 -17.24 26.74 33.92
CA LYS D 167 -18.39 26.73 34.83
C LYS D 167 -19.52 25.90 34.27
N ILE D 168 -19.74 25.97 32.95
CA ILE D 168 -20.73 25.10 32.31
C ILE D 168 -20.35 23.64 32.49
N ALA D 169 -19.07 23.32 32.27
CA ALA D 169 -18.59 21.95 32.42
C ALA D 169 -18.71 21.47 33.86
N GLU D 170 -18.41 22.34 34.82
CA GLU D 170 -18.51 22.00 36.23
C GLU D 170 -19.96 21.80 36.66
N SER D 171 -20.88 22.58 36.09
CA SER D 171 -22.30 22.31 36.29
C SER D 171 -22.68 20.96 35.69
N ARG D 172 -22.09 20.60 34.55
CA ARG D 172 -22.26 19.27 34.00
C ARG D 172 -21.42 18.22 34.71
N ALA D 173 -20.46 18.63 35.53
CA ALA D 173 -19.64 17.69 36.28
C ALA D 173 -20.29 17.24 37.57
N ASN D 174 -21.48 17.72 37.89
CA ASN D 174 -22.22 17.32 39.09
C ASN D 174 -23.03 16.05 38.82
N LYS D 175 -22.34 15.01 38.35
CA LYS D 175 -22.98 13.77 37.96
C LYS D 175 -22.06 12.60 38.28
N ASP D 176 -22.36 11.42 37.73
CA ASP D 176 -21.46 10.27 37.85
C ASP D 176 -20.15 10.57 37.15
N GLU D 177 -19.04 10.31 37.82
CA GLU D 177 -17.70 10.58 37.31
C GLU D 177 -16.89 9.30 37.30
N GLY D 178 -15.81 9.31 36.51
CA GLY D 178 -14.96 8.16 36.37
C GLY D 178 -14.19 7.85 37.63
N PRO D 179 -13.22 8.70 37.99
CA PRO D 179 -12.52 8.51 39.27
C PRO D 179 -13.39 8.96 40.44
N LYS D 180 -13.90 8.01 41.22
CA LYS D 180 -14.80 8.35 42.31
C LYS D 180 -14.05 8.47 43.64
N ASN D 181 -13.48 7.36 44.09
CA ASN D 181 -12.85 7.25 45.40
C ASN D 181 -12.25 5.85 45.52
N ILE D 182 -11.31 5.71 46.45
CA ILE D 182 -10.74 4.39 46.74
C ILE D 182 -11.67 3.62 47.67
N ALA D 183 -12.46 4.33 48.48
CA ALA D 183 -13.29 3.68 49.50
C ALA D 183 -14.39 2.84 48.88
N ASP D 184 -14.98 3.31 47.79
CA ASP D 184 -16.03 2.57 47.11
C ASP D 184 -15.50 1.26 46.55
N VAL D 185 -14.30 1.31 45.94
CA VAL D 185 -13.69 0.11 45.40
C VAL D 185 -13.33 -0.86 46.52
N LEU D 186 -12.86 -0.31 47.64
CA LEU D 186 -12.55 -1.15 48.80
C LEU D 186 -13.80 -1.85 49.34
N ASP D 187 -14.91 -1.11 49.42
CA ASP D 187 -16.16 -1.70 49.92
C ASP D 187 -16.67 -2.77 48.97
N ALA D 188 -16.61 -2.51 47.67
CA ALA D 188 -17.05 -3.51 46.69
C ALA D 188 -16.17 -4.76 46.75
N THR D 189 -14.86 -4.57 46.88
CA THR D 189 -13.93 -5.69 46.94
C THR D 189 -14.15 -6.52 48.19
N VAL D 190 -14.34 -5.87 49.35
CA VAL D 190 -14.54 -6.63 50.58
C VAL D 190 -15.90 -7.30 50.59
N ALA D 191 -16.91 -6.69 49.94
CA ALA D 191 -18.20 -7.35 49.79
C ALA D 191 -18.08 -8.60 48.93
N ARG D 192 -17.33 -8.52 47.83
CA ARG D 192 -17.10 -9.69 47.00
C ARG D 192 -16.33 -10.77 47.75
N ILE D 193 -15.34 -10.36 48.56
CA ILE D 193 -14.55 -11.31 49.33
C ILE D 193 -15.42 -12.03 50.36
N GLU D 194 -16.29 -11.26 51.04
CA GLU D 194 -17.21 -11.87 52.00
C GLU D 194 -18.19 -12.81 51.31
N GLN D 195 -18.68 -12.42 50.14
CA GLN D 195 -19.61 -13.27 49.38
C GLN D 195 -18.95 -14.58 48.97
N LEU D 196 -17.69 -14.52 48.53
CA LEU D 196 -16.99 -15.73 48.13
C LEU D 196 -16.60 -16.59 49.34
N PHE D 197 -16.27 -15.95 50.47
CA PHE D 197 -15.82 -16.71 51.63
C PHE D 197 -16.99 -17.39 52.34
N GLN D 198 -18.14 -16.73 52.39
CA GLN D 198 -19.31 -17.31 53.06
C GLN D 198 -19.91 -18.48 52.30
N GLN D 199 -19.61 -18.61 51.00
CA GLN D 199 -20.10 -19.74 50.22
C GLN D 199 -19.01 -20.80 50.15
N PRO D 200 -19.23 -21.99 50.69
CA PRO D 200 -18.20 -23.05 50.59
C PRO D 200 -18.09 -23.60 49.18
N HIS D 201 -17.00 -23.25 48.49
CA HIS D 201 -16.77 -23.69 47.13
C HIS D 201 -15.79 -24.86 47.09
N ASP D 202 -15.76 -25.54 45.94
CA ASP D 202 -14.84 -26.63 45.69
C ASP D 202 -13.60 -26.16 44.93
N GLY D 203 -13.18 -24.92 45.14
CA GLY D 203 -12.12 -24.36 44.32
C GLY D 203 -12.60 -23.82 43.00
N VAL D 204 -13.91 -23.71 42.80
CA VAL D 204 -14.51 -23.18 41.58
C VAL D 204 -15.32 -21.95 41.96
N THR D 205 -15.00 -20.82 41.33
CA THR D 205 -15.73 -19.58 41.55
C THR D 205 -16.56 -19.16 40.34
N GLY D 206 -16.21 -19.66 39.15
CA GLY D 206 -16.97 -19.41 37.95
C GLY D 206 -17.77 -20.62 37.53
N VAL D 207 -17.98 -20.73 36.22
CA VAL D 207 -18.66 -21.89 35.65
C VAL D 207 -17.72 -23.08 35.74
N ASN D 208 -18.21 -24.19 36.30
CA ASN D 208 -17.37 -25.36 36.53
C ASN D 208 -16.97 -25.99 35.21
N THR D 209 -15.65 -26.24 35.07
CA THR D 209 -15.13 -26.81 33.83
C THR D 209 -15.49 -28.28 33.71
N GLY D 210 -15.68 -28.96 34.84
CA GLY D 210 -15.87 -30.40 34.85
C GLY D 210 -14.58 -31.19 34.93
N TYR D 211 -13.43 -30.53 34.82
CA TYR D 211 -12.12 -31.16 34.96
C TYR D 211 -11.48 -30.64 36.23
N ASP D 212 -11.03 -31.56 37.09
CA ASP D 212 -10.53 -31.18 38.41
C ASP D 212 -9.28 -30.33 38.32
N ASP D 213 -8.33 -30.74 37.46
CA ASP D 213 -7.08 -29.99 37.33
C ASP D 213 -7.31 -28.61 36.74
N LEU D 214 -8.23 -28.50 35.77
CA LEU D 214 -8.58 -27.20 35.22
C LEU D 214 -9.29 -26.34 36.26
N ASN D 215 -10.08 -26.96 37.13
CA ASN D 215 -10.74 -26.27 38.23
C ASN D 215 -9.79 -25.87 39.34
N LYS D 216 -8.53 -26.32 39.31
CA LYS D 216 -7.53 -25.89 40.26
C LYS D 216 -6.83 -24.60 39.81
N LYS D 217 -6.39 -24.55 38.56
CA LYS D 217 -5.68 -23.39 38.05
C LYS D 217 -6.66 -22.28 37.67
N THR D 218 -7.60 -22.59 36.79
CA THR D 218 -8.55 -21.58 36.32
C THR D 218 -9.64 -21.29 37.33
N ALA D 219 -9.86 -22.19 38.29
CA ALA D 219 -10.92 -22.09 39.30
C ALA D 219 -12.29 -21.94 38.64
N GLY D 220 -12.49 -22.68 37.55
CA GLY D 220 -13.71 -22.60 36.79
C GLY D 220 -13.70 -21.47 35.78
N LEU D 221 -14.72 -21.47 34.92
CA LEU D 221 -14.85 -20.48 33.86
C LEU D 221 -15.41 -19.20 34.46
N GLN D 222 -14.54 -18.22 34.69
CA GLN D 222 -14.97 -16.99 35.34
C GLN D 222 -15.77 -16.13 34.36
N PRO D 223 -16.79 -15.42 34.82
CA PRO D 223 -17.53 -14.53 33.93
C PRO D 223 -16.71 -13.31 33.54
N SER D 224 -17.11 -12.69 32.42
CA SER D 224 -16.40 -11.55 31.83
C SER D 224 -14.95 -11.89 31.52
N ASP D 225 -14.73 -13.10 31.00
CA ASP D 225 -13.41 -13.56 30.60
C ASP D 225 -13.45 -14.05 29.16
N LEU D 226 -12.40 -13.71 28.41
CA LEU D 226 -12.25 -14.15 27.03
C LEU D 226 -11.30 -15.36 27.02
N ILE D 227 -11.87 -16.54 26.79
CA ILE D 227 -11.12 -17.79 26.88
C ILE D 227 -10.80 -18.20 25.45
N ILE D 228 -9.52 -18.27 25.13
CA ILE D 228 -9.05 -18.62 23.78
C ILE D 228 -8.32 -19.95 23.89
N VAL D 229 -8.97 -21.01 23.42
CA VAL D 229 -8.34 -22.32 23.28
C VAL D 229 -8.03 -22.48 21.80
N ALA D 230 -6.76 -22.36 21.44
CA ALA D 230 -6.33 -22.39 20.05
C ALA D 230 -5.47 -23.62 19.80
N ALA D 231 -5.59 -24.19 18.60
CA ALA D 231 -4.88 -25.40 18.25
C ALA D 231 -4.70 -25.46 16.73
N ARG D 232 -4.10 -26.56 16.30
CA ARG D 232 -3.92 -26.86 14.88
C ARG D 232 -5.22 -27.35 14.28
N PRO D 233 -5.28 -27.52 12.96
CA PRO D 233 -6.44 -28.19 12.35
C PRO D 233 -6.61 -29.61 12.90
N SER D 234 -7.88 -30.04 12.95
CA SER D 234 -8.33 -31.22 13.66
C SER D 234 -8.00 -31.08 15.15
N MET D 235 -7.15 -31.99 15.66
CA MET D 235 -6.62 -31.96 17.02
C MET D 235 -7.68 -32.00 18.11
N GLY D 236 -8.93 -32.30 17.75
CA GLY D 236 -10.01 -32.32 18.72
C GLY D 236 -10.29 -30.97 19.36
N LYS D 237 -10.10 -29.88 18.61
CA LYS D 237 -10.26 -28.55 19.17
C LYS D 237 -11.73 -28.23 19.41
N THR D 238 -12.53 -28.27 18.34
CA THR D 238 -13.98 -28.14 18.47
C THR D 238 -14.54 -29.25 19.34
N THR D 239 -13.95 -30.44 19.29
CA THR D 239 -14.36 -31.54 20.14
C THR D 239 -14.17 -31.21 21.62
N PHE D 240 -13.01 -30.65 21.97
CA PHE D 240 -12.76 -30.30 23.37
C PHE D 240 -13.64 -29.14 23.82
N ALA D 241 -13.88 -28.19 22.92
CA ALA D 241 -14.80 -27.09 23.23
C ALA D 241 -16.21 -27.62 23.49
N MET D 242 -16.65 -28.60 22.69
CA MET D 242 -17.96 -29.19 22.90
C MET D 242 -18.00 -29.99 24.20
N ASN D 243 -16.88 -30.63 24.56
CA ASN D 243 -16.81 -31.34 25.83
C ASN D 243 -16.96 -30.36 27.00
N LEU D 244 -16.31 -29.21 26.90
CA LEU D 244 -16.45 -28.17 27.92
C LEU D 244 -17.88 -27.66 27.98
N VAL D 245 -18.52 -27.49 26.82
CA VAL D 245 -19.89 -27.03 26.76
C VAL D 245 -20.83 -28.03 27.43
N GLU D 246 -20.63 -29.32 27.15
CA GLU D 246 -21.46 -30.36 27.74
C GLU D 246 -21.27 -30.43 29.25
N ASN D 247 -20.02 -30.29 29.71
CA ASN D 247 -19.76 -30.31 31.14
C ASN D 247 -20.42 -29.11 31.83
N ALA D 248 -20.34 -27.93 31.21
CA ALA D 248 -20.98 -26.75 31.78
C ALA D 248 -22.50 -26.91 31.80
N ALA D 249 -23.07 -27.45 30.73
CA ALA D 249 -24.51 -27.67 30.66
C ALA D 249 -24.99 -28.68 31.69
N MET D 250 -24.20 -29.73 31.94
CA MET D 250 -24.55 -30.68 32.99
C MET D 250 -24.33 -30.12 34.38
N LEU D 251 -23.44 -29.14 34.54
CA LEU D 251 -23.12 -28.60 35.85
C LEU D 251 -23.79 -27.27 36.15
N GLN D 252 -24.71 -26.80 35.29
CA GLN D 252 -25.43 -25.56 35.56
C GLN D 252 -26.78 -25.59 34.83
N ASP D 253 -27.67 -24.68 35.23
CA ASP D 253 -28.96 -24.53 34.59
C ASP D 253 -29.09 -23.25 33.78
N LYS D 254 -28.13 -22.34 33.86
CA LYS D 254 -28.17 -21.12 33.07
C LYS D 254 -27.95 -21.45 31.59
N PRO D 255 -28.76 -20.91 30.69
CA PRO D 255 -28.67 -21.30 29.27
C PRO D 255 -27.36 -20.87 28.62
N VAL D 256 -26.89 -21.69 27.67
CA VAL D 256 -25.66 -21.41 26.95
C VAL D 256 -25.97 -21.19 25.47
N LEU D 257 -25.08 -20.47 24.80
CA LEU D 257 -25.29 -20.02 23.42
C LEU D 257 -24.07 -20.38 22.58
N ILE D 258 -24.27 -21.21 21.57
CA ILE D 258 -23.19 -21.67 20.71
C ILE D 258 -23.36 -21.04 19.33
N PHE D 259 -22.28 -20.51 18.77
CA PHE D 259 -22.25 -20.06 17.39
C PHE D 259 -21.34 -20.97 16.58
N SER D 260 -21.93 -22.05 16.05
CA SER D 260 -21.18 -23.05 15.30
C SER D 260 -20.91 -22.53 13.88
N LEU D 261 -19.91 -21.65 13.80
CA LEU D 261 -19.55 -21.03 12.53
C LEU D 261 -18.97 -22.04 11.56
N GLU D 262 -18.05 -22.89 12.05
CA GLU D 262 -17.34 -23.80 11.15
C GLU D 262 -18.16 -25.05 10.88
N MET D 263 -18.47 -25.81 11.92
CA MET D 263 -19.04 -27.15 11.73
C MET D 263 -20.55 -27.07 11.64
N PRO D 264 -21.19 -27.93 10.85
CA PRO D 264 -22.65 -28.03 10.88
C PRO D 264 -23.12 -28.56 12.22
N SER D 265 -24.34 -28.16 12.60
CA SER D 265 -24.89 -28.52 13.90
C SER D 265 -25.17 -30.01 13.99
N GLU D 266 -25.41 -30.67 12.86
CA GLU D 266 -25.64 -32.11 12.85
C GLU D 266 -24.40 -32.87 13.30
N GLN D 267 -23.25 -32.52 12.73
CA GLN D 267 -21.99 -33.14 13.13
C GLN D 267 -21.65 -32.80 14.57
N ILE D 268 -22.00 -31.59 15.00
CA ILE D 268 -21.78 -31.17 16.39
C ILE D 268 -22.57 -32.06 17.33
N MET D 269 -23.84 -32.30 17.00
CA MET D 269 -24.68 -33.15 17.85
C MET D 269 -24.21 -34.60 17.82
N MET D 270 -23.72 -35.06 16.66
CA MET D 270 -23.17 -36.41 16.57
C MET D 270 -21.95 -36.57 17.46
N ARG D 271 -21.05 -35.57 17.44
CA ARG D 271 -19.87 -35.61 18.30
C ARG D 271 -20.26 -35.55 19.77
N SER D 272 -21.28 -34.73 20.09
CA SER D 272 -21.76 -34.62 21.47
C SER D 272 -22.32 -35.94 21.97
N LEU D 273 -23.11 -36.62 21.12
CA LEU D 273 -23.68 -37.91 21.52
C LEU D 273 -22.61 -38.98 21.62
N ALA D 274 -21.60 -38.93 20.75
CA ALA D 274 -20.50 -39.87 20.83
C ALA D 274 -19.69 -39.69 22.11
N SER D 275 -19.46 -38.43 22.49
CA SER D 275 -18.67 -38.16 23.69
C SER D 275 -19.45 -38.47 24.96
N LEU D 276 -20.72 -38.05 25.03
CA LEU D 276 -21.49 -38.20 26.26
C LEU D 276 -21.84 -39.67 26.53
N SER D 277 -22.25 -40.39 25.49
CA SER D 277 -22.64 -41.79 25.66
C SER D 277 -21.46 -42.74 25.52
N ARG D 278 -20.27 -42.23 25.23
CA ARG D 278 -19.04 -43.01 25.09
C ARG D 278 -19.19 -44.11 24.05
N VAL D 279 -19.70 -43.71 22.88
CA VAL D 279 -19.87 -44.59 21.74
C VAL D 279 -19.00 -44.05 20.61
N ASP D 280 -18.52 -44.94 19.74
CA ASP D 280 -17.70 -44.54 18.60
C ASP D 280 -18.47 -43.62 17.67
N GLN D 281 -17.85 -42.50 17.29
CA GLN D 281 -18.50 -41.55 16.41
C GLN D 281 -18.69 -42.11 15.00
N THR D 282 -17.79 -43.00 14.58
CA THR D 282 -17.87 -43.56 13.23
C THR D 282 -19.13 -44.40 13.05
N LYS D 283 -19.48 -45.19 14.06
CA LYS D 283 -20.68 -46.03 13.98
C LYS D 283 -21.94 -45.17 13.96
N ILE D 284 -21.94 -44.08 14.72
CA ILE D 284 -23.06 -43.15 14.70
C ILE D 284 -23.16 -42.48 13.33
N ARG D 285 -22.02 -42.14 12.75
CA ARG D 285 -21.99 -41.52 11.42
C ARG D 285 -22.54 -42.48 10.36
N THR D 286 -22.18 -43.75 10.45
CA THR D 286 -22.73 -44.75 9.54
C THR D 286 -24.17 -45.11 9.85
N GLY D 287 -24.64 -44.82 11.07
CA GLY D 287 -25.98 -45.18 11.47
C GLY D 287 -26.16 -46.61 11.91
N GLN D 288 -25.10 -47.42 11.88
CA GLN D 288 -25.17 -48.83 12.28
C GLN D 288 -24.93 -48.91 13.79
N LEU D 289 -26.01 -48.72 14.54
CA LEU D 289 -25.96 -48.66 16.00
C LEU D 289 -26.88 -49.72 16.61
N ASP D 290 -26.40 -50.32 17.70
CA ASP D 290 -27.19 -51.29 18.42
C ASP D 290 -28.24 -50.60 19.29
N ASP D 291 -29.16 -51.39 19.84
CA ASP D 291 -30.24 -50.87 20.66
C ASP D 291 -29.80 -50.44 22.04
N GLU D 292 -28.70 -50.99 22.57
CA GLU D 292 -28.21 -50.55 23.86
C GLU D 292 -27.65 -49.13 23.79
N ASP D 293 -26.80 -48.87 22.79
CA ASP D 293 -26.32 -47.51 22.58
C ASP D 293 -27.45 -46.59 22.15
N TRP D 294 -28.46 -47.14 21.46
CA TRP D 294 -29.65 -46.36 21.12
C TRP D 294 -30.39 -45.92 22.38
N ALA D 295 -30.52 -46.81 23.36
CA ALA D 295 -31.15 -46.46 24.63
C ALA D 295 -30.31 -45.45 25.41
N ARG D 296 -28.98 -45.59 25.36
CA ARG D 296 -28.11 -44.63 26.01
C ARG D 296 -28.27 -43.24 25.39
N ILE D 297 -28.33 -43.18 24.06
CA ILE D 297 -28.53 -41.91 23.37
C ILE D 297 -29.90 -41.34 23.67
N SER D 298 -30.92 -42.21 23.79
CA SER D 298 -32.26 -41.76 24.13
C SER D 298 -32.29 -41.17 25.54
N GLY D 299 -31.59 -41.80 26.49
CA GLY D 299 -31.51 -41.25 27.83
C GLY D 299 -30.77 -39.93 27.86
N THR D 300 -29.70 -39.81 27.07
CA THR D 300 -28.98 -38.55 26.97
C THR D 300 -29.87 -37.46 26.39
N MET D 301 -30.66 -37.80 25.38
CA MET D 301 -31.60 -36.83 24.80
C MET D 301 -32.68 -36.45 25.79
N GLY D 302 -33.12 -37.40 26.61
CA GLY D 302 -34.07 -37.07 27.67
C GLY D 302 -33.48 -36.11 28.69
N ILE D 303 -32.22 -36.30 29.04
CA ILE D 303 -31.53 -35.38 29.95
C ILE D 303 -31.42 -34.00 29.31
N LEU D 304 -31.11 -33.95 28.02
CA LEU D 304 -30.99 -32.67 27.31
C LEU D 304 -32.33 -31.95 27.23
N LEU D 305 -33.41 -32.70 26.98
CA LEU D 305 -34.74 -32.10 26.96
C LEU D 305 -35.19 -31.69 28.35
N GLU D 306 -34.69 -32.35 29.38
CA GLU D 306 -34.86 -31.86 30.75
C GLU D 306 -34.16 -30.51 30.91
N LYS D 307 -32.94 -30.39 30.38
CA LYS D 307 -32.21 -29.12 30.49
C LYS D 307 -32.80 -28.08 29.54
N ARG D 308 -32.71 -28.33 28.23
CA ARG D 308 -33.18 -27.43 27.17
C ARG D 308 -32.59 -26.02 27.34
N ASN D 309 -31.29 -25.97 27.62
CA ASN D 309 -30.61 -24.71 27.86
C ASN D 309 -29.63 -24.33 26.75
N ILE D 310 -29.29 -25.25 25.86
CA ILE D 310 -28.33 -24.98 24.81
C ILE D 310 -29.07 -24.41 23.60
N TYR D 311 -28.56 -23.30 23.07
CA TYR D 311 -29.14 -22.67 21.88
C TYR D 311 -28.01 -22.51 20.86
N ILE D 312 -28.15 -23.15 19.71
CA ILE D 312 -27.08 -23.24 18.73
C ILE D 312 -27.51 -22.51 17.46
N ASP D 313 -26.62 -21.67 16.94
CA ASP D 313 -26.80 -21.00 15.65
C ASP D 313 -25.61 -21.37 14.77
N ASP D 314 -25.89 -21.96 13.60
CA ASP D 314 -24.86 -22.42 12.69
C ASP D 314 -24.59 -21.46 11.55
N SER D 315 -25.11 -20.23 11.62
CA SER D 315 -24.92 -19.26 10.55
C SER D 315 -23.47 -18.80 10.49
N SER D 316 -22.96 -18.61 9.28
CA SER D 316 -21.58 -18.22 9.06
C SER D 316 -21.49 -16.79 8.54
N GLY D 317 -20.29 -16.22 8.65
CA GLY D 317 -20.02 -14.87 8.19
C GLY D 317 -20.80 -13.81 8.93
N LEU D 318 -20.88 -13.94 10.26
CA LEU D 318 -21.69 -13.04 11.07
C LEU D 318 -20.86 -11.90 11.63
N THR D 319 -21.46 -10.72 11.67
CA THR D 319 -20.82 -9.58 12.31
C THR D 319 -20.99 -9.65 13.83
N PRO D 320 -20.06 -9.08 14.59
CA PRO D 320 -20.21 -9.07 16.06
C PRO D 320 -21.45 -8.33 16.55
N THR D 321 -21.96 -7.36 15.77
CA THR D 321 -23.18 -6.67 16.15
C THR D 321 -24.38 -7.60 16.17
N GLU D 322 -24.49 -8.46 15.16
CA GLU D 322 -25.57 -9.45 15.12
C GLU D 322 -25.46 -10.43 16.28
N VAL D 323 -24.22 -10.85 16.58
CA VAL D 323 -23.99 -11.77 17.69
C VAL D 323 -24.39 -11.12 19.02
N ARG D 324 -24.04 -9.84 19.19
CA ARG D 324 -24.40 -9.12 20.40
C ARG D 324 -25.91 -8.96 20.51
N SER D 325 -26.58 -8.68 19.40
CA SER D 325 -28.05 -8.55 19.40
C SER D 325 -28.71 -9.87 19.79
N ARG D 326 -28.24 -10.98 19.21
CA ARG D 326 -28.78 -12.29 19.54
C ARG D 326 -28.52 -12.65 20.99
N ALA D 327 -27.34 -12.31 21.50
CA ALA D 327 -27.00 -12.59 22.89
C ALA D 327 -27.89 -11.81 23.84
N ARG D 328 -28.11 -10.53 23.54
CA ARG D 328 -29.00 -9.71 24.37
C ARG D 328 -30.43 -10.25 24.31
N ARG D 329 -30.86 -10.69 23.13
CA ARG D 329 -32.20 -11.27 22.98
C ARG D 329 -32.36 -12.53 23.82
N ILE D 330 -31.34 -13.41 23.79
CA ILE D 330 -31.43 -14.67 24.54
C ILE D 330 -31.37 -14.40 26.04
N ALA D 331 -30.50 -13.46 26.45
CA ALA D 331 -30.39 -13.12 27.86
C ALA D 331 -31.67 -12.50 28.40
N ARG D 332 -32.32 -11.67 27.59
CA ARG D 332 -33.62 -11.11 27.98
C ARG D 332 -34.69 -12.19 28.04
N GLU D 333 -34.68 -13.11 27.07
CA GLU D 333 -35.72 -14.13 27.01
C GLU D 333 -35.55 -15.18 28.11
N HIS D 334 -34.31 -15.64 28.32
CA HIS D 334 -34.05 -16.80 29.16
C HIS D 334 -33.30 -16.45 30.44
N GLY D 335 -33.27 -15.17 30.82
CA GLY D 335 -32.64 -14.76 32.06
C GLY D 335 -31.14 -14.95 32.08
N GLY D 336 -30.43 -14.22 31.21
CA GLY D 336 -28.99 -14.30 31.15
C GLY D 336 -28.51 -15.48 30.34
N ILE D 337 -27.20 -15.51 30.12
CA ILE D 337 -26.53 -16.57 29.37
C ILE D 337 -25.39 -17.12 30.21
N GLY D 338 -25.37 -18.45 30.37
CA GLY D 338 -24.33 -19.10 31.13
C GLY D 338 -22.96 -19.07 30.47
N LEU D 339 -22.91 -19.35 29.18
CA LEU D 339 -21.64 -19.47 28.45
C LEU D 339 -21.86 -19.11 27.00
N ILE D 340 -20.86 -18.48 26.38
CA ILE D 340 -20.94 -18.16 24.96
C ILE D 340 -19.80 -18.86 24.22
N MET D 341 -20.15 -19.82 23.38
CA MET D 341 -19.15 -20.54 22.59
C MET D 341 -19.07 -19.92 21.20
N ILE D 342 -17.84 -19.60 20.77
CA ILE D 342 -17.58 -19.07 19.45
C ILE D 342 -16.68 -20.06 18.72
N ASP D 343 -17.16 -20.57 17.60
CA ASP D 343 -16.46 -21.59 16.83
C ASP D 343 -15.51 -20.93 15.82
N TYR D 344 -14.30 -20.63 16.32
CA TYR D 344 -13.13 -20.23 15.53
C TYR D 344 -13.27 -18.82 14.99
N LEU D 345 -12.35 -17.94 15.40
CA LEU D 345 -12.57 -16.50 15.29
C LEU D 345 -12.40 -15.99 13.86
N GLN D 346 -11.55 -16.64 13.06
CA GLN D 346 -11.32 -16.15 11.71
C GLN D 346 -12.49 -16.42 10.78
N LEU D 347 -13.48 -17.21 11.21
CA LEU D 347 -14.73 -17.34 10.47
C LEU D 347 -15.61 -16.11 10.59
N MET D 348 -15.48 -15.34 11.67
CA MET D 348 -16.25 -14.13 11.85
C MET D 348 -15.89 -13.09 10.79
N ARG D 349 -16.89 -12.39 10.28
CA ARG D 349 -16.72 -11.48 9.15
C ARG D 349 -17.25 -10.11 9.50
N VAL D 350 -16.43 -9.09 9.27
CA VAL D 350 -16.83 -7.70 9.41
C VAL D 350 -16.75 -7.03 8.04
N PRO D 351 -17.87 -6.56 7.48
CA PRO D 351 -17.80 -5.87 6.18
C PRO D 351 -17.00 -4.58 6.20
N ALA D 352 -16.99 -3.88 7.34
CA ALA D 352 -16.31 -2.59 7.41
C ALA D 352 -14.80 -2.75 7.36
N LEU D 353 -14.27 -3.67 8.16
CA LEU D 353 -12.82 -3.91 8.22
C LEU D 353 -12.42 -5.14 7.42
N SER D 354 -13.11 -5.39 6.30
CA SER D 354 -12.76 -6.52 5.45
C SER D 354 -11.47 -6.26 4.68
N ASP D 355 -11.02 -5.01 4.61
CA ASP D 355 -9.80 -4.69 3.88
C ASP D 355 -8.56 -5.26 4.56
N ASN D 356 -8.49 -5.15 5.88
CA ASN D 356 -7.35 -5.64 6.65
C ASN D 356 -7.80 -6.69 7.64
N ARG D 357 -7.16 -7.86 7.61
CA ARG D 357 -7.58 -8.95 8.48
C ARG D 357 -7.21 -8.69 9.94
N THR D 358 -6.05 -8.08 10.18
CA THR D 358 -5.59 -7.85 11.54
C THR D 358 -6.47 -6.84 12.26
N LEU D 359 -6.85 -5.76 11.56
CA LEU D 359 -7.76 -4.76 12.12
C LEU D 359 -9.12 -5.37 12.41
N GLU D 360 -9.59 -6.23 11.51
CA GLU D 360 -10.86 -6.93 11.70
C GLU D 360 -10.81 -7.83 12.92
N ILE D 361 -9.70 -8.55 13.09
CA ILE D 361 -9.53 -9.44 14.24
C ILE D 361 -9.51 -8.64 15.54
N ALA D 362 -8.79 -7.51 15.53
CA ALA D 362 -8.72 -6.66 16.71
C ALA D 362 -10.10 -6.10 17.08
N GLU D 363 -10.86 -5.66 16.07
CA GLU D 363 -12.20 -5.15 16.32
C GLU D 363 -13.13 -6.23 16.85
N ILE D 364 -13.04 -7.44 16.28
CA ILE D 364 -13.87 -8.54 16.73
C ILE D 364 -13.55 -8.91 18.17
N SER D 365 -12.26 -8.97 18.50
CA SER D 365 -11.85 -9.31 19.86
C SER D 365 -12.28 -8.23 20.85
N ARG D 366 -12.17 -6.96 20.45
CA ARG D 366 -12.60 -5.86 21.31
C ARG D 366 -14.09 -5.90 21.56
N SER D 367 -14.88 -6.16 20.50
CA SER D 367 -16.33 -6.24 20.63
C SER D 367 -16.73 -7.42 21.51
N LEU D 368 -16.05 -8.57 21.35
CA LEU D 368 -16.35 -9.73 22.17
C LEU D 368 -16.01 -9.50 23.64
N LYS D 369 -14.89 -8.83 23.91
CA LYS D 369 -14.53 -8.52 25.29
C LYS D 369 -15.52 -7.53 25.89
N ALA D 370 -15.96 -6.54 25.10
CA ALA D 370 -16.97 -5.60 25.57
C ALA D 370 -18.29 -6.30 25.87
N LEU D 371 -18.67 -7.27 25.03
CA LEU D 371 -19.89 -8.02 25.28
C LEU D 371 -19.76 -8.90 26.51
N ALA D 372 -18.60 -9.52 26.71
CA ALA D 372 -18.37 -10.37 27.87
C ALA D 372 -18.41 -9.55 29.16
N LYS D 373 -17.85 -8.34 29.12
CA LYS D 373 -17.94 -7.46 30.28
C LYS D 373 -19.36 -6.95 30.47
N GLU D 374 -20.10 -6.80 29.37
CA GLU D 374 -21.45 -6.24 29.44
C GLU D 374 -22.42 -7.17 30.15
N LEU D 375 -22.46 -8.43 29.73
CA LEU D 375 -23.42 -9.39 30.26
C LEU D 375 -22.86 -10.25 31.38
N ASN D 376 -21.56 -10.12 31.66
CA ASN D 376 -20.85 -10.90 32.68
C ASN D 376 -21.02 -12.40 32.44
N VAL D 377 -20.58 -12.82 31.26
CA VAL D 377 -20.71 -14.21 30.83
C VAL D 377 -19.36 -14.67 30.29
N PRO D 378 -18.89 -15.87 30.67
CA PRO D 378 -17.66 -16.40 30.07
C PRO D 378 -17.86 -16.70 28.59
N VAL D 379 -16.92 -16.23 27.77
CA VAL D 379 -16.97 -16.42 26.33
C VAL D 379 -15.73 -17.24 25.94
N VAL D 380 -15.95 -18.46 25.48
CA VAL D 380 -14.87 -19.31 24.98
C VAL D 380 -14.88 -19.22 23.46
N ALA D 381 -13.89 -18.54 22.89
CA ALA D 381 -13.76 -18.38 21.45
C ALA D 381 -12.57 -19.19 20.98
N LEU D 382 -12.77 -20.01 19.94
CA LEU D 382 -11.69 -20.80 19.38
C LEU D 382 -10.88 -19.97 18.41
N SER D 383 -9.68 -20.45 18.08
CA SER D 383 -8.78 -19.78 17.15
C SER D 383 -7.80 -20.80 16.58
N GLN D 384 -7.08 -20.39 15.54
CA GLN D 384 -6.09 -21.24 14.90
C GLN D 384 -4.67 -20.75 15.21
N LEU D 385 -3.69 -21.48 14.69
CA LEU D 385 -2.28 -21.21 14.96
C LEU D 385 -1.57 -20.86 13.65
N ASN D 386 -0.26 -20.73 13.73
CA ASN D 386 0.58 -20.43 12.59
C ASN D 386 1.48 -21.62 12.26
N ARG D 387 1.95 -21.64 11.02
CA ARG D 387 2.81 -22.72 10.55
C ARG D 387 4.23 -22.61 11.08
N SER D 388 4.60 -21.46 11.67
CA SER D 388 5.92 -21.32 12.26
C SER D 388 6.13 -22.30 13.41
N LEU D 389 5.04 -22.68 14.08
CA LEU D 389 5.06 -23.74 15.08
C LEU D 389 5.59 -25.04 14.50
N GLU D 390 5.15 -25.37 13.27
CA GLU D 390 5.67 -26.55 12.61
C GLU D 390 7.12 -26.34 12.18
N GLN D 391 7.52 -25.07 11.97
CA GLN D 391 8.90 -24.80 11.62
C GLN D 391 9.83 -25.05 12.80
N ARG D 392 9.36 -24.80 14.01
CA ARG D 392 10.16 -25.02 15.20
C ARG D 392 10.33 -26.52 15.45
N ALA D 393 11.48 -26.88 16.04
CA ALA D 393 11.73 -28.27 16.39
C ALA D 393 10.77 -28.75 17.47
N ASP D 394 10.63 -27.96 18.53
CA ASP D 394 9.60 -28.21 19.53
C ASP D 394 8.32 -27.53 19.08
N LYS D 395 7.25 -28.31 18.95
CA LYS D 395 5.98 -27.80 18.42
C LYS D 395 5.00 -27.43 19.53
N ARG D 396 5.51 -27.00 20.68
CA ARG D 396 4.66 -26.49 21.74
C ARG D 396 4.25 -25.06 21.40
N PRO D 397 2.95 -24.77 21.37
CA PRO D 397 2.50 -23.44 20.94
C PRO D 397 2.89 -22.34 21.92
N VAL D 398 3.14 -21.15 21.38
CA VAL D 398 3.48 -19.98 22.18
C VAL D 398 2.48 -18.88 21.86
N ASN D 399 2.65 -17.71 22.48
CA ASN D 399 1.76 -16.59 22.22
C ASN D 399 1.86 -16.09 20.78
N SER D 400 3.07 -16.04 20.23
CA SER D 400 3.26 -15.56 18.87
C SER D 400 2.80 -16.56 17.82
N ASP D 401 2.57 -17.82 18.19
CA ASP D 401 2.07 -18.79 17.24
C ASP D 401 0.60 -18.55 16.90
N LEU D 402 -0.08 -17.69 17.66
CA LEU D 402 -1.46 -17.33 17.41
C LEU D 402 -1.62 -16.66 16.05
N ARG D 403 -2.66 -17.05 15.33
CA ARG D 403 -2.96 -16.44 14.04
C ARG D 403 -3.47 -15.02 14.24
N GLU D 404 -2.76 -14.03 13.67
CA GLU D 404 -3.06 -12.61 13.83
C GLU D 404 -3.06 -12.22 15.31
N SER D 405 -1.89 -12.39 15.92
CA SER D 405 -1.74 -12.25 17.36
C SER D 405 -1.72 -10.79 17.78
N GLY D 406 -1.37 -10.53 19.04
CA GLY D 406 -1.33 -9.18 19.55
C GLY D 406 -2.58 -8.80 20.30
N SER D 407 -3.56 -8.26 19.56
CA SER D 407 -4.83 -7.87 20.16
C SER D 407 -5.54 -9.06 20.77
N ILE D 408 -5.34 -10.25 20.19
CA ILE D 408 -5.86 -11.47 20.79
C ILE D 408 -5.23 -11.70 22.15
N GLU D 409 -3.91 -11.54 22.25
CA GLU D 409 -3.21 -11.73 23.51
C GLU D 409 -3.63 -10.65 24.52
N GLN D 410 -3.82 -9.43 24.05
CA GLN D 410 -4.13 -8.32 24.95
C GLN D 410 -5.56 -8.43 25.51
N ASP D 411 -6.53 -8.71 24.65
CA ASP D 411 -7.92 -8.69 25.09
C ASP D 411 -8.28 -9.91 25.91
N ALA D 412 -7.71 -11.06 25.60
CA ALA D 412 -8.07 -12.29 26.29
C ALA D 412 -7.33 -12.40 27.62
N ASP D 413 -7.84 -13.28 28.49
CA ASP D 413 -7.27 -13.49 29.81
C ASP D 413 -6.98 -14.95 30.13
N LEU D 414 -7.58 -15.90 29.41
CA LEU D 414 -7.52 -17.32 29.74
C LEU D 414 -7.13 -18.11 28.48
N ILE D 415 -6.06 -17.66 27.84
CA ILE D 415 -5.59 -18.30 26.61
C ILE D 415 -5.02 -19.66 26.93
N MET D 416 -5.43 -20.68 26.18
CA MET D 416 -4.86 -22.02 26.30
C MET D 416 -4.54 -22.57 24.91
N PHE D 417 -3.64 -23.55 24.89
CA PHE D 417 -3.15 -24.16 23.66
C PHE D 417 -3.22 -25.67 23.80
N ILE D 418 -3.66 -26.35 22.74
CA ILE D 418 -3.74 -27.80 22.74
C ILE D 418 -2.47 -28.34 22.10
N TYR D 419 -1.82 -29.29 22.78
CA TYR D 419 -0.59 -29.91 22.29
C TYR D 419 -0.78 -31.42 22.29
N ARG D 420 -0.47 -32.06 21.17
CA ARG D 420 -0.56 -33.51 21.03
C ARG D 420 0.68 -34.00 20.31
N ASP D 421 1.69 -34.43 21.08
CA ASP D 421 2.92 -34.94 20.48
C ASP D 421 2.70 -36.27 19.78
N GLU D 422 1.59 -36.94 20.12
CA GLU D 422 1.21 -38.17 19.42
C GLU D 422 0.94 -37.90 17.95
N VAL D 423 0.38 -36.75 17.62
CA VAL D 423 0.11 -36.40 16.22
C VAL D 423 1.42 -36.12 15.50
N TYR D 424 2.31 -35.35 16.13
CA TYR D 424 3.56 -34.98 15.48
C TYR D 424 4.52 -36.17 15.39
N HIS D 425 4.65 -36.94 16.46
CA HIS D 425 5.61 -38.03 16.54
C HIS D 425 4.84 -39.34 16.62
N GLU D 426 5.12 -40.25 15.68
CA GLU D 426 4.49 -41.56 15.70
C GLU D 426 5.00 -42.40 16.86
N ASN D 427 6.25 -42.19 17.27
CA ASN D 427 6.86 -42.91 18.37
C ASN D 427 6.67 -42.21 19.70
N SER D 428 5.84 -41.18 19.75
CA SER D 428 5.58 -40.47 21.00
C SER D 428 4.83 -41.36 21.98
N ASP D 429 5.19 -41.25 23.26
CA ASP D 429 4.54 -41.98 24.32
C ASP D 429 3.36 -41.23 24.92
N LEU D 430 3.01 -40.08 24.36
CA LEU D 430 1.90 -39.26 24.83
C LEU D 430 0.63 -39.55 24.05
N LYS D 431 0.45 -40.80 23.61
CA LYS D 431 -0.73 -41.19 22.87
C LYS D 431 -1.95 -41.21 23.79
N GLY D 432 -2.97 -40.45 23.40
CA GLY D 432 -4.16 -40.29 24.22
C GLY D 432 -4.03 -39.12 25.18
N ILE D 433 -2.81 -38.66 25.39
CA ILE D 433 -2.54 -37.57 26.33
C ILE D 433 -2.51 -36.26 25.56
N ALA D 434 -3.38 -35.33 25.94
CA ALA D 434 -3.46 -34.01 25.32
C ALA D 434 -3.07 -32.99 26.38
N GLU D 435 -2.09 -32.14 26.06
CA GLU D 435 -1.58 -31.15 27.00
C GLU D 435 -2.24 -29.80 26.69
N ILE D 436 -3.09 -29.33 27.62
CA ILE D 436 -3.68 -28.00 27.52
C ILE D 436 -2.75 -27.08 28.31
N ILE D 437 -1.98 -26.27 27.59
CA ILE D 437 -1.00 -25.40 28.21
C ILE D 437 -1.58 -23.99 28.28
N ILE D 438 -1.63 -23.42 29.48
CA ILE D 438 -2.13 -22.06 29.65
C ILE D 438 -1.07 -21.09 29.17
N GLY D 439 -1.36 -20.36 28.10
CA GLY D 439 -0.45 -19.35 27.61
C GLY D 439 -0.57 -18.07 28.39
N LYS D 440 -1.80 -17.63 28.63
CA LYS D 440 -2.05 -16.42 29.39
C LYS D 440 -3.05 -16.70 30.50
N GLN D 441 -2.70 -16.28 31.72
CA GLN D 441 -3.61 -16.32 32.86
C GLN D 441 -3.27 -15.10 33.72
N ARG D 442 -4.11 -14.07 33.61
CA ARG D 442 -3.85 -12.81 34.33
C ARG D 442 -3.89 -13.02 35.83
N ASN D 443 -4.87 -13.79 36.31
CA ASN D 443 -5.01 -14.09 37.73
C ASN D 443 -4.72 -15.58 37.92
N GLY D 444 -3.51 -15.88 38.37
CA GLY D 444 -3.13 -17.25 38.65
C GLY D 444 -1.92 -17.69 37.85
N PRO D 445 -1.24 -18.73 38.33
CA PRO D 445 -0.09 -19.26 37.59
C PRO D 445 -0.53 -20.13 36.43
N ILE D 446 0.22 -20.02 35.34
CA ILE D 446 -0.04 -20.83 34.15
C ILE D 446 0.56 -22.21 34.36
N GLY D 447 0.17 -23.17 33.52
CA GLY D 447 0.67 -24.52 33.66
C GLY D 447 0.31 -25.36 32.45
N THR D 448 0.35 -26.68 32.65
CA THR D 448 0.04 -27.65 31.61
C THR D 448 -0.82 -28.75 32.22
N VAL D 449 -2.08 -28.83 31.79
CA VAL D 449 -3.01 -29.84 32.29
C VAL D 449 -3.08 -30.93 31.23
N ARG D 450 -2.67 -32.14 31.62
CA ARG D 450 -2.77 -33.27 30.70
C ARG D 450 -4.13 -33.96 30.88
N LEU D 451 -4.75 -34.32 29.77
CA LEU D 451 -6.04 -34.98 29.77
C LEU D 451 -5.97 -36.22 28.90
N THR D 452 -6.93 -37.12 29.10
CA THR D 452 -7.02 -38.38 28.37
C THR D 452 -8.00 -38.18 27.21
N PHE D 453 -7.47 -38.28 26.00
CA PHE D 453 -8.29 -38.08 24.80
C PHE D 453 -8.67 -39.43 24.21
N ASN D 454 -9.96 -39.57 23.87
CA ASN D 454 -10.49 -40.77 23.23
C ASN D 454 -10.93 -40.35 21.83
N GLY D 455 -10.12 -40.75 20.84
CA GLY D 455 -10.47 -40.43 19.46
C GLY D 455 -11.71 -41.15 18.99
N GLN D 456 -11.87 -42.41 19.39
CA GLN D 456 -13.04 -43.19 19.03
C GLN D 456 -14.32 -42.59 19.62
N TRP D 457 -14.32 -42.34 20.92
CA TRP D 457 -15.44 -41.67 21.57
C TRP D 457 -15.40 -40.16 21.38
N SER D 458 -14.25 -39.62 20.97
CA SER D 458 -13.99 -38.18 20.89
C SER D 458 -14.32 -37.51 22.23
N ARG D 459 -13.71 -38.04 23.29
CA ARG D 459 -14.03 -37.63 24.65
C ARG D 459 -12.75 -37.19 25.36
N PHE D 460 -12.78 -36.00 25.94
CA PHE D 460 -11.67 -35.55 26.78
C PHE D 460 -12.04 -35.79 28.24
N ASP D 461 -11.18 -36.51 28.96
CA ASP D 461 -11.44 -36.87 30.34
C ASP D 461 -10.23 -36.51 31.21
N ASN D 462 -10.47 -36.54 32.52
CA ASN D 462 -9.41 -36.23 33.47
C ASN D 462 -8.29 -37.26 33.39
N TYR D 463 -7.08 -36.82 33.72
CA TYR D 463 -5.88 -37.64 33.59
C TYR D 463 -5.92 -38.85 34.54
N ALA D 464 -6.03 -40.05 33.97
CA ALA D 464 -5.93 -41.28 34.74
C ALA D 464 -4.53 -41.87 34.72
N GLY D 465 -3.60 -41.24 34.01
CA GLY D 465 -2.24 -41.72 33.92
C GLY D 465 -1.30 -40.97 34.87
N PRO D 466 -0.01 -41.27 34.78
CA PRO D 466 0.96 -40.60 35.67
C PRO D 466 1.17 -39.14 35.31
N GLN D 467 0.88 -38.25 36.24
CA GLN D 467 1.06 -36.82 36.03
C GLN D 467 2.54 -36.45 36.09
N TYR D 468 3.09 -36.00 34.97
CA TYR D 468 4.50 -35.68 34.89
C TYR D 468 4.77 -34.32 35.53
N ASP D 469 5.88 -34.23 36.28
CA ASP D 469 6.25 -32.97 36.92
C ASP D 469 6.80 -31.98 35.90
N ASP D 470 6.11 -30.86 35.73
CA ASP D 470 6.56 -29.84 34.78
C ASP D 470 7.83 -29.16 35.28
N GLU D 471 8.75 -28.90 34.35
CA GLU D 471 10.02 -28.26 34.70
C GLU D 471 9.95 -26.76 34.44
N LYS E 25 -23.87 43.16 12.81
CA LYS E 25 -23.17 44.38 13.22
C LYS E 25 -21.88 44.57 12.43
N VAL E 26 -21.26 45.74 12.58
CA VAL E 26 -19.99 46.04 11.93
C VAL E 26 -18.88 45.36 12.74
N PRO E 27 -18.04 44.54 12.10
CA PRO E 27 -16.93 43.90 12.83
C PRO E 27 -15.94 44.94 13.33
N PRO E 28 -15.37 44.73 14.51
CA PRO E 28 -14.42 45.70 15.07
C PRO E 28 -13.10 45.66 14.32
N HIS E 29 -12.78 46.77 13.65
CA HIS E 29 -11.57 46.88 12.86
C HIS E 29 -11.04 48.30 12.95
N SER E 30 -9.73 48.45 12.66
CA SER E 30 -9.06 49.75 12.64
C SER E 30 -8.31 49.84 11.31
N ILE E 31 -9.03 50.33 10.29
CA ILE E 31 -8.47 50.42 8.94
C ILE E 31 -7.33 51.44 8.89
N GLU E 32 -7.45 52.51 9.69
CA GLU E 32 -6.43 53.56 9.74
C GLU E 32 -5.09 53.01 10.23
N ALA E 33 -5.14 52.11 11.22
CA ALA E 33 -3.93 51.45 11.68
C ALA E 33 -3.31 50.58 10.59
N GLU E 34 -4.15 49.91 9.80
CA GLU E 34 -3.65 49.11 8.68
C GLU E 34 -2.97 49.99 7.65
N GLN E 35 -3.58 51.14 7.33
CA GLN E 35 -2.98 52.07 6.38
C GLN E 35 -1.66 52.62 6.91
N SER E 36 -1.60 52.93 8.20
CA SER E 36 -0.36 53.40 8.80
C SER E 36 0.72 52.34 8.75
N VAL E 37 0.36 51.08 9.01
CA VAL E 37 1.32 49.98 8.95
C VAL E 37 1.85 49.80 7.54
N LEU E 38 0.95 49.83 6.55
CA LEU E 38 1.36 49.66 5.15
C LEU E 38 2.26 50.80 4.70
N GLY E 39 1.91 52.04 5.08
CA GLY E 39 2.73 53.18 4.71
C GLY E 39 4.09 53.16 5.38
N GLY E 40 4.13 52.73 6.65
CA GLY E 40 5.42 52.60 7.33
C GLY E 40 6.28 51.51 6.73
N LEU E 41 5.67 50.41 6.27
CA LEU E 41 6.41 49.39 5.56
C LEU E 41 6.94 49.89 4.23
N MET E 42 6.14 50.72 3.54
CA MET E 42 6.63 51.34 2.30
C MET E 42 7.77 52.29 2.57
N LEU E 43 7.72 53.04 3.67
CA LEU E 43 8.79 53.98 3.99
C LEU E 43 10.00 53.27 4.61
N ASP E 44 9.76 52.47 5.65
CA ASP E 44 10.81 51.81 6.39
C ASP E 44 10.74 50.31 6.15
N ASN E 45 11.89 49.71 5.80
CA ASN E 45 11.99 48.27 5.66
C ASN E 45 12.69 47.61 6.83
N GLU E 46 13.30 48.40 7.73
CA GLU E 46 13.99 47.82 8.87
C GLU E 46 13.03 47.34 9.95
N ARG E 47 11.90 48.02 10.13
CA ARG E 47 10.88 47.58 11.07
C ARG E 47 9.91 46.58 10.47
N TRP E 48 10.25 46.00 9.31
CA TRP E 48 9.43 44.96 8.71
C TRP E 48 9.39 43.72 9.60
N ASP E 49 10.48 43.46 10.33
CA ASP E 49 10.55 42.30 11.21
C ASP E 49 9.52 42.38 12.33
N ASP E 50 9.34 43.59 12.89
CA ASP E 50 8.35 43.80 13.95
C ASP E 50 6.94 43.54 13.45
N VAL E 51 6.64 44.01 12.24
CA VAL E 51 5.32 43.81 11.66
C VAL E 51 5.08 42.34 11.35
N ALA E 52 6.10 41.66 10.81
CA ALA E 52 5.99 40.25 10.49
C ALA E 52 5.79 39.41 11.75
N GLU E 53 6.49 39.76 12.83
CA GLU E 53 6.32 39.08 14.10
C GLU E 53 4.93 39.35 14.67
N ARG E 54 4.44 40.58 14.54
CA ARG E 54 3.17 40.94 15.17
C ARG E 54 1.97 40.41 14.39
N VAL E 55 1.85 40.79 13.12
CA VAL E 55 0.65 40.49 12.35
C VAL E 55 1.01 39.72 11.08
N VAL E 56 -0.01 39.09 10.49
CA VAL E 56 0.09 38.40 9.22
C VAL E 56 -0.93 39.01 8.27
N ALA E 57 -1.01 38.43 7.08
CA ALA E 57 -1.92 38.94 6.06
C ALA E 57 -3.37 38.72 6.46
N ASP E 58 -3.66 37.63 7.17
CA ASP E 58 -5.03 37.32 7.55
C ASP E 58 -5.55 38.28 8.61
N ASP E 59 -4.66 38.95 9.33
CA ASP E 59 -5.07 39.90 10.36
C ASP E 59 -5.69 41.16 9.76
N PHE E 60 -5.41 41.45 8.49
CA PHE E 60 -5.95 42.64 7.84
C PHE E 60 -7.43 42.44 7.57
N TYR E 61 -8.23 43.46 7.87
CA TYR E 61 -9.68 43.34 7.74
C TYR E 61 -10.11 43.22 6.28
N THR E 62 -9.60 44.12 5.44
CA THR E 62 -10.00 44.14 4.04
C THR E 62 -9.12 43.19 3.23
N ARG E 63 -9.75 42.44 2.32
CA ARG E 63 -9.01 41.54 1.45
C ARG E 63 -7.95 42.23 0.56
N PRO E 64 -8.17 43.43 0.00
CA PRO E 64 -7.05 44.13 -0.66
C PRO E 64 -5.85 44.37 0.24
N HIS E 65 -6.08 44.67 1.53
CA HIS E 65 -4.96 44.82 2.46
C HIS E 65 -4.24 43.49 2.67
N ARG E 66 -4.99 42.38 2.68
CA ARG E 66 -4.38 41.06 2.76
C ARG E 66 -3.49 40.81 1.55
N HIS E 67 -3.98 41.17 0.36
CA HIS E 67 -3.20 40.98 -0.86
C HIS E 67 -1.96 41.86 -0.85
N ILE E 68 -2.09 43.09 -0.36
CA ILE E 68 -0.95 44.01 -0.29
C ILE E 68 0.12 43.46 0.65
N PHE E 69 -0.30 42.97 1.83
CA PHE E 69 0.67 42.43 2.77
C PHE E 69 1.30 41.15 2.24
N THR E 70 0.52 40.34 1.51
CA THR E 70 1.06 39.13 0.90
C THR E 70 2.13 39.46 -0.14
N GLU E 71 1.85 40.48 -0.95
CA GLU E 71 2.84 40.92 -1.95
C GLU E 71 4.08 41.49 -1.29
N MET E 72 3.89 42.24 -0.20
CA MET E 72 5.02 42.78 0.55
C MET E 72 5.87 41.67 1.15
N ALA E 73 5.23 40.63 1.70
CA ALA E 73 5.95 39.50 2.25
C ALA E 73 6.71 38.75 1.16
N ARG E 74 6.08 38.57 0.00
CA ARG E 74 6.74 37.88 -1.11
C ARG E 74 7.95 38.66 -1.61
N LEU E 75 7.83 39.99 -1.67
CA LEU E 75 8.95 40.81 -2.12
C LEU E 75 10.08 40.81 -1.10
N GLN E 76 9.74 40.89 0.19
CA GLN E 76 10.77 40.96 1.21
C GLN E 76 11.47 39.63 1.43
N GLU E 77 10.74 38.51 1.25
CA GLU E 77 11.37 37.20 1.31
C GLU E 77 12.36 37.02 0.16
N SER E 78 12.07 37.62 -0.99
CA SER E 78 13.00 37.63 -2.10
C SER E 78 14.17 38.58 -1.88
N GLY E 79 14.13 39.40 -0.82
CA GLY E 79 15.17 40.37 -0.55
C GLY E 79 14.95 41.73 -1.18
N SER E 80 13.90 41.89 -1.97
CA SER E 80 13.59 43.16 -2.61
C SER E 80 13.17 44.20 -1.56
N PRO E 81 13.67 45.42 -1.65
CA PRO E 81 13.22 46.47 -0.72
C PRO E 81 11.76 46.82 -0.98
N ILE E 82 11.08 47.27 0.08
CA ILE E 82 9.66 47.57 0.01
C ILE E 82 9.53 49.04 -0.41
N ASP E 83 9.21 49.26 -1.68
CA ASP E 83 8.90 50.59 -2.20
C ASP E 83 7.64 50.51 -3.06
N LEU E 84 7.15 51.69 -3.44
CA LEU E 84 5.88 51.79 -4.14
C LEU E 84 5.95 51.19 -5.53
N ILE E 85 7.05 51.47 -6.25
CA ILE E 85 7.15 51.07 -7.66
C ILE E 85 7.26 49.56 -7.79
N THR E 86 8.12 48.95 -6.97
CA THR E 86 8.30 47.50 -7.05
C THR E 86 7.06 46.76 -6.59
N LEU E 87 6.37 47.28 -5.57
CA LEU E 87 5.14 46.65 -5.11
C LEU E 87 4.06 46.75 -6.18
N ALA E 88 3.94 47.91 -6.83
CA ALA E 88 2.97 48.08 -7.90
C ALA E 88 3.27 47.15 -9.07
N GLU E 89 4.55 47.02 -9.42
CA GLU E 89 4.95 46.11 -10.49
C GLU E 89 4.65 44.66 -10.13
N SER E 90 4.91 44.28 -8.87
CA SER E 90 4.66 42.91 -8.43
C SER E 90 3.18 42.59 -8.43
N LEU E 91 2.35 43.55 -8.04
CA LEU E 91 0.90 43.35 -8.11
C LEU E 91 0.41 43.31 -9.56
N GLU E 92 1.07 44.07 -10.43
CA GLU E 92 0.71 44.07 -11.85
C GLU E 92 1.04 42.73 -12.50
N ARG E 93 2.17 42.12 -12.10
CA ARG E 93 2.57 40.85 -12.69
C ARG E 93 1.59 39.74 -12.37
N GLN E 94 1.04 39.72 -11.16
CA GLN E 94 0.02 38.75 -10.79
C GLN E 94 -1.39 39.21 -11.16
N GLY E 95 -1.53 40.40 -11.73
CA GLY E 95 -2.84 40.92 -12.06
C GLY E 95 -3.62 41.43 -10.88
N GLN E 96 -3.00 41.54 -9.71
CA GLN E 96 -3.69 41.95 -8.49
C GLN E 96 -3.62 43.46 -8.25
N LEU E 97 -3.01 44.22 -9.17
CA LEU E 97 -2.95 45.67 -9.01
C LEU E 97 -4.34 46.29 -9.08
N ASP E 98 -5.17 45.79 -10.01
CA ASP E 98 -6.53 46.31 -10.12
C ASP E 98 -7.41 45.80 -8.99
N SER E 99 -7.07 44.64 -8.41
CA SER E 99 -7.89 44.07 -7.35
C SER E 99 -7.75 44.84 -6.04
N VAL E 100 -6.57 45.42 -5.77
CA VAL E 100 -6.33 46.09 -4.49
C VAL E 100 -6.76 47.54 -4.50
N GLY E 101 -7.03 48.13 -5.66
CA GLY E 101 -7.46 49.51 -5.72
C GLY E 101 -6.73 50.35 -6.75
N GLY E 102 -5.72 49.76 -7.38
CA GLY E 102 -4.93 50.47 -8.37
C GLY E 102 -3.70 51.12 -7.75
N PHE E 103 -2.86 51.67 -8.63
CA PHE E 103 -1.62 52.31 -8.19
C PHE E 103 -1.90 53.60 -7.43
N ALA E 104 -2.99 54.28 -7.77
CA ALA E 104 -3.34 55.51 -7.07
C ALA E 104 -3.67 55.26 -5.60
N TYR E 105 -4.33 54.12 -5.32
CA TYR E 105 -4.61 53.74 -3.94
C TYR E 105 -3.32 53.49 -3.18
N LEU E 106 -2.34 52.83 -3.82
CA LEU E 106 -1.05 52.58 -3.20
C LEU E 106 -0.31 53.88 -2.93
N ALA E 107 -0.36 54.81 -3.89
CA ALA E 107 0.29 56.10 -3.71
C ALA E 107 -0.36 56.89 -2.58
N GLU E 108 -1.69 56.82 -2.48
CA GLU E 108 -2.40 57.46 -1.38
C GLU E 108 -1.99 56.86 -0.03
N LEU E 109 -1.87 55.52 0.02
CA LEU E 109 -1.47 54.87 1.26
C LEU E 109 -0.04 55.25 1.66
N SER E 110 0.85 55.37 0.67
CA SER E 110 2.21 55.81 0.95
C SER E 110 2.24 57.26 1.42
N LYS E 111 1.39 58.10 0.84
CA LYS E 111 1.36 59.52 1.19
C LYS E 111 0.81 59.73 2.60
N ASN E 112 -0.21 58.95 2.98
CA ASN E 112 -0.94 59.24 4.21
C ASN E 112 -0.10 59.03 5.46
N THR E 113 0.74 58.00 5.48
CA THR E 113 1.48 57.67 6.69
C THR E 113 2.63 58.65 6.93
N PRO E 114 2.66 59.35 8.06
CA PRO E 114 3.77 60.27 8.34
C PRO E 114 5.08 59.56 8.60
N SER E 115 5.06 58.59 9.52
CA SER E 115 6.26 57.88 9.94
C SER E 115 5.89 56.51 10.48
N ALA E 116 6.91 55.71 10.77
CA ALA E 116 6.74 54.36 11.30
C ALA E 116 7.31 54.23 12.71
N ALA E 117 7.30 55.32 13.47
CA ALA E 117 7.82 55.27 14.84
C ALA E 117 6.93 54.41 15.73
N ASN E 118 5.62 54.53 15.59
CA ASN E 118 4.66 53.78 16.39
C ASN E 118 3.98 52.67 15.60
N ILE E 119 4.67 52.11 14.59
CA ILE E 119 4.06 51.08 13.76
C ILE E 119 3.87 49.79 14.56
N SER E 120 4.67 49.60 15.61
CA SER E 120 4.48 48.45 16.48
C SER E 120 3.15 48.54 17.22
N ALA E 121 2.81 49.74 17.71
CA ALA E 121 1.54 49.94 18.39
C ALA E 121 0.36 49.74 17.43
N TYR E 122 0.51 50.23 16.20
CA TYR E 122 -0.54 50.05 15.20
C TYR E 122 -0.74 48.58 14.86
N ALA E 123 0.37 47.84 14.75
CA ALA E 123 0.28 46.40 14.48
C ALA E 123 -0.34 45.67 15.66
N ASP E 124 -0.03 46.10 16.88
CA ASP E 124 -0.66 45.50 18.06
C ASP E 124 -2.16 45.74 18.07
N ILE E 125 -2.58 46.95 17.68
CA ILE E 125 -4.00 47.27 17.58
C ILE E 125 -4.67 46.39 16.52
N VAL E 126 -4.01 46.23 15.38
CA VAL E 126 -4.54 45.40 14.30
C VAL E 126 -4.68 43.95 14.75
N ARG E 127 -3.66 43.43 15.45
CA ARG E 127 -3.71 42.07 15.94
C ARG E 127 -4.82 41.90 16.98
N GLU E 128 -5.02 42.91 17.82
CA GLU E 128 -6.10 42.88 18.80
C GLU E 128 -7.45 42.84 18.11
N ARG E 129 -7.63 43.66 17.08
CA ARG E 129 -8.88 43.66 16.31
C ARG E 129 -9.12 42.31 15.65
N ALA E 130 -8.06 41.73 15.07
CA ALA E 130 -8.19 40.44 14.40
C ALA E 130 -8.56 39.33 15.38
N VAL E 131 -7.93 39.33 16.55
CA VAL E 131 -8.23 38.30 17.56
C VAL E 131 -9.65 38.48 18.09
N VAL E 132 -10.09 39.72 18.27
CA VAL E 132 -11.45 39.98 18.74
C VAL E 132 -12.47 39.52 17.71
N ARG E 133 -12.22 39.80 16.42
CA ARG E 133 -13.12 39.35 15.37
C ARG E 133 -13.14 37.82 15.29
N GLU E 134 -11.97 37.20 15.49
CA GLU E 134 -11.89 35.73 15.53
C GLU E 134 -12.73 35.17 16.67
N MET E 135 -12.65 35.79 17.84
CA MET E 135 -13.43 35.36 18.99
C MET E 135 -14.93 35.53 18.72
N ILE E 136 -15.31 36.64 18.08
CA ILE E 136 -16.70 36.89 17.73
C ILE E 136 -17.21 35.82 16.77
N SER E 137 -16.40 35.49 15.75
CA SER E 137 -16.78 34.47 14.79
C SER E 137 -16.92 33.10 15.45
N VAL E 138 -16.00 32.78 16.37
CA VAL E 138 -16.07 31.52 17.09
C VAL E 138 -17.34 31.46 17.95
N ALA E 139 -17.68 32.57 18.61
CA ALA E 139 -18.89 32.63 19.40
C ALA E 139 -20.14 32.45 18.52
N ASN E 140 -20.11 33.04 17.32
CA ASN E 140 -21.23 32.86 16.38
C ASN E 140 -21.34 31.40 15.95
N GLU E 141 -20.22 30.75 15.70
CA GLU E 141 -20.23 29.33 15.33
C GLU E 141 -20.77 28.48 16.47
N ILE E 142 -20.39 28.83 17.71
CA ILE E 142 -20.87 28.10 18.87
C ILE E 142 -22.39 28.28 19.03
N ALA E 143 -22.88 29.50 18.82
CA ALA E 143 -24.31 29.74 18.89
C ALA E 143 -25.07 28.99 17.80
N GLU E 144 -24.48 28.93 16.59
CA GLU E 144 -25.07 28.17 15.51
C GLU E 144 -25.13 26.68 15.83
N ALA E 145 -24.05 26.16 16.43
CA ALA E 145 -24.03 24.75 16.82
C ALA E 145 -25.04 24.47 17.93
N GLY E 146 -25.23 25.44 18.83
CA GLY E 146 -26.23 25.33 19.87
C GLY E 146 -27.64 25.29 19.31
N PHE E 147 -27.91 26.14 18.32
CA PHE E 147 -29.23 26.14 17.71
C PHE E 147 -29.44 24.95 16.78
N ASP E 148 -28.36 24.42 16.21
CA ASP E 148 -28.44 23.27 15.32
C ASP E 148 -27.58 22.14 15.87
N PRO E 149 -28.13 21.27 16.71
CA PRO E 149 -27.33 20.18 17.27
C PRO E 149 -26.79 19.20 16.25
N GLN E 150 -27.55 18.94 15.18
CA GLN E 150 -27.19 18.00 14.11
C GLN E 150 -26.90 16.60 14.67
N GLY E 151 -27.64 16.22 15.70
CA GLY E 151 -27.48 14.92 16.32
C GLY E 151 -26.36 14.84 17.34
N ARG E 152 -25.60 15.91 17.55
CA ARG E 152 -24.53 15.88 18.52
C ARG E 152 -25.07 16.08 19.92
N THR E 153 -24.41 15.46 20.89
CA THR E 153 -24.82 15.62 22.29
C THR E 153 -24.24 16.91 22.86
N SER E 154 -24.63 17.20 24.11
CA SER E 154 -24.15 18.40 24.78
C SER E 154 -22.66 18.31 25.07
N GLU E 155 -22.17 17.10 25.39
CA GLU E 155 -20.75 16.92 25.67
C GLU E 155 -19.91 17.20 24.44
N ASP E 156 -20.39 16.80 23.25
CA ASP E 156 -19.67 17.06 22.02
C ASP E 156 -19.54 18.55 21.75
N LEU E 157 -20.63 19.30 21.94
CA LEU E 157 -20.60 20.75 21.74
C LEU E 157 -19.71 21.42 22.78
N LEU E 158 -19.75 20.94 24.02
CA LEU E 158 -18.88 21.49 25.07
C LEU E 158 -17.41 21.26 24.74
N ASP E 159 -17.07 20.06 24.28
CA ASP E 159 -15.68 19.76 23.93
C ASP E 159 -15.23 20.56 22.71
N LEU E 160 -16.14 20.75 21.75
CA LEU E 160 -15.82 21.56 20.58
C LEU E 160 -15.57 23.02 20.97
N ALA E 161 -16.41 23.55 21.87
CA ALA E 161 -16.22 24.92 22.35
C ALA E 161 -14.91 25.06 23.11
N GLU E 162 -14.59 24.07 23.95
CA GLU E 162 -13.34 24.08 24.68
C GLU E 162 -12.15 24.04 23.73
N SER E 163 -12.25 23.23 22.66
CA SER E 163 -11.19 23.14 21.68
C SER E 163 -11.01 24.47 20.94
N ARG E 164 -12.12 25.12 20.59
CA ARG E 164 -12.04 26.40 19.89
C ARG E 164 -11.42 27.48 20.76
N VAL E 165 -11.84 27.55 22.03
CA VAL E 165 -11.28 28.53 22.95
C VAL E 165 -9.80 28.24 23.21
N PHE E 166 -9.43 26.95 23.27
CA PHE E 166 -8.03 26.59 23.43
C PHE E 166 -7.22 26.98 22.20
N LYS E 167 -7.80 26.86 21.01
CA LYS E 167 -7.12 27.29 19.80
C LYS E 167 -6.91 28.80 19.80
N ILE E 168 -7.91 29.57 20.23
CA ILE E 168 -7.75 31.02 20.32
C ILE E 168 -6.68 31.38 21.35
N ALA E 169 -6.64 30.64 22.45
CA ALA E 169 -5.60 30.85 23.46
C ALA E 169 -4.22 30.52 22.92
N GLU E 170 -4.12 29.47 22.11
CA GLU E 170 -2.84 29.11 21.50
C GLU E 170 -2.40 30.16 20.50
N SER E 171 -3.35 30.77 19.80
CA SER E 171 -3.02 31.85 18.86
C SER E 171 -2.43 33.06 19.55
N ARG E 172 -2.78 33.30 20.81
CA ARG E 172 -2.22 34.42 21.57
C ARG E 172 -0.99 34.02 22.39
N ALA E 173 -0.83 32.74 22.72
CA ALA E 173 0.29 32.28 23.53
C ALA E 173 1.61 32.29 22.78
N ASN E 174 1.61 32.57 21.47
CA ASN E 174 2.85 32.56 20.71
C ASN E 174 3.73 33.78 20.99
N LYS E 175 3.22 34.77 21.74
CA LYS E 175 4.00 35.96 22.03
C LYS E 175 5.17 35.64 22.96
N ASP E 176 4.97 34.70 23.89
CA ASP E 176 5.99 34.38 24.90
C ASP E 176 7.04 33.45 24.29
N GLU E 177 7.80 34.00 23.36
CA GLU E 177 8.88 33.28 22.70
C GLU E 177 10.03 34.25 22.46
N GLY E 178 11.22 33.68 22.27
CA GLY E 178 12.40 34.47 22.03
C GLY E 178 13.63 33.86 22.68
N PRO E 179 14.77 33.92 21.99
CA PRO E 179 16.01 33.40 22.57
C PRO E 179 16.46 34.22 23.76
N LYS E 180 17.12 33.57 24.70
CA LYS E 180 17.54 34.19 25.94
C LYS E 180 19.07 34.22 26.02
N ASN E 181 19.60 35.13 26.82
CA ASN E 181 21.03 35.19 27.04
C ASN E 181 21.49 34.00 27.86
N ILE E 182 22.77 33.66 27.72
CA ILE E 182 23.34 32.51 28.43
C ILE E 182 23.37 32.77 29.93
N ALA E 183 23.47 34.06 30.33
CA ALA E 183 23.62 34.40 31.73
C ALA E 183 22.39 34.03 32.55
N ASP E 184 21.20 34.24 31.97
CA ASP E 184 19.96 33.88 32.66
C ASP E 184 19.87 32.37 32.88
N VAL E 185 20.25 31.60 31.87
CA VAL E 185 20.23 30.14 31.99
C VAL E 185 21.25 29.69 33.03
N LEU E 186 22.42 30.34 33.06
CA LEU E 186 23.43 30.03 34.06
C LEU E 186 22.94 30.32 35.47
N ASP E 187 22.26 31.45 35.66
CA ASP E 187 21.74 31.81 36.97
C ASP E 187 20.67 30.83 37.42
N ALA E 188 19.75 30.47 36.51
CA ALA E 188 18.71 29.50 36.84
C ALA E 188 19.32 28.14 37.16
N THR E 189 20.33 27.73 36.39
CA THR E 189 20.98 26.44 36.61
C THR E 189 21.68 26.40 37.95
N VAL E 190 22.43 27.46 38.29
CA VAL E 190 23.16 27.45 39.55
C VAL E 190 22.20 27.58 40.73
N ALA E 191 21.07 28.28 40.54
CA ALA E 191 20.07 28.34 41.59
C ALA E 191 19.44 26.98 41.85
N ARG E 192 19.14 26.25 40.77
CA ARG E 192 18.59 24.90 40.91
C ARG E 192 19.60 23.95 41.54
N ILE E 193 20.87 24.10 41.17
CA ILE E 193 21.93 23.25 41.73
C ILE E 193 22.08 23.51 43.22
N GLU E 194 22.07 24.78 43.62
CA GLU E 194 22.16 25.13 45.04
C GLU E 194 20.94 24.62 45.80
N GLN E 195 19.75 24.70 45.19
CA GLN E 195 18.53 24.19 45.81
C GLN E 195 18.62 22.68 46.02
N LEU E 196 19.13 21.96 45.03
CA LEU E 196 19.29 20.52 45.15
C LEU E 196 20.34 20.16 46.19
N PHE E 197 21.42 20.95 46.26
CA PHE E 197 22.49 20.67 47.20
C PHE E 197 22.05 20.92 48.64
N GLN E 198 21.25 21.97 48.85
CA GLN E 198 20.78 22.29 50.20
C GLN E 198 19.78 21.25 50.69
N GLN E 199 18.88 20.82 49.84
CA GLN E 199 17.86 19.85 50.23
C GLN E 199 18.47 18.45 50.33
N PRO E 200 18.39 17.79 51.48
CA PRO E 200 18.95 16.43 51.58
C PRO E 200 17.97 15.37 51.08
N HIS E 201 17.76 15.32 49.77
CA HIS E 201 16.86 14.36 49.16
C HIS E 201 17.48 12.97 49.03
N ASP E 202 18.78 12.85 49.26
CA ASP E 202 19.53 11.59 49.22
C ASP E 202 19.38 10.89 47.86
N GLY E 203 19.76 11.60 46.82
CA GLY E 203 19.74 11.07 45.47
C GLY E 203 18.42 11.12 44.73
N VAL E 204 17.32 10.86 45.43
CA VAL E 204 15.99 10.82 44.82
C VAL E 204 15.52 12.23 44.54
N THR E 205 15.64 12.67 43.29
CA THR E 205 15.20 14.01 42.91
C THR E 205 13.73 14.06 42.57
N GLY E 206 13.20 13.05 41.89
CA GLY E 206 11.80 12.98 41.53
C GLY E 206 10.97 12.22 42.55
N VAL E 207 9.81 11.74 42.08
CA VAL E 207 8.93 10.93 42.92
C VAL E 207 9.60 9.59 43.17
N ASN E 208 9.66 9.19 44.44
CA ASN E 208 10.37 7.99 44.84
C ASN E 208 9.69 6.75 44.29
N THR E 209 10.48 5.90 43.62
CA THR E 209 9.95 4.69 43.01
C THR E 209 9.70 3.60 44.03
N GLY E 210 10.35 3.67 45.19
CA GLY E 210 10.31 2.61 46.17
C GLY E 210 11.34 1.52 45.94
N TYR E 211 12.11 1.59 44.86
CA TYR E 211 13.16 0.64 44.56
C TYR E 211 14.48 1.39 44.58
N ASP E 212 15.46 0.87 45.35
CA ASP E 212 16.71 1.58 45.55
C ASP E 212 17.50 1.71 44.25
N ASP E 213 17.58 0.62 43.48
CA ASP E 213 18.35 0.65 42.24
C ASP E 213 17.71 1.55 41.20
N LEU E 214 16.37 1.57 41.16
CA LEU E 214 15.67 2.48 40.25
C LEU E 214 15.87 3.93 40.67
N ASN E 215 16.02 4.17 41.97
CA ASN E 215 16.33 5.49 42.50
C ASN E 215 17.80 5.84 42.36
N LYS E 216 18.63 4.93 41.85
CA LYS E 216 20.02 5.22 41.53
C LYS E 216 20.19 5.70 40.09
N LYS E 217 19.59 4.99 39.14
CA LYS E 217 19.68 5.37 37.74
C LYS E 217 18.73 6.51 37.41
N THR E 218 17.44 6.30 37.63
CA THR E 218 16.44 7.31 37.30
C THR E 218 16.35 8.41 38.34
N ALA E 219 16.90 8.17 39.54
CA ALA E 219 16.84 9.11 40.68
C ALA E 219 15.40 9.49 41.00
N GLY E 220 14.51 8.51 40.92
CA GLY E 220 13.10 8.73 41.16
C GLY E 220 12.36 9.19 39.92
N LEU E 221 11.04 9.22 40.05
CA LEU E 221 10.16 9.60 38.94
C LEU E 221 10.13 11.13 38.83
N GLN E 222 10.87 11.66 37.85
CA GLN E 222 10.96 13.10 37.69
C GLN E 222 9.64 13.65 37.16
N PRO E 223 9.23 14.84 37.59
CA PRO E 223 8.02 15.45 37.03
C PRO E 223 8.21 15.85 35.58
N SER E 224 7.08 15.90 34.85
CA SER E 224 7.05 16.18 33.41
C SER E 224 7.91 15.17 32.63
N ASP E 225 7.73 13.89 32.94
CA ASP E 225 8.42 12.82 32.26
C ASP E 225 7.41 11.80 31.75
N LEU E 226 7.62 11.34 30.51
CA LEU E 226 6.77 10.33 29.89
C LEU E 226 7.44 8.98 30.08
N ILE E 227 6.85 8.14 30.93
CA ILE E 227 7.45 6.86 31.30
C ILE E 227 6.71 5.77 30.52
N ILE E 228 7.44 5.08 29.66
CA ILE E 228 6.87 4.02 28.83
C ILE E 228 7.48 2.71 29.33
N VAL E 229 6.70 1.95 30.09
CA VAL E 229 7.11 0.63 30.56
C VAL E 229 6.29 -0.38 29.75
N ALA E 230 6.91 -0.88 28.68
CA ALA E 230 6.24 -1.80 27.78
C ALA E 230 6.78 -3.20 27.96
N ALA E 231 5.91 -4.19 27.79
CA ALA E 231 6.29 -5.60 27.94
C ALA E 231 5.29 -6.46 27.17
N ARG E 232 5.57 -7.76 27.15
CA ARG E 232 4.69 -8.75 26.55
C ARG E 232 3.45 -8.93 27.41
N PRO E 233 2.37 -9.48 26.84
CA PRO E 233 1.20 -9.80 27.66
C PRO E 233 1.52 -10.85 28.72
N SER E 234 0.82 -10.73 29.86
CA SER E 234 0.97 -11.62 31.01
C SER E 234 2.41 -11.66 31.52
N MET E 235 2.99 -10.47 31.64
CA MET E 235 4.33 -10.31 32.17
C MET E 235 4.37 -9.52 33.47
N GLY E 236 3.22 -9.23 34.05
CA GLY E 236 3.19 -8.43 35.26
C GLY E 236 3.50 -6.96 35.03
N LYS E 237 3.34 -6.50 33.80
CA LYS E 237 3.61 -5.10 33.47
C LYS E 237 2.63 -4.18 34.19
N THR E 238 1.33 -4.48 34.09
CA THR E 238 0.33 -3.75 34.86
C THR E 238 0.53 -3.98 36.35
N THR E 239 0.95 -5.19 36.72
CA THR E 239 1.24 -5.49 38.13
C THR E 239 2.39 -4.64 38.64
N PHE E 240 3.47 -4.54 37.86
CA PHE E 240 4.61 -3.73 38.27
C PHE E 240 4.25 -2.25 38.32
N ALA E 241 3.43 -1.80 37.37
CA ALA E 241 2.96 -0.42 37.40
C ALA E 241 2.13 -0.15 38.65
N MET E 242 1.29 -1.11 39.03
CA MET E 242 0.50 -0.97 40.25
C MET E 242 1.40 -0.95 41.48
N ASN E 243 2.46 -1.76 41.47
CA ASN E 243 3.42 -1.74 42.57
C ASN E 243 4.10 -0.38 42.68
N LEU E 244 4.45 0.21 41.54
CA LEU E 244 5.03 1.55 41.52
C LEU E 244 4.04 2.58 42.06
N VAL E 245 2.77 2.43 41.67
CA VAL E 245 1.72 3.35 42.15
C VAL E 245 1.57 3.24 43.66
N GLU E 246 1.58 2.01 44.19
CA GLU E 246 1.47 1.79 45.62
C GLU E 246 2.66 2.39 46.37
N ASN E 247 3.86 2.20 45.82
CA ASN E 247 5.06 2.77 46.45
C ASN E 247 5.01 4.29 46.45
N ALA E 248 4.58 4.89 45.34
CA ALA E 248 4.47 6.34 45.27
C ALA E 248 3.42 6.86 46.24
N ALA E 249 2.28 6.18 46.33
CA ALA E 249 1.23 6.58 47.25
C ALA E 249 1.65 6.45 48.72
N MET E 250 2.43 5.43 49.04
CA MET E 250 2.96 5.30 50.40
C MET E 250 4.07 6.30 50.69
N LEU E 251 4.79 6.75 49.68
CA LEU E 251 5.92 7.66 49.88
C LEU E 251 5.60 9.11 49.58
N GLN E 252 4.33 9.45 49.33
CA GLN E 252 3.95 10.84 49.11
C GLN E 252 2.52 11.04 49.58
N ASP E 253 2.16 12.31 49.78
CA ASP E 253 0.79 12.69 50.10
C ASP E 253 0.06 13.32 48.93
N LYS E 254 0.75 13.62 47.84
CA LYS E 254 0.09 14.17 46.66
C LYS E 254 -0.78 13.11 46.01
N PRO E 255 -2.05 13.41 45.69
CA PRO E 255 -2.96 12.38 45.16
C PRO E 255 -2.55 11.91 43.78
N VAL E 256 -2.82 10.64 43.49
CA VAL E 256 -2.53 10.05 42.20
C VAL E 256 -3.84 9.84 41.44
N LEU E 257 -3.72 9.64 40.12
CA LEU E 257 -4.88 9.44 39.25
C LEU E 257 -4.61 8.23 38.36
N ILE E 258 -5.51 7.26 38.41
CA ILE E 258 -5.32 5.99 37.71
C ILE E 258 -6.36 5.88 36.60
N PHE E 259 -5.90 5.56 35.39
CA PHE E 259 -6.78 5.33 34.24
C PHE E 259 -6.62 3.87 33.83
N SER E 260 -7.46 3.00 34.38
CA SER E 260 -7.42 1.57 34.10
C SER E 260 -8.33 1.21 32.93
N LEU E 261 -7.90 1.59 31.73
CA LEU E 261 -8.68 1.36 30.52
C LEU E 261 -8.82 -0.14 30.22
N GLU E 262 -7.73 -0.88 30.38
CA GLU E 262 -7.74 -2.29 29.99
C GLU E 262 -8.45 -3.14 31.04
N MET E 263 -7.94 -3.15 32.26
CA MET E 263 -8.44 -4.08 33.26
C MET E 263 -9.46 -3.41 34.16
N PRO E 264 -10.44 -4.14 34.69
CA PRO E 264 -11.41 -3.54 35.62
C PRO E 264 -10.76 -3.15 36.93
N SER E 265 -11.40 -2.18 37.60
CA SER E 265 -10.86 -1.66 38.85
C SER E 265 -10.91 -2.70 39.98
N GLU E 266 -11.85 -3.65 39.87
CA GLU E 266 -11.95 -4.71 40.87
C GLU E 266 -10.69 -5.59 40.86
N GLN E 267 -10.26 -5.99 39.66
CA GLN E 267 -9.03 -6.77 39.53
C GLN E 267 -7.81 -5.98 39.98
N ILE E 268 -7.82 -4.67 39.69
CA ILE E 268 -6.72 -3.80 40.12
C ILE E 268 -6.65 -3.77 41.63
N MET E 269 -7.80 -3.63 42.29
CA MET E 269 -7.83 -3.60 43.74
C MET E 269 -7.40 -4.94 44.35
N MET E 270 -7.82 -6.05 43.72
CA MET E 270 -7.42 -7.36 44.20
C MET E 270 -5.90 -7.55 44.07
N ARG E 271 -5.33 -7.10 42.95
CA ARG E 271 -3.88 -7.18 42.77
C ARG E 271 -3.16 -6.30 43.77
N SER E 272 -3.70 -5.11 44.05
CA SER E 272 -3.10 -4.22 45.03
C SER E 272 -3.11 -4.82 46.42
N LEU E 273 -4.22 -5.45 46.79
CA LEU E 273 -4.31 -6.08 48.11
C LEU E 273 -3.39 -7.30 48.22
N ALA E 274 -3.28 -8.06 47.13
CA ALA E 274 -2.37 -9.20 47.13
C ALA E 274 -0.91 -8.76 47.24
N SER E 275 -0.57 -7.67 46.54
CA SER E 275 0.80 -7.19 46.57
C SER E 275 1.16 -6.57 47.91
N LEU E 276 0.28 -5.71 48.44
CA LEU E 276 0.59 -4.98 49.66
C LEU E 276 0.60 -5.88 50.89
N SER E 277 -0.38 -6.78 51.00
CA SER E 277 -0.49 -7.66 52.15
C SER E 277 0.35 -8.93 52.00
N ARG E 278 0.97 -9.13 50.84
CA ARG E 278 1.80 -10.30 50.54
C ARG E 278 1.03 -11.60 50.76
N VAL E 279 -0.18 -11.63 50.20
CA VAL E 279 -1.04 -12.80 50.23
C VAL E 279 -1.24 -13.27 48.79
N ASP E 280 -1.39 -14.59 48.62
CA ASP E 280 -1.58 -15.18 47.31
C ASP E 280 -2.82 -14.61 46.62
N GLN E 281 -2.63 -14.17 45.37
CA GLN E 281 -3.73 -13.57 44.63
C GLN E 281 -4.80 -14.59 44.30
N THR E 282 -4.43 -15.86 44.12
CA THR E 282 -5.41 -16.90 43.83
C THR E 282 -6.35 -17.11 45.00
N LYS E 283 -5.81 -17.13 46.23
CA LYS E 283 -6.63 -17.32 47.42
C LYS E 283 -7.58 -16.14 47.62
N ILE E 284 -7.10 -14.93 47.37
CA ILE E 284 -7.93 -13.73 47.49
C ILE E 284 -9.02 -13.75 46.43
N ARG E 285 -8.67 -14.13 45.21
CA ARG E 285 -9.64 -14.18 44.11
C ARG E 285 -10.71 -15.23 44.37
N THR E 286 -10.32 -16.36 44.96
CA THR E 286 -11.29 -17.37 45.35
C THR E 286 -12.01 -17.02 46.64
N GLY E 287 -11.50 -16.06 47.41
CA GLY E 287 -12.08 -15.69 48.67
C GLY E 287 -11.77 -16.60 49.83
N GLN E 288 -10.98 -17.65 49.62
CA GLN E 288 -10.64 -18.61 50.67
C GLN E 288 -9.44 -18.07 51.44
N LEU E 289 -9.74 -17.17 52.39
CA LEU E 289 -8.72 -16.48 53.16
C LEU E 289 -8.98 -16.67 54.65
N ASP E 290 -7.91 -16.85 55.41
CA ASP E 290 -8.01 -16.93 56.86
C ASP E 290 -8.21 -15.53 57.44
N ASP E 291 -8.56 -15.50 58.73
CA ASP E 291 -8.85 -14.23 59.39
C ASP E 291 -7.61 -13.42 59.69
N GLU E 292 -6.44 -14.04 59.73
CA GLU E 292 -5.20 -13.28 59.93
C GLU E 292 -4.87 -12.45 58.69
N ASP E 293 -4.95 -13.06 57.52
CA ASP E 293 -4.79 -12.30 56.28
C ASP E 293 -5.94 -11.32 56.10
N TRP E 294 -7.12 -11.65 56.60
CA TRP E 294 -8.24 -10.70 56.59
C TRP E 294 -7.92 -9.48 57.43
N ALA E 295 -7.31 -9.68 58.60
CA ALA E 295 -6.92 -8.56 59.44
C ALA E 295 -5.81 -7.73 58.80
N ARG E 296 -4.88 -8.40 58.11
CA ARG E 296 -3.83 -7.68 57.39
C ARG E 296 -4.42 -6.82 56.28
N ILE E 297 -5.38 -7.37 55.54
CA ILE E 297 -6.06 -6.62 54.49
C ILE E 297 -6.87 -5.47 55.08
N SER E 298 -7.47 -5.69 56.25
CA SER E 298 -8.22 -4.63 56.92
C SER E 298 -7.29 -3.49 57.35
N GLY E 299 -6.10 -3.84 57.85
CA GLY E 299 -5.12 -2.81 58.17
C GLY E 299 -4.64 -2.05 56.95
N THR E 300 -4.45 -2.77 55.84
CA THR E 300 -4.10 -2.13 54.58
C THR E 300 -5.19 -1.16 54.13
N MET E 301 -6.45 -1.58 54.27
CA MET E 301 -7.57 -0.72 53.93
C MET E 301 -7.64 0.50 54.83
N GLY E 302 -7.32 0.32 56.11
CA GLY E 302 -7.26 1.45 57.03
C GLY E 302 -6.19 2.45 56.64
N ILE E 303 -5.03 1.95 56.23
CA ILE E 303 -3.95 2.82 55.75
C ILE E 303 -4.37 3.55 54.49
N LEU E 304 -5.05 2.85 53.58
CA LEU E 304 -5.53 3.47 52.34
C LEU E 304 -6.57 4.55 52.61
N LEU E 305 -7.48 4.30 53.54
CA LEU E 305 -8.47 5.30 53.90
C LEU E 305 -7.84 6.47 54.65
N GLU E 306 -6.74 6.21 55.36
CA GLU E 306 -5.95 7.30 55.93
C GLU E 306 -5.36 8.16 54.81
N LYS E 307 -4.87 7.52 53.75
CA LYS E 307 -4.33 8.27 52.62
C LYS E 307 -5.45 8.86 51.77
N ARG E 308 -6.26 8.00 51.17
CA ARG E 308 -7.35 8.39 50.25
C ARG E 308 -6.86 9.31 49.15
N ASN E 309 -5.67 9.00 48.62
CA ASN E 309 -5.07 9.76 47.54
C ASN E 309 -5.16 9.05 46.21
N ILE E 310 -5.91 7.96 46.12
CA ILE E 310 -5.97 7.14 44.91
C ILE E 310 -7.36 7.29 44.30
N TYR E 311 -7.40 7.59 43.00
CA TYR E 311 -8.65 7.76 42.27
C TYR E 311 -8.51 7.03 40.93
N ILE E 312 -9.29 5.98 40.74
CA ILE E 312 -9.15 5.09 39.59
C ILE E 312 -10.29 5.36 38.62
N ASP E 313 -9.95 5.55 37.35
CA ASP E 313 -10.93 5.70 36.27
C ASP E 313 -10.79 4.49 35.36
N ASP E 314 -11.72 3.54 35.47
CA ASP E 314 -11.66 2.31 34.71
C ASP E 314 -12.33 2.43 33.34
N SER E 315 -12.65 3.64 32.90
CA SER E 315 -13.25 3.84 31.59
C SER E 315 -12.23 3.55 30.48
N SER E 316 -12.73 3.03 29.37
CA SER E 316 -11.90 2.66 28.23
C SER E 316 -12.25 3.50 27.00
N GLY E 317 -11.34 3.47 26.02
CA GLY E 317 -11.52 4.18 24.77
C GLY E 317 -11.59 5.68 24.92
N LEU E 318 -10.70 6.23 25.75
CA LEU E 318 -10.75 7.64 26.10
C LEU E 318 -9.81 8.46 25.23
N THR E 319 -10.24 9.66 24.88
CA THR E 319 -9.39 10.61 24.18
C THR E 319 -8.45 11.28 25.18
N PRO E 320 -7.27 11.73 24.74
CA PRO E 320 -6.37 12.45 25.67
C PRO E 320 -6.94 13.77 26.19
N THR E 321 -7.89 14.37 25.47
CA THR E 321 -8.49 15.62 25.94
C THR E 321 -9.31 15.39 27.19
N GLU E 322 -10.07 14.30 27.23
CA GLU E 322 -10.83 13.96 28.44
C GLU E 322 -9.90 13.70 29.61
N VAL E 323 -8.79 13.01 29.35
CA VAL E 323 -7.80 12.74 30.39
C VAL E 323 -7.20 14.04 30.91
N ARG E 324 -6.91 14.97 30.00
CA ARG E 324 -6.37 16.28 30.39
C ARG E 324 -7.37 17.06 31.23
N SER E 325 -8.65 17.03 30.84
CA SER E 325 -9.68 17.75 31.59
C SER E 325 -9.84 17.17 32.99
N ARG E 326 -9.87 15.84 33.09
CA ARG E 326 -9.98 15.20 34.40
C ARG E 326 -8.75 15.45 35.26
N ALA E 327 -7.57 15.47 34.64
CA ALA E 327 -6.34 15.75 35.37
C ALA E 327 -6.34 17.16 35.92
N ARG E 328 -6.76 18.14 35.12
CA ARG E 328 -6.86 19.51 35.59
C ARG E 328 -7.89 19.63 36.71
N ARG E 329 -9.01 18.91 36.57
CA ARG E 329 -10.05 18.91 37.59
C ARG E 329 -9.52 18.39 38.92
N ILE E 330 -8.85 17.24 38.91
CA ILE E 330 -8.36 16.65 40.14
C ILE E 330 -7.22 17.49 40.72
N ALA E 331 -6.38 18.04 39.84
CA ALA E 331 -5.24 18.85 40.30
C ALA E 331 -5.70 20.12 41.00
N ARG E 332 -6.73 20.77 40.46
CA ARG E 332 -7.26 21.96 41.12
C ARG E 332 -8.02 21.58 42.39
N GLU E 333 -8.82 20.52 42.32
CA GLU E 333 -9.66 20.13 43.45
C GLU E 333 -8.82 19.61 44.62
N HIS E 334 -7.81 18.80 44.33
CA HIS E 334 -7.06 18.09 45.35
C HIS E 334 -5.64 18.64 45.52
N GLY E 335 -5.38 19.81 44.94
CA GLY E 335 -4.07 20.43 45.07
C GLY E 335 -2.97 19.69 44.35
N GLY E 336 -3.08 19.58 43.03
CA GLY E 336 -2.08 18.92 42.22
C GLY E 336 -2.29 17.42 42.16
N ILE E 337 -1.52 16.79 41.28
CA ILE E 337 -1.56 15.34 41.08
C ILE E 337 -0.13 14.81 41.15
N GLY E 338 0.09 13.81 41.99
CA GLY E 338 1.39 13.18 42.10
C GLY E 338 1.77 12.31 40.92
N LEU E 339 0.83 11.51 40.42
CA LEU E 339 1.13 10.54 39.38
C LEU E 339 -0.12 10.29 38.53
N ILE E 340 0.09 10.09 37.23
CA ILE E 340 -1.00 9.80 36.31
C ILE E 340 -0.69 8.46 35.66
N MET E 341 -1.55 7.47 35.92
CA MET E 341 -1.34 6.12 35.39
C MET E 341 -2.22 5.92 34.17
N ILE E 342 -1.66 5.35 33.11
CA ILE E 342 -2.39 4.98 31.90
C ILE E 342 -2.24 3.48 31.69
N ASP E 343 -3.37 2.79 31.50
CA ASP E 343 -3.36 1.35 31.33
C ASP E 343 -3.17 0.98 29.85
N TYR E 344 -1.95 1.26 29.36
CA TYR E 344 -1.41 0.79 28.10
C TYR E 344 -2.05 1.51 26.91
N LEU E 345 -1.20 2.08 26.05
CA LEU E 345 -1.62 3.18 25.18
C LEU E 345 -2.49 2.73 24.02
N GLN E 346 -2.35 1.50 23.55
CA GLN E 346 -3.14 1.06 22.39
C GLN E 346 -4.61 0.87 22.72
N LEU E 347 -4.99 0.89 23.99
CA LEU E 347 -6.39 0.91 24.39
C LEU E 347 -7.03 2.28 24.24
N MET E 348 -6.23 3.36 24.20
CA MET E 348 -6.76 4.70 24.05
C MET E 348 -7.33 4.89 22.65
N ARG E 349 -8.38 5.71 22.54
CA ARG E 349 -9.09 5.91 21.29
C ARG E 349 -9.16 7.39 20.96
N VAL E 350 -8.70 7.74 19.76
CA VAL E 350 -8.83 9.09 19.23
C VAL E 350 -9.68 9.04 17.96
N PRO E 351 -10.94 9.49 18.01
CA PRO E 351 -11.79 9.43 16.81
C PRO E 351 -11.29 10.28 15.65
N ALA E 352 -10.50 11.33 15.94
CA ALA E 352 -10.01 12.20 14.87
C ALA E 352 -9.02 11.48 13.97
N LEU E 353 -8.09 10.72 14.57
CA LEU E 353 -7.06 10.01 13.82
C LEU E 353 -7.25 8.50 13.88
N SER E 354 -8.51 8.05 13.99
CA SER E 354 -8.77 6.62 14.10
C SER E 354 -8.53 5.88 12.80
N ASP E 355 -8.34 6.61 11.68
CA ASP E 355 -8.09 5.96 10.40
C ASP E 355 -6.76 5.24 10.38
N ASN E 356 -5.72 5.83 10.96
CA ASN E 356 -4.38 5.25 11.01
C ASN E 356 -3.93 5.14 12.46
N ARG E 357 -3.43 3.97 12.85
CA ARG E 357 -3.08 3.74 14.24
C ARG E 357 -1.83 4.53 14.63
N THR E 358 -0.88 4.68 13.71
CA THR E 358 0.36 5.38 14.05
C THR E 358 0.11 6.87 14.29
N LEU E 359 -0.83 7.45 13.54
CA LEU E 359 -1.24 8.83 13.79
C LEU E 359 -1.85 8.98 15.18
N GLU E 360 -2.67 8.01 15.58
CA GLU E 360 -3.23 8.00 16.92
C GLU E 360 -2.12 7.91 17.97
N ILE E 361 -1.13 7.06 17.72
CA ILE E 361 -0.02 6.89 18.65
C ILE E 361 0.76 8.20 18.81
N ALA E 362 1.06 8.85 17.69
CA ALA E 362 1.80 10.11 17.72
C ALA E 362 1.01 11.19 18.44
N GLU E 363 -0.29 11.29 18.14
CA GLU E 363 -1.13 12.31 18.77
C GLU E 363 -1.23 12.08 20.28
N ILE E 364 -1.42 10.83 20.69
CA ILE E 364 -1.54 10.50 22.10
C ILE E 364 -0.24 10.80 22.83
N SER E 365 0.89 10.43 22.22
CA SER E 365 2.20 10.67 22.84
C SER E 365 2.47 12.16 22.99
N ARG E 366 2.16 12.94 21.94
CA ARG E 366 2.38 14.38 21.99
C ARG E 366 1.47 15.04 23.03
N SER E 367 0.21 14.62 23.09
CA SER E 367 -0.72 15.20 24.05
C SER E 367 -0.32 14.86 25.48
N LEU E 368 0.12 13.62 25.71
CA LEU E 368 0.55 13.22 27.05
C LEU E 368 1.81 13.95 27.47
N LYS E 369 2.75 14.15 26.55
CA LYS E 369 3.95 14.91 26.87
C LYS E 369 3.61 16.36 27.18
N ALA E 370 2.70 16.95 26.40
CA ALA E 370 2.29 18.33 26.65
C ALA E 370 1.58 18.46 27.99
N LEU E 371 0.75 17.47 28.34
CA LEU E 371 0.06 17.51 29.63
C LEU E 371 1.03 17.35 30.78
N ALA E 372 2.03 16.46 30.63
CA ALA E 372 3.03 16.28 31.67
C ALA E 372 3.87 17.54 31.87
N LYS E 373 4.20 18.21 30.76
CA LYS E 373 4.90 19.49 30.87
C LYS E 373 4.01 20.56 31.48
N GLU E 374 2.70 20.45 31.26
CA GLU E 374 1.77 21.47 31.73
C GLU E 374 1.63 21.42 33.26
N LEU E 375 1.23 20.26 33.79
CA LEU E 375 0.91 20.15 35.20
C LEU E 375 2.10 19.71 36.04
N ASN E 376 3.25 19.47 35.41
CA ASN E 376 4.49 19.08 36.07
C ASN E 376 4.30 17.82 36.91
N VAL E 377 3.76 16.79 36.28
CA VAL E 377 3.46 15.53 36.94
C VAL E 377 4.04 14.38 36.13
N PRO E 378 4.75 13.44 36.75
CA PRO E 378 5.20 12.24 36.02
C PRO E 378 4.00 11.40 35.60
N VAL E 379 3.99 10.96 34.36
CA VAL E 379 2.91 10.16 33.81
C VAL E 379 3.49 8.82 33.39
N VAL E 380 2.95 7.74 33.96
CA VAL E 380 3.39 6.39 33.60
C VAL E 380 2.36 5.79 32.65
N ALA E 381 2.73 5.67 31.37
CA ALA E 381 1.87 5.11 30.34
C ALA E 381 2.50 3.81 29.86
N LEU E 382 1.78 2.70 30.01
CA LEU E 382 2.27 1.42 29.55
C LEU E 382 2.10 1.31 28.03
N SER E 383 2.66 0.23 27.47
CA SER E 383 2.56 -0.04 26.05
C SER E 383 2.79 -1.53 25.82
N GLN E 384 2.58 -1.96 24.57
CA GLN E 384 2.82 -3.33 24.17
C GLN E 384 4.00 -3.39 23.22
N LEU E 385 4.29 -4.60 22.74
CA LEU E 385 5.44 -4.86 21.88
C LEU E 385 4.98 -5.52 20.58
N ASN E 386 5.95 -5.90 19.77
CA ASN E 386 5.71 -6.58 18.50
C ASN E 386 6.22 -8.00 18.57
N ARG E 387 5.82 -8.80 17.57
CA ARG E 387 6.23 -10.20 17.49
C ARG E 387 7.66 -10.37 16.98
N SER E 388 8.30 -9.29 16.51
CA SER E 388 9.68 -9.38 16.05
C SER E 388 10.62 -9.77 17.18
N LEU E 389 10.29 -9.36 18.41
CA LEU E 389 10.99 -9.82 19.61
C LEU E 389 10.94 -11.34 19.71
N GLU E 390 9.78 -11.91 19.41
CA GLU E 390 9.66 -13.36 19.36
C GLU E 390 10.47 -13.95 18.22
N GLN E 391 10.65 -13.18 17.13
CA GLN E 391 11.42 -13.68 15.99
C GLN E 391 12.90 -13.76 16.32
N ARG E 392 13.40 -12.82 17.13
CA ARG E 392 14.81 -12.81 17.50
C ARG E 392 15.12 -13.95 18.46
N ALA E 393 16.34 -14.49 18.34
CA ALA E 393 16.78 -15.54 19.25
C ALA E 393 16.91 -15.01 20.68
N ASP E 394 17.56 -13.86 20.83
CA ASP E 394 17.56 -13.16 22.10
C ASP E 394 16.30 -12.31 22.19
N LYS E 395 15.49 -12.57 23.21
CA LYS E 395 14.19 -11.90 23.36
C LYS E 395 14.26 -10.70 24.28
N ARG E 396 15.40 -10.02 24.35
CA ARG E 396 15.53 -8.79 25.11
C ARG E 396 14.94 -7.64 24.30
N PRO E 397 13.99 -6.90 24.86
CA PRO E 397 13.27 -5.88 24.07
C PRO E 397 14.16 -4.70 23.71
N VAL E 398 13.89 -4.12 22.55
CA VAL E 398 14.59 -2.94 22.07
C VAL E 398 13.55 -1.86 21.74
N ASN E 399 14.05 -0.71 21.26
CA ASN E 399 13.16 0.38 20.89
C ASN E 399 12.31 0.03 19.68
N SER E 400 12.88 -0.71 18.72
CA SER E 400 12.12 -1.11 17.54
C SER E 400 11.10 -2.21 17.87
N ASP E 401 11.28 -2.90 19.00
CA ASP E 401 10.33 -3.93 19.39
C ASP E 401 8.99 -3.34 19.83
N LEU E 402 8.93 -2.03 20.04
CA LEU E 402 7.70 -1.36 20.46
C LEU E 402 6.62 -1.48 19.40
N ARG E 403 5.39 -1.70 19.84
CA ARG E 403 4.26 -1.82 18.93
C ARG E 403 3.89 -0.46 18.37
N GLU E 404 4.32 -0.18 17.14
CA GLU E 404 4.17 1.12 16.46
C GLU E 404 4.75 2.24 17.32
N SER E 405 6.07 2.21 17.48
CA SER E 405 6.76 3.21 18.28
C SER E 405 6.58 4.61 17.72
N GLY E 406 7.16 4.86 16.55
CA GLY E 406 7.11 6.18 15.94
C GLY E 406 7.67 7.27 16.83
N SER E 407 6.80 8.15 17.32
CA SER E 407 7.24 9.28 18.13
C SER E 407 7.28 8.93 19.61
N ILE E 408 7.01 7.65 19.94
CA ILE E 408 7.09 7.20 21.32
C ILE E 408 8.51 7.34 21.86
N GLU E 409 9.49 6.93 21.06
CA GLU E 409 10.88 7.03 21.48
C GLU E 409 11.31 8.49 21.57
N GLN E 410 10.79 9.33 20.68
CA GLN E 410 11.18 10.74 20.67
C GLN E 410 10.60 11.50 21.86
N ASP E 411 9.31 11.34 22.12
CA ASP E 411 8.65 12.14 23.16
C ASP E 411 9.02 11.66 24.55
N ALA E 412 9.04 10.34 24.76
CA ALA E 412 9.29 9.81 26.09
C ALA E 412 10.78 9.91 26.44
N ASP E 413 11.05 9.91 27.75
CA ASP E 413 12.41 10.04 28.25
C ASP E 413 12.80 8.94 29.24
N LEU E 414 11.84 8.14 29.71
CA LEU E 414 12.07 7.16 30.77
C LEU E 414 11.48 5.82 30.31
N ILE E 415 11.84 5.42 29.09
CA ILE E 415 11.34 4.16 28.54
C ILE E 415 12.05 2.98 29.19
N MET E 416 11.28 2.02 29.67
CA MET E 416 11.83 0.79 30.23
C MET E 416 11.10 -0.42 29.65
N PHE E 417 11.80 -1.56 29.70
CA PHE E 417 11.29 -2.81 29.13
C PHE E 417 11.47 -3.90 30.18
N ILE E 418 10.46 -4.75 30.33
CA ILE E 418 10.52 -5.86 31.26
C ILE E 418 10.95 -7.11 30.51
N TYR E 419 11.95 -7.80 31.04
CA TYR E 419 12.47 -9.03 30.43
C TYR E 419 12.43 -10.14 31.47
N ARG E 420 11.85 -11.27 31.11
CA ARG E 420 11.77 -12.44 31.98
C ARG E 420 12.14 -13.67 31.15
N ASP E 421 13.40 -14.10 31.25
CA ASP E 421 13.86 -15.25 30.48
C ASP E 421 13.27 -16.54 31.04
N GLU E 422 12.75 -16.50 32.26
CA GLU E 422 12.07 -17.65 32.84
C GLU E 422 10.83 -18.03 32.04
N VAL E 423 10.15 -17.03 31.48
CA VAL E 423 8.96 -17.30 30.67
C VAL E 423 9.36 -17.98 29.36
N TYR E 424 10.39 -17.44 28.69
CA TYR E 424 10.78 -17.95 27.39
C TYR E 424 11.50 -19.30 27.51
N HIS E 425 12.30 -19.47 28.55
CA HIS E 425 13.10 -20.68 28.74
C HIS E 425 12.71 -21.33 30.05
N GLU E 426 12.26 -22.58 29.98
CA GLU E 426 11.90 -23.32 31.19
C GLU E 426 13.13 -23.65 32.02
N ASN E 427 14.27 -23.84 31.38
CA ASN E 427 15.51 -24.16 32.07
C ASN E 427 16.32 -22.92 32.43
N SER E 428 15.74 -21.74 32.26
CA SER E 428 16.44 -20.50 32.61
C SER E 428 16.65 -20.42 34.12
N ASP E 429 17.81 -19.89 34.51
CA ASP E 429 18.14 -19.69 35.91
C ASP E 429 17.68 -18.33 36.42
N LEU E 430 16.99 -17.55 35.59
CA LEU E 430 16.49 -16.23 35.97
C LEU E 430 15.05 -16.30 36.46
N LYS E 431 14.68 -17.42 37.08
CA LYS E 431 13.34 -17.59 37.64
C LYS E 431 13.15 -16.64 38.81
N GLY E 432 12.06 -15.86 38.76
CA GLY E 432 11.84 -14.79 39.71
C GLY E 432 12.57 -13.51 39.42
N ILE E 433 13.63 -13.55 38.62
CA ILE E 433 14.42 -12.37 38.30
C ILE E 433 13.79 -11.67 37.10
N ALA E 434 13.40 -10.43 37.28
CA ALA E 434 12.82 -9.60 36.21
C ALA E 434 13.83 -8.49 35.91
N GLU E 435 14.20 -8.37 34.65
CA GLU E 435 15.19 -7.37 34.22
C GLU E 435 14.42 -6.16 33.67
N ILE E 436 14.48 -5.04 34.40
CA ILE E 436 13.93 -3.78 33.92
C ILE E 436 15.08 -3.08 33.21
N ILE E 437 15.05 -3.13 31.88
CA ILE E 437 16.12 -2.57 31.07
C ILE E 437 15.67 -1.19 30.58
N ILE E 438 16.45 -0.17 30.90
CA ILE E 438 16.14 1.19 30.47
C ILE E 438 16.47 1.32 28.99
N GLY E 439 15.44 1.36 28.15
CA GLY E 439 15.67 1.57 26.73
C GLY E 439 16.17 2.97 26.42
N LYS E 440 15.60 3.97 27.09
CA LYS E 440 15.98 5.36 26.87
C LYS E 440 16.02 6.10 28.19
N GLN E 441 17.12 6.81 28.44
CA GLN E 441 17.23 7.74 29.57
C GLN E 441 18.05 8.92 29.08
N ARG E 442 17.40 10.08 28.90
CA ARG E 442 18.10 11.26 28.43
C ARG E 442 19.12 11.75 29.46
N ASN E 443 18.66 11.92 30.69
CA ASN E 443 19.53 12.41 31.77
C ASN E 443 20.01 11.20 32.57
N GLY E 444 21.20 10.73 32.25
CA GLY E 444 21.80 9.64 32.99
C GLY E 444 22.01 8.41 32.12
N PRO E 445 22.77 7.45 32.62
CA PRO E 445 23.03 6.24 31.86
C PRO E 445 21.83 5.31 31.85
N ILE E 446 21.85 4.37 30.91
CA ILE E 446 20.85 3.30 30.85
C ILE E 446 21.48 2.02 31.38
N GLY E 447 20.66 1.03 31.68
CA GLY E 447 21.18 -0.20 32.24
C GLY E 447 20.07 -1.22 32.43
N THR E 448 20.34 -2.18 33.33
CA THR E 448 19.43 -3.26 33.63
C THR E 448 19.31 -3.40 35.14
N VAL E 449 18.09 -3.28 35.66
CA VAL E 449 17.82 -3.39 37.09
C VAL E 449 17.20 -4.76 37.31
N ARG E 450 17.85 -5.58 38.13
CA ARG E 450 17.30 -6.88 38.48
C ARG E 450 16.33 -6.73 39.64
N LEU E 451 15.18 -7.38 39.54
CA LEU E 451 14.20 -7.37 40.63
C LEU E 451 13.69 -8.79 40.89
N THR E 452 13.09 -9.00 42.06
CA THR E 452 12.56 -10.29 42.47
C THR E 452 11.03 -10.23 42.32
N PHE E 453 10.48 -11.09 41.47
CA PHE E 453 9.04 -11.12 41.26
C PHE E 453 8.42 -12.31 41.97
N ASN E 454 7.38 -12.05 42.75
CA ASN E 454 6.59 -13.07 43.42
C ASN E 454 5.28 -13.19 42.65
N GLY E 455 5.13 -14.29 41.92
CA GLY E 455 3.91 -14.51 41.17
C GLY E 455 2.71 -14.69 42.07
N GLN E 456 2.88 -15.43 43.17
CA GLN E 456 1.80 -15.69 44.12
C GLN E 456 1.30 -14.39 44.75
N TRP E 457 2.20 -13.60 45.31
CA TRP E 457 1.84 -12.30 45.84
C TRP E 457 1.74 -11.24 44.76
N SER E 458 2.26 -11.52 43.57
CA SER E 458 2.42 -10.57 42.47
C SER E 458 3.13 -9.31 42.96
N ARG E 459 4.29 -9.54 43.59
CA ARG E 459 5.02 -8.50 44.30
C ARG E 459 6.39 -8.33 43.66
N PHE E 460 6.72 -7.11 43.27
CA PHE E 460 8.05 -6.81 42.76
C PHE E 460 8.88 -6.18 43.88
N ASP E 461 10.03 -6.79 44.18
CA ASP E 461 10.90 -6.32 45.24
C ASP E 461 12.32 -6.19 44.73
N ASN E 462 13.17 -5.56 45.54
CA ASN E 462 14.57 -5.40 45.20
C ASN E 462 15.27 -6.76 45.20
N TYR E 463 16.09 -7.00 44.19
CA TYR E 463 16.82 -8.26 44.10
C TYR E 463 17.88 -8.34 45.19
N ALA E 464 18.05 -9.53 45.75
CA ALA E 464 19.04 -9.75 46.80
C ALA E 464 19.99 -10.87 46.42
N LYS F 25 -3.45 42.19 -28.16
CA LYS F 25 -3.30 42.54 -26.76
C LYS F 25 -2.20 43.58 -26.55
N VAL F 26 -2.09 44.08 -25.32
CA VAL F 26 -1.05 45.02 -24.94
C VAL F 26 0.20 44.24 -24.58
N PRO F 27 1.35 44.53 -25.18
CA PRO F 27 2.59 43.86 -24.79
C PRO F 27 2.96 44.16 -23.35
N PRO F 28 3.52 43.19 -22.64
CA PRO F 28 3.87 43.40 -21.22
C PRO F 28 5.08 44.31 -21.07
N HIS F 29 4.88 45.46 -20.45
CA HIS F 29 5.94 46.43 -20.26
C HIS F 29 5.75 47.16 -18.95
N SER F 30 6.83 47.78 -18.47
CA SER F 30 6.82 48.60 -17.26
C SER F 30 7.47 49.94 -17.61
N ILE F 31 6.63 50.89 -18.00
CA ILE F 31 7.13 52.21 -18.38
C ILE F 31 7.70 52.94 -17.17
N GLU F 32 7.10 52.72 -15.99
CA GLU F 32 7.51 53.40 -14.78
C GLU F 32 8.94 53.01 -14.37
N ALA F 33 9.29 51.73 -14.54
CA ALA F 33 10.64 51.29 -14.25
C ALA F 33 11.64 51.93 -15.21
N GLU F 34 11.26 52.06 -16.49
CA GLU F 34 12.12 52.72 -17.47
C GLU F 34 12.34 54.19 -17.11
N GLN F 35 11.27 54.87 -16.68
CA GLN F 35 11.38 56.26 -16.27
C GLN F 35 12.25 56.40 -15.04
N SER F 36 12.12 55.47 -14.09
CA SER F 36 12.97 55.48 -12.90
C SER F 36 14.43 55.28 -13.26
N VAL F 37 14.70 54.36 -14.19
CA VAL F 37 16.07 54.11 -14.64
C VAL F 37 16.65 55.35 -15.30
N LEU F 38 15.86 55.99 -16.18
CA LEU F 38 16.34 57.18 -16.87
C LEU F 38 16.59 58.34 -15.92
N GLY F 39 15.70 58.53 -14.94
CA GLY F 39 15.90 59.56 -13.95
C GLY F 39 17.12 59.30 -13.07
N GLY F 40 17.33 58.04 -12.69
CA GLY F 40 18.51 57.69 -11.91
C GLY F 40 19.80 57.89 -12.69
N LEU F 41 19.77 57.60 -13.99
CA LEU F 41 20.93 57.87 -14.82
C LEU F 41 21.18 59.36 -14.97
N MET F 42 20.11 60.16 -15.07
CA MET F 42 20.25 61.61 -15.10
C MET F 42 20.82 62.14 -13.80
N LEU F 43 20.48 61.51 -12.68
CA LEU F 43 21.01 61.95 -11.39
C LEU F 43 22.38 61.32 -11.11
N ASP F 44 22.47 59.99 -11.17
CA ASP F 44 23.67 59.26 -10.80
C ASP F 44 24.32 58.69 -12.07
N ASN F 45 25.63 58.88 -12.19
CA ASN F 45 26.39 58.33 -13.30
C ASN F 45 27.27 57.16 -12.90
N GLU F 46 27.47 56.93 -11.61
CA GLU F 46 28.33 55.83 -11.16
C GLU F 46 27.64 54.47 -11.36
N ARG F 47 26.32 54.44 -11.26
CA ARG F 47 25.57 53.20 -11.45
C ARG F 47 25.21 52.97 -12.91
N TRP F 48 25.81 53.73 -13.84
CA TRP F 48 25.59 53.50 -15.27
C TRP F 48 26.12 52.14 -15.70
N ASP F 49 27.21 51.69 -15.06
CA ASP F 49 27.84 50.43 -15.44
C ASP F 49 26.91 49.24 -15.23
N ASP F 50 26.18 49.26 -14.11
CA ASP F 50 25.21 48.19 -13.83
C ASP F 50 24.09 48.18 -14.87
N VAL F 51 23.64 49.36 -15.27
CA VAL F 51 22.57 49.46 -16.28
C VAL F 51 23.07 48.96 -17.63
N ALA F 52 24.29 49.34 -18.01
CA ALA F 52 24.86 48.90 -19.28
C ALA F 52 25.09 47.39 -19.29
N GLU F 53 25.52 46.84 -18.15
CA GLU F 53 25.69 45.40 -18.05
C GLU F 53 24.36 44.66 -18.13
N ARG F 54 23.34 45.20 -17.48
CA ARG F 54 22.05 44.52 -17.40
C ARG F 54 21.24 44.66 -18.69
N VAL F 55 20.91 45.89 -19.08
CA VAL F 55 19.97 46.12 -20.16
C VAL F 55 20.63 46.92 -21.27
N VAL F 56 19.95 46.95 -22.42
CA VAL F 56 20.35 47.75 -23.57
C VAL F 56 19.19 48.66 -23.93
N ALA F 57 19.33 49.42 -25.02
CA ALA F 57 18.24 50.30 -25.45
C ALA F 57 17.06 49.49 -25.98
N ASP F 58 17.32 48.29 -26.49
CA ASP F 58 16.24 47.46 -27.04
C ASP F 58 15.31 46.96 -25.95
N ASP F 59 15.78 46.91 -24.70
CA ASP F 59 14.92 46.48 -23.61
C ASP F 59 13.86 47.52 -23.26
N PHE F 60 14.07 48.77 -23.68
CA PHE F 60 13.10 49.84 -23.45
C PHE F 60 11.91 49.62 -24.38
N TYR F 61 10.70 49.72 -23.83
CA TYR F 61 9.51 49.44 -24.62
C TYR F 61 9.25 50.52 -25.66
N THR F 62 9.31 51.78 -25.24
CA THR F 62 9.02 52.89 -26.14
C THR F 62 10.26 53.26 -26.94
N ARG F 63 10.05 53.50 -28.24
CA ARG F 63 11.14 53.98 -29.09
C ARG F 63 11.78 55.28 -28.61
N PRO F 64 11.04 56.29 -28.11
CA PRO F 64 11.74 57.44 -27.47
C PRO F 64 12.65 57.04 -26.32
N HIS F 65 12.26 56.04 -25.52
CA HIS F 65 13.13 55.56 -24.46
C HIS F 65 14.39 54.92 -25.02
N ARG F 66 14.26 54.20 -26.14
CA ARG F 66 15.43 53.65 -26.83
C ARG F 66 16.35 54.76 -27.29
N HIS F 67 15.78 55.83 -27.86
CA HIS F 67 16.59 56.96 -28.31
C HIS F 67 17.30 57.64 -27.13
N ILE F 68 16.60 57.78 -26.01
CA ILE F 68 17.18 58.41 -24.83
C ILE F 68 18.34 57.58 -24.28
N PHE F 69 18.15 56.27 -24.19
CA PHE F 69 19.23 55.41 -23.70
C PHE F 69 20.40 55.37 -24.67
N THR F 70 20.11 55.43 -25.98
CA THR F 70 21.17 55.48 -26.97
C THR F 70 22.00 56.75 -26.84
N GLU F 71 21.32 57.88 -26.63
CA GLU F 71 22.03 59.14 -26.44
C GLU F 71 22.84 59.12 -25.14
N MET F 72 22.29 58.52 -24.09
CA MET F 72 23.00 58.39 -22.82
C MET F 72 24.26 57.55 -22.99
N ALA F 73 24.15 56.43 -23.71
CA ALA F 73 25.29 55.57 -23.96
C ALA F 73 26.35 56.29 -24.80
N ARG F 74 25.91 57.04 -25.80
CA ARG F 74 26.85 57.78 -26.65
C ARG F 74 27.58 58.85 -25.85
N LEU F 75 26.86 59.55 -24.97
CA LEU F 75 27.49 60.59 -24.15
C LEU F 75 28.44 60.00 -23.13
N GLN F 76 28.07 58.86 -22.54
CA GLN F 76 28.93 58.24 -21.53
C GLN F 76 30.18 57.62 -22.16
N GLU F 77 30.05 57.04 -23.36
CA GLU F 77 31.21 56.52 -24.06
C GLU F 77 32.14 57.64 -24.48
N SER F 78 31.59 58.83 -24.73
CA SER F 78 32.42 60.00 -25.00
C SER F 78 33.02 60.59 -23.73
N GLY F 79 32.61 60.10 -22.55
CA GLY F 79 33.11 60.60 -21.30
C GLY F 79 32.30 61.71 -20.67
N SER F 80 31.27 62.19 -21.36
CA SER F 80 30.43 63.26 -20.84
C SER F 80 29.60 62.78 -19.67
N PRO F 81 29.51 63.54 -18.58
CA PRO F 81 28.64 63.15 -17.47
C PRO F 81 27.17 63.23 -17.88
N ILE F 82 26.34 62.39 -17.27
CA ILE F 82 24.94 62.27 -17.65
C ILE F 82 24.14 63.23 -16.78
N ASP F 83 23.74 64.36 -17.36
CA ASP F 83 22.83 65.30 -16.73
C ASP F 83 21.77 65.72 -17.74
N LEU F 84 20.83 66.55 -17.28
CA LEU F 84 19.69 66.93 -18.12
C LEU F 84 20.11 67.84 -19.26
N ILE F 85 20.95 68.83 -18.97
CA ILE F 85 21.26 69.87 -19.96
C ILE F 85 22.10 69.30 -21.09
N THR F 86 23.13 68.51 -20.75
CA THR F 86 24.01 67.95 -21.77
C THR F 86 23.25 66.94 -22.63
N LEU F 87 22.38 66.13 -22.02
CA LEU F 87 21.57 65.19 -22.78
C LEU F 87 20.60 65.90 -23.71
N ALA F 88 19.99 66.99 -23.23
CA ALA F 88 19.10 67.79 -24.07
C ALA F 88 19.85 68.41 -25.24
N GLU F 89 21.06 68.91 -24.98
CA GLU F 89 21.89 69.47 -26.04
C GLU F 89 22.27 68.40 -27.06
N SER F 90 22.60 67.20 -26.59
CA SER F 90 23.00 66.12 -27.48
C SER F 90 21.83 65.66 -28.34
N LEU F 91 20.63 65.61 -27.76
CA LEU F 91 19.45 65.25 -28.54
C LEU F 91 19.08 66.36 -29.53
N GLU F 92 19.30 67.62 -29.15
CA GLU F 92 19.02 68.73 -30.05
C GLU F 92 19.99 68.75 -31.23
N ARG F 93 21.26 68.44 -30.98
CA ARG F 93 22.25 68.41 -32.07
C ARG F 93 21.94 67.33 -33.08
N GLN F 94 21.47 66.17 -32.63
CA GLN F 94 21.04 65.11 -33.52
C GLN F 94 19.60 65.26 -33.97
N GLY F 95 18.87 66.25 -33.45
CA GLY F 95 17.49 66.45 -33.83
C GLY F 95 16.51 65.48 -33.20
N GLN F 96 16.95 64.67 -32.24
CA GLN F 96 16.09 63.69 -31.60
C GLN F 96 15.39 64.24 -30.36
N LEU F 97 15.58 65.52 -30.05
CA LEU F 97 14.91 66.13 -28.91
C LEU F 97 13.39 66.14 -29.11
N ASP F 98 12.95 66.44 -30.33
CA ASP F 98 11.52 66.44 -30.61
C ASP F 98 10.97 65.02 -30.71
N SER F 99 11.81 64.05 -31.10
CA SER F 99 11.35 62.69 -31.26
C SER F 99 11.11 62.01 -29.90
N VAL F 100 11.87 62.40 -28.88
CA VAL F 100 11.75 61.74 -27.57
C VAL F 100 10.68 62.37 -26.69
N GLY F 101 10.18 63.56 -27.03
CA GLY F 101 9.12 64.17 -26.24
C GLY F 101 9.38 65.62 -25.87
N GLY F 102 10.57 66.12 -26.17
CA GLY F 102 10.94 67.48 -25.85
C GLY F 102 11.68 67.59 -24.53
N PHE F 103 12.15 68.81 -24.27
CA PHE F 103 12.92 69.06 -23.05
C PHE F 103 12.05 68.97 -21.80
N ALA F 104 10.76 69.32 -21.94
CA ALA F 104 9.84 69.23 -20.81
C ALA F 104 9.64 67.78 -20.37
N TYR F 105 9.58 66.85 -21.34
CA TYR F 105 9.46 65.44 -21.01
C TYR F 105 10.70 64.93 -20.27
N LEU F 106 11.89 65.36 -20.71
CA LEU F 106 13.12 64.97 -20.03
C LEU F 106 13.19 65.55 -18.63
N ALA F 107 12.73 66.80 -18.46
CA ALA F 107 12.69 67.42 -17.15
C ALA F 107 11.72 66.67 -16.23
N GLU F 108 10.58 66.25 -16.78
CA GLU F 108 9.63 65.45 -16.01
C GLU F 108 10.23 64.11 -15.60
N LEU F 109 10.97 63.48 -16.51
CA LEU F 109 11.63 62.21 -16.18
C LEU F 109 12.67 62.38 -15.08
N SER F 110 13.42 63.48 -15.14
CA SER F 110 14.41 63.76 -14.09
C SER F 110 13.73 64.07 -12.77
N LYS F 111 12.57 64.73 -12.82
CA LYS F 111 11.85 65.12 -11.61
C LYS F 111 11.23 63.92 -10.91
N ASN F 112 10.69 62.99 -11.69
CA ASN F 112 9.86 61.92 -11.12
C ASN F 112 10.68 60.96 -10.27
N THR F 113 11.92 60.69 -10.65
CA THR F 113 12.73 59.70 -9.94
C THR F 113 13.26 60.27 -8.63
N PRO F 114 12.90 59.68 -7.48
CA PRO F 114 13.44 60.18 -6.19
C PRO F 114 14.92 59.87 -6.02
N SER F 115 15.29 58.60 -6.20
CA SER F 115 16.65 58.14 -5.98
C SER F 115 16.95 56.97 -6.90
N ALA F 116 18.25 56.66 -7.02
CA ALA F 116 18.72 55.57 -7.88
C ALA F 116 19.26 54.42 -7.04
N ALA F 117 18.78 54.27 -5.80
CA ALA F 117 19.27 53.20 -4.94
C ALA F 117 18.82 51.83 -5.44
N ASN F 118 17.61 51.75 -5.99
CA ASN F 118 17.07 50.50 -6.49
C ASN F 118 17.01 50.45 -8.01
N ILE F 119 17.93 51.14 -8.70
CA ILE F 119 17.88 51.18 -10.15
C ILE F 119 18.29 49.83 -10.75
N SER F 120 19.05 49.04 -10.00
CA SER F 120 19.42 47.70 -10.46
C SER F 120 18.19 46.79 -10.52
N ALA F 121 17.34 46.87 -9.51
CA ALA F 121 16.10 46.09 -9.52
C ALA F 121 15.18 46.54 -10.65
N TYR F 122 15.12 47.85 -10.90
CA TYR F 122 14.32 48.38 -12.00
C TYR F 122 14.84 47.86 -13.34
N ALA F 123 16.17 47.82 -13.49
CA ALA F 123 16.77 47.29 -14.71
C ALA F 123 16.48 45.81 -14.86
N ASP F 124 16.49 45.07 -13.75
CA ASP F 124 16.14 43.64 -13.80
C ASP F 124 14.69 43.45 -14.24
N ILE F 125 13.80 44.31 -13.75
CA ILE F 125 12.39 44.25 -14.14
C ILE F 125 12.23 44.56 -15.63
N VAL F 126 12.95 45.58 -16.10
CA VAL F 126 12.90 45.95 -17.52
C VAL F 126 13.44 44.83 -18.39
N ARG F 127 14.53 44.19 -17.96
CA ARG F 127 15.10 43.07 -18.70
C ARG F 127 14.13 41.89 -18.73
N GLU F 128 13.43 41.64 -17.62
CA GLU F 128 12.43 40.57 -17.58
C GLU F 128 11.28 40.87 -18.55
N ARG F 129 10.83 42.13 -18.57
CA ARG F 129 9.77 42.53 -19.50
C ARG F 129 10.21 42.36 -20.95
N ALA F 130 11.46 42.73 -21.24
CA ALA F 130 12.00 42.57 -22.59
C ALA F 130 12.09 41.10 -22.98
N VAL F 131 12.49 40.24 -22.03
CA VAL F 131 12.58 38.82 -22.29
C VAL F 131 11.20 38.24 -22.58
N VAL F 132 10.19 38.66 -21.80
CA VAL F 132 8.83 38.16 -22.02
C VAL F 132 8.30 38.64 -23.36
N ARG F 133 8.55 39.90 -23.72
CA ARG F 133 8.11 40.42 -25.01
C ARG F 133 8.79 39.71 -26.17
N GLU F 134 10.09 39.42 -26.03
CA GLU F 134 10.82 38.67 -27.05
C GLU F 134 10.25 37.26 -27.19
N MET F 135 9.92 36.64 -26.06
CA MET F 135 9.32 35.30 -26.08
C MET F 135 7.96 35.32 -26.77
N ILE F 136 7.16 36.36 -26.52
CA ILE F 136 5.85 36.48 -27.15
C ILE F 136 5.99 36.68 -28.65
N SER F 137 6.94 37.53 -29.06
CA SER F 137 7.16 37.76 -30.49
C SER F 137 7.65 36.50 -31.19
N VAL F 138 8.54 35.75 -30.54
CA VAL F 138 9.03 34.50 -31.09
C VAL F 138 7.90 33.49 -31.20
N ALA F 139 7.02 33.43 -30.21
CA ALA F 139 5.87 32.55 -30.25
C ALA F 139 4.93 32.93 -31.39
N ASN F 140 4.76 34.23 -31.63
CA ASN F 140 3.95 34.70 -32.75
C ASN F 140 4.56 34.27 -34.08
N GLU F 141 5.87 34.40 -34.21
CA GLU F 141 6.56 33.97 -35.43
C GLU F 141 6.43 32.47 -35.65
N ILE F 142 6.55 31.69 -34.57
CA ILE F 142 6.44 30.25 -34.66
C ILE F 142 5.01 29.84 -35.04
N ALA F 143 4.02 30.50 -34.46
CA ALA F 143 2.62 30.21 -34.82
C ALA F 143 2.34 30.59 -36.27
N GLU F 144 2.92 31.70 -36.73
CA GLU F 144 2.78 32.09 -38.13
C GLU F 144 3.42 31.07 -39.06
N ALA F 145 4.58 30.54 -38.68
CA ALA F 145 5.23 29.50 -39.47
C ALA F 145 4.43 28.21 -39.46
N GLY F 146 3.79 27.91 -38.33
CA GLY F 146 2.95 26.73 -38.21
C GLY F 146 1.70 26.80 -39.06
N PHE F 147 1.05 27.97 -39.08
CA PHE F 147 -0.14 28.14 -39.91
C PHE F 147 0.21 28.15 -41.39
N ASP F 148 1.34 28.73 -41.76
CA ASP F 148 1.79 28.77 -43.15
C ASP F 148 3.13 28.07 -43.26
N PRO F 149 3.17 26.77 -43.57
CA PRO F 149 4.45 26.06 -43.67
C PRO F 149 5.35 26.59 -44.77
N GLN F 150 4.77 27.07 -45.87
CA GLN F 150 5.51 27.62 -47.02
C GLN F 150 6.48 26.59 -47.60
N GLY F 151 6.05 25.33 -47.61
CA GLY F 151 6.86 24.24 -48.12
C GLY F 151 7.82 23.62 -47.11
N ARG F 152 7.93 24.18 -45.92
CA ARG F 152 8.79 23.57 -44.90
C ARG F 152 8.13 22.32 -44.32
N THR F 153 8.95 21.32 -44.04
CA THR F 153 8.43 20.11 -43.43
C THR F 153 8.22 20.33 -41.94
N SER F 154 7.65 19.30 -41.28
CA SER F 154 7.45 19.35 -39.84
C SER F 154 8.78 19.40 -39.10
N GLU F 155 9.78 18.68 -39.60
CA GLU F 155 11.11 18.71 -39.01
C GLU F 155 11.73 20.10 -39.15
N ASP F 156 11.50 20.76 -40.29
CA ASP F 156 12.01 22.11 -40.50
C ASP F 156 11.43 23.09 -39.49
N LEU F 157 10.11 23.01 -39.28
CA LEU F 157 9.45 23.89 -38.32
C LEU F 157 9.89 23.59 -36.90
N LEU F 158 10.06 22.31 -36.57
CA LEU F 158 10.54 21.92 -35.25
C LEU F 158 11.95 22.45 -34.99
N ASP F 159 12.83 22.33 -35.98
CA ASP F 159 14.19 22.82 -35.83
C ASP F 159 14.22 24.34 -35.74
N LEU F 160 13.34 25.01 -36.49
CA LEU F 160 13.26 26.46 -36.41
C LEU F 160 12.79 26.91 -35.03
N ALA F 161 11.79 26.22 -34.48
CA ALA F 161 11.31 26.54 -33.13
C ALA F 161 12.39 26.30 -32.08
N GLU F 162 13.11 25.19 -32.23
CA GLU F 162 14.21 24.88 -31.31
C GLU F 162 15.30 25.94 -31.39
N SER F 163 15.63 26.38 -32.62
CA SER F 163 16.64 27.41 -32.81
C SER F 163 16.20 28.73 -32.20
N ARG F 164 14.91 29.08 -32.34
CA ARG F 164 14.42 30.33 -31.78
C ARG F 164 14.45 30.31 -30.26
N VAL F 165 14.01 29.19 -29.65
CA VAL F 165 14.03 29.08 -28.20
C VAL F 165 15.47 29.07 -27.68
N PHE F 166 16.37 28.43 -28.43
CA PHE F 166 17.77 28.42 -28.03
C PHE F 166 18.41 29.79 -28.17
N LYS F 167 17.97 30.58 -29.16
CA LYS F 167 18.44 31.96 -29.28
C LYS F 167 17.95 32.81 -28.11
N ILE F 168 16.71 32.57 -27.68
CA ILE F 168 16.18 33.28 -26.51
C ILE F 168 17.00 32.92 -25.26
N ALA F 169 17.32 31.64 -25.11
CA ALA F 169 18.15 31.21 -23.99
C ALA F 169 19.57 31.76 -24.10
N GLU F 170 20.06 31.91 -25.33
CA GLU F 170 21.40 32.43 -25.57
C GLU F 170 21.48 33.94 -25.34
N SER F 171 20.33 34.63 -25.40
CA SER F 171 20.31 36.05 -25.05
C SER F 171 20.67 36.28 -23.59
N ARG F 172 20.41 35.29 -22.73
CA ARG F 172 20.79 35.33 -21.33
C ARG F 172 21.77 34.20 -21.01
N ALA F 173 22.68 33.91 -21.96
CA ALA F 173 23.66 32.84 -21.78
C ALA F 173 24.68 33.15 -20.68
N ASN F 174 25.14 34.40 -20.60
CA ASN F 174 26.05 34.78 -19.52
C ASN F 174 25.34 34.91 -18.18
N LYS F 175 24.02 35.03 -18.18
CA LYS F 175 23.24 35.09 -16.94
C LYS F 175 22.93 33.68 -16.43
N ASP F 176 22.28 32.87 -17.25
CA ASP F 176 21.95 31.49 -16.90
C ASP F 176 23.08 30.59 -17.40
N GLU F 177 23.94 30.17 -16.50
CA GLU F 177 25.08 29.33 -16.86
C GLU F 177 25.50 28.51 -15.65
N GLY F 178 26.28 27.46 -15.91
CA GLY F 178 26.76 26.59 -14.88
C GLY F 178 28.27 26.45 -14.91
N PRO F 179 28.75 25.21 -15.06
CA PRO F 179 30.20 25.00 -15.17
C PRO F 179 30.75 25.61 -16.45
N LYS F 180 32.00 26.07 -16.38
CA LYS F 180 32.59 26.83 -17.47
C LYS F 180 33.32 25.93 -18.46
N ASN F 181 33.78 26.53 -19.55
CA ASN F 181 34.51 25.83 -20.59
C ASN F 181 35.97 25.64 -20.22
N ILE F 182 36.72 25.03 -21.13
CA ILE F 182 38.08 24.55 -20.89
C ILE F 182 39.03 25.67 -20.51
N ALA F 183 39.02 26.77 -21.28
CA ALA F 183 39.93 27.88 -21.00
C ALA F 183 39.56 28.59 -19.70
N ASP F 184 38.27 28.84 -19.51
CA ASP F 184 37.81 29.52 -18.29
C ASP F 184 38.02 28.64 -17.06
N VAL F 185 37.80 27.33 -17.20
CA VAL F 185 38.04 26.45 -16.06
C VAL F 185 39.53 26.28 -15.82
N LEU F 186 40.37 26.48 -16.84
CA LEU F 186 41.82 26.48 -16.62
C LEU F 186 42.27 27.73 -15.87
N ASP F 187 41.68 28.88 -16.20
CA ASP F 187 41.94 30.10 -15.44
C ASP F 187 41.46 29.95 -14.00
N ALA F 188 40.29 29.34 -13.81
CA ALA F 188 39.81 29.04 -12.47
C ALA F 188 40.74 28.06 -11.75
N THR F 189 41.33 27.12 -12.49
CA THR F 189 42.25 26.15 -11.93
C THR F 189 43.51 26.83 -11.38
N VAL F 190 44.12 27.70 -12.20
CA VAL F 190 45.35 28.35 -11.75
C VAL F 190 45.04 29.34 -10.62
N ALA F 191 43.87 30.00 -10.67
CA ALA F 191 43.47 30.87 -9.57
C ALA F 191 43.27 30.08 -8.29
N ARG F 192 42.65 28.91 -8.38
CA ARG F 192 42.44 28.09 -7.20
C ARG F 192 43.74 27.51 -6.67
N ILE F 193 44.69 27.23 -7.56
CA ILE F 193 46.01 26.78 -7.13
C ILE F 193 46.71 27.89 -6.34
N GLU F 194 46.63 29.13 -6.84
CA GLU F 194 47.19 30.26 -6.11
C GLU F 194 46.49 30.47 -4.77
N GLN F 195 45.17 30.23 -4.72
CA GLN F 195 44.44 30.34 -3.48
C GLN F 195 44.83 29.26 -2.48
N LEU F 196 44.95 28.00 -2.93
CA LEU F 196 45.30 26.90 -2.05
C LEU F 196 46.78 26.88 -1.70
N PHE F 197 47.60 27.72 -2.34
CA PHE F 197 48.93 27.99 -1.81
C PHE F 197 48.83 28.62 -0.43
N GLN F 198 47.86 29.51 -0.21
CA GLN F 198 47.63 30.13 1.08
C GLN F 198 46.85 29.23 2.03
N GLN F 199 46.34 28.10 1.55
CA GLN F 199 45.55 27.21 2.40
C GLN F 199 46.34 26.63 3.58
N PRO F 200 47.60 26.13 3.44
CA PRO F 200 48.31 25.67 4.65
C PRO F 200 48.72 26.82 5.56
N HIS F 201 47.76 27.39 6.29
CA HIS F 201 48.04 28.42 7.26
C HIS F 201 47.58 27.98 8.64
N ASP F 202 46.44 27.27 8.69
CA ASP F 202 45.91 26.76 9.95
C ASP F 202 45.45 25.31 9.77
N GLY F 203 45.14 24.94 8.55
CA GLY F 203 44.53 23.64 8.27
C GLY F 203 43.02 23.67 8.29
N VAL F 204 42.44 24.36 9.28
CA VAL F 204 40.99 24.53 9.36
C VAL F 204 40.60 25.68 8.44
N THR F 205 39.71 25.40 7.49
CA THR F 205 39.22 26.42 6.57
C THR F 205 37.92 27.06 7.02
N GLY F 206 37.12 26.36 7.82
CA GLY F 206 35.89 26.91 8.36
C GLY F 206 35.97 27.15 9.86
N VAL F 207 34.82 27.01 10.50
CA VAL F 207 34.74 27.10 11.96
C VAL F 207 35.40 25.87 12.56
N ASN F 208 36.33 26.08 13.49
CA ASN F 208 37.09 24.97 14.07
C ASN F 208 36.19 24.09 14.91
N THR F 209 36.19 22.79 14.59
CA THR F 209 35.35 21.84 15.32
C THR F 209 35.91 21.51 16.68
N GLY F 210 37.20 21.73 16.90
CA GLY F 210 37.87 21.32 18.11
C GLY F 210 38.37 19.90 18.10
N TYR F 211 38.12 19.15 17.03
CA TYR F 211 38.59 17.77 16.89
C TYR F 211 39.57 17.73 15.74
N ASP F 212 40.76 17.18 16.00
CA ASP F 212 41.83 17.18 15.01
C ASP F 212 41.46 16.36 13.78
N ASP F 213 40.90 15.17 14.00
CA ASP F 213 40.53 14.30 12.88
C ASP F 213 39.38 14.87 12.08
N LEU F 214 38.43 15.52 12.76
CA LEU F 214 37.31 16.14 12.06
C LEU F 214 37.77 17.36 11.26
N ASN F 215 38.81 18.04 11.73
CA ASN F 215 39.36 19.20 11.04
C ASN F 215 40.32 18.81 9.91
N LYS F 216 40.47 17.53 9.63
CA LYS F 216 41.27 17.06 8.50
C LYS F 216 40.44 16.79 7.26
N LYS F 217 39.37 16.02 7.42
CA LYS F 217 38.48 15.70 6.29
C LYS F 217 37.59 16.89 5.96
N THR F 218 36.80 17.34 6.94
CA THR F 218 35.89 18.45 6.72
C THR F 218 36.60 19.80 6.73
N ALA F 219 37.82 19.86 7.28
CA ALA F 219 38.59 21.10 7.44
C ALA F 219 37.78 22.17 8.19
N GLY F 220 37.07 21.73 9.22
CA GLY F 220 36.24 22.62 10.00
C GLY F 220 34.85 22.80 9.41
N LEU F 221 34.02 23.53 10.15
CA LEU F 221 32.63 23.79 9.75
C LEU F 221 32.61 24.88 8.69
N GLN F 222 32.40 24.49 7.44
CA GLN F 222 32.39 25.46 6.35
C GLN F 222 31.10 26.28 6.40
N PRO F 223 31.15 27.57 6.10
CA PRO F 223 29.93 28.37 6.08
C PRO F 223 29.02 27.97 4.92
N SER F 224 27.72 28.22 5.12
CA SER F 224 26.66 27.83 4.17
C SER F 224 26.68 26.33 3.90
N ASP F 225 26.81 25.55 4.97
CA ASP F 225 26.79 24.10 4.89
C ASP F 225 25.72 23.57 5.84
N LEU F 226 24.97 22.58 5.36
CA LEU F 226 23.93 21.94 6.17
C LEU F 226 24.53 20.68 6.80
N ILE F 227 24.74 20.72 8.11
CA ILE F 227 25.42 19.66 8.84
C ILE F 227 24.35 18.77 9.46
N ILE F 228 24.22 17.55 8.95
CA ILE F 228 23.21 16.60 9.44
C ILE F 228 23.96 15.54 10.22
N VAL F 229 23.88 15.63 11.55
CA VAL F 229 24.43 14.61 12.44
C VAL F 229 23.23 13.81 12.95
N ALA F 230 23.05 12.61 12.39
CA ALA F 230 21.89 11.79 12.71
C ALA F 230 22.33 10.56 13.49
N ALA F 231 21.53 10.18 14.49
CA ALA F 231 21.82 9.03 15.33
C ALA F 231 20.53 8.49 15.91
N ARG F 232 20.64 7.37 16.60
CA ARG F 232 19.54 6.77 17.32
C ARG F 232 19.24 7.58 18.57
N PRO F 233 18.06 7.39 19.17
CA PRO F 233 17.80 8.03 20.48
C PRO F 233 18.78 7.56 21.54
N SER F 234 19.14 8.49 22.44
CA SER F 234 20.06 8.25 23.55
C SER F 234 21.44 7.76 23.06
N MET F 235 21.88 8.32 21.93
CA MET F 235 23.18 7.99 21.36
C MET F 235 24.20 9.10 21.54
N GLY F 236 23.91 10.14 22.30
CA GLY F 236 24.85 11.22 22.46
C GLY F 236 24.88 12.19 21.30
N LYS F 237 23.85 12.16 20.44
CA LYS F 237 23.79 13.07 19.31
C LYS F 237 23.66 14.52 19.79
N THR F 238 22.70 14.76 20.68
CA THR F 238 22.58 16.08 21.30
C THR F 238 23.82 16.39 22.13
N THR F 239 24.37 15.38 22.80
CA THR F 239 25.58 15.57 23.60
C THR F 239 26.77 15.98 22.72
N PHE F 240 26.96 15.30 21.59
CA PHE F 240 28.09 15.63 20.71
C PHE F 240 27.87 16.96 20.03
N ALA F 241 26.61 17.29 19.69
CA ALA F 241 26.31 18.59 19.13
C ALA F 241 26.64 19.71 20.13
N MET F 242 26.30 19.48 21.40
CA MET F 242 26.63 20.44 22.44
C MET F 242 28.13 20.56 22.63
N ASN F 243 28.86 19.45 22.52
CA ASN F 243 30.32 19.49 22.61
C ASN F 243 30.91 20.31 21.47
N LEU F 244 30.36 20.14 20.26
CA LEU F 244 30.79 20.93 19.11
C LEU F 244 30.50 22.41 19.32
N VAL F 245 29.33 22.70 19.90
CA VAL F 245 28.96 24.10 20.17
C VAL F 245 29.91 24.71 21.19
N GLU F 246 30.25 23.95 22.24
CA GLU F 246 31.19 24.43 23.25
C GLU F 246 32.57 24.69 22.66
N ASN F 247 33.04 23.76 21.81
CA ASN F 247 34.35 23.94 21.18
C ASN F 247 34.36 25.16 20.27
N ALA F 248 33.29 25.35 19.49
CA ALA F 248 33.21 26.52 18.62
C ALA F 248 33.17 27.81 19.43
N ALA F 249 32.39 27.82 20.52
CA ALA F 249 32.28 29.01 21.36
C ALA F 249 33.59 29.34 22.05
N MET F 250 34.36 28.34 22.47
CA MET F 250 35.68 28.59 23.03
C MET F 250 36.70 28.98 21.96
N LEU F 251 36.47 28.59 20.70
CA LEU F 251 37.42 28.88 19.64
C LEU F 251 37.00 30.04 18.74
N GLN F 252 35.94 30.78 19.10
CA GLN F 252 35.52 31.93 18.32
C GLN F 252 34.83 32.94 19.23
N ASP F 253 34.69 34.16 18.71
CA ASP F 253 33.97 35.22 19.41
C ASP F 253 32.65 35.60 18.74
N LYS F 254 32.37 35.09 17.55
CA LYS F 254 31.10 35.37 16.90
C LYS F 254 29.97 34.66 17.65
N PRO F 255 28.86 35.35 17.94
CA PRO F 255 27.80 34.75 18.77
C PRO F 255 27.11 33.59 18.10
N VAL F 256 26.77 32.57 18.88
CA VAL F 256 26.07 31.39 18.38
C VAL F 256 24.60 31.46 18.79
N LEU F 257 23.79 30.60 18.19
CA LEU F 257 22.35 30.56 18.42
C LEU F 257 21.91 29.10 18.51
N ILE F 258 21.26 28.74 19.62
CA ILE F 258 20.89 27.36 19.89
C ILE F 258 19.37 27.27 19.95
N PHE F 259 18.82 26.31 19.22
CA PHE F 259 17.38 26.01 19.27
C PHE F 259 17.21 24.61 19.85
N SER F 260 17.10 24.54 21.17
CA SER F 260 16.91 23.27 21.89
C SER F 260 15.42 22.96 21.97
N LEU F 261 14.88 22.50 20.83
CA LEU F 261 13.46 22.19 20.74
C LEU F 261 13.11 20.97 21.57
N GLU F 262 13.97 19.95 21.56
CA GLU F 262 13.67 18.70 22.24
C GLU F 262 13.84 18.84 23.75
N MET F 263 15.05 19.16 24.19
CA MET F 263 15.33 19.20 25.62
C MET F 263 15.27 20.62 26.15
N PRO F 264 14.91 20.82 27.41
CA PRO F 264 14.95 22.17 27.99
C PRO F 264 16.37 22.67 28.14
N SER F 265 16.50 23.99 28.29
CA SER F 265 17.82 24.60 28.38
C SER F 265 18.53 24.24 29.67
N GLU F 266 17.78 23.80 30.68
CA GLU F 266 18.38 23.39 31.95
C GLU F 266 19.23 22.14 31.77
N GLN F 267 18.70 21.13 31.09
CA GLN F 267 19.46 19.91 30.81
C GLN F 267 20.64 20.23 29.90
N ILE F 268 20.45 21.15 28.95
CA ILE F 268 21.52 21.55 28.05
C ILE F 268 22.66 22.18 28.84
N MET F 269 22.33 23.06 29.79
CA MET F 269 23.35 23.69 30.60
C MET F 269 24.05 22.69 31.51
N MET F 270 23.29 21.73 32.04
CA MET F 270 23.90 20.68 32.86
C MET F 270 24.88 19.85 32.06
N ARG F 271 24.50 19.48 30.83
CA ARG F 271 25.40 18.74 29.95
C ARG F 271 26.64 19.56 29.61
N SER F 272 26.46 20.86 29.35
CA SER F 272 27.59 21.72 29.03
C SER F 272 28.56 21.83 30.19
N LEU F 273 28.02 21.98 31.41
CA LEU F 273 28.89 22.09 32.58
C LEU F 273 29.58 20.76 32.88
N ALA F 274 28.89 19.63 32.65
CA ALA F 274 29.51 18.33 32.85
C ALA F 274 30.62 18.09 31.84
N SER F 275 30.41 18.53 30.59
CA SER F 275 31.41 18.33 29.55
C SER F 275 32.63 19.22 29.74
N LEU F 276 32.40 20.51 30.03
CA LEU F 276 33.51 21.47 30.07
C LEU F 276 34.35 21.28 31.32
N SER F 277 33.72 21.05 32.47
CA SER F 277 34.44 20.88 33.72
C SER F 277 34.86 19.44 33.97
N ARG F 278 34.44 18.52 33.11
CA ARG F 278 34.76 17.08 33.21
C ARG F 278 34.37 16.51 34.56
N VAL F 279 33.14 16.81 34.96
CA VAL F 279 32.53 16.30 36.18
C VAL F 279 31.33 15.45 35.80
N ASP F 280 31.04 14.44 36.60
CA ASP F 280 29.93 13.52 36.33
C ASP F 280 28.60 14.27 36.32
N GLN F 281 27.83 14.04 35.25
CA GLN F 281 26.54 14.72 35.11
C GLN F 281 25.52 14.19 36.11
N THR F 282 25.70 12.96 36.59
CA THR F 282 24.78 12.40 37.58
C THR F 282 24.85 13.17 38.89
N LYS F 283 26.06 13.50 39.33
CA LYS F 283 26.23 14.27 40.56
C LYS F 283 25.70 15.69 40.40
N ILE F 284 25.85 16.26 39.22
CA ILE F 284 25.31 17.59 38.94
C ILE F 284 23.78 17.55 38.97
N ARG F 285 23.20 16.52 38.37
CA ARG F 285 21.74 16.38 38.36
C ARG F 285 21.20 16.17 39.76
N THR F 286 21.88 15.36 40.57
CA THR F 286 21.49 15.20 41.96
C THR F 286 21.87 16.40 42.82
N GLY F 287 22.78 17.26 42.35
CA GLY F 287 23.22 18.41 43.10
C GLY F 287 24.25 18.14 44.16
N GLN F 288 24.66 16.88 44.33
CA GLN F 288 25.66 16.52 45.35
C GLN F 288 27.04 16.73 44.76
N LEU F 289 27.52 17.97 44.87
CA LEU F 289 28.78 18.39 44.28
C LEU F 289 29.70 18.94 45.35
N ASP F 290 30.98 18.58 45.26
CA ASP F 290 31.98 19.11 46.18
C ASP F 290 32.36 20.53 45.79
N ASP F 291 33.07 21.20 46.69
CA ASP F 291 33.47 22.59 46.47
C ASP F 291 34.55 22.76 45.42
N GLU F 292 35.37 21.73 45.18
CA GLU F 292 36.38 21.82 44.12
C GLU F 292 35.74 21.81 42.75
N ASP F 293 34.82 20.86 42.52
CA ASP F 293 34.07 20.86 41.27
C ASP F 293 33.16 22.07 41.17
N TRP F 294 32.68 22.57 42.31
CA TRP F 294 31.91 23.81 42.33
C TRP F 294 32.76 24.98 41.84
N ALA F 295 34.02 25.04 42.28
CA ALA F 295 34.93 26.09 41.82
C ALA F 295 35.26 25.94 40.35
N ARG F 296 35.40 24.70 39.88
CA ARG F 296 35.62 24.46 38.46
C ARG F 296 34.44 24.94 37.62
N ILE F 297 33.22 24.65 38.09
CA ILE F 297 32.01 25.11 37.41
C ILE F 297 31.93 26.62 37.45
N SER F 298 32.31 27.23 38.57
CA SER F 298 32.31 28.70 38.68
C SER F 298 33.30 29.32 37.72
N GLY F 299 34.47 28.71 37.56
CA GLY F 299 35.43 29.22 36.59
C GLY F 299 34.94 29.06 35.17
N THR F 300 34.26 27.94 34.88
CA THR F 300 33.66 27.75 33.56
C THR F 300 32.58 28.81 33.29
N MET F 301 31.77 29.11 34.31
CA MET F 301 30.75 30.14 34.18
C MET F 301 31.39 31.52 33.98
N GLY F 302 32.52 31.77 34.64
CA GLY F 302 33.25 33.01 34.42
C GLY F 302 33.76 33.13 33.00
N ILE F 303 34.25 32.03 32.45
CA ILE F 303 34.68 32.00 31.05
C ILE F 303 33.50 32.27 30.13
N LEU F 304 32.35 31.67 30.43
CA LEU F 304 31.16 31.87 29.61
C LEU F 304 30.67 33.32 29.68
N LEU F 305 30.71 33.93 30.86
CA LEU F 305 30.31 35.33 30.99
C LEU F 305 31.33 36.26 30.35
N GLU F 306 32.60 35.83 30.27
CA GLU F 306 33.56 36.54 29.44
C GLU F 306 33.15 36.46 27.98
N LYS F 307 32.72 35.28 27.54
CA LYS F 307 32.30 35.12 26.15
C LYS F 307 30.96 35.79 25.89
N ARG F 308 29.91 35.30 26.55
CA ARG F 308 28.52 35.76 26.39
C ARG F 308 28.09 35.76 24.93
N ASN F 309 28.47 34.70 24.22
CA ASN F 309 28.14 34.55 22.80
C ASN F 309 27.15 33.42 22.55
N ILE F 310 26.46 32.96 23.58
CA ILE F 310 25.55 31.82 23.47
C ILE F 310 24.13 32.28 23.77
N TYR F 311 23.20 31.94 22.89
CA TYR F 311 21.79 32.33 23.01
C TYR F 311 20.95 31.09 22.71
N ILE F 312 20.23 30.61 23.72
CA ILE F 312 19.46 29.37 23.61
C ILE F 312 17.98 29.73 23.55
N ASP F 313 17.27 29.14 22.59
CA ASP F 313 15.82 29.26 22.48
C ASP F 313 15.23 27.86 22.58
N ASP F 314 14.60 27.55 23.71
CA ASP F 314 14.11 26.21 23.99
C ASP F 314 12.65 26.00 23.55
N SER F 315 12.07 26.95 22.82
CA SER F 315 10.70 26.80 22.35
C SER F 315 10.61 25.68 21.32
N SER F 316 9.51 24.92 21.37
CA SER F 316 9.29 23.79 20.49
C SER F 316 8.16 24.09 19.51
N GLY F 317 8.11 23.29 18.45
CA GLY F 317 7.10 23.43 17.42
C GLY F 317 7.19 24.74 16.66
N LEU F 318 8.41 25.11 16.28
CA LEU F 318 8.65 26.39 15.62
C LEU F 318 8.77 26.22 14.12
N THR F 319 8.18 27.14 13.37
CA THR F 319 8.31 27.15 11.93
C THR F 319 9.68 27.68 11.51
N PRO F 320 10.18 27.30 10.34
CA PRO F 320 11.45 27.88 9.85
C PRO F 320 11.38 29.38 9.63
N THR F 321 10.19 29.94 9.41
CA THR F 321 10.06 31.38 9.26
C THR F 321 10.41 32.11 10.55
N GLU F 322 9.94 31.58 11.69
CA GLU F 322 10.27 32.16 12.98
C GLU F 322 11.77 32.06 13.26
N VAL F 323 12.36 30.91 12.94
CA VAL F 323 13.79 30.71 13.15
C VAL F 323 14.60 31.68 12.29
N ARG F 324 14.18 31.86 11.04
CA ARG F 324 14.85 32.80 10.14
C ARG F 324 14.73 34.23 10.64
N SER F 325 13.55 34.60 11.14
CA SER F 325 13.35 35.94 11.68
C SER F 325 14.23 36.20 12.90
N ARG F 326 14.29 35.21 13.80
CA ARG F 326 15.13 35.35 14.98
C ARG F 326 16.60 35.41 14.61
N ALA F 327 17.01 34.61 13.62
CA ALA F 327 18.40 34.62 13.17
C ALA F 327 18.78 35.96 12.56
N ARG F 328 17.89 36.52 11.74
CA ARG F 328 18.15 37.83 11.15
C ARG F 328 18.18 38.91 12.23
N ARG F 329 17.30 38.79 13.24
CA ARG F 329 17.30 39.73 14.36
C ARG F 329 18.61 39.69 15.13
N ILE F 330 19.11 38.49 15.41
CA ILE F 330 20.36 38.36 16.17
C ILE F 330 21.55 38.83 15.33
N ALA F 331 21.53 38.52 14.03
CA ALA F 331 22.61 38.95 13.14
C ALA F 331 22.64 40.46 13.02
N ARG F 332 21.47 41.10 12.99
CA ARG F 332 21.41 42.56 12.99
C ARG F 332 21.91 43.14 14.31
N GLU F 333 21.46 42.56 15.43
CA GLU F 333 21.79 43.12 16.73
C GLU F 333 23.24 42.83 17.12
N HIS F 334 23.70 41.61 16.89
CA HIS F 334 24.99 41.16 17.40
C HIS F 334 26.05 41.04 16.32
N GLY F 335 25.77 41.53 15.11
CA GLY F 335 26.74 41.49 14.04
C GLY F 335 27.06 40.10 13.55
N GLY F 336 26.07 39.42 12.98
CA GLY F 336 26.25 38.07 12.46
C GLY F 336 26.11 37.02 13.54
N ILE F 337 26.05 35.77 13.09
CA ILE F 337 25.90 34.61 13.96
C ILE F 337 26.99 33.61 13.63
N GLY F 338 27.72 33.17 14.66
CA GLY F 338 28.75 32.17 14.49
C GLY F 338 28.24 30.78 14.16
N LEU F 339 27.24 30.31 14.90
CA LEU F 339 26.74 28.95 14.73
C LEU F 339 25.25 28.92 15.01
N ILE F 340 24.54 28.03 14.32
CA ILE F 340 23.11 27.86 14.49
C ILE F 340 22.89 26.39 14.88
N MET F 341 22.35 26.17 16.07
CA MET F 341 22.10 24.82 16.55
C MET F 341 20.61 24.51 16.46
N ILE F 342 20.28 23.38 15.86
CA ILE F 342 18.91 22.89 15.74
C ILE F 342 18.84 21.53 16.43
N ASP F 343 17.90 21.37 17.35
CA ASP F 343 17.74 20.12 18.10
C ASP F 343 16.78 19.18 17.37
N TYR F 344 17.27 18.65 16.25
CA TYR F 344 16.70 17.53 15.50
C TYR F 344 15.43 17.93 14.74
N LEU F 345 15.41 17.63 13.43
CA LEU F 345 14.53 18.34 12.50
C LEU F 345 13.08 17.90 12.60
N GLN F 346 12.82 16.64 13.00
CA GLN F 346 11.45 16.16 13.02
C GLN F 346 10.62 16.80 14.13
N LEU F 347 11.26 17.48 15.08
CA LEU F 347 10.56 18.29 16.05
C LEU F 347 10.01 19.60 15.46
N MET F 348 10.65 20.11 14.42
CA MET F 348 10.19 21.34 13.77
C MET F 348 8.85 21.10 13.08
N ARG F 349 7.94 22.06 13.22
CA ARG F 349 6.56 21.90 12.78
C ARG F 349 6.17 23.04 11.85
N VAL F 350 5.58 22.69 10.71
CA VAL F 350 5.02 23.64 9.77
C VAL F 350 3.52 23.42 9.69
N PRO F 351 2.69 24.39 10.08
CA PRO F 351 1.23 24.19 9.97
C PRO F 351 0.73 24.00 8.55
N ALA F 352 1.43 24.58 7.56
CA ALA F 352 0.97 24.49 6.18
C ALA F 352 1.11 23.08 5.63
N LEU F 353 2.28 22.45 5.84
CA LEU F 353 2.54 21.11 5.35
C LEU F 353 2.48 20.08 6.47
N SER F 354 1.58 20.27 7.43
CA SER F 354 1.44 19.31 8.52
C SER F 354 0.71 18.05 8.07
N ASP F 355 0.07 18.09 6.90
CA ASP F 355 -0.66 16.94 6.40
C ASP F 355 0.29 15.79 6.06
N ASN F 356 1.42 16.09 5.44
CA ASN F 356 2.41 15.10 5.04
C ASN F 356 3.74 15.44 5.69
N ARG F 357 4.33 14.44 6.37
CA ARG F 357 5.58 14.67 7.10
C ARG F 357 6.76 14.84 6.15
N THR F 358 6.76 14.12 5.03
CA THR F 358 7.88 14.21 4.09
C THR F 358 7.93 15.59 3.42
N LEU F 359 6.77 16.13 3.03
CA LEU F 359 6.72 17.48 2.48
C LEU F 359 7.17 18.51 3.50
N GLU F 360 6.76 18.34 4.76
CA GLU F 360 7.16 19.24 5.83
C GLU F 360 8.68 19.20 6.03
N ILE F 361 9.26 17.99 6.02
CA ILE F 361 10.69 17.84 6.19
C ILE F 361 11.45 18.48 5.02
N ALA F 362 10.96 18.27 3.80
CA ALA F 362 11.59 18.85 2.62
C ALA F 362 11.54 20.37 2.67
N GLU F 363 10.39 20.94 3.07
CA GLU F 363 10.26 22.38 3.16
C GLU F 363 11.16 22.95 4.24
N ILE F 364 11.25 22.27 5.40
CA ILE F 364 12.11 22.72 6.48
C ILE F 364 13.57 22.71 6.04
N SER F 365 13.99 21.63 5.38
CA SER F 365 15.37 21.51 4.93
C SER F 365 15.70 22.57 3.88
N ARG F 366 14.76 22.82 2.96
CA ARG F 366 14.98 23.84 1.93
C ARG F 366 15.08 25.23 2.54
N SER F 367 14.21 25.54 3.51
CA SER F 367 14.24 26.85 4.15
C SER F 367 15.51 27.03 4.97
N LEU F 368 15.95 25.97 5.66
CA LEU F 368 17.19 26.07 6.44
C LEU F 368 18.41 26.20 5.55
N LYS F 369 18.42 25.52 4.41
CA LYS F 369 19.53 25.67 3.47
C LYS F 369 19.55 27.08 2.88
N ALA F 370 18.37 27.62 2.57
CA ALA F 370 18.29 29.00 2.07
C ALA F 370 18.78 29.99 3.12
N LEU F 371 18.44 29.75 4.40
CA LEU F 371 18.92 30.62 5.47
C LEU F 371 20.43 30.51 5.65
N ALA F 372 20.96 29.28 5.56
CA ALA F 372 22.40 29.07 5.71
C ALA F 372 23.17 29.75 4.59
N LYS F 373 22.66 29.67 3.36
CA LYS F 373 23.29 30.39 2.25
C LYS F 373 23.11 31.89 2.40
N GLU F 374 22.01 32.30 3.03
CA GLU F 374 21.72 33.73 3.17
C GLU F 374 22.71 34.41 4.11
N LEU F 375 22.92 33.85 5.30
CA LEU F 375 23.75 34.47 6.33
C LEU F 375 25.17 33.94 6.35
N ASN F 376 25.46 32.93 5.51
CA ASN F 376 26.79 32.33 5.39
C ASN F 376 27.32 31.82 6.73
N VAL F 377 26.54 30.90 7.31
CA VAL F 377 26.86 30.35 8.63
C VAL F 377 26.56 28.86 8.62
N PRO F 378 27.46 28.01 9.13
CA PRO F 378 27.14 26.57 9.22
C PRO F 378 26.05 26.30 10.24
N VAL F 379 25.00 25.60 9.83
CA VAL F 379 23.85 25.33 10.70
C VAL F 379 23.96 23.89 11.19
N VAL F 380 23.90 23.71 12.50
CA VAL F 380 23.92 22.39 13.11
C VAL F 380 22.49 21.87 13.22
N ALA F 381 22.06 21.08 12.25
CA ALA F 381 20.70 20.53 12.22
C ALA F 381 20.79 19.03 12.44
N LEU F 382 20.39 18.57 13.63
CA LEU F 382 20.40 17.14 13.91
C LEU F 382 19.21 16.47 13.22
N SER F 383 19.21 15.14 13.26
CA SER F 383 18.14 14.36 12.64
C SER F 383 18.06 13.00 13.34
N GLN F 384 16.95 12.30 13.10
CA GLN F 384 16.73 10.97 13.66
C GLN F 384 16.90 9.92 12.56
N LEU F 385 16.81 8.66 12.97
CA LEU F 385 17.00 7.52 12.08
C LEU F 385 15.72 6.69 12.02
N ASN F 386 15.76 5.65 11.18
CA ASN F 386 14.65 4.72 11.03
C ASN F 386 14.93 3.42 11.76
N ARG F 387 13.90 2.57 11.83
CA ARG F 387 14.01 1.28 12.49
C ARG F 387 14.57 0.20 11.56
N SER F 388 14.87 0.53 10.31
CA SER F 388 15.48 -0.45 9.41
C SER F 388 16.92 -0.75 9.81
N LEU F 389 17.54 0.14 10.58
CA LEU F 389 18.91 -0.05 11.04
C LEU F 389 19.04 -1.27 11.95
N GLU F 390 18.08 -1.44 12.87
CA GLU F 390 18.12 -2.61 13.76
C GLU F 390 17.78 -3.87 13.00
N GLN F 391 17.02 -3.74 11.90
CA GLN F 391 16.72 -4.90 11.06
C GLN F 391 17.98 -5.44 10.40
N ARG F 392 18.88 -4.55 9.97
CA ARG F 392 20.11 -4.97 9.34
C ARG F 392 21.06 -5.60 10.35
N ALA F 393 21.83 -6.58 9.90
CA ALA F 393 22.84 -7.22 10.76
C ALA F 393 23.93 -6.24 11.14
N ASP F 394 24.45 -5.51 10.16
CA ASP F 394 25.38 -4.42 10.41
C ASP F 394 24.58 -3.14 10.66
N LYS F 395 24.75 -2.56 11.85
CA LYS F 395 23.97 -1.39 12.25
C LYS F 395 24.67 -0.09 11.93
N ARG F 396 25.55 -0.07 10.93
CA ARG F 396 26.16 1.17 10.46
C ARG F 396 25.16 1.94 9.62
N PRO F 397 24.84 3.18 9.99
CA PRO F 397 23.78 3.92 9.28
C PRO F 397 24.20 4.28 7.86
N VAL F 398 23.21 4.32 6.98
CA VAL F 398 23.42 4.75 5.60
C VAL F 398 22.54 5.95 5.33
N ASN F 399 22.65 6.50 4.11
CA ASN F 399 21.86 7.67 3.73
C ASN F 399 20.37 7.33 3.64
N SER F 400 20.04 6.14 3.13
CA SER F 400 18.63 5.75 3.03
C SER F 400 18.05 5.40 4.40
N ASP F 401 18.92 5.17 5.40
CA ASP F 401 18.44 4.83 6.74
C ASP F 401 17.89 6.06 7.47
N LEU F 402 18.10 7.25 6.91
CA LEU F 402 17.61 8.49 7.49
C LEU F 402 16.10 8.51 7.62
N ARG F 403 15.62 9.08 8.72
CA ARG F 403 14.18 9.21 8.92
C ARG F 403 13.61 10.24 7.94
N GLU F 404 12.72 9.77 7.06
CA GLU F 404 12.14 10.56 5.96
C GLU F 404 13.25 11.16 5.09
N SER F 405 14.01 10.25 4.47
CA SER F 405 15.17 10.63 3.68
C SER F 405 14.77 11.13 2.30
N GLY F 406 15.76 11.31 1.43
CA GLY F 406 15.50 11.84 0.10
C GLY F 406 15.92 13.29 -0.02
N SER F 407 15.01 14.21 0.30
CA SER F 407 15.30 15.64 0.17
C SER F 407 16.39 16.08 1.14
N ILE F 408 16.52 15.37 2.26
CA ILE F 408 17.58 15.67 3.23
C ILE F 408 18.94 15.44 2.59
N GLU F 409 19.08 14.32 1.87
CA GLU F 409 20.33 14.01 1.18
C GLU F 409 20.63 15.01 0.08
N GLN F 410 19.57 15.53 -0.56
CA GLN F 410 19.74 16.49 -1.64
C GLN F 410 20.19 17.85 -1.12
N ASP F 411 19.53 18.35 -0.06
CA ASP F 411 19.81 19.71 0.39
C ASP F 411 21.10 19.80 1.19
N ALA F 412 21.45 18.75 1.94
CA ALA F 412 22.57 18.83 2.86
C ALA F 412 23.89 18.50 2.15
N ASP F 413 24.99 18.87 2.80
CA ASP F 413 26.33 18.64 2.27
C ASP F 413 27.26 17.96 3.25
N LEU F 414 26.93 17.93 4.54
CA LEU F 414 27.84 17.49 5.60
C LEU F 414 27.13 16.47 6.49
N ILE F 415 26.51 15.48 5.86
CA ILE F 415 25.75 14.48 6.61
C ILE F 415 26.70 13.52 7.31
N MET F 416 26.49 13.32 8.61
CA MET F 416 27.27 12.37 9.39
C MET F 416 26.34 11.51 10.24
N PHE F 417 26.86 10.35 10.65
CA PHE F 417 26.08 9.36 11.38
C PHE F 417 26.92 8.87 12.55
N ILE F 418 26.29 8.75 13.72
CA ILE F 418 26.99 8.26 14.91
C ILE F 418 26.76 6.76 15.03
N TYR F 419 27.85 6.01 15.21
CA TYR F 419 27.80 4.56 15.36
C TYR F 419 28.50 4.19 16.67
N ARG F 420 27.83 3.38 17.49
CA ARG F 420 28.37 2.89 18.75
C ARG F 420 28.04 1.41 18.87
N ASP F 421 28.99 0.55 18.50
CA ASP F 421 28.75 -0.89 18.56
C ASP F 421 28.73 -1.38 20.01
N GLU F 422 29.27 -0.57 20.94
CA GLU F 422 29.19 -0.90 22.35
C GLU F 422 27.75 -0.91 22.84
N VAL F 423 26.90 -0.04 22.28
CA VAL F 423 25.49 -0.03 22.64
C VAL F 423 24.79 -1.28 22.15
N TYR F 424 25.04 -1.65 20.89
CA TYR F 424 24.36 -2.80 20.31
C TYR F 424 24.90 -4.11 20.86
N HIS F 425 26.21 -4.22 21.01
CA HIS F 425 26.86 -5.45 21.45
C HIS F 425 27.51 -5.21 22.81
N GLU F 426 27.11 -6.00 23.80
CA GLU F 426 27.71 -5.89 25.12
C GLU F 426 29.15 -6.35 25.16
N ASN F 427 29.54 -7.25 24.27
CA ASN F 427 30.90 -7.77 24.20
C ASN F 427 31.75 -7.07 23.16
N SER F 428 31.28 -5.94 22.63
CA SER F 428 32.04 -5.20 21.64
C SER F 428 33.30 -4.60 22.27
N ASP F 429 34.37 -4.58 21.50
CA ASP F 429 35.65 -4.04 21.96
C ASP F 429 35.78 -2.55 21.67
N LEU F 430 34.75 -1.92 21.10
CA LEU F 430 34.76 -0.49 20.79
C LEU F 430 34.10 0.33 21.89
N LYS F 431 34.23 -0.10 23.14
CA LYS F 431 33.66 0.62 24.27
C LYS F 431 34.36 1.96 24.44
N GLY F 432 33.57 3.03 24.53
CA GLY F 432 34.10 4.38 24.51
C GLY F 432 34.38 4.92 23.13
N ILE F 433 34.56 4.07 22.12
CA ILE F 433 34.86 4.50 20.76
C ILE F 433 33.54 4.76 20.04
N ALA F 434 33.33 6.00 19.63
CA ALA F 434 32.16 6.40 18.86
C ALA F 434 32.64 6.77 17.46
N GLU F 435 32.05 6.17 16.43
CA GLU F 435 32.49 6.37 15.07
C GLU F 435 31.54 7.31 14.36
N ILE F 436 32.05 8.47 13.94
CA ILE F 436 31.29 9.42 13.14
C ILE F 436 31.59 9.11 11.68
N ILE F 437 30.62 8.51 10.99
CA ILE F 437 30.80 8.12 9.60
C ILE F 437 30.15 9.18 8.73
N ILE F 438 30.93 9.76 7.81
CA ILE F 438 30.40 10.77 6.91
C ILE F 438 29.64 10.08 5.78
N GLY F 439 28.35 10.35 5.67
CA GLY F 439 27.58 9.78 4.57
C GLY F 439 27.71 10.57 3.30
N LYS F 440 27.62 11.89 3.40
CA LYS F 440 27.75 12.77 2.25
C LYS F 440 28.68 13.92 2.57
N GLN F 441 29.66 14.14 1.68
CA GLN F 441 30.54 15.30 1.77
C GLN F 441 30.81 15.76 0.34
N ARG F 442 30.17 16.86 -0.06
CA ARG F 442 30.33 17.37 -1.41
C ARG F 442 31.75 17.85 -1.66
N ASN F 443 32.35 18.50 -0.67
CA ASN F 443 33.71 19.03 -0.78
C ASN F 443 34.60 18.25 0.19
N GLY F 444 35.17 17.15 -0.30
CA GLY F 444 36.07 16.34 0.47
C GLY F 444 35.66 14.89 0.53
N PRO F 445 36.63 14.00 0.74
CA PRO F 445 36.31 12.58 0.86
C PRO F 445 35.72 12.24 2.22
N ILE F 446 34.76 11.32 2.19
CA ILE F 446 34.07 10.89 3.41
C ILE F 446 34.95 9.90 4.16
N GLY F 447 34.61 9.63 5.41
CA GLY F 447 35.41 8.71 6.21
C GLY F 447 34.79 8.52 7.58
N THR F 448 35.49 7.72 8.39
CA THR F 448 35.07 7.38 9.74
C THR F 448 36.03 8.03 10.74
N VAL F 449 35.51 8.96 11.54
CA VAL F 449 36.30 9.65 12.56
C VAL F 449 35.94 8.98 13.90
N ARG F 450 36.93 8.32 14.49
CA ARG F 450 36.71 7.71 15.80
C ARG F 450 36.98 8.73 16.90
N LEU F 451 36.14 8.70 17.93
CA LEU F 451 36.28 9.60 19.07
C LEU F 451 36.10 8.80 20.35
N THR F 452 36.58 9.37 21.46
CA THR F 452 36.52 8.77 22.77
C THR F 452 35.36 9.42 23.53
N PHE F 453 34.36 8.61 23.90
CA PHE F 453 33.20 9.13 24.59
C PHE F 453 33.29 8.81 26.09
N ASN F 454 33.07 9.82 26.91
CA ASN F 454 33.03 9.68 28.37
C ASN F 454 31.60 9.91 28.81
N GLY F 455 30.91 8.82 29.14
CA GLY F 455 29.51 8.92 29.51
C GLY F 455 29.30 9.70 30.79
N GLN F 456 30.23 9.56 31.74
CA GLN F 456 30.12 10.23 33.04
C GLN F 456 30.13 11.74 32.89
N TRP F 457 31.13 12.28 32.19
CA TRP F 457 31.16 13.71 31.91
C TRP F 457 30.39 14.07 30.65
N SER F 458 29.96 13.06 29.89
CA SER F 458 29.36 13.22 28.57
C SER F 458 30.27 14.05 27.66
N ARG F 459 31.53 13.63 27.60
CA ARG F 459 32.58 14.38 26.93
C ARG F 459 33.05 13.60 25.71
N PHE F 460 33.00 14.23 24.54
CA PHE F 460 33.58 13.64 23.34
C PHE F 460 34.96 14.24 23.10
N ASP F 461 35.98 13.39 23.05
CA ASP F 461 37.34 13.82 22.83
C ASP F 461 37.94 13.09 21.64
N ASN F 462 39.10 13.56 21.20
CA ASN F 462 39.82 12.89 20.12
C ASN F 462 40.30 11.52 20.58
N TYR F 463 40.15 10.54 19.70
CA TYR F 463 40.54 9.16 20.00
C TYR F 463 42.05 9.05 19.97
N ALA F 464 42.66 8.85 21.14
CA ALA F 464 44.11 8.80 21.27
C ALA F 464 44.66 7.38 21.18
N GLY F 465 43.82 6.40 20.89
CA GLY F 465 44.27 5.04 20.75
C GLY F 465 44.84 4.76 19.39
N PRO F 466 45.11 3.49 19.12
CA PRO F 466 45.66 3.10 17.81
C PRO F 466 44.65 3.33 16.69
N GLN F 467 45.08 4.05 15.67
CA GLN F 467 44.21 4.38 14.55
C GLN F 467 43.89 3.12 13.75
N TYR F 468 42.64 3.01 13.32
CA TYR F 468 42.17 1.86 12.54
C TYR F 468 42.12 2.24 11.07
N ASP F 469 42.73 1.41 10.23
CA ASP F 469 42.69 1.61 8.78
C ASP F 469 41.36 1.08 8.27
N ASP F 470 40.52 2.00 7.77
CA ASP F 470 39.20 1.65 7.25
C ASP F 470 39.31 0.75 6.04
N GLU F 471 38.81 -0.47 6.14
CA GLU F 471 38.90 -1.44 5.05
C GLU F 471 37.90 -1.10 3.95
#